data_1Z23
#
_entry.id   1Z23
#
_entity_poly.entity_id   1
_entity_poly.type   'polypeptide(L)'
_entity_poly.pdbx_seq_one_letter_code
;GSGREPLELEVAVETLARLQQGVSTTVAHLLDLVGSASGPGGWRSTSEPQEPPVQDLKAAVAAVHGAVHELLEFARSAVS
SATHTSDRTLHAKLSRQLQKMEDVYQTLVVHGQVLDSGRGGPGFTLDDLDRLVACSRAVPEDAKQLASFLHGNASLLFRR
TKA
;
_entity_poly.pdbx_strand_id   A
#
# COMPACT_ATOMS: atom_id res chain seq x y z
N GLY A 1 -10.21 30.94 -7.15
CA GLY A 1 -9.95 30.07 -8.37
C GLY A 1 -9.71 28.61 -8.18
N SER A 2 -8.48 28.19 -8.12
CA SER A 2 -8.18 26.74 -7.93
C SER A 2 -9.01 25.92 -8.92
N GLY A 3 -8.44 25.58 -10.05
CA GLY A 3 -9.19 24.78 -11.05
C GLY A 3 -9.73 23.50 -10.39
N ARG A 4 -9.00 22.96 -9.46
CA ARG A 4 -9.46 21.72 -8.76
C ARG A 4 -10.47 22.09 -7.68
N GLU A 5 -11.53 21.34 -7.57
CA GLU A 5 -12.56 21.65 -6.53
C GLU A 5 -12.11 21.09 -5.18
N PRO A 6 -12.57 21.67 -4.10
CA PRO A 6 -12.22 21.23 -2.73
C PRO A 6 -12.80 19.85 -2.39
N LEU A 7 -12.18 19.15 -1.48
CA LEU A 7 -12.68 17.80 -1.10
C LEU A 7 -13.41 17.90 0.25
N GLU A 8 -14.44 17.12 0.42
CA GLU A 8 -15.19 17.17 1.72
C GLU A 8 -14.85 15.92 2.52
N LEU A 9 -15.08 15.95 3.80
CA LEU A 9 -14.78 14.75 4.64
C LEU A 9 -15.56 13.54 4.10
N GLU A 10 -16.80 13.74 3.73
CA GLU A 10 -17.62 12.60 3.23
C GLU A 10 -16.99 12.03 1.94
N VAL A 11 -16.51 12.88 1.07
CA VAL A 11 -15.86 12.35 -0.17
C VAL A 11 -14.55 11.70 0.23
N ALA A 12 -13.78 12.37 1.04
CA ALA A 12 -12.50 11.78 1.51
C ALA A 12 -12.79 10.47 2.20
N VAL A 13 -13.83 10.42 2.99
CA VAL A 13 -14.18 9.15 3.70
C VAL A 13 -14.69 8.14 2.68
N GLU A 14 -15.47 8.60 1.72
CA GLU A 14 -16.02 7.66 0.70
C GLU A 14 -14.90 7.18 -0.24
N THR A 15 -14.14 8.09 -0.80
CA THR A 15 -13.04 7.67 -1.73
C THR A 15 -12.01 6.84 -0.97
N LEU A 16 -11.60 7.27 0.20
CA LEU A 16 -10.60 6.48 0.98
C LEU A 16 -11.18 5.09 1.30
N ALA A 17 -12.44 5.01 1.60
CA ALA A 17 -13.05 3.70 1.93
C ALA A 17 -12.85 2.73 0.75
N ARG A 18 -12.90 3.23 -0.45
CA ARG A 18 -12.70 2.34 -1.63
C ARG A 18 -11.28 1.78 -1.59
N LEU A 19 -10.33 2.61 -1.23
CA LEU A 19 -8.91 2.16 -1.19
C LEU A 19 -8.76 1.03 -0.16
N GLN A 20 -9.38 1.14 0.97
CA GLN A 20 -9.27 0.07 2.01
C GLN A 20 -9.83 -1.23 1.46
N GLN A 21 -10.85 -1.16 0.66
CA GLN A 21 -11.44 -2.42 0.10
C GLN A 21 -10.54 -2.90 -1.04
N GLY A 22 -10.19 -2.01 -1.92
CA GLY A 22 -9.31 -2.41 -3.05
C GLY A 22 -7.97 -2.89 -2.51
N VAL A 23 -7.52 -2.33 -1.42
CA VAL A 23 -6.23 -2.77 -0.84
C VAL A 23 -6.44 -4.12 -0.16
N SER A 24 -7.45 -4.24 0.65
CA SER A 24 -7.72 -5.54 1.32
C SER A 24 -8.08 -6.57 0.26
N THR A 25 -8.70 -6.13 -0.80
CA THR A 25 -9.10 -7.06 -1.90
C THR A 25 -7.86 -7.44 -2.73
N THR A 26 -7.01 -6.48 -2.99
CA THR A 26 -5.81 -6.78 -3.83
C THR A 26 -4.84 -7.68 -3.05
N VAL A 27 -4.61 -7.38 -1.81
CA VAL A 27 -3.67 -8.20 -1.00
C VAL A 27 -4.20 -9.63 -0.93
N ALA A 28 -5.50 -9.79 -0.88
CA ALA A 28 -6.07 -11.16 -0.84
C ALA A 28 -5.62 -11.91 -2.08
N HIS A 29 -5.55 -11.23 -3.20
CA HIS A 29 -5.11 -11.88 -4.45
C HIS A 29 -3.69 -12.41 -4.28
N LEU A 30 -2.81 -11.64 -3.69
CA LEU A 30 -1.42 -12.11 -3.49
C LEU A 30 -1.41 -13.46 -2.77
N LEU A 31 -2.19 -13.59 -1.73
CA LEU A 31 -2.25 -14.89 -1.00
C LEU A 31 -2.98 -15.92 -1.87
N ASP A 32 -3.98 -15.50 -2.59
CA ASP A 32 -4.73 -16.45 -3.46
C ASP A 32 -3.79 -16.99 -4.54
N LEU A 33 -2.92 -16.16 -5.05
CA LEU A 33 -1.97 -16.62 -6.10
C LEU A 33 -0.91 -17.52 -5.47
N VAL A 34 -0.50 -17.23 -4.27
CA VAL A 34 0.53 -18.08 -3.60
C VAL A 34 0.05 -19.52 -3.56
N GLY A 35 -1.21 -19.74 -3.33
CA GLY A 35 -1.75 -21.13 -3.27
C GLY A 35 -1.36 -21.87 -4.55
N SER A 36 -1.39 -21.19 -5.67
CA SER A 36 -1.02 -21.87 -6.95
C SER A 36 0.45 -22.25 -6.92
N ALA A 37 1.23 -21.60 -6.10
CA ALA A 37 2.69 -21.92 -6.03
C ALA A 37 2.90 -23.08 -5.06
N SER A 38 1.91 -23.90 -4.86
CA SER A 38 2.05 -25.05 -3.93
C SER A 38 3.23 -25.91 -4.37
N GLY A 39 3.41 -26.06 -5.66
CA GLY A 39 4.54 -26.90 -6.15
C GLY A 39 5.10 -26.30 -7.45
N PRO A 40 6.26 -26.73 -7.85
CA PRO A 40 6.92 -26.24 -9.10
C PRO A 40 6.12 -26.59 -10.36
N GLY A 41 5.31 -27.61 -10.28
CA GLY A 41 4.51 -28.00 -11.47
C GLY A 41 5.39 -28.79 -12.45
N GLY A 42 4.97 -29.97 -12.82
CA GLY A 42 5.78 -30.79 -13.76
C GLY A 42 6.84 -31.59 -12.98
N TRP A 43 7.61 -32.38 -13.66
CA TRP A 43 8.65 -33.18 -12.96
C TRP A 43 9.98 -32.43 -13.01
N ARG A 44 10.51 -32.22 -14.19
CA ARG A 44 11.80 -31.49 -14.30
C ARG A 44 11.63 -30.26 -15.20
N SER A 45 12.26 -29.18 -14.88
CA SER A 45 12.13 -27.96 -15.72
C SER A 45 13.42 -27.14 -15.65
N THR A 46 14.52 -27.73 -16.04
CA THR A 46 15.82 -26.99 -16.00
C THR A 46 15.95 -26.27 -14.65
N SER A 47 16.91 -25.40 -14.52
CA SER A 47 17.09 -24.66 -13.24
C SER A 47 15.93 -23.68 -13.04
N GLU A 48 15.71 -23.24 -11.84
CA GLU A 48 14.59 -22.29 -11.59
C GLU A 48 13.31 -22.80 -12.28
N PRO A 49 12.76 -23.86 -11.77
CA PRO A 49 11.51 -24.47 -12.33
C PRO A 49 10.37 -23.45 -12.45
N GLN A 50 10.41 -22.42 -11.65
CA GLN A 50 9.33 -21.40 -11.72
C GLN A 50 9.81 -20.21 -12.55
N GLU A 51 8.95 -19.64 -13.35
CA GLU A 51 9.36 -18.48 -14.18
C GLU A 51 8.20 -18.04 -15.09
N PRO A 52 7.56 -18.97 -15.75
CA PRO A 52 6.42 -18.66 -16.66
C PRO A 52 5.27 -17.87 -15.98
N PRO A 53 4.86 -18.25 -14.80
CA PRO A 53 3.75 -17.54 -14.10
C PRO A 53 4.21 -16.26 -13.41
N VAL A 54 5.41 -15.84 -13.67
CA VAL A 54 5.93 -14.59 -13.03
C VAL A 54 5.03 -13.40 -13.41
N GLN A 55 4.54 -13.37 -14.61
CA GLN A 55 3.65 -12.25 -15.03
C GLN A 55 2.46 -12.16 -14.07
N ASP A 56 1.90 -13.29 -13.72
CA ASP A 56 0.75 -13.27 -12.77
C ASP A 56 1.20 -12.68 -11.43
N LEU A 57 2.39 -12.99 -11.00
CA LEU A 57 2.91 -12.44 -9.73
C LEU A 57 3.24 -10.95 -9.94
N LYS A 58 3.86 -10.63 -11.03
CA LYS A 58 4.22 -9.21 -11.31
C LYS A 58 2.94 -8.37 -11.41
N ALA A 59 1.88 -8.93 -11.93
CA ALA A 59 0.61 -8.17 -12.06
C ALA A 59 -0.05 -7.95 -10.69
N ALA A 60 -0.02 -8.95 -9.84
CA ALA A 60 -0.66 -8.80 -8.50
C ALA A 60 0.16 -7.86 -7.63
N VAL A 61 1.45 -8.03 -7.57
CA VAL A 61 2.28 -7.13 -6.72
C VAL A 61 2.17 -5.70 -7.23
N ALA A 62 2.16 -5.51 -8.52
CA ALA A 62 2.02 -4.13 -9.08
C ALA A 62 0.61 -3.61 -8.80
N ALA A 63 -0.37 -4.47 -8.85
CA ALA A 63 -1.78 -4.01 -8.61
C ALA A 63 -1.94 -3.63 -7.13
N VAL A 64 -1.48 -4.46 -6.24
CA VAL A 64 -1.64 -4.13 -4.79
C VAL A 64 -0.87 -2.85 -4.48
N HIS A 65 0.31 -2.71 -5.01
CA HIS A 65 1.10 -1.47 -4.77
C HIS A 65 0.36 -0.27 -5.37
N GLY A 66 -0.27 -0.45 -6.50
CA GLY A 66 -0.99 0.68 -7.14
C GLY A 66 -2.08 1.21 -6.20
N ALA A 67 -2.79 0.34 -5.53
CA ALA A 67 -3.86 0.83 -4.62
C ALA A 67 -3.23 1.55 -3.41
N VAL A 68 -2.10 1.09 -2.96
CA VAL A 68 -1.44 1.75 -1.80
C VAL A 68 -1.00 3.16 -2.20
N HIS A 69 -0.37 3.30 -3.33
CA HIS A 69 0.06 4.66 -3.77
C HIS A 69 -1.16 5.57 -3.75
N GLU A 70 -2.30 5.08 -4.13
CA GLU A 70 -3.52 5.92 -4.10
C GLU A 70 -3.77 6.35 -2.67
N LEU A 71 -3.42 5.51 -1.72
CA LEU A 71 -3.61 5.88 -0.29
C LEU A 71 -2.60 6.97 0.04
N LEU A 72 -1.39 6.81 -0.42
CA LEU A 72 -0.36 7.84 -0.18
C LEU A 72 -0.85 9.16 -0.82
N GLU A 73 -1.42 9.07 -1.98
CA GLU A 73 -1.95 10.30 -2.66
C GLU A 73 -3.21 10.78 -1.94
N PHE A 74 -4.11 9.89 -1.62
CA PHE A 74 -5.36 10.30 -0.91
C PHE A 74 -4.99 10.91 0.44
N ALA A 75 -4.14 10.26 1.18
CA ALA A 75 -3.72 10.81 2.50
C ALA A 75 -2.99 12.13 2.24
N ARG A 76 -2.20 12.18 1.20
CA ARG A 76 -1.46 13.43 0.87
C ARG A 76 -2.45 14.55 0.56
N SER A 77 -3.43 14.29 -0.26
CA SER A 77 -4.42 15.35 -0.59
C SER A 77 -5.08 15.84 0.69
N ALA A 78 -5.44 14.94 1.56
CA ALA A 78 -6.08 15.36 2.85
C ALA A 78 -5.06 16.09 3.72
N VAL A 79 -3.84 15.63 3.75
CA VAL A 79 -2.81 16.30 4.59
C VAL A 79 -2.62 17.74 4.10
N SER A 80 -2.68 17.95 2.82
CA SER A 80 -2.51 19.33 2.29
C SER A 80 -3.70 20.20 2.71
N SER A 81 -3.58 21.49 2.57
CA SER A 81 -4.70 22.38 2.97
C SER A 81 -5.00 22.20 4.46
N ALA A 82 -4.20 21.44 5.14
CA ALA A 82 -4.44 21.21 6.60
C ALA A 82 -3.66 22.25 7.41
N THR A 83 -4.35 23.11 8.10
CA THR A 83 -3.65 24.16 8.91
C THR A 83 -4.41 24.40 10.21
N HIS A 84 -3.70 24.69 11.27
CA HIS A 84 -4.37 24.94 12.58
C HIS A 84 -3.32 25.16 13.67
N THR A 85 -3.05 26.40 13.99
CA THR A 85 -2.02 26.68 15.04
C THR A 85 -2.47 26.06 16.37
N SER A 86 -3.75 26.05 16.63
CA SER A 86 -4.24 25.48 17.91
C SER A 86 -3.82 24.01 18.00
N ASP A 87 -3.76 23.33 16.90
CA ASP A 87 -3.37 21.89 16.93
C ASP A 87 -2.02 21.73 16.22
N ARG A 88 -1.31 20.69 16.53
CA ARG A 88 0.02 20.47 15.87
C ARG A 88 0.48 19.03 16.10
N THR A 89 0.07 18.44 17.19
CA THR A 89 0.49 17.03 17.46
C THR A 89 -0.09 16.11 16.39
N LEU A 90 -1.29 16.38 15.94
CA LEU A 90 -1.92 15.52 14.90
C LEU A 90 -1.01 15.48 13.67
N HIS A 91 -0.55 16.62 13.21
CA HIS A 91 0.36 16.62 12.03
C HIS A 91 1.61 15.82 12.39
N ALA A 92 2.15 16.04 13.56
CA ALA A 92 3.35 15.28 13.98
C ALA A 92 3.02 13.79 13.99
N LYS A 93 1.94 13.43 14.63
CA LYS A 93 1.54 11.99 14.68
C LYS A 93 1.21 11.51 13.25
N LEU A 94 0.46 12.28 12.50
CA LEU A 94 0.11 11.87 11.12
C LEU A 94 1.35 11.90 10.24
N SER A 95 2.11 12.96 10.30
CA SER A 95 3.35 13.06 9.46
C SER A 95 4.30 11.92 9.84
N ARG A 96 4.44 11.64 11.11
CA ARG A 96 5.36 10.55 11.53
C ARG A 96 4.91 9.22 10.93
N GLN A 97 3.64 8.92 11.01
CA GLN A 97 3.14 7.64 10.44
C GLN A 97 3.09 7.73 8.90
N LEU A 98 2.73 8.87 8.38
CA LEU A 98 2.63 9.03 6.90
C LEU A 98 4.04 9.00 6.28
N GLN A 99 4.96 9.77 6.82
CA GLN A 99 6.34 9.79 6.25
C GLN A 99 6.95 8.40 6.42
N LYS A 100 6.65 7.74 7.50
CA LYS A 100 7.19 6.38 7.71
C LYS A 100 6.64 5.48 6.61
N MET A 101 5.42 5.70 6.24
CA MET A 101 4.79 4.87 5.16
C MET A 101 5.49 5.22 3.84
N GLU A 102 5.80 6.46 3.65
CA GLU A 102 6.49 6.90 2.41
C GLU A 102 7.84 6.18 2.32
N ASP A 103 8.62 6.26 3.37
CA ASP A 103 9.94 5.61 3.36
C ASP A 103 9.77 4.09 3.24
N VAL A 104 8.81 3.54 3.93
CA VAL A 104 8.59 2.07 3.87
C VAL A 104 8.05 1.67 2.49
N TYR A 105 7.23 2.51 1.90
CA TYR A 105 6.64 2.15 0.59
C TYR A 105 7.73 2.15 -0.49
N GLN A 106 8.63 3.09 -0.46
CA GLN A 106 9.71 3.12 -1.49
C GLN A 106 10.67 1.95 -1.26
N THR A 107 10.83 1.53 -0.03
CA THR A 107 11.75 0.39 0.27
C THR A 107 11.21 -0.90 -0.34
N LEU A 108 9.93 -1.10 -0.34
CA LEU A 108 9.37 -2.35 -0.94
C LEU A 108 9.46 -2.27 -2.47
N VAL A 109 9.31 -1.11 -3.04
CA VAL A 109 9.37 -0.99 -4.53
C VAL A 109 10.74 -1.49 -5.00
N VAL A 110 11.79 -1.12 -4.34
CA VAL A 110 13.14 -1.57 -4.76
C VAL A 110 13.24 -3.08 -4.50
N HIS A 111 12.78 -3.52 -3.36
CA HIS A 111 12.82 -4.97 -3.06
C HIS A 111 11.89 -5.67 -4.05
N GLY A 112 10.78 -5.03 -4.34
CA GLY A 112 9.81 -5.62 -5.30
C GLY A 112 10.39 -5.53 -6.72
N GLN A 113 10.95 -4.41 -7.07
CA GLN A 113 11.53 -4.27 -8.43
C GLN A 113 12.56 -5.37 -8.64
N VAL A 114 13.22 -5.77 -7.59
CA VAL A 114 14.25 -6.84 -7.72
C VAL A 114 13.56 -8.15 -8.14
N LEU A 115 12.40 -8.42 -7.60
CA LEU A 115 11.67 -9.67 -7.97
C LEU A 115 11.27 -9.61 -9.44
N ASP A 116 11.07 -8.43 -9.95
CA ASP A 116 10.67 -8.28 -11.38
C ASP A 116 11.81 -8.79 -12.28
N SER A 117 13.03 -8.44 -11.96
CA SER A 117 14.18 -8.90 -12.79
C SER A 117 15.46 -8.88 -11.94
N GLY A 118 16.53 -9.44 -12.45
CA GLY A 118 17.80 -9.45 -11.68
C GLY A 118 18.98 -9.49 -12.65
N ARG A 119 20.00 -8.72 -12.40
CA ARG A 119 21.17 -8.71 -13.31
C ARG A 119 21.77 -10.12 -13.38
N GLY A 120 21.70 -10.86 -12.30
CA GLY A 120 22.26 -12.23 -12.30
C GLY A 120 21.33 -13.17 -13.08
N GLY A 121 21.75 -14.38 -13.33
CA GLY A 121 20.89 -15.33 -14.08
C GLY A 121 19.53 -15.44 -13.39
N PRO A 122 19.49 -16.11 -12.27
CA PRO A 122 18.23 -16.31 -11.48
C PRO A 122 17.75 -15.02 -10.83
N GLY A 123 16.46 -14.83 -10.73
CA GLY A 123 15.93 -13.59 -10.10
C GLY A 123 15.80 -13.79 -8.60
N PHE A 124 14.83 -14.56 -8.17
CA PHE A 124 14.64 -14.81 -6.71
C PHE A 124 14.13 -16.23 -6.49
N THR A 125 14.17 -16.71 -5.28
CA THR A 125 13.70 -18.09 -5.01
C THR A 125 12.34 -18.01 -4.30
N LEU A 126 11.64 -19.10 -4.19
CA LEU A 126 10.31 -19.07 -3.51
C LEU A 126 10.51 -18.56 -2.09
N ASP A 127 11.68 -18.75 -1.55
CA ASP A 127 11.94 -18.29 -0.15
C ASP A 127 11.73 -16.77 -0.08
N ASP A 128 12.30 -16.04 -0.99
CA ASP A 128 12.11 -14.57 -0.99
C ASP A 128 10.61 -14.23 -1.03
N LEU A 129 9.84 -15.01 -1.72
CA LEU A 129 8.37 -14.72 -1.79
C LEU A 129 7.76 -14.82 -0.39
N ASP A 130 8.24 -15.72 0.43
CA ASP A 130 7.69 -15.81 1.80
C ASP A 130 7.93 -14.47 2.48
N ARG A 131 9.06 -13.87 2.20
CA ARG A 131 9.36 -12.54 2.80
C ARG A 131 8.54 -11.46 2.09
N LEU A 132 8.33 -11.59 0.80
CA LEU A 132 7.52 -10.58 0.09
C LEU A 132 6.07 -10.68 0.56
N VAL A 133 5.54 -11.88 0.64
CA VAL A 133 4.16 -12.03 1.13
C VAL A 133 4.10 -11.45 2.55
N ALA A 134 5.19 -11.53 3.27
CA ALA A 134 5.21 -10.99 4.66
C ALA A 134 5.21 -9.46 4.61
N CYS A 135 6.04 -8.88 3.79
CA CYS A 135 6.08 -7.39 3.70
C CYS A 135 4.78 -6.89 3.10
N SER A 136 4.24 -7.59 2.13
CA SER A 136 2.97 -7.17 1.50
C SER A 136 1.87 -7.02 2.57
N ARG A 137 1.87 -7.86 3.57
CA ARG A 137 0.85 -7.74 4.64
C ARG A 137 1.12 -6.53 5.53
N ALA A 138 2.36 -6.10 5.62
CA ALA A 138 2.69 -4.94 6.49
C ALA A 138 2.16 -3.61 5.92
N VAL A 139 2.30 -3.42 4.63
CA VAL A 139 1.85 -2.14 4.01
C VAL A 139 0.34 -1.89 4.20
N PRO A 140 -0.50 -2.84 3.87
CA PRO A 140 -1.99 -2.68 4.02
C PRO A 140 -2.43 -2.57 5.47
N GLU A 141 -1.81 -3.30 6.36
CA GLU A 141 -2.21 -3.19 7.79
C GLU A 141 -2.00 -1.74 8.23
N ASP A 142 -0.95 -1.12 7.75
CA ASP A 142 -0.67 0.29 8.11
C ASP A 142 -1.67 1.21 7.41
N ALA A 143 -2.15 0.81 6.26
CA ALA A 143 -3.13 1.66 5.53
C ALA A 143 -4.36 1.85 6.41
N LYS A 144 -4.81 0.80 7.03
CA LYS A 144 -6.00 0.90 7.92
C LYS A 144 -5.71 1.78 9.14
N GLN A 145 -4.56 1.60 9.74
CA GLN A 145 -4.22 2.44 10.94
C GLN A 145 -4.07 3.90 10.52
N LEU A 146 -3.42 4.16 9.42
CA LEU A 146 -3.27 5.57 8.99
C LEU A 146 -4.65 6.18 8.77
N ALA A 147 -5.58 5.40 8.30
CA ALA A 147 -6.95 5.93 8.09
C ALA A 147 -7.51 6.43 9.42
N SER A 148 -7.18 5.77 10.49
CA SER A 148 -7.68 6.20 11.83
C SER A 148 -7.07 7.56 12.18
N PHE A 149 -5.80 7.75 11.90
CA PHE A 149 -5.15 9.04 12.23
C PHE A 149 -5.79 10.15 11.38
N LEU A 150 -6.14 9.84 10.15
CA LEU A 150 -6.79 10.86 9.28
C LEU A 150 -8.10 11.29 9.95
N HIS A 151 -8.79 10.35 10.55
CA HIS A 151 -10.10 10.68 11.20
C HIS A 151 -9.87 11.59 12.40
N GLY A 152 -8.93 11.26 13.25
CA GLY A 152 -8.69 12.09 14.46
C GLY A 152 -8.41 13.55 14.04
N ASN A 153 -7.91 13.75 12.86
CA ASN A 153 -7.61 15.14 12.39
C ASN A 153 -8.41 15.45 11.12
N ALA A 154 -9.25 14.54 10.70
CA ALA A 154 -10.03 14.77 9.47
C ALA A 154 -10.73 16.13 9.53
N SER A 155 -11.24 16.48 10.67
CA SER A 155 -11.93 17.80 10.80
C SER A 155 -11.02 18.91 10.28
N LEU A 156 -9.74 18.79 10.49
CA LEU A 156 -8.82 19.86 10.01
C LEU A 156 -8.39 19.58 8.57
N LEU A 157 -8.17 18.34 8.21
CA LEU A 157 -7.74 18.06 6.81
C LEU A 157 -8.79 18.64 5.87
N PHE A 158 -10.04 18.62 6.28
CA PHE A 158 -11.12 19.17 5.41
C PHE A 158 -11.85 20.30 6.15
N ARG A 159 -12.76 19.97 7.03
CA ARG A 159 -13.50 21.04 7.78
C ARG A 159 -14.38 20.40 8.86
N ARG A 160 -15.54 19.91 8.50
CA ARG A 160 -16.44 19.29 9.51
C ARG A 160 -16.74 20.30 10.62
N THR A 161 -17.92 20.87 10.61
CA THR A 161 -18.27 21.86 11.67
C THR A 161 -19.00 21.15 12.80
N LYS A 162 -19.04 21.75 13.96
CA LYS A 162 -19.74 21.11 15.12
C LYS A 162 -21.21 21.52 15.11
N ALA A 163 -22.11 20.58 15.28
CA ALA A 163 -23.56 20.93 15.28
C ALA A 163 -23.96 21.43 16.67
N GLY A 1 -19.00 25.82 -8.21
CA GLY A 1 -18.80 24.42 -8.79
C GLY A 1 -17.54 24.09 -9.51
N SER A 2 -16.62 25.01 -9.56
CA SER A 2 -15.34 24.75 -10.26
C SER A 2 -14.64 23.54 -9.63
N GLY A 3 -14.78 23.38 -8.34
CA GLY A 3 -14.13 22.22 -7.67
C GLY A 3 -12.80 22.65 -7.06
N ARG A 4 -12.44 23.89 -7.24
CA ARG A 4 -11.14 24.38 -6.68
C ARG A 4 -11.14 24.19 -5.16
N GLU A 5 -12.28 24.31 -4.54
CA GLU A 5 -12.35 24.14 -3.07
C GLU A 5 -11.86 22.74 -2.69
N PRO A 6 -11.40 22.59 -1.48
CA PRO A 6 -10.90 21.28 -0.97
C PRO A 6 -12.00 20.22 -0.86
N LEU A 7 -11.63 18.99 -0.62
CA LEU A 7 -12.66 17.92 -0.50
C LEU A 7 -13.34 18.01 0.87
N GLU A 8 -14.40 17.28 1.05
CA GLU A 8 -15.14 17.32 2.35
C GLU A 8 -14.92 16.00 3.09
N LEU A 9 -15.25 15.99 4.35
CA LEU A 9 -15.07 14.76 5.17
C LEU A 9 -15.81 13.60 4.51
N GLU A 10 -16.99 13.89 4.02
CA GLU A 10 -17.79 12.82 3.36
C GLU A 10 -17.00 12.23 2.20
N VAL A 11 -16.37 13.05 1.39
CA VAL A 11 -15.59 12.50 0.26
C VAL A 11 -14.43 11.71 0.84
N ALA A 12 -13.77 12.28 1.82
CA ALA A 12 -12.64 11.56 2.46
C ALA A 12 -13.15 10.24 3.05
N VAL A 13 -14.32 10.24 3.61
CA VAL A 13 -14.86 8.97 4.19
C VAL A 13 -15.13 7.98 3.07
N GLU A 14 -15.71 8.43 1.99
CA GLU A 14 -15.99 7.50 0.85
C GLU A 14 -14.67 7.15 0.16
N THR A 15 -13.86 8.12 -0.16
CA THR A 15 -12.56 7.81 -0.85
C THR A 15 -11.71 6.88 0.02
N LEU A 16 -11.60 7.17 1.29
CA LEU A 16 -10.77 6.30 2.19
C LEU A 16 -11.34 4.88 2.19
N ALA A 17 -12.63 4.75 2.34
CA ALA A 17 -13.25 3.40 2.37
C ALA A 17 -13.07 2.71 1.02
N ARG A 18 -13.30 3.41 -0.06
CA ARG A 18 -13.16 2.78 -1.40
C ARG A 18 -11.70 2.33 -1.59
N LEU A 19 -10.78 3.12 -1.12
CA LEU A 19 -9.33 2.75 -1.28
C LEU A 19 -8.99 1.62 -0.29
N GLN A 20 -9.49 1.70 0.91
CA GLN A 20 -9.18 0.65 1.94
C GLN A 20 -9.74 -0.70 1.50
N GLN A 21 -10.80 -0.72 0.75
CA GLN A 21 -11.37 -2.02 0.29
C GLN A 21 -10.52 -2.55 -0.86
N GLY A 22 -10.20 -1.69 -1.79
CA GLY A 22 -9.37 -2.11 -2.95
C GLY A 22 -8.00 -2.57 -2.44
N VAL A 23 -7.51 -1.99 -1.38
CA VAL A 23 -6.19 -2.40 -0.85
C VAL A 23 -6.28 -3.81 -0.27
N SER A 24 -7.26 -4.04 0.57
CA SER A 24 -7.42 -5.39 1.17
C SER A 24 -7.81 -6.37 0.07
N THR A 25 -8.63 -5.93 -0.84
CA THR A 25 -9.07 -6.82 -1.96
C THR A 25 -7.87 -7.23 -2.81
N THR A 26 -6.99 -6.31 -3.10
CA THR A 26 -5.80 -6.65 -3.92
C THR A 26 -4.88 -7.58 -3.14
N VAL A 27 -4.82 -7.41 -1.84
CA VAL A 27 -3.95 -8.30 -1.02
C VAL A 27 -4.43 -9.74 -1.17
N ALA A 28 -5.71 -9.96 -1.19
CA ALA A 28 -6.23 -11.34 -1.35
C ALA A 28 -5.70 -11.90 -2.65
N HIS A 29 -5.65 -11.08 -3.68
CA HIS A 29 -5.14 -11.57 -4.99
C HIS A 29 -3.74 -12.15 -4.78
N LEU A 30 -2.86 -11.41 -4.16
CA LEU A 30 -1.49 -11.92 -3.94
C LEU A 30 -1.55 -13.23 -3.14
N LEU A 31 -2.31 -13.25 -2.08
CA LEU A 31 -2.44 -14.49 -1.28
C LEU A 31 -3.12 -15.57 -2.13
N ASP A 32 -4.00 -15.17 -3.01
CA ASP A 32 -4.69 -16.16 -3.88
C ASP A 32 -3.70 -16.69 -4.92
N LEU A 33 -2.89 -15.83 -5.47
CA LEU A 33 -1.92 -16.27 -6.50
C LEU A 33 -0.90 -17.22 -5.87
N VAL A 34 -0.39 -16.87 -4.72
CA VAL A 34 0.62 -17.76 -4.05
C VAL A 34 -0.10 -18.91 -3.35
N GLY A 35 -1.32 -18.71 -2.94
CA GLY A 35 -2.06 -19.79 -2.25
C GLY A 35 -1.19 -20.38 -1.14
N SER A 36 -0.44 -21.40 -1.44
CA SER A 36 0.44 -22.03 -0.40
C SER A 36 1.88 -22.03 -0.90
N ALA A 37 2.27 -21.05 -1.66
CA ALA A 37 3.67 -21.01 -2.17
C ALA A 37 4.64 -21.00 -1.00
N SER A 38 5.80 -21.57 -1.17
CA SER A 38 6.80 -21.59 -0.06
C SER A 38 6.20 -22.33 1.14
N GLY A 39 5.17 -23.11 0.92
CA GLY A 39 4.55 -23.85 2.05
C GLY A 39 5.59 -24.77 2.70
N PRO A 40 5.26 -25.31 3.84
CA PRO A 40 6.18 -26.22 4.59
C PRO A 40 6.49 -27.49 3.81
N GLY A 41 7.64 -28.08 4.04
CA GLY A 41 8.01 -29.32 3.31
C GLY A 41 8.88 -28.98 2.11
N GLY A 42 10.03 -29.58 2.01
CA GLY A 42 10.94 -29.28 0.86
C GLY A 42 11.59 -27.92 1.06
N TRP A 43 11.87 -27.56 2.28
CA TRP A 43 12.51 -26.24 2.54
C TRP A 43 13.80 -26.13 1.75
N ARG A 44 14.57 -27.19 1.68
CA ARG A 44 15.85 -27.15 0.93
C ARG A 44 15.61 -27.65 -0.50
N SER A 45 15.07 -26.81 -1.35
CA SER A 45 14.82 -27.24 -2.75
C SER A 45 16.15 -27.51 -3.45
N THR A 46 17.19 -26.84 -3.05
CA THR A 46 18.51 -27.07 -3.69
C THR A 46 18.43 -26.71 -5.18
N SER A 47 17.27 -26.34 -5.64
CA SER A 47 17.13 -25.97 -7.08
C SER A 47 16.10 -24.86 -7.22
N GLU A 48 16.05 -24.22 -8.35
CA GLU A 48 15.06 -23.11 -8.55
C GLU A 48 13.90 -23.63 -9.41
N PRO A 49 12.75 -23.79 -8.81
CA PRO A 49 11.53 -24.29 -9.53
C PRO A 49 10.83 -23.17 -10.31
N GLN A 50 10.11 -22.32 -9.62
CA GLN A 50 9.40 -21.21 -10.32
C GLN A 50 8.59 -21.77 -11.49
N GLU A 51 7.84 -22.82 -11.26
CA GLU A 51 7.03 -23.42 -12.36
C GLU A 51 6.10 -22.36 -12.94
N PRO A 52 5.46 -21.59 -12.11
CA PRO A 52 4.52 -20.53 -12.57
C PRO A 52 5.22 -19.35 -13.28
N PRO A 53 4.52 -18.58 -14.08
CA PRO A 53 5.14 -17.43 -14.80
C PRO A 53 5.53 -16.30 -13.85
N VAL A 54 6.75 -15.85 -13.92
CA VAL A 54 7.19 -14.74 -13.01
C VAL A 54 6.53 -13.43 -13.43
N GLN A 55 6.31 -13.25 -14.70
CA GLN A 55 5.66 -11.98 -15.16
C GLN A 55 4.32 -11.82 -14.48
N ASP A 56 3.58 -12.88 -14.34
CA ASP A 56 2.25 -12.79 -13.66
C ASP A 56 2.45 -12.33 -12.21
N LEU A 57 3.54 -12.72 -11.60
CA LEU A 57 3.80 -12.31 -10.19
C LEU A 57 3.92 -10.78 -10.15
N LYS A 58 4.61 -10.19 -11.09
CA LYS A 58 4.76 -8.72 -11.09
C LYS A 58 3.38 -8.06 -11.19
N ALA A 59 2.48 -8.66 -11.91
CA ALA A 59 1.11 -8.06 -12.05
C ALA A 59 0.39 -8.08 -10.70
N ALA A 60 0.62 -9.10 -9.91
CA ALA A 60 -0.07 -9.18 -8.59
C ALA A 60 0.49 -8.13 -7.62
N VAL A 61 1.79 -8.02 -7.51
CA VAL A 61 2.37 -7.01 -6.58
C VAL A 61 2.13 -5.61 -7.13
N ALA A 62 2.21 -5.46 -8.43
CA ALA A 62 1.99 -4.11 -9.02
C ALA A 62 0.57 -3.63 -8.70
N ALA A 63 -0.37 -4.53 -8.68
CA ALA A 63 -1.78 -4.14 -8.39
C ALA A 63 -1.92 -3.72 -6.93
N VAL A 64 -1.45 -4.52 -6.01
CA VAL A 64 -1.60 -4.16 -4.57
C VAL A 64 -0.81 -2.87 -4.30
N HIS A 65 0.37 -2.75 -4.83
CA HIS A 65 1.18 -1.51 -4.60
C HIS A 65 0.49 -0.34 -5.29
N GLY A 66 -0.05 -0.54 -6.45
CA GLY A 66 -0.72 0.59 -7.16
C GLY A 66 -1.92 1.06 -6.34
N ALA A 67 -2.71 0.14 -5.84
CA ALA A 67 -3.89 0.53 -5.04
C ALA A 67 -3.42 1.14 -3.72
N VAL A 68 -2.36 0.64 -3.15
CA VAL A 68 -1.86 1.20 -1.87
C VAL A 68 -1.34 2.61 -2.13
N HIS A 69 -0.62 2.80 -3.19
CA HIS A 69 -0.10 4.15 -3.51
C HIS A 69 -1.27 5.13 -3.57
N GLU A 70 -2.42 4.68 -4.02
CA GLU A 70 -3.60 5.59 -4.07
C GLU A 70 -3.96 6.01 -2.65
N LEU A 71 -3.75 5.15 -1.71
CA LEU A 71 -4.07 5.47 -0.30
C LEU A 71 -3.13 6.59 0.18
N LEU A 72 -1.89 6.54 -0.25
CA LEU A 72 -0.90 7.57 0.16
C LEU A 72 -1.13 8.90 -0.58
N GLU A 73 -1.48 8.86 -1.84
CA GLU A 73 -1.68 10.13 -2.62
C GLU A 73 -2.98 10.82 -2.21
N PHE A 74 -4.06 10.11 -2.10
CA PHE A 74 -5.35 10.76 -1.73
C PHE A 74 -5.29 11.18 -0.26
N ALA A 75 -4.75 10.35 0.58
CA ALA A 75 -4.62 10.72 2.01
C ALA A 75 -3.65 11.89 2.12
N ARG A 76 -2.60 11.86 1.36
CA ARG A 76 -1.62 12.97 1.37
C ARG A 76 -2.33 14.25 0.95
N SER A 77 -3.24 14.15 0.01
CA SER A 77 -3.97 15.37 -0.44
C SER A 77 -4.70 15.97 0.76
N ALA A 78 -5.20 15.15 1.64
CA ALA A 78 -5.92 15.66 2.84
C ALA A 78 -4.93 16.34 3.79
N VAL A 79 -3.79 15.72 4.00
CA VAL A 79 -2.78 16.32 4.93
C VAL A 79 -2.28 17.66 4.37
N SER A 80 -2.06 17.73 3.09
CA SER A 80 -1.57 19.02 2.50
C SER A 80 -2.58 20.12 2.84
N SER A 81 -3.83 19.79 2.92
CA SER A 81 -4.86 20.82 3.24
C SER A 81 -4.93 21.00 4.76
N ALA A 82 -4.08 20.34 5.49
CA ALA A 82 -4.10 20.46 6.98
C ALA A 82 -3.77 21.91 7.36
N THR A 83 -2.91 22.55 6.61
CA THR A 83 -2.54 23.96 6.94
C THR A 83 -2.14 24.04 8.41
N HIS A 84 -1.76 25.21 8.86
CA HIS A 84 -1.34 25.36 10.29
C HIS A 84 -2.53 25.86 11.12
N THR A 85 -3.28 24.97 11.70
CA THR A 85 -4.44 25.39 12.53
C THR A 85 -4.42 24.63 13.86
N SER A 86 -4.81 25.29 14.92
CA SER A 86 -4.81 24.60 16.24
C SER A 86 -3.42 24.00 16.51
N ASP A 87 -3.33 23.10 17.44
CA ASP A 87 -2.00 22.48 17.74
C ASP A 87 -1.46 21.81 16.47
N ARG A 88 -0.17 21.75 16.32
CA ARG A 88 0.41 21.11 15.11
C ARG A 88 0.85 19.68 15.44
N THR A 89 0.55 19.22 16.62
CA THR A 89 0.96 17.83 17.00
C THR A 89 0.28 16.84 16.06
N LEU A 90 -0.95 17.08 15.71
CA LEU A 90 -1.66 16.12 14.80
C LEU A 90 -0.88 16.02 13.49
N HIS A 91 -0.47 17.11 12.92
CA HIS A 91 0.31 17.05 11.66
C HIS A 91 1.62 16.32 11.95
N ALA A 92 2.22 16.60 13.08
CA ALA A 92 3.48 15.90 13.44
C ALA A 92 3.21 14.40 13.49
N LYS A 93 2.18 14.00 14.19
CA LYS A 93 1.84 12.56 14.28
C LYS A 93 1.45 12.03 12.89
N LEU A 94 0.61 12.74 12.18
CA LEU A 94 0.19 12.30 10.81
C LEU A 94 1.40 12.33 9.88
N SER A 95 2.14 13.41 9.89
CA SER A 95 3.34 13.51 9.00
C SER A 95 4.35 12.42 9.36
N ARG A 96 4.53 12.15 10.62
CA ARG A 96 5.51 11.11 11.04
C ARG A 96 5.13 9.75 10.46
N GLN A 97 3.88 9.39 10.54
CA GLN A 97 3.45 8.07 9.99
C GLN A 97 3.43 8.12 8.45
N LEU A 98 2.84 9.14 7.89
CA LEU A 98 2.77 9.24 6.40
C LEU A 98 4.17 9.17 5.81
N GLN A 99 5.10 9.89 6.35
CA GLN A 99 6.49 9.86 5.82
C GLN A 99 7.09 8.47 6.06
N LYS A 100 6.70 7.83 7.12
CA LYS A 100 7.22 6.46 7.38
C LYS A 100 6.67 5.54 6.31
N MET A 101 5.42 5.69 5.97
CA MET A 101 4.80 4.83 4.93
C MET A 101 5.49 5.13 3.60
N GLU A 102 5.81 6.36 3.38
CA GLU A 102 6.50 6.76 2.13
C GLU A 102 7.85 6.04 2.05
N ASP A 103 8.62 6.12 3.09
CA ASP A 103 9.94 5.45 3.09
C ASP A 103 9.73 3.93 2.93
N VAL A 104 8.75 3.38 3.57
CA VAL A 104 8.51 1.92 3.46
C VAL A 104 7.95 1.61 2.07
N TYR A 105 7.12 2.46 1.54
CA TYR A 105 6.53 2.17 0.19
C TYR A 105 7.67 2.00 -0.83
N GLN A 106 8.68 2.82 -0.75
CA GLN A 106 9.82 2.70 -1.71
C GLN A 106 10.67 1.47 -1.35
N THR A 107 10.81 1.21 -0.07
CA THR A 107 11.62 0.03 0.35
C THR A 107 11.01 -1.24 -0.23
N LEU A 108 9.71 -1.38 -0.11
CA LEU A 108 9.04 -2.59 -0.66
C LEU A 108 9.08 -2.56 -2.18
N VAL A 109 8.96 -1.40 -2.78
CA VAL A 109 8.99 -1.31 -4.26
C VAL A 109 10.37 -1.75 -4.78
N VAL A 110 11.42 -1.29 -4.15
CA VAL A 110 12.78 -1.70 -4.61
C VAL A 110 12.95 -3.19 -4.34
N HIS A 111 12.54 -3.64 -3.19
CA HIS A 111 12.65 -5.10 -2.89
C HIS A 111 11.74 -5.84 -3.86
N GLY A 112 10.58 -5.31 -4.09
CA GLY A 112 9.63 -5.96 -5.04
C GLY A 112 10.18 -5.83 -6.47
N GLN A 113 10.67 -4.68 -6.83
CA GLN A 113 11.21 -4.49 -8.20
C GLN A 113 12.37 -5.46 -8.42
N VAL A 114 13.07 -5.83 -7.37
CA VAL A 114 14.22 -6.75 -7.52
C VAL A 114 13.73 -8.11 -8.04
N LEU A 115 12.62 -8.58 -7.55
CA LEU A 115 12.10 -9.90 -8.00
C LEU A 115 11.91 -9.88 -9.52
N ASP A 116 11.76 -8.71 -10.09
CA ASP A 116 11.57 -8.62 -11.56
C ASP A 116 12.89 -8.95 -12.27
N SER A 117 12.91 -9.99 -13.06
CA SER A 117 14.16 -10.35 -13.79
C SER A 117 15.35 -10.29 -12.82
N GLY A 118 15.10 -10.38 -11.55
CA GLY A 118 16.21 -10.33 -10.55
C GLY A 118 16.94 -9.00 -10.68
N ARG A 119 18.13 -9.01 -11.21
CA ARG A 119 18.90 -7.75 -11.36
C ARG A 119 19.12 -7.12 -9.98
N GLY A 120 20.29 -6.60 -9.73
CA GLY A 120 20.57 -5.97 -8.40
C GLY A 120 21.17 -7.01 -7.47
N GLY A 121 21.43 -8.20 -7.96
CA GLY A 121 22.02 -9.25 -7.09
C GLY A 121 21.48 -10.62 -7.50
N PRO A 122 21.80 -11.63 -6.74
CA PRO A 122 21.34 -13.03 -7.02
C PRO A 122 19.83 -13.12 -7.25
N GLY A 123 19.39 -14.07 -8.04
CA GLY A 123 17.93 -14.19 -8.30
C GLY A 123 17.19 -14.41 -6.99
N PHE A 124 15.97 -14.87 -7.05
CA PHE A 124 15.20 -15.10 -5.79
C PHE A 124 14.56 -16.49 -5.84
N THR A 125 14.10 -16.97 -4.71
CA THR A 125 13.48 -18.33 -4.68
C THR A 125 12.15 -18.25 -3.92
N LEU A 126 11.47 -19.36 -3.79
CA LEU A 126 10.16 -19.36 -3.06
C LEU A 126 10.36 -18.74 -1.68
N ASP A 127 11.57 -18.77 -1.18
CA ASP A 127 11.83 -18.19 0.17
C ASP A 127 11.59 -16.69 0.11
N ASP A 128 12.13 -16.02 -0.88
CA ASP A 128 11.91 -14.56 -1.00
C ASP A 128 10.41 -14.26 -1.02
N LEU A 129 9.64 -15.10 -1.64
CA LEU A 129 8.17 -14.86 -1.70
C LEU A 129 7.60 -14.89 -0.28
N ASP A 130 8.10 -15.73 0.58
CA ASP A 130 7.59 -15.74 1.96
C ASP A 130 7.85 -14.36 2.56
N ARG A 131 8.96 -13.78 2.21
CA ARG A 131 9.29 -12.42 2.71
C ARG A 131 8.42 -11.40 1.96
N LEU A 132 8.18 -11.60 0.69
CA LEU A 132 7.33 -10.64 -0.06
C LEU A 132 5.91 -10.73 0.47
N VAL A 133 5.38 -11.92 0.60
CA VAL A 133 4.02 -12.07 1.14
C VAL A 133 4.00 -11.43 2.54
N ALA A 134 5.12 -11.45 3.21
CA ALA A 134 5.18 -10.85 4.57
C ALA A 134 4.94 -9.35 4.46
N CYS A 135 5.52 -8.72 3.47
CA CYS A 135 5.33 -7.26 3.30
C CYS A 135 3.87 -6.97 2.91
N SER A 136 3.30 -7.80 2.09
CA SER A 136 1.88 -7.58 1.66
C SER A 136 0.93 -7.53 2.86
N ARG A 137 1.16 -8.30 3.89
CA ARG A 137 0.25 -8.25 5.07
C ARG A 137 0.55 -7.00 5.91
N ALA A 138 1.79 -6.58 5.96
CA ALA A 138 2.15 -5.40 6.80
C ALA A 138 1.59 -4.10 6.21
N VAL A 139 1.73 -3.89 4.93
CA VAL A 139 1.24 -2.62 4.30
C VAL A 139 -0.26 -2.38 4.57
N PRO A 140 -1.12 -3.32 4.28
CA PRO A 140 -2.60 -3.14 4.51
C PRO A 140 -2.96 -2.97 5.99
N GLU A 141 -2.34 -3.72 6.87
CA GLU A 141 -2.66 -3.55 8.31
C GLU A 141 -2.33 -2.13 8.73
N ASP A 142 -1.23 -1.61 8.27
CA ASP A 142 -0.84 -0.21 8.63
C ASP A 142 -1.74 0.77 7.87
N ALA A 143 -2.19 0.39 6.71
CA ALA A 143 -3.08 1.31 5.93
C ALA A 143 -4.33 1.59 6.76
N LYS A 144 -4.87 0.58 7.39
CA LYS A 144 -6.08 0.79 8.23
C LYS A 144 -5.74 1.67 9.43
N GLN A 145 -4.60 1.45 10.03
CA GLN A 145 -4.21 2.28 11.20
C GLN A 145 -3.93 3.71 10.73
N LEU A 146 -3.25 3.86 9.64
CA LEU A 146 -2.97 5.22 9.14
C LEU A 146 -4.31 5.91 8.85
N ALA A 147 -5.26 5.15 8.37
CA ALA A 147 -6.59 5.75 8.08
C ALA A 147 -7.17 6.34 9.37
N SER A 148 -6.85 5.74 10.49
CA SER A 148 -7.37 6.27 11.78
C SER A 148 -6.71 7.62 12.08
N PHE A 149 -5.44 7.75 11.79
CA PHE A 149 -4.74 9.03 12.06
C PHE A 149 -5.38 10.13 11.20
N LEU A 150 -5.66 9.84 9.96
CA LEU A 150 -6.29 10.86 9.08
C LEU A 150 -7.67 11.18 9.66
N HIS A 151 -8.34 10.18 10.17
CA HIS A 151 -9.71 10.41 10.71
C HIS A 151 -9.63 11.20 12.02
N GLY A 152 -8.70 10.86 12.88
CA GLY A 152 -8.60 11.58 14.19
C GLY A 152 -8.47 13.08 13.94
N ASN A 153 -7.90 13.47 12.83
CA ASN A 153 -7.72 14.93 12.54
C ASN A 153 -8.41 15.28 11.22
N ALA A 154 -9.15 14.35 10.66
CA ALA A 154 -9.83 14.64 9.37
C ALA A 154 -10.68 15.91 9.50
N SER A 155 -11.21 16.16 10.67
CA SER A 155 -12.05 17.37 10.85
C SER A 155 -11.29 18.61 10.39
N LEU A 156 -10.01 18.67 10.63
CA LEU A 156 -9.23 19.87 10.22
C LEU A 156 -8.72 19.71 8.79
N LEU A 157 -8.40 18.51 8.38
CA LEU A 157 -7.91 18.31 6.99
C LEU A 157 -9.00 18.80 6.02
N PHE A 158 -10.24 18.60 6.37
CA PHE A 158 -11.36 19.04 5.48
C PHE A 158 -12.21 20.07 6.23
N ARG A 159 -13.01 19.63 7.17
CA ARG A 159 -13.88 20.58 7.91
C ARG A 159 -13.01 21.58 8.70
N ARG A 160 -12.28 22.42 8.01
CA ARG A 160 -11.42 23.41 8.73
C ARG A 160 -12.27 24.23 9.70
N THR A 161 -11.74 24.55 10.84
CA THR A 161 -12.53 25.35 11.82
C THR A 161 -12.39 26.84 11.50
N LYS A 162 -13.30 27.65 11.97
CA LYS A 162 -13.22 29.10 11.67
C LYS A 162 -12.56 29.82 12.85
N ALA A 163 -11.84 30.87 12.58
CA ALA A 163 -11.16 31.61 13.68
C ALA A 163 -10.70 32.99 13.18
N GLY A 1 -1.92 30.18 -7.00
CA GLY A 1 -3.19 29.32 -6.94
C GLY A 1 -3.36 28.20 -7.91
N SER A 2 -3.23 26.99 -7.44
CA SER A 2 -3.38 25.81 -8.35
C SER A 2 -4.79 25.84 -8.97
N GLY A 3 -5.76 26.32 -8.24
CA GLY A 3 -7.14 26.36 -8.80
C GLY A 3 -7.90 25.11 -8.36
N ARG A 4 -7.32 24.31 -7.51
CA ARG A 4 -8.01 23.08 -7.05
C ARG A 4 -8.83 23.38 -5.80
N GLU A 5 -10.00 22.81 -5.69
CA GLU A 5 -10.84 23.06 -4.48
C GLU A 5 -10.47 22.08 -3.38
N PRO A 6 -10.73 22.44 -2.15
CA PRO A 6 -10.42 21.57 -0.97
C PRO A 6 -11.27 20.30 -0.93
N LEU A 7 -10.79 19.28 -0.28
CA LEU A 7 -11.56 18.02 -0.20
C LEU A 7 -12.50 18.06 1.01
N GLU A 8 -13.53 17.26 1.00
CA GLU A 8 -14.49 17.26 2.14
C GLU A 8 -14.29 15.99 2.96
N LEU A 9 -14.55 16.04 4.24
CA LEU A 9 -14.36 14.84 5.10
C LEU A 9 -15.21 13.68 4.59
N GLU A 10 -16.38 13.94 4.10
CA GLU A 10 -17.25 12.83 3.60
C GLU A 10 -16.58 12.16 2.40
N VAL A 11 -16.00 12.93 1.52
CA VAL A 11 -15.32 12.32 0.35
C VAL A 11 -14.05 11.64 0.84
N ALA A 12 -13.35 12.27 1.73
CA ALA A 12 -12.11 11.67 2.28
C ALA A 12 -12.47 10.36 2.98
N VAL A 13 -13.53 10.35 3.75
CA VAL A 13 -13.92 9.09 4.45
C VAL A 13 -14.43 8.08 3.42
N GLU A 14 -15.09 8.55 2.41
CA GLU A 14 -15.60 7.62 1.37
C GLU A 14 -14.44 7.12 0.50
N THR A 15 -13.63 8.00 -0.01
CA THR A 15 -12.47 7.57 -0.86
C THR A 15 -11.54 6.64 -0.06
N LEU A 16 -11.30 6.97 1.19
CA LEU A 16 -10.40 6.12 2.03
C LEU A 16 -10.94 4.68 2.11
N ALA A 17 -12.21 4.54 2.38
CA ALA A 17 -12.79 3.16 2.50
C ALA A 17 -12.70 2.43 1.16
N ARG A 18 -12.97 3.10 0.07
CA ARG A 18 -12.89 2.40 -1.25
C ARG A 18 -11.45 1.98 -1.50
N LEU A 19 -10.51 2.81 -1.13
CA LEU A 19 -9.08 2.47 -1.35
C LEU A 19 -8.64 1.40 -0.33
N GLN A 20 -9.15 1.47 0.87
CA GLN A 20 -8.76 0.48 1.91
C GLN A 20 -9.19 -0.94 1.50
N GLN A 21 -10.30 -1.08 0.83
CA GLN A 21 -10.75 -2.44 0.44
C GLN A 21 -9.96 -2.89 -0.79
N GLY A 22 -9.74 -2.00 -1.72
CA GLY A 22 -8.96 -2.36 -2.93
C GLY A 22 -7.56 -2.78 -2.50
N VAL A 23 -7.06 -2.17 -1.46
CA VAL A 23 -5.69 -2.53 -0.98
C VAL A 23 -5.74 -3.92 -0.33
N SER A 24 -6.67 -4.13 0.55
CA SER A 24 -6.77 -5.47 1.20
C SER A 24 -7.23 -6.49 0.16
N THR A 25 -8.10 -6.09 -0.72
CA THR A 25 -8.60 -7.02 -1.76
C THR A 25 -7.45 -7.50 -2.65
N THR A 26 -6.57 -6.61 -3.04
CA THR A 26 -5.44 -7.01 -3.91
C THR A 26 -4.48 -7.92 -3.14
N VAL A 27 -4.33 -7.71 -1.86
CA VAL A 27 -3.40 -8.57 -1.07
C VAL A 27 -3.96 -10.00 -1.04
N ALA A 28 -5.26 -10.12 -0.90
CA ALA A 28 -5.86 -11.48 -0.87
C ALA A 28 -5.55 -12.21 -2.18
N HIS A 29 -5.58 -11.51 -3.28
CA HIS A 29 -5.27 -12.16 -4.58
C HIS A 29 -3.84 -12.69 -4.56
N LEU A 30 -2.90 -11.89 -4.14
CA LEU A 30 -1.49 -12.36 -4.10
C LEU A 30 -1.39 -13.64 -3.28
N LEU A 31 -2.04 -13.67 -2.13
CA LEU A 31 -1.99 -14.90 -1.30
C LEU A 31 -2.83 -15.98 -1.98
N ASP A 32 -3.98 -15.60 -2.51
CA ASP A 32 -4.84 -16.60 -3.20
C ASP A 32 -4.09 -17.18 -4.40
N LEU A 33 -3.37 -16.36 -5.12
CA LEU A 33 -2.63 -16.87 -6.31
C LEU A 33 -1.43 -17.70 -5.83
N VAL A 34 -0.72 -17.23 -4.85
CA VAL A 34 0.45 -17.99 -4.34
C VAL A 34 -0.03 -19.22 -3.58
N GLY A 35 -1.07 -19.09 -2.81
CA GLY A 35 -1.59 -20.25 -2.04
C GLY A 35 -1.90 -21.41 -3.00
N SER A 36 -2.34 -21.09 -4.19
CA SER A 36 -2.66 -22.17 -5.17
C SER A 36 -1.41 -23.03 -5.41
N ALA A 37 -0.26 -22.44 -5.34
CA ALA A 37 0.99 -23.22 -5.57
C ALA A 37 1.53 -23.73 -4.23
N SER A 38 1.80 -22.83 -3.31
CA SER A 38 2.33 -23.26 -1.99
C SER A 38 1.32 -24.20 -1.32
N GLY A 39 0.06 -24.05 -1.64
CA GLY A 39 -0.97 -24.93 -1.02
C GLY A 39 -0.61 -26.40 -1.26
N PRO A 40 -1.51 -27.29 -0.96
CA PRO A 40 -1.29 -28.76 -1.14
C PRO A 40 -0.77 -29.10 -2.54
N GLY A 41 0.10 -30.06 -2.64
CA GLY A 41 0.64 -30.43 -3.98
C GLY A 41 1.36 -31.78 -3.88
N GLY A 42 2.66 -31.79 -4.01
CA GLY A 42 3.41 -33.07 -3.92
C GLY A 42 3.67 -33.41 -2.45
N TRP A 43 4.26 -34.54 -2.19
CA TRP A 43 4.53 -34.93 -0.78
C TRP A 43 5.86 -35.72 -0.71
N ARG A 44 6.16 -36.29 0.42
CA ARG A 44 7.42 -37.06 0.55
C ARG A 44 8.61 -36.14 0.27
N SER A 45 8.53 -34.90 0.66
CA SER A 45 9.65 -33.96 0.42
C SER A 45 10.16 -34.12 -1.02
N THR A 46 9.27 -34.15 -1.97
CA THR A 46 9.69 -34.31 -3.39
C THR A 46 10.13 -32.96 -3.94
N SER A 47 11.27 -32.90 -4.57
CA SER A 47 11.77 -31.62 -5.13
C SER A 47 10.94 -31.24 -6.36
N GLU A 48 10.66 -29.98 -6.56
CA GLU A 48 9.85 -29.57 -7.74
C GLU A 48 9.86 -28.05 -7.85
N PRO A 49 10.99 -27.47 -8.20
CA PRO A 49 11.13 -26.00 -8.35
C PRO A 49 10.04 -25.40 -9.23
N GLN A 50 9.50 -24.28 -8.84
CA GLN A 50 8.42 -23.65 -9.66
C GLN A 50 8.99 -22.44 -10.40
N GLU A 51 8.69 -22.32 -11.66
CA GLU A 51 9.21 -21.15 -12.45
C GLU A 51 8.14 -20.67 -13.42
N PRO A 52 7.03 -20.21 -12.90
CA PRO A 52 5.89 -19.70 -13.73
C PRO A 52 6.22 -18.34 -14.36
N PRO A 53 5.47 -17.96 -15.37
CA PRO A 53 5.68 -16.65 -16.07
C PRO A 53 5.90 -15.50 -15.09
N VAL A 54 7.01 -14.83 -15.20
CA VAL A 54 7.29 -13.70 -14.27
C VAL A 54 6.31 -12.55 -14.53
N GLN A 55 5.95 -12.33 -15.77
CA GLN A 55 5.00 -11.22 -16.08
C GLN A 55 3.71 -11.44 -15.30
N ASP A 56 3.26 -12.66 -15.21
CA ASP A 56 2.00 -12.94 -14.45
C ASP A 56 2.22 -12.58 -12.99
N LEU A 57 3.34 -12.95 -12.44
CA LEU A 57 3.62 -12.63 -11.02
C LEU A 57 3.84 -11.12 -10.87
N LYS A 58 4.58 -10.53 -11.78
CA LYS A 58 4.82 -9.07 -11.72
C LYS A 58 3.50 -8.32 -11.79
N ALA A 59 2.55 -8.84 -12.52
CA ALA A 59 1.22 -8.15 -12.62
C ALA A 59 0.49 -8.22 -11.28
N ALA A 60 0.67 -9.28 -10.55
CA ALA A 60 -0.03 -9.40 -9.24
C ALA A 60 0.52 -8.39 -8.23
N VAL A 61 1.81 -8.29 -8.12
CA VAL A 61 2.41 -7.32 -7.15
C VAL A 61 2.16 -5.90 -7.64
N ALA A 62 2.17 -5.69 -8.92
CA ALA A 62 1.92 -4.32 -9.46
C ALA A 62 0.51 -3.87 -9.10
N ALA A 63 -0.41 -4.79 -9.03
CA ALA A 63 -1.82 -4.43 -8.68
C ALA A 63 -1.92 -3.96 -7.23
N VAL A 64 -1.46 -4.75 -6.30
CA VAL A 64 -1.56 -4.35 -4.87
C VAL A 64 -0.75 -3.07 -4.64
N HIS A 65 0.43 -2.98 -5.21
CA HIS A 65 1.24 -1.75 -5.03
C HIS A 65 0.51 -0.56 -5.65
N GLY A 66 -0.08 -0.75 -6.80
CA GLY A 66 -0.80 0.38 -7.45
C GLY A 66 -1.89 0.86 -6.51
N ALA A 67 -2.58 -0.04 -5.87
CA ALA A 67 -3.67 0.36 -4.93
C ALA A 67 -3.08 1.07 -3.70
N VAL A 68 -1.91 0.69 -3.26
CA VAL A 68 -1.34 1.37 -2.06
C VAL A 68 -1.00 2.81 -2.44
N HIS A 69 -0.39 3.01 -3.57
CA HIS A 69 -0.04 4.39 -4.02
C HIS A 69 -1.31 5.25 -4.05
N GLU A 70 -2.41 4.70 -4.47
CA GLU A 70 -3.67 5.51 -4.49
C GLU A 70 -3.95 5.98 -3.07
N LEU A 71 -3.66 5.14 -2.12
CA LEU A 71 -3.89 5.51 -0.70
C LEU A 71 -2.93 6.62 -0.29
N LEU A 72 -1.72 6.58 -0.78
CA LEU A 72 -0.73 7.63 -0.40
C LEU A 72 -1.00 8.94 -1.15
N GLU A 73 -1.34 8.88 -2.41
CA GLU A 73 -1.58 10.16 -3.18
C GLU A 73 -2.90 10.82 -2.76
N PHE A 74 -3.95 10.08 -2.63
CA PHE A 74 -5.24 10.72 -2.23
C PHE A 74 -5.17 11.14 -0.76
N ALA A 75 -4.61 10.32 0.08
CA ALA A 75 -4.46 10.72 1.51
C ALA A 75 -3.57 11.94 1.56
N ARG A 76 -2.55 11.95 0.74
CA ARG A 76 -1.63 13.11 0.69
C ARG A 76 -2.44 14.36 0.32
N SER A 77 -3.42 14.21 -0.53
CA SER A 77 -4.24 15.38 -0.92
C SER A 77 -4.90 15.97 0.33
N ALA A 78 -5.30 15.13 1.24
CA ALA A 78 -5.93 15.63 2.50
C ALA A 78 -4.91 16.45 3.30
N VAL A 79 -3.67 16.04 3.27
CA VAL A 79 -2.61 16.77 4.02
C VAL A 79 -2.46 18.19 3.47
N SER A 80 -2.48 18.34 2.18
CA SER A 80 -2.32 19.71 1.58
C SER A 80 -3.55 20.54 1.95
N SER A 81 -4.66 19.90 2.21
CA SER A 81 -5.88 20.67 2.56
C SER A 81 -5.84 21.02 4.05
N ALA A 82 -4.90 20.46 4.76
CA ALA A 82 -4.79 20.72 6.23
C ALA A 82 -4.23 22.12 6.45
N THR A 83 -4.93 22.94 7.19
CA THR A 83 -4.43 24.32 7.45
C THR A 83 -5.04 24.85 8.76
N HIS A 84 -4.22 25.13 9.73
CA HIS A 84 -4.74 25.64 11.03
C HIS A 84 -3.62 25.66 12.07
N THR A 85 -2.52 25.02 11.78
CA THR A 85 -1.39 25.00 12.75
C THR A 85 -1.92 24.67 14.14
N SER A 86 -2.23 25.68 14.92
CA SER A 86 -2.75 25.43 16.29
C SER A 86 -1.87 24.38 16.99
N ASP A 87 -2.47 23.33 17.48
CA ASP A 87 -1.66 22.27 18.17
C ASP A 87 -0.57 21.77 17.23
N ARG A 88 -0.85 21.68 15.96
CA ARG A 88 0.18 21.21 14.99
C ARG A 88 0.52 19.75 15.29
N THR A 89 0.02 19.22 16.36
CA THR A 89 0.31 17.80 16.70
C THR A 89 -0.28 16.88 15.64
N LEU A 90 -1.45 17.19 15.16
CA LEU A 90 -2.08 16.34 14.11
C LEU A 90 -1.15 16.27 12.89
N HIS A 91 -0.65 17.40 12.45
CA HIS A 91 0.28 17.39 11.29
C HIS A 91 1.49 16.53 11.66
N ALA A 92 2.04 16.75 12.82
CA ALA A 92 3.21 15.95 13.25
C ALA A 92 2.77 14.49 13.36
N LYS A 93 1.71 14.24 14.07
CA LYS A 93 1.20 12.84 14.21
C LYS A 93 0.83 12.29 12.82
N LEU A 94 0.26 13.11 11.97
CA LEU A 94 -0.11 12.64 10.60
C LEU A 94 1.15 12.50 9.76
N SER A 95 2.01 13.47 9.80
CA SER A 95 3.27 13.40 8.97
C SER A 95 4.12 12.20 9.40
N ARG A 96 4.30 11.99 10.68
CA ARG A 96 5.14 10.84 11.12
C ARG A 96 4.53 9.51 10.64
N GLN A 97 3.25 9.33 10.79
CA GLN A 97 2.61 8.06 10.32
C GLN A 97 2.57 8.02 8.80
N LEU A 98 2.21 9.11 8.17
CA LEU A 98 2.13 9.13 6.68
C LEU A 98 3.55 9.08 6.09
N GLN A 99 4.46 9.81 6.66
CA GLN A 99 5.86 9.79 6.12
C GLN A 99 6.43 8.39 6.30
N LYS A 100 6.10 7.75 7.39
CA LYS A 100 6.60 6.36 7.63
C LYS A 100 6.01 5.47 6.54
N MET A 101 4.78 5.71 6.17
CA MET A 101 4.13 4.90 5.10
C MET A 101 4.83 5.19 3.78
N GLU A 102 5.21 6.41 3.58
CA GLU A 102 5.91 6.80 2.33
C GLU A 102 7.25 6.07 2.25
N ASP A 103 8.03 6.16 3.29
CA ASP A 103 9.35 5.48 3.29
C ASP A 103 9.15 3.96 3.33
N VAL A 104 8.25 3.49 4.14
CA VAL A 104 8.00 2.02 4.21
C VAL A 104 7.57 1.51 2.84
N TYR A 105 6.68 2.22 2.21
CA TYR A 105 6.17 1.77 0.88
C TYR A 105 7.34 1.76 -0.12
N GLN A 106 8.27 2.67 0.01
CA GLN A 106 9.42 2.71 -0.94
C GLN A 106 10.29 1.47 -0.74
N THR A 107 10.38 0.97 0.47
CA THR A 107 11.20 -0.24 0.71
C THR A 107 10.58 -1.44 -0.02
N LEU A 108 9.28 -1.48 -0.08
CA LEU A 108 8.61 -2.60 -0.79
C LEU A 108 8.94 -2.53 -2.28
N VAL A 109 9.04 -1.34 -2.81
CA VAL A 109 9.36 -1.19 -4.26
C VAL A 109 10.71 -1.83 -4.55
N VAL A 110 11.69 -1.59 -3.72
CA VAL A 110 13.02 -2.22 -3.97
C VAL A 110 12.87 -3.74 -3.78
N HIS A 111 12.22 -4.16 -2.73
CA HIS A 111 12.01 -5.62 -2.53
C HIS A 111 11.20 -6.15 -3.71
N GLY A 112 10.27 -5.36 -4.17
CA GLY A 112 9.44 -5.81 -5.33
C GLY A 112 10.27 -5.72 -6.61
N GLN A 113 11.04 -4.67 -6.77
CA GLN A 113 11.87 -4.55 -7.99
C GLN A 113 12.75 -5.78 -8.14
N VAL A 114 13.11 -6.40 -7.05
CA VAL A 114 13.96 -7.62 -7.13
C VAL A 114 13.22 -8.73 -7.88
N LEU A 115 11.95 -8.88 -7.67
CA LEU A 115 11.18 -9.94 -8.39
C LEU A 115 10.81 -9.44 -9.78
N ASP A 116 11.66 -9.66 -10.74
CA ASP A 116 11.37 -9.21 -12.13
C ASP A 116 12.39 -9.81 -13.10
N SER A 117 13.33 -9.03 -13.56
CA SER A 117 14.36 -9.56 -14.49
C SER A 117 15.12 -10.71 -13.82
N GLY A 118 15.68 -11.60 -14.59
CA GLY A 118 16.45 -12.73 -13.99
C GLY A 118 17.62 -13.10 -14.90
N ARG A 119 18.82 -12.87 -14.44
CA ARG A 119 20.02 -13.21 -15.27
C ARG A 119 20.03 -14.70 -15.55
N GLY A 120 19.63 -15.50 -14.61
CA GLY A 120 19.62 -16.98 -14.83
C GLY A 120 19.76 -17.69 -13.48
N GLY A 121 19.80 -19.01 -13.50
CA GLY A 121 19.93 -19.76 -12.22
C GLY A 121 18.92 -19.22 -11.21
N PRO A 122 19.00 -19.70 -10.00
CA PRO A 122 18.08 -19.27 -8.89
C PRO A 122 18.01 -17.75 -8.75
N GLY A 123 16.90 -17.24 -8.30
CA GLY A 123 16.77 -15.76 -8.14
C GLY A 123 16.04 -15.44 -6.84
N PHE A 124 14.93 -14.77 -6.92
CA PHE A 124 14.17 -14.43 -5.68
C PHE A 124 13.87 -15.72 -4.90
N THR A 125 13.62 -16.81 -5.59
CA THR A 125 13.34 -18.09 -4.88
C THR A 125 12.00 -17.98 -4.13
N LEU A 126 11.30 -19.08 -3.99
CA LEU A 126 10.01 -19.04 -3.26
C LEU A 126 10.21 -18.49 -1.86
N ASP A 127 11.41 -18.60 -1.34
CA ASP A 127 11.67 -18.10 0.03
C ASP A 127 11.39 -16.59 0.09
N ASP A 128 11.90 -15.85 -0.86
CA ASP A 128 11.65 -14.38 -0.87
C ASP A 128 10.14 -14.12 -0.90
N LEU A 129 9.38 -14.97 -1.55
CA LEU A 129 7.91 -14.75 -1.60
C LEU A 129 7.34 -14.78 -0.19
N ASP A 130 7.85 -15.63 0.66
CA ASP A 130 7.33 -15.65 2.05
C ASP A 130 7.62 -14.27 2.66
N ARG A 131 8.75 -13.71 2.30
CA ARG A 131 9.11 -12.36 2.81
C ARG A 131 8.24 -11.32 2.12
N LEU A 132 7.99 -11.48 0.85
CA LEU A 132 7.14 -10.49 0.12
C LEU A 132 5.70 -10.61 0.62
N VAL A 133 5.19 -11.81 0.70
CA VAL A 133 3.80 -11.97 1.21
C VAL A 133 3.75 -11.40 2.62
N ALA A 134 4.85 -11.47 3.33
CA ALA A 134 4.88 -10.92 4.72
C ALA A 134 4.83 -9.39 4.66
N CYS A 135 5.65 -8.80 3.83
CA CYS A 135 5.64 -7.32 3.72
C CYS A 135 4.26 -6.85 3.21
N SER A 136 3.68 -7.61 2.33
CA SER A 136 2.34 -7.21 1.79
C SER A 136 1.32 -7.08 2.93
N ARG A 137 1.44 -7.89 3.95
CA ARG A 137 0.48 -7.78 5.09
C ARG A 137 0.78 -6.50 5.89
N ALA A 138 1.99 -6.05 5.84
CA ALA A 138 2.36 -4.82 6.61
C ALA A 138 1.73 -3.56 5.99
N VAL A 139 1.73 -3.44 4.69
CA VAL A 139 1.17 -2.20 4.06
C VAL A 139 -0.31 -1.98 4.44
N PRO A 140 -1.17 -2.96 4.28
CA PRO A 140 -2.61 -2.81 4.64
C PRO A 140 -2.84 -2.51 6.11
N GLU A 141 -2.15 -3.18 6.99
CA GLU A 141 -2.35 -2.89 8.44
C GLU A 141 -1.99 -1.42 8.68
N ASP A 142 -0.94 -0.96 8.04
CA ASP A 142 -0.54 0.47 8.20
C ASP A 142 -1.59 1.37 7.54
N ALA A 143 -2.16 0.95 6.44
CA ALA A 143 -3.19 1.78 5.78
C ALA A 143 -4.37 1.96 6.73
N LYS A 144 -4.76 0.92 7.42
CA LYS A 144 -5.89 1.02 8.38
C LYS A 144 -5.47 1.94 9.53
N GLN A 145 -4.32 1.70 10.11
CA GLN A 145 -3.85 2.54 11.23
C GLN A 145 -3.72 3.99 10.75
N LEU A 146 -3.16 4.19 9.58
CA LEU A 146 -3.03 5.58 9.06
C LEU A 146 -4.43 6.19 8.99
N ALA A 147 -5.42 5.39 8.67
CA ALA A 147 -6.80 5.91 8.60
C ALA A 147 -7.20 6.51 9.95
N SER A 148 -6.73 5.91 11.01
CA SER A 148 -7.07 6.43 12.37
C SER A 148 -6.48 7.84 12.55
N PHE A 149 -5.28 8.06 12.10
CA PHE A 149 -4.68 9.41 12.25
C PHE A 149 -5.54 10.41 11.49
N LEU A 150 -6.02 10.04 10.33
CA LEU A 150 -6.89 10.97 9.57
C LEU A 150 -8.14 11.24 10.39
N HIS A 151 -8.65 10.22 11.03
CA HIS A 151 -9.88 10.39 11.87
C HIS A 151 -9.62 11.37 13.00
N GLY A 152 -8.57 11.17 13.76
CA GLY A 152 -8.28 12.10 14.89
C GLY A 152 -8.06 13.52 14.35
N ASN A 153 -7.67 13.66 13.12
CA ASN A 153 -7.44 15.02 12.55
C ASN A 153 -8.46 15.30 11.45
N ALA A 154 -9.44 14.46 11.30
CA ALA A 154 -10.46 14.69 10.23
C ALA A 154 -11.14 16.04 10.45
N SER A 155 -11.22 16.48 11.67
CA SER A 155 -11.89 17.78 11.96
C SER A 155 -11.08 18.92 11.34
N LEU A 156 -9.78 18.90 11.53
CA LEU A 156 -8.94 20.02 10.98
C LEU A 156 -8.25 19.57 9.69
N LEU A 157 -8.12 18.29 9.45
CA LEU A 157 -7.45 17.83 8.20
C LEU A 157 -8.28 18.31 7.01
N PHE A 158 -9.57 18.44 7.20
CA PHE A 158 -10.44 18.90 6.08
C PHE A 158 -11.17 20.17 6.51
N ARG A 159 -12.40 20.04 6.93
CA ARG A 159 -13.17 21.24 7.36
C ARG A 159 -14.49 20.80 7.99
N ARG A 160 -14.42 20.06 9.08
CA ARG A 160 -15.67 19.59 9.73
C ARG A 160 -15.52 19.71 11.25
N THR A 161 -16.59 20.00 11.94
CA THR A 161 -16.51 20.13 13.42
C THR A 161 -16.71 18.76 14.07
N LYS A 162 -16.26 18.58 15.28
CA LYS A 162 -16.43 17.27 15.96
C LYS A 162 -17.91 16.93 16.07
N ALA A 163 -18.74 17.92 16.29
CA ALA A 163 -20.20 17.66 16.41
C ALA A 163 -20.43 16.55 17.43
N GLY A 1 -12.93 13.92 -8.05
CA GLY A 1 -13.33 15.39 -8.00
C GLY A 1 -12.81 16.33 -9.04
N SER A 2 -13.66 17.11 -9.63
CA SER A 2 -13.21 18.07 -10.68
C SER A 2 -12.18 19.03 -10.08
N GLY A 3 -12.29 19.31 -8.81
CA GLY A 3 -11.32 20.25 -8.17
C GLY A 3 -11.88 21.67 -8.19
N ARG A 4 -13.07 21.84 -8.68
CA ARG A 4 -13.67 23.20 -8.73
C ARG A 4 -13.70 23.79 -7.32
N GLU A 5 -13.96 22.97 -6.33
CA GLU A 5 -14.01 23.49 -4.94
C GLU A 5 -13.47 22.41 -3.98
N PRO A 6 -13.02 22.81 -2.82
CA PRO A 6 -12.48 21.86 -1.81
C PRO A 6 -13.29 20.56 -1.73
N LEU A 7 -12.74 19.56 -1.11
CA LEU A 7 -13.45 18.26 -0.99
C LEU A 7 -14.14 18.19 0.38
N GLU A 8 -15.14 17.37 0.50
CA GLU A 8 -15.85 17.25 1.81
C GLU A 8 -15.27 16.07 2.60
N LEU A 9 -15.31 16.14 3.90
CA LEU A 9 -14.77 15.03 4.73
C LEU A 9 -15.49 13.73 4.36
N GLU A 10 -16.76 13.83 4.04
CA GLU A 10 -17.52 12.60 3.67
C GLU A 10 -16.99 12.03 2.35
N VAL A 11 -16.63 12.86 1.42
CA VAL A 11 -16.08 12.33 0.13
C VAL A 11 -14.70 11.77 0.41
N ALA A 12 -13.88 12.53 1.09
CA ALA A 12 -12.52 12.05 1.43
C ALA A 12 -12.63 10.73 2.20
N VAL A 13 -13.58 10.64 3.10
CA VAL A 13 -13.76 9.37 3.86
C VAL A 13 -14.25 8.26 2.93
N GLU A 14 -15.07 8.58 1.96
CA GLU A 14 -15.56 7.53 1.01
C GLU A 14 -14.43 7.17 0.04
N THR A 15 -13.78 8.16 -0.51
CA THR A 15 -12.69 7.90 -1.47
C THR A 15 -11.56 7.12 -0.78
N LEU A 16 -11.15 7.56 0.38
CA LEU A 16 -10.07 6.84 1.10
C LEU A 16 -10.58 5.47 1.57
N ALA A 17 -11.81 5.42 2.03
CA ALA A 17 -12.38 4.13 2.51
C ALA A 17 -12.41 3.10 1.37
N ARG A 18 -12.82 3.51 0.21
CA ARG A 18 -12.88 2.56 -0.93
C ARG A 18 -11.46 2.07 -1.23
N LEU A 19 -10.49 2.92 -1.03
CA LEU A 19 -9.08 2.52 -1.29
C LEU A 19 -8.65 1.46 -0.28
N GLN A 20 -9.08 1.58 0.94
CA GLN A 20 -8.68 0.57 1.98
C GLN A 20 -9.19 -0.80 1.55
N GLN A 21 -10.30 -0.85 0.86
CA GLN A 21 -10.83 -2.16 0.41
C GLN A 21 -9.99 -2.65 -0.76
N GLY A 22 -9.70 -1.78 -1.69
CA GLY A 22 -8.87 -2.16 -2.86
C GLY A 22 -7.47 -2.57 -2.38
N VAL A 23 -6.97 -1.95 -1.35
CA VAL A 23 -5.62 -2.33 -0.85
C VAL A 23 -5.70 -3.68 -0.17
N SER A 24 -6.65 -3.86 0.71
CA SER A 24 -6.81 -5.17 1.39
C SER A 24 -7.23 -6.23 0.37
N THR A 25 -8.11 -5.86 -0.52
CA THR A 25 -8.57 -6.83 -1.57
C THR A 25 -7.39 -7.25 -2.46
N THR A 26 -6.52 -6.34 -2.81
CA THR A 26 -5.36 -6.70 -3.66
C THR A 26 -4.41 -7.62 -2.89
N VAL A 27 -4.31 -7.44 -1.60
CA VAL A 27 -3.41 -8.30 -0.81
C VAL A 27 -4.00 -9.71 -0.70
N ALA A 28 -5.30 -9.81 -0.62
CA ALA A 28 -5.92 -11.16 -0.52
C ALA A 28 -5.59 -11.94 -1.79
N HIS A 29 -5.70 -11.31 -2.92
CA HIS A 29 -5.42 -12.00 -4.20
C HIS A 29 -3.93 -12.34 -4.29
N LEU A 30 -3.09 -11.43 -3.89
CA LEU A 30 -1.63 -11.71 -3.94
C LEU A 30 -1.31 -12.95 -3.11
N LEU A 31 -1.86 -13.05 -1.93
CA LEU A 31 -1.59 -14.23 -1.08
C LEU A 31 -2.30 -15.45 -1.68
N ASP A 32 -3.43 -15.25 -2.29
CA ASP A 32 -4.17 -16.40 -2.89
C ASP A 32 -3.43 -16.87 -4.15
N LEU A 33 -2.98 -15.95 -4.96
CA LEU A 33 -2.26 -16.34 -6.21
C LEU A 33 -0.93 -17.00 -5.84
N VAL A 34 -0.21 -16.45 -4.90
CA VAL A 34 1.09 -17.05 -4.51
C VAL A 34 0.85 -18.30 -3.67
N GLY A 35 -0.27 -18.38 -3.02
CA GLY A 35 -0.57 -19.59 -2.18
C GLY A 35 -0.23 -20.85 -2.97
N SER A 36 0.86 -21.50 -2.63
CA SER A 36 1.23 -22.74 -3.36
C SER A 36 1.09 -22.51 -4.86
N ALA A 37 1.03 -21.28 -5.28
CA ALA A 37 0.90 -20.99 -6.74
C ALA A 37 -0.31 -21.74 -7.30
N SER A 38 -1.40 -21.06 -7.50
CA SER A 38 -2.62 -21.72 -8.05
C SER A 38 -2.28 -22.37 -9.39
N GLY A 39 -1.39 -21.79 -10.14
CA GLY A 39 -1.03 -22.37 -11.46
C GLY A 39 -0.71 -23.86 -11.30
N PRO A 40 -0.65 -24.57 -12.38
CA PRO A 40 -0.35 -26.03 -12.38
C PRO A 40 1.06 -26.33 -11.83
N GLY A 41 1.26 -27.50 -11.29
CA GLY A 41 2.61 -27.85 -10.74
C GLY A 41 3.68 -27.57 -11.80
N GLY A 42 4.88 -27.30 -11.38
CA GLY A 42 5.97 -27.02 -12.35
C GLY A 42 6.39 -28.32 -13.04
N TRP A 43 6.83 -28.24 -14.26
CA TRP A 43 7.27 -29.48 -14.99
C TRP A 43 8.79 -29.57 -14.98
N ARG A 44 9.32 -30.75 -15.10
CA ARG A 44 10.81 -30.90 -15.10
C ARG A 44 11.42 -29.93 -16.11
N SER A 45 12.52 -29.32 -15.77
CA SER A 45 13.17 -28.36 -16.71
C SER A 45 14.69 -28.41 -16.53
N THR A 46 15.43 -27.90 -17.48
CA THR A 46 16.91 -27.92 -17.36
C THR A 46 17.33 -27.05 -16.17
N SER A 47 16.68 -25.94 -15.97
CA SER A 47 17.04 -25.05 -14.83
C SER A 47 15.92 -24.04 -14.59
N GLU A 48 15.75 -23.61 -13.37
CA GLU A 48 14.68 -22.62 -13.08
C GLU A 48 13.35 -23.13 -13.63
N PRO A 49 12.80 -24.14 -13.02
CA PRO A 49 11.51 -24.75 -13.44
C PRO A 49 10.37 -23.72 -13.45
N GLN A 50 10.45 -22.72 -12.62
CA GLN A 50 9.37 -21.70 -12.58
C GLN A 50 9.80 -20.47 -13.37
N GLU A 51 8.96 -19.98 -14.24
CA GLU A 51 9.32 -18.79 -15.05
C GLU A 51 8.05 -18.12 -15.58
N PRO A 52 7.27 -18.82 -16.35
CA PRO A 52 6.01 -18.28 -16.92
C PRO A 52 5.19 -17.50 -15.88
N PRO A 53 5.07 -18.00 -14.67
CA PRO A 53 4.27 -17.30 -13.61
C PRO A 53 4.97 -16.04 -13.09
N VAL A 54 6.25 -15.91 -13.35
CA VAL A 54 6.99 -14.71 -12.87
C VAL A 54 6.38 -13.44 -13.49
N GLN A 55 6.07 -13.48 -14.76
CA GLN A 55 5.47 -12.28 -15.41
C GLN A 55 4.15 -11.93 -14.71
N ASP A 56 3.32 -12.91 -14.46
CA ASP A 56 2.03 -12.63 -13.76
C ASP A 56 2.33 -12.07 -12.36
N LEU A 57 3.40 -12.51 -11.75
CA LEU A 57 3.74 -12.01 -10.40
C LEU A 57 4.02 -10.51 -10.48
N LYS A 58 4.71 -10.08 -11.50
CA LYS A 58 5.02 -8.63 -11.65
C LYS A 58 3.71 -7.83 -11.71
N ALA A 59 2.72 -8.35 -12.39
CA ALA A 59 1.42 -7.62 -12.47
C ALA A 59 0.73 -7.64 -11.11
N ALA A 60 0.90 -8.70 -10.36
CA ALA A 60 0.25 -8.78 -9.02
C ALA A 60 0.84 -7.75 -8.07
N VAL A 61 2.13 -7.64 -8.00
CA VAL A 61 2.75 -6.63 -7.08
C VAL A 61 2.46 -5.23 -7.60
N ALA A 62 2.48 -5.04 -8.89
CA ALA A 62 2.20 -3.68 -9.44
C ALA A 62 0.78 -3.26 -9.09
N ALA A 63 -0.12 -4.20 -9.00
CA ALA A 63 -1.53 -3.86 -8.66
C ALA A 63 -1.60 -3.37 -7.21
N VAL A 64 -1.06 -4.13 -6.29
CA VAL A 64 -1.11 -3.70 -4.86
C VAL A 64 -0.33 -2.40 -4.69
N HIS A 65 0.81 -2.29 -5.32
CA HIS A 65 1.61 -1.03 -5.21
C HIS A 65 0.83 0.14 -5.82
N GLY A 66 0.15 -0.11 -6.89
CA GLY A 66 -0.64 0.98 -7.55
C GLY A 66 -1.85 1.41 -6.69
N ALA A 67 -2.59 0.47 -6.17
CA ALA A 67 -3.78 0.85 -5.36
C ALA A 67 -3.34 1.45 -4.01
N VAL A 68 -2.28 0.94 -3.44
CA VAL A 68 -1.81 1.49 -2.13
C VAL A 68 -1.28 2.91 -2.36
N HIS A 69 -0.51 3.11 -3.41
CA HIS A 69 0.01 4.47 -3.69
C HIS A 69 -1.16 5.45 -3.75
N GLU A 70 -2.30 5.01 -4.18
CA GLU A 70 -3.48 5.91 -4.22
C GLU A 70 -3.83 6.28 -2.78
N LEU A 71 -3.57 5.39 -1.87
CA LEU A 71 -3.87 5.68 -0.44
C LEU A 71 -2.91 6.77 0.03
N LEU A 72 -1.67 6.65 -0.32
CA LEU A 72 -0.70 7.69 0.09
C LEU A 72 -1.12 9.02 -0.55
N GLU A 73 -1.56 8.99 -1.77
CA GLU A 73 -2.02 10.24 -2.44
C GLU A 73 -3.38 10.67 -1.86
N PHE A 74 -4.29 9.74 -1.71
CA PHE A 74 -5.63 10.10 -1.14
C PHE A 74 -5.45 10.61 0.29
N ALA A 75 -4.69 9.90 1.08
CA ALA A 75 -4.45 10.35 2.48
C ALA A 75 -3.75 11.70 2.45
N ARG A 76 -2.85 11.87 1.52
CA ARG A 76 -2.11 13.16 1.41
C ARG A 76 -3.06 14.26 0.95
N SER A 77 -3.97 13.94 0.07
CA SER A 77 -4.91 14.98 -0.43
C SER A 77 -5.65 15.59 0.76
N ALA A 78 -6.12 14.77 1.66
CA ALA A 78 -6.83 15.29 2.86
C ALA A 78 -5.90 16.18 3.68
N VAL A 79 -4.66 15.79 3.81
CA VAL A 79 -3.70 16.59 4.62
C VAL A 79 -3.61 18.00 4.03
N SER A 80 -3.67 18.13 2.74
CA SER A 80 -3.59 19.48 2.11
C SER A 80 -2.37 20.23 2.64
N SER A 81 -2.47 21.53 2.78
CA SER A 81 -1.33 22.32 3.31
C SER A 81 -0.89 21.77 4.67
N ALA A 82 -1.83 21.42 5.50
CA ALA A 82 -1.49 20.88 6.85
C ALA A 82 -0.92 22.01 7.71
N THR A 83 -0.57 23.11 7.12
CA THR A 83 0.00 24.24 7.89
C THR A 83 -1.13 25.02 8.55
N HIS A 84 -2.32 24.93 8.02
CA HIS A 84 -3.46 25.67 8.61
C HIS A 84 -4.08 24.85 9.75
N THR A 85 -3.52 23.71 10.02
CA THR A 85 -4.08 22.86 11.12
C THR A 85 -3.88 23.56 12.46
N SER A 86 -4.91 23.65 13.26
CA SER A 86 -4.78 24.33 14.58
C SER A 86 -3.81 23.55 15.46
N ASP A 87 -3.85 22.25 15.40
CA ASP A 87 -2.91 21.44 16.23
C ASP A 87 -1.76 20.93 15.36
N ARG A 88 -0.54 21.24 15.73
CA ARG A 88 0.62 20.78 14.92
C ARG A 88 0.97 19.35 15.27
N THR A 89 0.59 18.90 16.44
CA THR A 89 0.91 17.50 16.85
C THR A 89 0.27 16.52 15.87
N LEU A 90 -0.95 16.78 15.47
CA LEU A 90 -1.63 15.87 14.52
C LEU A 90 -0.83 15.79 13.22
N HIS A 91 -0.43 16.91 12.70
CA HIS A 91 0.40 16.90 11.45
C HIS A 91 1.69 16.14 11.75
N ALA A 92 2.32 16.43 12.85
CA ALA A 92 3.57 15.72 13.22
C ALA A 92 3.26 14.22 13.34
N LYS A 93 2.25 13.88 14.09
CA LYS A 93 1.87 12.45 14.23
C LYS A 93 1.47 11.90 12.86
N LEU A 94 0.68 12.64 12.12
CA LEU A 94 0.24 12.17 10.77
C LEU A 94 1.45 12.13 9.84
N SER A 95 2.23 13.17 9.82
CA SER A 95 3.43 13.20 8.93
C SER A 95 4.40 12.09 9.33
N ARG A 96 4.62 11.90 10.60
CA ARG A 96 5.56 10.83 11.03
C ARG A 96 5.09 9.47 10.53
N GLN A 97 3.83 9.18 10.69
CA GLN A 97 3.30 7.86 10.21
C GLN A 97 3.32 7.82 8.69
N LEU A 98 3.10 8.94 8.04
CA LEU A 98 3.10 8.97 6.55
C LEU A 98 4.49 8.64 6.03
N GLN A 99 5.51 9.23 6.60
CA GLN A 99 6.89 8.94 6.12
C GLN A 99 7.18 7.46 6.31
N LYS A 100 6.66 6.88 7.35
CA LYS A 100 6.89 5.43 7.59
C LYS A 100 6.25 4.66 6.44
N MET A 101 5.12 5.11 5.97
CA MET A 101 4.45 4.41 4.84
C MET A 101 5.28 4.60 3.58
N GLU A 102 5.85 5.76 3.42
CA GLU A 102 6.68 6.02 2.23
C GLU A 102 7.84 5.02 2.23
N ASP A 103 8.51 4.90 3.33
CA ASP A 103 9.65 3.95 3.43
C ASP A 103 9.15 2.53 3.22
N VAL A 104 8.02 2.20 3.79
CA VAL A 104 7.48 0.81 3.64
C VAL A 104 6.91 0.63 2.23
N TYR A 105 6.28 1.64 1.70
CA TYR A 105 5.68 1.52 0.35
C TYR A 105 6.78 1.25 -0.67
N GLN A 106 7.85 2.00 -0.61
CA GLN A 106 8.95 1.79 -1.58
C GLN A 106 9.67 0.47 -1.28
N THR A 107 9.67 0.04 -0.05
CA THR A 107 10.33 -1.24 0.31
C THR A 107 9.72 -2.36 -0.52
N LEU A 108 8.42 -2.36 -0.67
CA LEU A 108 7.76 -3.43 -1.48
C LEU A 108 8.14 -3.26 -2.94
N VAL A 109 8.21 -2.03 -3.41
CA VAL A 109 8.58 -1.80 -4.83
C VAL A 109 9.98 -2.36 -5.08
N VAL A 110 10.90 -2.12 -4.19
CA VAL A 110 12.28 -2.66 -4.39
C VAL A 110 12.21 -4.18 -4.28
N HIS A 111 11.55 -4.68 -3.26
CA HIS A 111 11.43 -6.15 -3.12
C HIS A 111 10.69 -6.68 -4.36
N GLY A 112 9.73 -5.92 -4.84
CA GLY A 112 8.98 -6.35 -6.05
C GLY A 112 9.87 -6.21 -7.27
N GLN A 113 10.53 -5.08 -7.42
CA GLN A 113 11.42 -4.89 -8.58
C GLN A 113 12.51 -5.96 -8.57
N VAL A 114 12.96 -6.35 -7.41
CA VAL A 114 14.01 -7.40 -7.33
C VAL A 114 13.42 -8.74 -7.77
N LEU A 115 12.18 -8.97 -7.47
CA LEU A 115 11.53 -10.24 -7.87
C LEU A 115 11.68 -10.43 -9.38
N ASP A 116 11.60 -9.35 -10.12
CA ASP A 116 11.73 -9.46 -11.61
C ASP A 116 13.16 -9.86 -11.96
N SER A 117 13.32 -10.95 -12.68
CA SER A 117 14.68 -11.39 -13.06
C SER A 117 15.36 -10.31 -13.91
N GLY A 118 14.58 -9.53 -14.62
CA GLY A 118 15.17 -8.45 -15.46
C GLY A 118 16.02 -9.08 -16.56
N ARG A 119 17.29 -8.81 -16.58
CA ARG A 119 18.17 -9.39 -17.63
C ARG A 119 19.52 -9.75 -17.02
N GLY A 120 19.57 -10.80 -16.24
CA GLY A 120 20.87 -11.19 -15.63
C GLY A 120 21.00 -10.56 -14.24
N GLY A 121 19.97 -9.90 -13.78
CA GLY A 121 20.04 -9.24 -12.45
C GLY A 121 19.84 -10.30 -11.35
N PRO A 122 19.88 -9.89 -10.12
CA PRO A 122 19.71 -10.80 -8.95
C PRO A 122 18.44 -11.65 -9.07
N GLY A 123 18.54 -12.92 -8.80
CA GLY A 123 17.34 -13.80 -8.90
C GLY A 123 16.65 -13.89 -7.53
N PHE A 124 15.56 -14.60 -7.44
CA PHE A 124 14.86 -14.72 -6.13
C PHE A 124 14.29 -16.14 -5.98
N THR A 125 13.93 -16.52 -4.79
CA THR A 125 13.38 -17.89 -4.59
C THR A 125 12.12 -17.83 -3.72
N LEU A 126 11.54 -18.96 -3.42
CA LEU A 126 10.32 -18.97 -2.57
C LEU A 126 10.58 -18.22 -1.26
N ASP A 127 11.82 -18.15 -0.85
CA ASP A 127 12.14 -17.43 0.41
C ASP A 127 11.84 -15.94 0.25
N ASP A 128 12.28 -15.36 -0.83
CA ASP A 128 12.00 -13.92 -1.07
C ASP A 128 10.49 -13.67 -1.02
N LEU A 129 9.72 -14.60 -1.52
CA LEU A 129 8.24 -14.42 -1.51
C LEU A 129 7.75 -14.34 -0.06
N ASP A 130 8.35 -15.08 0.83
CA ASP A 130 7.92 -15.00 2.25
C ASP A 130 8.11 -13.57 2.70
N ARG A 131 9.15 -12.94 2.24
CA ARG A 131 9.42 -11.52 2.61
C ARG A 131 8.38 -10.63 1.95
N LEU A 132 8.05 -10.88 0.72
CA LEU A 132 7.03 -10.03 0.03
C LEU A 132 5.66 -10.32 0.64
N VAL A 133 5.30 -11.57 0.76
CA VAL A 133 4.00 -11.91 1.37
C VAL A 133 3.95 -11.31 2.78
N ALA A 134 5.08 -11.23 3.43
CA ALA A 134 5.12 -10.67 4.80
C ALA A 134 4.91 -9.17 4.73
N CYS A 135 5.59 -8.50 3.84
CA CYS A 135 5.42 -7.03 3.72
C CYS A 135 4.00 -6.72 3.24
N SER A 136 3.48 -7.51 2.34
CA SER A 136 2.11 -7.27 1.81
C SER A 136 1.10 -7.24 2.97
N ARG A 137 1.31 -8.01 4.00
CA ARG A 137 0.37 -7.98 5.15
C ARG A 137 0.62 -6.72 5.98
N ALA A 138 1.83 -6.23 5.99
CA ALA A 138 2.15 -5.01 6.81
C ALA A 138 1.50 -3.75 6.21
N VAL A 139 1.55 -3.59 4.92
CA VAL A 139 0.96 -2.35 4.29
C VAL A 139 -0.53 -2.19 4.62
N PRO A 140 -1.35 -3.18 4.38
CA PRO A 140 -2.82 -3.08 4.66
C PRO A 140 -3.14 -2.86 6.14
N GLU A 141 -2.47 -3.54 7.03
CA GLU A 141 -2.75 -3.33 8.47
C GLU A 141 -2.29 -1.92 8.85
N ASP A 142 -1.15 -1.52 8.36
CA ASP A 142 -0.64 -0.16 8.68
C ASP A 142 -1.41 0.87 7.87
N ALA A 143 -1.83 0.53 6.68
CA ALA A 143 -2.60 1.49 5.86
C ALA A 143 -3.88 1.86 6.60
N LYS A 144 -4.50 0.91 7.26
CA LYS A 144 -5.74 1.21 8.02
C LYS A 144 -5.39 2.12 9.19
N GLN A 145 -4.24 1.92 9.79
CA GLN A 145 -3.84 2.77 10.95
C GLN A 145 -3.67 4.21 10.47
N LEU A 146 -3.03 4.40 9.36
CA LEU A 146 -2.86 5.79 8.84
C LEU A 146 -4.24 6.40 8.63
N ALA A 147 -5.19 5.60 8.23
CA ALA A 147 -6.56 6.14 8.00
C ALA A 147 -7.13 6.62 9.34
N SER A 148 -6.76 5.98 10.42
CA SER A 148 -7.29 6.40 11.75
C SER A 148 -6.69 7.75 12.13
N PHE A 149 -5.44 7.96 11.87
CA PHE A 149 -4.81 9.27 12.23
C PHE A 149 -5.52 10.38 11.45
N LEU A 150 -5.77 10.16 10.19
CA LEU A 150 -6.48 11.19 9.39
C LEU A 150 -7.90 11.39 9.95
N HIS A 151 -8.51 10.33 10.42
CA HIS A 151 -9.88 10.43 10.97
C HIS A 151 -9.87 11.22 12.29
N GLY A 152 -8.94 10.94 13.16
CA GLY A 152 -8.90 11.66 14.47
C GLY A 152 -8.75 13.16 14.22
N ASN A 153 -8.19 13.53 13.10
CA ASN A 153 -7.99 14.98 12.80
C ASN A 153 -8.73 15.34 11.52
N ALA A 154 -9.43 14.40 10.94
CA ALA A 154 -10.16 14.68 9.68
C ALA A 154 -11.04 15.93 9.84
N SER A 155 -11.66 16.09 10.98
CA SER A 155 -12.51 17.28 11.17
C SER A 155 -11.70 18.54 10.84
N LEU A 156 -10.42 18.51 11.13
CA LEU A 156 -9.58 19.71 10.85
C LEU A 156 -9.04 19.65 9.41
N LEU A 157 -8.62 18.50 8.96
CA LEU A 157 -8.07 18.41 7.58
C LEU A 157 -9.10 18.97 6.59
N PHE A 158 -10.37 18.76 6.86
CA PHE A 158 -11.41 19.25 5.91
C PHE A 158 -12.09 20.48 6.51
N ARG A 159 -13.23 20.32 7.14
CA ARG A 159 -13.93 21.51 7.71
C ARG A 159 -14.54 21.15 9.08
N ARG A 160 -15.82 20.90 9.13
CA ARG A 160 -16.46 20.56 10.42
C ARG A 160 -16.02 21.56 11.49
N THR A 161 -16.13 22.83 11.21
CA THR A 161 -15.70 23.86 12.21
C THR A 161 -16.92 24.34 13.00
N LYS A 162 -16.70 24.98 14.12
CA LYS A 162 -17.85 25.47 14.92
C LYS A 162 -17.76 26.99 15.06
N ALA A 163 -18.88 27.66 15.12
CA ALA A 163 -18.86 29.14 15.26
C ALA A 163 -17.94 29.74 14.20
N GLY A 1 -6.97 13.99 -8.44
CA GLY A 1 -8.11 13.34 -9.22
C GLY A 1 -9.24 14.19 -9.70
N SER A 2 -10.17 14.49 -8.82
CA SER A 2 -11.33 15.35 -9.23
C SER A 2 -11.77 16.21 -8.06
N GLY A 3 -12.56 17.22 -8.30
CA GLY A 3 -13.02 18.10 -7.20
C GLY A 3 -11.93 19.13 -6.87
N ARG A 4 -11.60 19.98 -7.82
CA ARG A 4 -10.55 21.00 -7.55
C ARG A 4 -10.88 21.76 -6.27
N GLU A 5 -12.14 22.04 -6.04
CA GLU A 5 -12.53 22.77 -4.79
C GLU A 5 -12.22 21.90 -3.57
N PRO A 6 -12.08 22.51 -2.43
CA PRO A 6 -11.78 21.79 -1.15
C PRO A 6 -12.59 20.50 -1.02
N LEU A 7 -12.04 19.52 -0.37
CA LEU A 7 -12.75 18.22 -0.21
C LEU A 7 -13.55 18.25 1.10
N GLU A 8 -14.52 17.40 1.22
CA GLU A 8 -15.33 17.36 2.48
C GLU A 8 -14.99 16.11 3.27
N LEU A 9 -15.22 16.13 4.55
CA LEU A 9 -14.90 14.94 5.39
C LEU A 9 -15.63 13.72 4.83
N GLU A 10 -16.87 13.87 4.42
CA GLU A 10 -17.64 12.73 3.88
C GLU A 10 -17.01 12.23 2.59
N VAL A 11 -16.62 13.10 1.71
CA VAL A 11 -15.99 12.64 0.45
C VAL A 11 -14.62 12.06 0.81
N ALA A 12 -13.90 12.77 1.64
CA ALA A 12 -12.57 12.27 2.09
C ALA A 12 -12.73 10.91 2.78
N VAL A 13 -13.75 10.75 3.59
CA VAL A 13 -13.93 9.43 4.27
C VAL A 13 -14.38 8.41 3.23
N GLU A 14 -15.23 8.81 2.32
CA GLU A 14 -15.70 7.87 1.27
C GLU A 14 -14.55 7.55 0.29
N THR A 15 -13.89 8.56 -0.23
CA THR A 15 -12.75 8.32 -1.18
C THR A 15 -11.65 7.52 -0.47
N LEU A 16 -11.33 7.87 0.76
CA LEU A 16 -10.27 7.11 1.50
C LEU A 16 -10.79 5.73 1.88
N ALA A 17 -12.04 5.64 2.23
CA ALA A 17 -12.63 4.33 2.64
C ALA A 17 -12.65 3.38 1.44
N ARG A 18 -12.99 3.86 0.27
CA ARG A 18 -13.04 2.98 -0.91
C ARG A 18 -11.64 2.41 -1.16
N LEU A 19 -10.63 3.18 -0.84
CA LEU A 19 -9.23 2.73 -1.04
C LEU A 19 -8.89 1.62 -0.03
N GLN A 20 -9.37 1.74 1.18
CA GLN A 20 -9.06 0.72 2.21
C GLN A 20 -9.61 -0.65 1.78
N GLN A 21 -10.69 -0.66 1.05
CA GLN A 21 -11.25 -1.97 0.60
C GLN A 21 -10.44 -2.44 -0.60
N GLY A 22 -10.21 -1.56 -1.54
CA GLY A 22 -9.43 -1.94 -2.75
C GLY A 22 -7.99 -2.29 -2.35
N VAL A 23 -7.47 -1.64 -1.34
CA VAL A 23 -6.07 -1.95 -0.92
C VAL A 23 -6.05 -3.33 -0.26
N SER A 24 -6.96 -3.58 0.65
CA SER A 24 -6.99 -4.91 1.30
C SER A 24 -7.37 -5.96 0.27
N THR A 25 -8.25 -5.61 -0.63
CA THR A 25 -8.70 -6.57 -1.69
C THR A 25 -7.53 -6.98 -2.58
N THR A 26 -6.69 -6.05 -2.96
CA THR A 26 -5.54 -6.40 -3.84
C THR A 26 -4.52 -7.25 -3.07
N VAL A 27 -4.35 -6.99 -1.80
CA VAL A 27 -3.37 -7.80 -1.02
C VAL A 27 -3.86 -9.25 -0.96
N ALA A 28 -5.15 -9.44 -0.88
CA ALA A 28 -5.69 -10.82 -0.82
C ALA A 28 -5.32 -11.56 -2.11
N HIS A 29 -5.39 -10.87 -3.22
CA HIS A 29 -5.05 -11.52 -4.52
C HIS A 29 -3.60 -12.00 -4.50
N LEU A 30 -2.70 -11.15 -4.06
CA LEU A 30 -1.27 -11.55 -4.00
C LEU A 30 -1.12 -12.81 -3.13
N LEU A 31 -1.74 -12.81 -1.98
CA LEU A 31 -1.65 -14.01 -1.10
C LEU A 31 -2.45 -15.16 -1.71
N ASP A 32 -3.50 -14.84 -2.43
CA ASP A 32 -4.32 -15.91 -3.05
C ASP A 32 -3.54 -16.53 -4.21
N LEU A 33 -2.80 -15.74 -4.94
CA LEU A 33 -2.03 -16.27 -6.09
C LEU A 33 -0.87 -17.13 -5.58
N VAL A 34 -0.15 -16.65 -4.61
CA VAL A 34 0.99 -17.44 -4.07
C VAL A 34 0.48 -18.55 -3.15
N GLY A 35 -0.61 -18.31 -2.48
CA GLY A 35 -1.17 -19.35 -1.57
C GLY A 35 -1.56 -20.59 -2.40
N SER A 36 -2.17 -20.39 -3.53
CA SER A 36 -2.58 -21.55 -4.37
C SER A 36 -1.33 -22.32 -4.82
N ALA A 37 -0.26 -21.63 -5.07
CA ALA A 37 0.98 -22.33 -5.51
C ALA A 37 0.72 -23.05 -6.83
N SER A 38 1.68 -23.09 -7.71
CA SER A 38 1.48 -23.79 -9.02
C SER A 38 1.10 -25.25 -8.76
N GLY A 39 1.66 -25.84 -7.74
CA GLY A 39 1.33 -27.26 -7.44
C GLY A 39 1.96 -27.66 -6.10
N PRO A 40 1.91 -28.92 -5.77
CA PRO A 40 2.47 -29.46 -4.51
C PRO A 40 3.93 -29.05 -4.29
N GLY A 41 4.65 -28.80 -5.35
CA GLY A 41 6.08 -28.40 -5.20
C GLY A 41 6.96 -29.65 -5.16
N GLY A 42 8.25 -29.49 -5.34
CA GLY A 42 9.16 -30.66 -5.31
C GLY A 42 9.57 -30.95 -3.85
N TRP A 43 9.60 -32.21 -3.48
CA TRP A 43 9.99 -32.55 -2.09
C TRP A 43 11.39 -32.01 -1.80
N ARG A 44 12.32 -32.25 -2.68
CA ARG A 44 13.70 -31.74 -2.45
C ARG A 44 14.54 -31.98 -3.72
N SER A 45 14.14 -32.90 -4.54
CA SER A 45 14.91 -33.18 -5.78
C SER A 45 15.06 -31.89 -6.59
N THR A 46 14.03 -31.09 -6.64
CA THR A 46 14.11 -29.81 -7.41
C THR A 46 13.55 -28.67 -6.56
N SER A 47 14.02 -27.47 -6.78
CA SER A 47 13.51 -26.32 -5.98
C SER A 47 12.33 -25.67 -6.72
N GLU A 48 11.99 -26.16 -7.87
CA GLU A 48 10.86 -25.57 -8.63
C GLU A 48 11.04 -24.06 -8.74
N PRO A 49 12.04 -23.63 -9.46
CA PRO A 49 12.34 -22.18 -9.65
C PRO A 49 11.12 -21.39 -10.11
N GLN A 50 10.94 -20.19 -9.62
CA GLN A 50 9.76 -19.38 -10.03
C GLN A 50 10.19 -18.38 -11.11
N GLU A 51 10.66 -18.88 -12.23
CA GLU A 51 11.10 -17.96 -13.32
C GLU A 51 9.94 -17.74 -14.30
N PRO A 52 9.27 -18.80 -14.68
CA PRO A 52 8.15 -18.71 -15.65
C PRO A 52 7.01 -17.79 -15.16
N PRO A 53 6.60 -17.91 -13.92
CA PRO A 53 5.49 -17.07 -13.36
C PRO A 53 5.97 -15.68 -12.93
N VAL A 54 7.12 -15.27 -13.41
CA VAL A 54 7.66 -13.94 -13.02
C VAL A 54 6.65 -12.84 -13.41
N GLN A 55 6.09 -12.92 -14.57
CA GLN A 55 5.10 -11.88 -15.00
C GLN A 55 3.88 -11.95 -14.08
N ASP A 56 3.39 -13.13 -13.80
CA ASP A 56 2.21 -13.27 -12.92
C ASP A 56 2.55 -12.71 -11.54
N LEU A 57 3.74 -12.96 -11.07
CA LEU A 57 4.14 -12.45 -9.73
C LEU A 57 4.41 -10.95 -9.83
N LYS A 58 5.07 -10.53 -10.88
CA LYS A 58 5.38 -9.08 -11.05
C LYS A 58 4.06 -8.30 -11.21
N ALA A 59 3.12 -8.87 -11.91
CA ALA A 59 1.82 -8.16 -12.11
C ALA A 59 1.05 -8.13 -10.80
N ALA A 60 1.15 -9.16 -10.01
CA ALA A 60 0.39 -9.19 -8.72
C ALA A 60 0.96 -8.15 -7.75
N VAL A 61 2.25 -8.09 -7.59
CA VAL A 61 2.85 -7.09 -6.65
C VAL A 61 2.69 -5.69 -7.24
N ALA A 62 2.81 -5.55 -8.53
CA ALA A 62 2.68 -4.21 -9.16
C ALA A 62 1.27 -3.68 -8.91
N ALA A 63 0.27 -4.52 -9.04
CA ALA A 63 -1.13 -4.06 -8.82
C ALA A 63 -1.33 -3.67 -7.35
N VAL A 64 -0.83 -4.47 -6.45
CA VAL A 64 -0.99 -4.14 -5.00
C VAL A 64 -0.35 -2.79 -4.70
N HIS A 65 0.81 -2.55 -5.25
CA HIS A 65 1.49 -1.24 -5.02
C HIS A 65 0.62 -0.10 -5.55
N GLY A 66 -0.13 -0.37 -6.59
CA GLY A 66 -0.98 0.69 -7.20
C GLY A 66 -2.08 1.16 -6.24
N ALA A 67 -2.77 0.25 -5.60
CA ALA A 67 -3.88 0.68 -4.69
C ALA A 67 -3.32 1.43 -3.48
N VAL A 68 -2.17 1.06 -2.99
CA VAL A 68 -1.59 1.76 -1.81
C VAL A 68 -1.10 3.15 -2.27
N HIS A 69 -0.49 3.22 -3.43
CA HIS A 69 -0.03 4.54 -3.95
C HIS A 69 -1.21 5.50 -3.98
N GLU A 70 -2.38 5.02 -4.31
CA GLU A 70 -3.57 5.90 -4.33
C GLU A 70 -3.83 6.37 -2.89
N LEU A 71 -3.49 5.55 -1.94
CA LEU A 71 -3.69 5.94 -0.51
C LEU A 71 -2.69 7.04 -0.18
N LEU A 72 -1.47 6.89 -0.60
CA LEU A 72 -0.48 7.94 -0.31
C LEU A 72 -0.95 9.22 -0.99
N GLU A 73 -1.48 9.11 -2.17
CA GLU A 73 -1.99 10.31 -2.91
C GLU A 73 -3.29 10.79 -2.23
N PHE A 74 -4.19 9.89 -1.93
CA PHE A 74 -5.47 10.30 -1.28
C PHE A 74 -5.16 10.90 0.08
N ALA A 75 -4.33 10.25 0.84
CA ALA A 75 -3.98 10.78 2.18
C ALA A 75 -3.18 12.07 1.99
N ARG A 76 -2.29 12.08 1.02
CA ARG A 76 -1.47 13.29 0.76
C ARG A 76 -2.35 14.41 0.23
N SER A 77 -3.28 14.09 -0.62
CA SER A 77 -4.15 15.16 -1.19
C SER A 77 -4.82 15.93 -0.06
N ALA A 78 -5.31 15.23 0.93
CA ALA A 78 -5.95 15.92 2.08
C ALA A 78 -4.91 16.76 2.83
N VAL A 79 -3.71 16.27 2.91
CA VAL A 79 -2.64 17.03 3.64
C VAL A 79 -2.40 18.37 2.93
N SER A 80 -2.40 18.38 1.64
CA SER A 80 -2.18 19.65 0.89
C SER A 80 -3.22 20.69 1.32
N SER A 81 -4.42 20.27 1.57
CA SER A 81 -5.47 21.24 1.98
C SER A 81 -5.04 21.94 3.27
N ALA A 82 -4.35 21.23 4.13
CA ALA A 82 -3.88 21.84 5.41
C ALA A 82 -2.79 22.87 5.12
N THR A 83 -2.37 23.60 6.12
CA THR A 83 -1.30 24.62 5.91
C THR A 83 -0.21 24.43 6.97
N HIS A 84 0.99 24.87 6.68
CA HIS A 84 2.09 24.73 7.67
C HIS A 84 1.88 25.70 8.83
N THR A 85 1.19 26.78 8.58
CA THR A 85 0.95 27.78 9.67
C THR A 85 0.30 27.08 10.87
N SER A 86 -0.59 26.16 10.61
CA SER A 86 -1.27 25.44 11.74
C SER A 86 -0.29 24.45 12.37
N ASP A 87 -0.52 24.06 13.59
CA ASP A 87 0.40 23.10 14.25
C ASP A 87 -0.39 22.23 15.23
N ARG A 88 -0.76 21.04 14.85
CA ARG A 88 -1.52 20.15 15.76
C ARG A 88 -0.75 18.84 15.96
N THR A 89 -0.86 18.25 17.11
CA THR A 89 -0.12 16.97 17.36
C THR A 89 -0.67 15.88 16.42
N LEU A 90 -1.96 15.88 16.19
CA LEU A 90 -2.53 14.83 15.29
C LEU A 90 -1.90 14.94 13.90
N HIS A 91 -1.81 16.14 13.37
CA HIS A 91 -1.17 16.30 12.04
C HIS A 91 0.31 15.93 12.16
N ALA A 92 0.96 16.37 13.20
CA ALA A 92 2.38 16.02 13.40
C ALA A 92 2.51 14.49 13.39
N LYS A 93 1.66 13.81 14.11
CA LYS A 93 1.71 12.33 14.13
C LYS A 93 1.34 11.79 12.75
N LEU A 94 0.41 12.42 12.08
CA LEU A 94 0.02 11.96 10.72
C LEU A 94 1.23 11.95 9.80
N SER A 95 2.01 13.00 9.81
CA SER A 95 3.21 13.07 8.93
C SER A 95 4.15 11.90 9.26
N ARG A 96 4.32 11.60 10.51
CA ARG A 96 5.23 10.48 10.91
C ARG A 96 4.73 9.16 10.30
N GLN A 97 3.46 8.88 10.40
CA GLN A 97 2.93 7.60 9.83
C GLN A 97 3.02 7.63 8.29
N LEU A 98 2.86 8.78 7.69
CA LEU A 98 2.91 8.86 6.20
C LEU A 98 4.33 8.54 5.72
N GLN A 99 5.33 9.10 6.36
CA GLN A 99 6.73 8.84 5.93
C GLN A 99 7.04 7.36 6.09
N LYS A 100 6.43 6.73 7.06
CA LYS A 100 6.68 5.27 7.26
C LYS A 100 6.16 4.53 6.02
N MET A 101 5.05 4.97 5.50
CA MET A 101 4.47 4.31 4.30
C MET A 101 5.36 4.60 3.11
N GLU A 102 5.89 5.80 3.06
CA GLU A 102 6.79 6.18 1.94
C GLU A 102 8.00 5.24 1.92
N ASP A 103 8.64 5.07 3.03
CA ASP A 103 9.82 4.17 3.09
C ASP A 103 9.39 2.73 2.79
N VAL A 104 8.28 2.30 3.33
CA VAL A 104 7.82 0.91 3.06
C VAL A 104 7.33 0.80 1.62
N TYR A 105 6.70 1.82 1.12
CA TYR A 105 6.18 1.77 -0.27
C TYR A 105 7.33 1.48 -1.25
N GLN A 106 8.40 2.22 -1.15
CA GLN A 106 9.54 1.99 -2.07
C GLN A 106 10.14 0.60 -1.80
N THR A 107 10.11 0.16 -0.58
CA THR A 107 10.68 -1.18 -0.25
C THR A 107 9.98 -2.24 -1.09
N LEU A 108 8.70 -2.13 -1.25
CA LEU A 108 7.95 -3.13 -2.06
C LEU A 108 8.38 -3.02 -3.53
N VAL A 109 8.52 -1.81 -4.00
CA VAL A 109 8.94 -1.62 -5.42
C VAL A 109 10.33 -2.21 -5.66
N VAL A 110 11.25 -1.97 -4.76
CA VAL A 110 12.61 -2.56 -4.96
C VAL A 110 12.50 -4.07 -4.88
N HIS A 111 11.83 -4.58 -3.89
CA HIS A 111 11.67 -6.06 -3.80
C HIS A 111 10.99 -6.56 -5.06
N GLY A 112 10.04 -5.81 -5.56
CA GLY A 112 9.33 -6.22 -6.81
C GLY A 112 10.26 -6.00 -8.01
N GLN A 113 10.91 -4.87 -8.07
CA GLN A 113 11.82 -4.60 -9.22
C GLN A 113 12.86 -5.72 -9.32
N VAL A 114 13.33 -6.21 -8.21
CA VAL A 114 14.34 -7.30 -8.24
C VAL A 114 13.70 -8.56 -8.83
N LEU A 115 12.45 -8.79 -8.51
CA LEU A 115 11.76 -10.00 -9.05
C LEU A 115 11.79 -9.95 -10.57
N ASP A 116 11.69 -8.79 -11.16
CA ASP A 116 11.70 -8.68 -12.64
C ASP A 116 12.98 -9.31 -13.19
N SER A 117 14.09 -9.09 -12.54
CA SER A 117 15.37 -9.67 -13.02
C SER A 117 16.36 -9.77 -11.86
N GLY A 118 17.31 -10.65 -11.96
CA GLY A 118 18.31 -10.79 -10.86
C GLY A 118 19.73 -10.78 -11.44
N ARG A 119 20.22 -9.63 -11.78
CA ARG A 119 21.60 -9.55 -12.37
C ARG A 119 22.58 -10.23 -11.41
N GLY A 120 22.39 -10.08 -10.14
CA GLY A 120 23.32 -10.71 -9.16
C GLY A 120 23.43 -12.20 -9.46
N GLY A 121 22.37 -12.82 -9.86
CA GLY A 121 22.42 -14.28 -10.18
C GLY A 121 21.29 -15.00 -9.44
N PRO A 122 21.29 -16.30 -9.50
CA PRO A 122 20.26 -17.15 -8.82
C PRO A 122 20.15 -16.84 -7.32
N GLY A 123 18.97 -16.94 -6.76
CA GLY A 123 18.79 -16.66 -5.32
C GLY A 123 17.33 -16.36 -5.02
N PHE A 124 16.51 -16.31 -6.04
CA PHE A 124 15.06 -16.04 -5.82
C PHE A 124 14.30 -17.37 -5.76
N THR A 125 13.56 -17.58 -4.70
CA THR A 125 12.80 -18.86 -4.58
C THR A 125 11.59 -18.65 -3.66
N LEU A 126 10.96 -19.71 -3.23
CA LEU A 126 9.78 -19.57 -2.34
C LEU A 126 10.19 -18.82 -1.07
N ASP A 127 11.44 -18.87 -0.71
CA ASP A 127 11.90 -18.16 0.51
C ASP A 127 11.70 -16.65 0.35
N ASP A 128 12.15 -16.11 -0.74
CA ASP A 128 11.97 -14.64 -0.98
C ASP A 128 10.48 -14.30 -0.91
N LEU A 129 9.63 -15.16 -1.40
CA LEU A 129 8.17 -14.86 -1.36
C LEU A 129 7.73 -14.72 0.10
N ASP A 130 8.31 -15.47 0.99
CA ASP A 130 7.92 -15.33 2.42
C ASP A 130 8.24 -13.91 2.83
N ARG A 131 9.30 -13.36 2.31
CA ARG A 131 9.68 -11.96 2.64
C ARG A 131 8.69 -11.00 2.00
N LEU A 132 8.33 -11.24 0.76
CA LEU A 132 7.35 -10.34 0.09
C LEU A 132 5.97 -10.54 0.72
N VAL A 133 5.57 -11.77 0.89
CA VAL A 133 4.25 -12.03 1.53
C VAL A 133 4.24 -11.35 2.90
N ALA A 134 5.40 -11.27 3.52
CA ALA A 134 5.47 -10.63 4.86
C ALA A 134 5.27 -9.13 4.72
N CYS A 135 5.92 -8.51 3.77
CA CYS A 135 5.74 -7.05 3.58
C CYS A 135 4.30 -6.77 3.16
N SER A 136 3.74 -7.60 2.33
CA SER A 136 2.33 -7.38 1.87
C SER A 136 1.38 -7.31 3.07
N ARG A 137 1.64 -8.06 4.11
CA ARG A 137 0.73 -8.00 5.29
C ARG A 137 0.96 -6.69 6.05
N ALA A 138 2.14 -6.13 5.96
CA ALA A 138 2.43 -4.87 6.69
C ALA A 138 1.65 -3.70 6.07
N VAL A 139 1.49 -3.69 4.78
CA VAL A 139 0.78 -2.57 4.09
C VAL A 139 -0.69 -2.44 4.57
N PRO A 140 -1.47 -3.49 4.50
CA PRO A 140 -2.91 -3.42 4.92
C PRO A 140 -3.09 -3.08 6.41
N GLU A 141 -2.31 -3.67 7.25
CA GLU A 141 -2.44 -3.36 8.70
C GLU A 141 -2.06 -1.90 8.93
N ASP A 142 -1.01 -1.45 8.30
CA ASP A 142 -0.58 -0.03 8.48
C ASP A 142 -1.54 0.91 7.74
N ALA A 143 -2.05 0.49 6.61
CA ALA A 143 -3.00 1.38 5.87
C ALA A 143 -4.22 1.65 6.75
N LYS A 144 -4.71 0.64 7.42
CA LYS A 144 -5.90 0.82 8.29
C LYS A 144 -5.56 1.76 9.45
N GLN A 145 -4.37 1.66 9.98
CA GLN A 145 -3.99 2.55 11.13
C GLN A 145 -4.04 4.00 10.69
N LEU A 146 -3.58 4.32 9.52
CA LEU A 146 -3.63 5.73 9.05
C LEU A 146 -5.10 6.16 8.97
N ALA A 147 -5.97 5.26 8.62
CA ALA A 147 -7.42 5.61 8.54
C ALA A 147 -7.86 6.19 9.89
N SER A 148 -7.39 5.63 10.96
CA SER A 148 -7.77 6.15 12.31
C SER A 148 -7.15 7.54 12.51
N PHE A 149 -5.92 7.72 12.10
CA PHE A 149 -5.26 9.03 12.26
C PHE A 149 -6.00 10.05 11.39
N LEU A 150 -6.51 9.63 10.27
CA LEU A 150 -7.26 10.56 9.40
C LEU A 150 -8.45 11.10 10.19
N HIS A 151 -9.06 10.26 10.98
CA HIS A 151 -10.23 10.70 11.79
C HIS A 151 -9.79 11.75 12.83
N GLY A 152 -8.73 11.49 13.53
CA GLY A 152 -8.26 12.46 14.57
C GLY A 152 -8.07 13.84 13.94
N ASN A 153 -7.78 13.91 12.67
CA ASN A 153 -7.57 15.23 12.02
C ASN A 153 -8.73 15.52 11.07
N ALA A 154 -9.70 14.65 11.01
CA ALA A 154 -10.85 14.85 10.08
C ALA A 154 -11.55 16.17 10.42
N SER A 155 -11.43 16.62 11.64
CA SER A 155 -12.11 17.89 12.03
C SER A 155 -11.44 19.06 11.32
N LEU A 156 -10.13 19.15 11.39
CA LEU A 156 -9.43 20.30 10.75
C LEU A 156 -8.77 19.86 9.43
N LEU A 157 -8.76 18.58 9.14
CA LEU A 157 -8.09 18.14 7.89
C LEU A 157 -8.97 18.52 6.70
N PHE A 158 -10.25 18.61 6.91
CA PHE A 158 -11.17 18.99 5.79
C PHE A 158 -12.07 20.14 6.25
N ARG A 159 -12.90 19.92 7.24
CA ARG A 159 -13.82 21.00 7.70
C ARG A 159 -13.12 22.35 7.60
N ARG A 160 -11.92 22.44 8.10
CA ARG A 160 -11.17 23.73 8.04
C ARG A 160 -9.86 23.53 7.27
N THR A 161 -9.51 24.47 6.44
CA THR A 161 -8.25 24.33 5.63
C THR A 161 -7.89 25.67 5.01
N LYS A 162 -6.97 26.39 5.60
CA LYS A 162 -6.58 27.71 5.03
C LYS A 162 -6.10 27.52 3.58
N ALA A 163 -5.44 26.44 3.30
CA ALA A 163 -4.94 26.20 1.92
C ALA A 163 -4.17 27.42 1.44
N GLY A 1 -1.19 21.72 -6.56
CA GLY A 1 -0.84 21.03 -7.88
C GLY A 1 -1.92 20.47 -8.73
N SER A 2 -3.15 20.78 -8.42
CA SER A 2 -4.28 20.24 -9.23
C SER A 2 -5.30 21.36 -9.47
N GLY A 3 -4.84 22.59 -9.62
CA GLY A 3 -5.78 23.71 -9.86
C GLY A 3 -6.40 24.16 -8.53
N ARG A 4 -5.67 24.01 -7.45
CA ARG A 4 -6.21 24.42 -6.12
C ARG A 4 -7.64 23.91 -5.96
N GLU A 5 -7.78 22.62 -5.72
CA GLU A 5 -9.15 22.06 -5.54
C GLU A 5 -9.18 21.19 -4.27
N PRO A 6 -9.26 21.81 -3.13
CA PRO A 6 -9.28 21.08 -1.81
C PRO A 6 -10.42 20.06 -1.74
N LEU A 7 -10.21 18.96 -1.07
CA LEU A 7 -11.28 17.94 -0.95
C LEU A 7 -12.07 18.16 0.34
N GLU A 8 -13.15 17.46 0.50
CA GLU A 8 -14.01 17.58 1.71
C GLU A 8 -13.84 16.31 2.55
N LEU A 9 -14.12 16.37 3.82
CA LEU A 9 -13.97 15.17 4.68
C LEU A 9 -14.81 14.03 4.12
N GLU A 10 -15.98 14.35 3.61
CA GLU A 10 -16.86 13.29 3.05
C GLU A 10 -16.17 12.59 1.89
N VAL A 11 -15.51 13.31 1.02
CA VAL A 11 -14.80 12.64 -0.10
C VAL A 11 -13.66 11.82 0.49
N ALA A 12 -12.93 12.41 1.40
CA ALA A 12 -11.82 11.66 2.05
C ALA A 12 -12.39 10.46 2.80
N VAL A 13 -13.49 10.64 3.48
CA VAL A 13 -14.09 9.48 4.21
C VAL A 13 -14.59 8.45 3.19
N GLU A 14 -15.21 8.90 2.14
CA GLU A 14 -15.70 7.95 1.10
C GLU A 14 -14.50 7.34 0.36
N THR A 15 -13.58 8.16 -0.07
CA THR A 15 -12.39 7.62 -0.80
C THR A 15 -11.61 6.65 0.10
N LEU A 16 -11.38 7.02 1.34
CA LEU A 16 -10.62 6.11 2.26
C LEU A 16 -11.32 4.76 2.36
N ALA A 17 -12.61 4.76 2.59
CA ALA A 17 -13.34 3.47 2.72
C ALA A 17 -13.21 2.67 1.43
N ARG A 18 -13.37 3.31 0.30
CA ARG A 18 -13.26 2.58 -0.99
C ARG A 18 -11.80 2.14 -1.21
N LEU A 19 -10.86 2.97 -0.83
CA LEU A 19 -9.43 2.62 -1.02
C LEU A 19 -9.04 1.50 -0.04
N GLN A 20 -9.58 1.57 1.16
CA GLN A 20 -9.25 0.53 2.19
C GLN A 20 -9.73 -0.84 1.72
N GLN A 21 -10.80 -0.89 0.96
CA GLN A 21 -11.30 -2.20 0.47
C GLN A 21 -10.44 -2.66 -0.69
N GLY A 22 -10.14 -1.77 -1.59
CA GLY A 22 -9.29 -2.14 -2.76
C GLY A 22 -7.89 -2.53 -2.27
N VAL A 23 -7.44 -1.95 -1.20
CA VAL A 23 -6.08 -2.29 -0.69
C VAL A 23 -6.14 -3.69 -0.07
N SER A 24 -7.09 -3.92 0.80
CA SER A 24 -7.21 -5.26 1.44
C SER A 24 -7.62 -6.28 0.37
N THR A 25 -8.48 -5.88 -0.51
CA THR A 25 -8.95 -6.82 -1.59
C THR A 25 -7.77 -7.24 -2.47
N THR A 26 -6.94 -6.30 -2.85
CA THR A 26 -5.78 -6.65 -3.73
C THR A 26 -4.78 -7.51 -2.95
N VAL A 27 -4.66 -7.29 -1.67
CA VAL A 27 -3.71 -8.10 -0.86
C VAL A 27 -4.13 -9.57 -0.89
N ALA A 28 -5.41 -9.84 -0.82
CA ALA A 28 -5.86 -11.24 -0.87
C ALA A 28 -5.42 -11.85 -2.19
N HIS A 29 -5.46 -11.07 -3.24
CA HIS A 29 -5.04 -11.58 -4.57
C HIS A 29 -3.59 -12.05 -4.50
N LEU A 30 -2.72 -11.24 -3.96
CA LEU A 30 -1.29 -11.62 -3.86
C LEU A 30 -1.16 -12.94 -3.10
N LEU A 31 -1.86 -13.08 -2.00
CA LEU A 31 -1.79 -14.36 -1.23
C LEU A 31 -2.52 -15.45 -2.00
N ASP A 32 -3.66 -15.13 -2.57
CA ASP A 32 -4.40 -16.15 -3.36
C ASP A 32 -3.49 -16.69 -4.47
N LEU A 33 -2.75 -15.82 -5.11
CA LEU A 33 -1.84 -16.28 -6.19
C LEU A 33 -0.74 -17.16 -5.60
N VAL A 34 -0.28 -16.83 -4.42
CA VAL A 34 0.80 -17.65 -3.79
C VAL A 34 0.33 -19.09 -3.65
N GLY A 35 -0.92 -19.28 -3.33
CA GLY A 35 -1.45 -20.67 -3.19
C GLY A 35 -1.10 -21.49 -4.43
N SER A 36 -1.13 -20.87 -5.58
CA SER A 36 -0.79 -21.61 -6.83
C SER A 36 0.73 -21.61 -7.04
N ALA A 37 1.46 -21.08 -6.10
CA ALA A 37 2.94 -21.05 -6.24
C ALA A 37 3.48 -22.47 -6.35
N SER A 38 4.57 -22.66 -7.05
CA SER A 38 5.14 -24.03 -7.19
C SER A 38 5.62 -24.52 -5.82
N GLY A 39 5.62 -25.80 -5.61
CA GLY A 39 6.10 -26.34 -4.30
C GLY A 39 6.92 -27.60 -4.54
N PRO A 40 7.20 -28.33 -3.49
CA PRO A 40 8.01 -29.59 -3.56
C PRO A 40 7.47 -30.55 -4.63
N GLY A 41 8.35 -31.28 -5.28
CA GLY A 41 7.89 -32.23 -6.33
C GLY A 41 7.50 -33.56 -5.69
N GLY A 42 6.41 -33.58 -4.97
CA GLY A 42 5.97 -34.84 -4.31
C GLY A 42 5.85 -35.95 -5.36
N TRP A 43 5.45 -35.59 -6.56
CA TRP A 43 5.30 -36.62 -7.62
C TRP A 43 6.34 -36.36 -8.73
N ARG A 44 6.71 -37.38 -9.45
CA ARG A 44 7.72 -37.20 -10.54
C ARG A 44 8.99 -36.57 -9.96
N SER A 45 10.03 -37.34 -9.79
CA SER A 45 11.28 -36.78 -9.22
C SER A 45 11.93 -35.83 -10.24
N THR A 46 12.97 -35.15 -9.86
CA THR A 46 13.63 -34.21 -10.80
C THR A 46 12.61 -33.19 -11.31
N SER A 47 11.87 -32.58 -10.42
CA SER A 47 10.86 -31.58 -10.84
C SER A 47 11.56 -30.32 -11.34
N GLU A 48 10.86 -29.44 -12.00
CA GLU A 48 11.49 -28.18 -12.50
C GLU A 48 11.82 -27.27 -11.32
N PRO A 49 12.81 -26.44 -11.46
CA PRO A 49 13.21 -25.49 -10.38
C PRO A 49 12.17 -24.38 -10.17
N GLN A 50 12.43 -23.47 -9.27
CA GLN A 50 11.45 -22.37 -9.02
C GLN A 50 11.24 -21.58 -10.32
N GLU A 51 11.65 -20.34 -10.32
CA GLU A 51 11.48 -19.51 -11.55
C GLU A 51 10.03 -19.66 -12.09
N PRO A 52 9.07 -19.18 -11.34
CA PRO A 52 7.64 -19.25 -11.74
C PRO A 52 7.24 -18.08 -12.65
N PRO A 53 6.13 -18.21 -13.34
CA PRO A 53 5.64 -17.14 -14.25
C PRO A 53 5.79 -15.74 -13.64
N VAL A 54 6.85 -15.06 -13.95
CA VAL A 54 7.08 -13.71 -13.38
C VAL A 54 5.94 -12.77 -13.80
N GLN A 55 5.51 -12.85 -15.03
CA GLN A 55 4.41 -11.95 -15.49
C GLN A 55 3.21 -12.10 -14.55
N ASP A 56 2.81 -13.30 -14.27
CA ASP A 56 1.67 -13.53 -13.35
C ASP A 56 1.98 -12.89 -11.99
N LEU A 57 3.23 -12.88 -11.60
CA LEU A 57 3.60 -12.27 -10.30
C LEU A 57 3.59 -10.74 -10.43
N LYS A 58 4.07 -10.23 -11.53
CA LYS A 58 4.08 -8.76 -11.73
C LYS A 58 2.65 -8.21 -11.68
N ALA A 59 1.71 -8.94 -12.22
CA ALA A 59 0.30 -8.46 -12.21
C ALA A 59 -0.25 -8.49 -10.78
N ALA A 60 0.04 -9.51 -10.04
CA ALA A 60 -0.49 -9.60 -8.64
C ALA A 60 0.19 -8.55 -7.76
N VAL A 61 1.49 -8.44 -7.81
CA VAL A 61 2.18 -7.43 -6.97
C VAL A 61 1.87 -6.02 -7.48
N ALA A 62 1.79 -5.85 -8.76
CA ALA A 62 1.48 -4.49 -9.32
C ALA A 62 0.09 -4.04 -8.87
N ALA A 63 -0.87 -4.92 -8.89
CA ALA A 63 -2.25 -4.53 -8.47
C ALA A 63 -2.23 -4.08 -7.00
N VAL A 64 -1.50 -4.77 -6.15
CA VAL A 64 -1.47 -4.37 -4.71
C VAL A 64 -0.69 -3.05 -4.58
N HIS A 65 0.44 -2.96 -5.22
CA HIS A 65 1.24 -1.71 -5.15
C HIS A 65 0.42 -0.55 -5.70
N GLY A 66 -0.34 -0.80 -6.73
CA GLY A 66 -1.14 0.29 -7.34
C GLY A 66 -2.25 0.74 -6.38
N ALA A 67 -2.95 -0.19 -5.78
CA ALA A 67 -4.06 0.21 -4.86
C ALA A 67 -3.48 0.93 -3.64
N VAL A 68 -2.33 0.50 -3.18
CA VAL A 68 -1.75 1.17 -1.99
C VAL A 68 -1.35 2.59 -2.38
N HIS A 69 -0.74 2.76 -3.51
CA HIS A 69 -0.34 4.12 -3.95
C HIS A 69 -1.58 5.03 -3.93
N GLU A 70 -2.72 4.49 -4.25
CA GLU A 70 -3.97 5.31 -4.19
C GLU A 70 -4.14 5.81 -2.76
N LEU A 71 -3.76 5.00 -1.82
CA LEU A 71 -3.85 5.41 -0.40
C LEU A 71 -2.80 6.50 -0.14
N LEU A 72 -1.67 6.38 -0.79
CA LEU A 72 -0.59 7.38 -0.62
C LEU A 72 -0.91 8.69 -1.35
N GLU A 73 -1.37 8.64 -2.58
CA GLU A 73 -1.64 9.89 -3.34
C GLU A 73 -2.90 10.59 -2.82
N PHE A 74 -3.96 9.87 -2.60
CA PHE A 74 -5.21 10.53 -2.12
C PHE A 74 -5.00 11.01 -0.69
N ALA A 75 -4.35 10.22 0.13
CA ALA A 75 -4.08 10.67 1.53
C ALA A 75 -3.15 11.88 1.45
N ARG A 76 -2.19 11.82 0.56
CA ARG A 76 -1.26 12.96 0.39
C ARG A 76 -2.07 14.20 0.03
N SER A 77 -3.10 14.02 -0.76
CA SER A 77 -3.94 15.19 -1.14
C SER A 77 -4.53 15.80 0.12
N ALA A 78 -4.90 14.98 1.07
CA ALA A 78 -5.47 15.51 2.33
C ALA A 78 -4.42 16.38 3.04
N VAL A 79 -3.18 15.97 3.01
CA VAL A 79 -2.11 16.77 3.66
C VAL A 79 -1.96 18.10 2.90
N SER A 80 -1.97 18.05 1.60
CA SER A 80 -1.81 19.31 0.81
C SER A 80 -2.98 20.26 1.12
N SER A 81 -4.13 19.73 1.38
CA SER A 81 -5.30 20.61 1.68
C SER A 81 -5.22 21.03 3.15
N ALA A 82 -4.30 20.45 3.88
CA ALA A 82 -4.15 20.78 5.32
C ALA A 82 -3.44 22.13 5.49
N THR A 83 -2.54 22.22 6.44
CA THR A 83 -1.83 23.51 6.65
C THR A 83 -2.84 24.64 6.83
N HIS A 84 -3.09 25.05 8.04
CA HIS A 84 -4.07 26.14 8.28
C HIS A 84 -3.96 26.63 9.72
N THR A 85 -3.21 25.94 10.54
CA THR A 85 -3.06 26.36 11.96
C THR A 85 -1.63 26.09 12.42
N SER A 86 -1.40 26.16 13.71
CA SER A 86 -0.02 25.90 14.24
C SER A 86 0.30 24.41 14.13
N ASP A 87 -0.37 23.71 13.25
CA ASP A 87 -0.11 22.25 13.11
C ASP A 87 -0.17 21.58 14.48
N ARG A 88 -1.29 21.01 14.82
CA ARG A 88 -1.42 20.33 16.14
C ARG A 88 -0.59 19.05 16.14
N THR A 89 -0.50 18.38 17.26
CA THR A 89 0.30 17.13 17.33
C THR A 89 -0.26 16.09 16.35
N LEU A 90 -1.52 16.19 16.03
CA LEU A 90 -2.13 15.20 15.09
C LEU A 90 -1.34 15.19 13.77
N HIS A 91 -1.01 16.34 13.25
CA HIS A 91 -0.22 16.38 11.99
C HIS A 91 1.11 15.68 12.24
N ALA A 92 1.76 15.99 13.33
CA ALA A 92 3.03 15.32 13.66
C ALA A 92 2.80 13.82 13.72
N LYS A 93 1.79 13.41 14.44
CA LYS A 93 1.47 11.95 14.53
C LYS A 93 1.07 11.42 13.15
N LEU A 94 0.24 12.14 12.43
CA LEU A 94 -0.18 11.66 11.08
C LEU A 94 1.03 11.57 10.14
N SER A 95 1.85 12.58 10.11
CA SER A 95 3.04 12.55 9.20
C SER A 95 4.01 11.44 9.61
N ARG A 96 4.25 11.25 10.88
CA ARG A 96 5.20 10.19 11.31
C ARG A 96 4.71 8.81 10.86
N GLN A 97 3.45 8.52 11.06
CA GLN A 97 2.92 7.19 10.65
C GLN A 97 2.70 7.16 9.13
N LEU A 98 2.23 8.23 8.56
CA LEU A 98 1.99 8.25 7.08
C LEU A 98 3.31 8.18 6.33
N GLN A 99 4.26 8.99 6.69
CA GLN A 99 5.57 8.98 5.98
C GLN A 99 6.24 7.62 6.18
N LYS A 100 6.06 7.02 7.32
CA LYS A 100 6.66 5.68 7.55
C LYS A 100 6.06 4.72 6.53
N MET A 101 4.80 4.90 6.23
CA MET A 101 4.12 4.03 5.24
C MET A 101 4.70 4.34 3.86
N GLU A 102 5.07 5.57 3.65
CA GLU A 102 5.65 5.98 2.35
C GLU A 102 7.09 5.45 2.24
N ASP A 103 7.84 5.60 3.30
CA ASP A 103 9.25 5.17 3.27
C ASP A 103 9.33 3.67 2.99
N VAL A 104 8.48 2.90 3.63
CA VAL A 104 8.52 1.42 3.44
C VAL A 104 8.09 1.08 2.02
N TYR A 105 7.05 1.69 1.52
CA TYR A 105 6.59 1.36 0.14
C TYR A 105 7.70 1.68 -0.87
N GLN A 106 8.46 2.72 -0.64
CA GLN A 106 9.57 3.04 -1.57
C GLN A 106 10.69 1.99 -1.42
N THR A 107 10.88 1.49 -0.23
CA THR A 107 11.93 0.45 -0.02
C THR A 107 11.45 -0.87 -0.62
N LEU A 108 10.17 -1.14 -0.54
CA LEU A 108 9.62 -2.40 -1.12
C LEU A 108 9.66 -2.31 -2.65
N VAL A 109 9.45 -1.13 -3.19
CA VAL A 109 9.47 -0.99 -4.67
C VAL A 109 10.84 -1.39 -5.21
N VAL A 110 11.90 -0.95 -4.59
CA VAL A 110 13.26 -1.34 -5.07
C VAL A 110 13.46 -2.84 -4.81
N HIS A 111 13.07 -3.30 -3.65
CA HIS A 111 13.21 -4.76 -3.38
C HIS A 111 12.32 -5.51 -4.37
N GLY A 112 11.15 -4.99 -4.61
CA GLY A 112 10.20 -5.64 -5.57
C GLY A 112 10.65 -5.41 -7.01
N GLN A 113 11.15 -4.25 -7.33
CA GLN A 113 11.58 -4.00 -8.74
C GLN A 113 12.62 -5.07 -9.13
N VAL A 114 13.36 -5.57 -8.19
CA VAL A 114 14.39 -6.61 -8.53
C VAL A 114 13.69 -7.86 -9.06
N LEU A 115 12.57 -8.22 -8.50
CA LEU A 115 11.86 -9.45 -8.99
C LEU A 115 11.52 -9.29 -10.47
N ASP A 116 11.19 -8.10 -10.90
CA ASP A 116 10.85 -7.88 -12.33
C ASP A 116 12.14 -7.86 -13.16
N SER A 117 12.16 -8.57 -14.26
CA SER A 117 13.38 -8.58 -15.12
C SER A 117 14.47 -9.44 -14.45
N GLY A 118 14.99 -10.40 -15.17
CA GLY A 118 16.05 -11.26 -14.58
C GLY A 118 16.89 -11.88 -15.70
N ARG A 119 18.11 -11.43 -15.86
CA ARG A 119 18.97 -12.00 -16.93
C ARG A 119 19.04 -13.53 -16.79
N GLY A 120 19.11 -14.01 -15.58
CA GLY A 120 19.18 -15.49 -15.37
C GLY A 120 20.09 -15.79 -14.18
N GLY A 121 21.11 -14.98 -13.97
CA GLY A 121 22.03 -15.22 -12.82
C GLY A 121 21.26 -15.13 -11.51
N PRO A 122 21.95 -15.15 -10.42
CA PRO A 122 21.35 -15.05 -9.06
C PRO A 122 20.37 -13.88 -8.94
N GLY A 123 19.27 -14.08 -8.26
CA GLY A 123 18.28 -12.97 -8.12
C GLY A 123 17.49 -13.15 -6.82
N PHE A 124 16.34 -13.75 -6.89
CA PHE A 124 15.52 -13.96 -5.66
C PHE A 124 14.92 -15.37 -5.67
N THR A 125 14.36 -15.80 -4.58
CA THR A 125 13.77 -17.16 -4.53
C THR A 125 12.44 -17.15 -3.77
N LEU A 126 11.75 -18.25 -3.74
CA LEU A 126 10.44 -18.30 -3.03
C LEU A 126 10.61 -17.78 -1.60
N ASP A 127 11.79 -17.84 -1.07
CA ASP A 127 12.02 -17.34 0.31
C ASP A 127 11.85 -15.82 0.31
N ASP A 128 12.43 -15.16 -0.65
CA ASP A 128 12.30 -13.68 -0.73
C ASP A 128 10.82 -13.31 -0.83
N LEU A 129 10.05 -14.11 -1.52
CA LEU A 129 8.61 -13.79 -1.66
C LEU A 129 7.94 -13.86 -0.29
N ASP A 130 8.40 -14.76 0.55
CA ASP A 130 7.80 -14.83 1.90
C ASP A 130 8.04 -13.48 2.57
N ARG A 131 9.17 -12.88 2.27
CA ARG A 131 9.49 -11.55 2.85
C ARG A 131 8.59 -10.48 2.20
N LEU A 132 8.41 -10.54 0.91
CA LEU A 132 7.53 -9.54 0.25
C LEU A 132 6.09 -9.83 0.64
N VAL A 133 5.68 -11.06 0.57
CA VAL A 133 4.29 -11.40 0.96
C VAL A 133 4.11 -10.98 2.42
N ALA A 134 5.17 -11.06 3.19
CA ALA A 134 5.08 -10.67 4.62
C ALA A 134 4.90 -9.16 4.71
N CYS A 135 5.66 -8.42 3.96
CA CYS A 135 5.53 -6.94 4.00
C CYS A 135 4.15 -6.55 3.43
N SER A 136 3.68 -7.26 2.45
CA SER A 136 2.35 -6.93 1.85
C SER A 136 1.25 -6.99 2.92
N ARG A 137 1.34 -7.90 3.86
CA ARG A 137 0.29 -7.98 4.91
C ARG A 137 0.50 -6.88 5.95
N ALA A 138 1.72 -6.46 6.16
CA ALA A 138 1.99 -5.42 7.20
C ALA A 138 1.45 -4.04 6.77
N VAL A 139 1.70 -3.62 5.56
CA VAL A 139 1.23 -2.29 5.10
C VAL A 139 -0.31 -2.13 5.22
N PRO A 140 -1.08 -3.05 4.69
CA PRO A 140 -2.57 -2.95 4.76
C PRO A 140 -3.10 -2.89 6.20
N GLU A 141 -2.56 -3.69 7.07
CA GLU A 141 -3.01 -3.63 8.49
C GLU A 141 -2.74 -2.23 9.01
N ASP A 142 -1.64 -1.65 8.61
CA ASP A 142 -1.31 -0.27 9.06
C ASP A 142 -2.19 0.73 8.30
N ALA A 143 -2.58 0.39 7.10
CA ALA A 143 -3.46 1.31 6.32
C ALA A 143 -4.75 1.55 7.11
N LYS A 144 -5.29 0.52 7.69
CA LYS A 144 -6.52 0.67 8.49
C LYS A 144 -6.23 1.54 9.72
N GLN A 145 -5.11 1.32 10.35
CA GLN A 145 -4.75 2.15 11.54
C GLN A 145 -4.47 3.58 11.07
N LEU A 146 -3.80 3.72 9.96
CA LEU A 146 -3.52 5.08 9.43
C LEU A 146 -4.85 5.78 9.17
N ALA A 147 -5.83 5.06 8.71
CA ALA A 147 -7.15 5.68 8.42
C ALA A 147 -7.70 6.31 9.71
N SER A 148 -7.50 5.68 10.83
CA SER A 148 -8.01 6.25 12.11
C SER A 148 -7.31 7.58 12.41
N PHE A 149 -6.04 7.67 12.11
CA PHE A 149 -5.30 8.94 12.40
C PHE A 149 -5.86 10.05 11.49
N LEU A 150 -6.17 9.73 10.27
CA LEU A 150 -6.71 10.77 9.35
C LEU A 150 -8.02 11.30 9.94
N HIS A 151 -8.80 10.43 10.52
CA HIS A 151 -10.10 10.87 11.11
C HIS A 151 -9.87 11.81 12.30
N GLY A 152 -8.94 11.48 13.16
CA GLY A 152 -8.69 12.37 14.34
C GLY A 152 -8.23 13.75 13.87
N ASN A 153 -7.67 13.83 12.69
CA ASN A 153 -7.20 15.15 12.19
C ASN A 153 -7.99 15.54 10.94
N ALA A 154 -8.97 14.76 10.57
CA ALA A 154 -9.75 15.09 9.36
C ALA A 154 -10.22 16.54 9.44
N SER A 155 -10.60 16.98 10.61
CA SER A 155 -11.07 18.39 10.77
C SER A 155 -10.06 19.37 10.16
N LEU A 156 -8.78 19.11 10.31
CA LEU A 156 -7.77 20.04 9.75
C LEU A 156 -7.40 19.67 8.31
N LEU A 157 -7.23 18.40 8.00
CA LEU A 157 -6.87 18.03 6.61
C LEU A 157 -7.87 18.67 5.66
N PHE A 158 -9.11 18.78 6.09
CA PHE A 158 -10.16 19.39 5.22
C PHE A 158 -10.80 20.56 5.96
N ARG A 159 -11.61 20.30 6.95
CA ARG A 159 -12.25 21.42 7.70
C ARG A 159 -13.39 22.02 6.87
N ARG A 160 -14.61 21.75 7.25
CA ARG A 160 -15.77 22.29 6.48
C ARG A 160 -15.79 23.82 6.59
N THR A 161 -16.17 24.48 5.53
CA THR A 161 -16.20 25.98 5.57
C THR A 161 -17.54 26.47 5.02
N LYS A 162 -18.41 25.56 4.63
CA LYS A 162 -19.73 25.98 4.09
C LYS A 162 -19.52 26.98 2.95
N ALA A 163 -19.40 28.24 3.26
CA ALA A 163 -19.20 29.26 2.19
C ALA A 163 -17.74 29.22 1.72
N GLY A 1 -11.92 36.02 1.40
CA GLY A 1 -12.01 34.78 2.29
C GLY A 1 -12.57 33.51 1.74
N SER A 2 -12.16 32.39 2.27
CA SER A 2 -12.68 31.10 1.76
C SER A 2 -12.61 31.08 0.23
N GLY A 3 -11.68 31.80 -0.34
CA GLY A 3 -11.55 31.83 -1.82
C GLY A 3 -11.51 30.39 -2.36
N ARG A 4 -10.97 29.48 -1.61
CA ARG A 4 -10.89 28.07 -2.07
C ARG A 4 -10.99 27.12 -0.87
N GLU A 5 -11.39 25.90 -1.10
CA GLU A 5 -11.52 24.93 0.03
C GLU A 5 -11.10 23.54 -0.45
N PRO A 6 -10.63 22.70 0.44
CA PRO A 6 -10.20 21.32 0.09
C PRO A 6 -11.38 20.38 -0.11
N LEU A 7 -11.12 19.10 -0.13
CA LEU A 7 -12.22 18.11 -0.32
C LEU A 7 -13.12 18.11 0.92
N GLU A 8 -14.12 17.28 0.93
CA GLU A 8 -15.02 17.22 2.12
C GLU A 8 -14.74 15.94 2.90
N LEU A 9 -15.04 15.93 4.17
CA LEU A 9 -14.79 14.71 4.98
C LEU A 9 -15.53 13.51 4.39
N GLU A 10 -16.72 13.73 3.86
CA GLU A 10 -17.48 12.58 3.29
C GLU A 10 -16.73 11.96 2.10
N VAL A 11 -16.10 12.75 1.29
CA VAL A 11 -15.34 12.17 0.15
C VAL A 11 -14.12 11.45 0.72
N ALA A 12 -13.46 12.08 1.65
CA ALA A 12 -12.28 11.43 2.29
C ALA A 12 -12.75 10.15 2.98
N VAL A 13 -13.85 10.21 3.67
CA VAL A 13 -14.39 9.00 4.35
C VAL A 13 -14.79 7.96 3.31
N GLU A 14 -15.43 8.38 2.25
CA GLU A 14 -15.86 7.43 1.20
C GLU A 14 -14.64 6.93 0.42
N THR A 15 -13.79 7.81 -0.02
CA THR A 15 -12.58 7.37 -0.78
C THR A 15 -11.71 6.47 0.10
N LEU A 16 -11.52 6.82 1.34
CA LEU A 16 -10.69 5.96 2.24
C LEU A 16 -11.28 4.56 2.25
N ALA A 17 -12.57 4.46 2.45
CA ALA A 17 -13.22 3.13 2.49
C ALA A 17 -13.00 2.42 1.15
N ARG A 18 -13.21 3.13 0.07
CA ARG A 18 -13.01 2.50 -1.27
C ARG A 18 -11.54 2.10 -1.41
N LEU A 19 -10.65 2.91 -0.89
CA LEU A 19 -9.19 2.60 -1.00
C LEU A 19 -8.87 1.38 -0.14
N GLN A 20 -9.47 1.27 1.01
CA GLN A 20 -9.19 0.11 1.91
C GLN A 20 -9.62 -1.20 1.23
N GLN A 21 -10.60 -1.14 0.37
CA GLN A 21 -11.05 -2.38 -0.31
C GLN A 21 -10.08 -2.71 -1.43
N GLY A 22 -9.75 -1.73 -2.23
CA GLY A 22 -8.80 -1.97 -3.36
C GLY A 22 -7.44 -2.38 -2.79
N VAL A 23 -7.07 -1.85 -1.66
CA VAL A 23 -5.75 -2.22 -1.08
C VAL A 23 -5.84 -3.65 -0.53
N SER A 24 -6.86 -3.93 0.23
CA SER A 24 -7.01 -5.30 0.78
C SER A 24 -7.29 -6.27 -0.38
N THR A 25 -8.10 -5.85 -1.31
CA THR A 25 -8.43 -6.72 -2.47
C THR A 25 -7.17 -7.03 -3.30
N THR A 26 -6.34 -6.06 -3.52
CA THR A 26 -5.11 -6.30 -4.31
C THR A 26 -4.16 -7.19 -3.53
N VAL A 27 -4.08 -7.01 -2.24
CA VAL A 27 -3.17 -7.86 -1.42
C VAL A 27 -3.72 -9.29 -1.37
N ALA A 28 -5.01 -9.42 -1.23
CA ALA A 28 -5.61 -10.79 -1.17
C ALA A 28 -5.30 -11.52 -2.47
N HIS A 29 -5.33 -10.83 -3.57
CA HIS A 29 -5.04 -11.48 -4.88
C HIS A 29 -3.63 -12.09 -4.86
N LEU A 30 -2.66 -11.31 -4.49
CA LEU A 30 -1.27 -11.85 -4.45
C LEU A 30 -1.21 -13.05 -3.52
N LEU A 31 -1.81 -12.95 -2.35
CA LEU A 31 -1.80 -14.09 -1.41
C LEU A 31 -2.60 -15.25 -2.00
N ASP A 32 -3.58 -14.95 -2.81
CA ASP A 32 -4.39 -16.04 -3.42
C ASP A 32 -3.55 -16.78 -4.46
N LEU A 33 -2.71 -16.07 -5.16
CA LEU A 33 -1.87 -16.73 -6.19
C LEU A 33 -0.87 -17.68 -5.52
N VAL A 34 -0.39 -17.33 -4.36
CA VAL A 34 0.59 -18.21 -3.66
C VAL A 34 -0.02 -19.60 -3.48
N GLY A 35 -1.28 -19.67 -3.15
CA GLY A 35 -1.94 -21.00 -2.95
C GLY A 35 -1.81 -21.82 -4.24
N SER A 36 -1.94 -21.20 -5.37
CA SER A 36 -1.84 -21.95 -6.65
C SER A 36 -0.42 -21.84 -7.20
N ALA A 37 0.50 -21.34 -6.42
CA ALA A 37 1.90 -21.20 -6.89
C ALA A 37 2.87 -21.62 -5.78
N SER A 38 4.07 -21.97 -6.12
CA SER A 38 5.06 -22.38 -5.08
C SER A 38 4.49 -23.54 -4.28
N GLY A 39 4.94 -24.73 -4.50
CA GLY A 39 4.42 -25.90 -3.75
C GLY A 39 4.88 -25.81 -2.29
N PRO A 40 4.29 -26.59 -1.43
CA PRO A 40 4.64 -26.61 0.02
C PRO A 40 6.10 -27.02 0.26
N GLY A 41 6.65 -27.82 -0.62
CA GLY A 41 8.06 -28.25 -0.44
C GLY A 41 8.21 -29.70 -0.91
N GLY A 42 9.42 -30.21 -0.94
CA GLY A 42 9.62 -31.61 -1.39
C GLY A 42 9.65 -31.66 -2.92
N TRP A 43 9.46 -32.82 -3.49
CA TRP A 43 9.47 -32.93 -4.98
C TRP A 43 8.03 -32.95 -5.50
N ARG A 44 7.79 -32.28 -6.59
CA ARG A 44 6.40 -32.25 -7.15
C ARG A 44 6.46 -31.78 -8.61
N SER A 45 6.23 -32.66 -9.54
CA SER A 45 6.26 -32.26 -10.98
C SER A 45 5.17 -31.23 -11.25
N THR A 46 4.04 -31.37 -10.60
CA THR A 46 2.93 -30.40 -10.83
C THR A 46 3.44 -28.97 -10.59
N SER A 47 4.25 -28.79 -9.59
CA SER A 47 4.79 -27.43 -9.31
C SER A 47 6.23 -27.31 -9.82
N GLU A 48 6.57 -26.21 -10.42
CA GLU A 48 7.95 -26.04 -10.95
C GLU A 48 8.87 -25.58 -9.82
N PRO A 49 10.14 -25.83 -9.94
CA PRO A 49 11.15 -25.43 -8.91
C PRO A 49 11.35 -23.91 -8.85
N GLN A 50 10.92 -23.21 -9.86
CA GLN A 50 11.08 -21.73 -9.86
C GLN A 50 9.71 -21.06 -10.02
N GLU A 51 9.67 -19.93 -10.66
CA GLU A 51 8.36 -19.23 -10.86
C GLU A 51 8.15 -18.92 -12.34
N PRO A 52 7.74 -19.87 -13.13
CA PRO A 52 7.52 -19.67 -14.59
C PRO A 52 6.52 -18.52 -14.90
N PRO A 53 5.42 -18.42 -14.19
CA PRO A 53 4.42 -17.34 -14.44
C PRO A 53 4.79 -16.04 -13.73
N VAL A 54 5.87 -15.43 -14.12
CA VAL A 54 6.29 -14.15 -13.48
C VAL A 54 5.28 -13.06 -13.81
N GLN A 55 4.71 -13.09 -14.98
CA GLN A 55 3.72 -12.05 -15.36
C GLN A 55 2.59 -12.04 -14.33
N ASP A 56 2.12 -13.19 -13.94
CA ASP A 56 1.04 -13.27 -12.93
C ASP A 56 1.50 -12.61 -11.64
N LEU A 57 2.71 -12.87 -11.23
CA LEU A 57 3.23 -12.25 -9.98
C LEU A 57 3.61 -10.79 -10.25
N LYS A 58 4.23 -10.53 -11.37
CA LYS A 58 4.62 -9.12 -11.69
C LYS A 58 3.36 -8.24 -11.72
N ALA A 59 2.29 -8.73 -12.28
CA ALA A 59 1.04 -7.92 -12.34
C ALA A 59 0.44 -7.79 -10.94
N ALA A 60 0.58 -8.79 -10.12
CA ALA A 60 0.01 -8.73 -8.74
C ALA A 60 0.74 -7.67 -7.91
N VAL A 61 2.04 -7.67 -7.93
CA VAL A 61 2.80 -6.66 -7.14
C VAL A 61 2.61 -5.26 -7.75
N ALA A 62 2.54 -5.18 -9.05
CA ALA A 62 2.35 -3.85 -9.69
C ALA A 62 0.96 -3.30 -9.38
N ALA A 63 -0.02 -4.16 -9.27
CA ALA A 63 -1.40 -3.68 -8.97
C ALA A 63 -1.48 -3.16 -7.53
N VAL A 64 -1.02 -3.93 -6.58
CA VAL A 64 -1.09 -3.46 -5.16
C VAL A 64 -0.28 -2.16 -5.01
N HIS A 65 0.85 -2.09 -5.63
CA HIS A 65 1.67 -0.85 -5.54
C HIS A 65 0.88 0.33 -6.12
N GLY A 66 0.15 0.09 -7.17
CA GLY A 66 -0.65 1.19 -7.79
C GLY A 66 -1.83 1.52 -6.89
N ALA A 67 -2.51 0.53 -6.38
CA ALA A 67 -3.69 0.81 -5.52
C ALA A 67 -3.21 1.41 -4.19
N VAL A 68 -2.16 0.88 -3.63
CA VAL A 68 -1.66 1.41 -2.34
C VAL A 68 -1.13 2.83 -2.56
N HIS A 69 -0.37 3.03 -3.59
CA HIS A 69 0.18 4.39 -3.87
C HIS A 69 -0.99 5.37 -3.92
N GLU A 70 -2.14 4.92 -4.34
CA GLU A 70 -3.33 5.82 -4.39
C GLU A 70 -3.76 6.13 -2.96
N LEU A 71 -3.49 5.26 -2.03
CA LEU A 71 -3.84 5.53 -0.60
C LEU A 71 -2.91 6.62 -0.10
N LEU A 72 -1.70 6.65 -0.59
CA LEU A 72 -0.72 7.68 -0.16
C LEU A 72 -1.06 8.99 -0.86
N GLU A 73 -1.48 8.92 -2.11
CA GLU A 73 -1.78 10.17 -2.87
C GLU A 73 -3.08 10.79 -2.35
N PHE A 74 -4.13 10.01 -2.25
CA PHE A 74 -5.43 10.57 -1.77
C PHE A 74 -5.28 11.00 -0.31
N ALA A 75 -4.57 10.25 0.47
CA ALA A 75 -4.37 10.64 1.89
C ALA A 75 -3.54 11.93 1.89
N ARG A 76 -2.58 11.99 1.02
CA ARG A 76 -1.73 13.21 0.92
C ARG A 76 -2.60 14.41 0.55
N SER A 77 -3.60 14.21 -0.26
CA SER A 77 -4.49 15.34 -0.66
C SER A 77 -5.13 15.93 0.61
N ALA A 78 -5.50 15.08 1.54
CA ALA A 78 -6.12 15.58 2.79
C ALA A 78 -5.10 16.39 3.61
N VAL A 79 -3.86 16.00 3.57
CA VAL A 79 -2.82 16.74 4.35
C VAL A 79 -2.65 18.16 3.78
N SER A 80 -2.70 18.31 2.48
CA SER A 80 -2.54 19.66 1.88
C SER A 80 -3.66 20.57 2.39
N SER A 81 -3.43 21.86 2.38
CA SER A 81 -4.48 22.80 2.86
C SER A 81 -4.85 22.47 4.30
N ALA A 82 -4.04 21.69 4.97
CA ALA A 82 -4.36 21.32 6.39
C ALA A 82 -4.19 22.55 7.28
N THR A 83 -2.98 22.85 7.68
CA THR A 83 -2.75 24.03 8.55
C THR A 83 -1.64 24.90 7.96
N HIS A 84 -1.53 26.12 8.39
CA HIS A 84 -0.46 27.02 7.85
C HIS A 84 0.79 26.89 8.71
N THR A 85 0.87 27.64 9.78
CA THR A 85 2.06 27.57 10.66
C THR A 85 1.64 27.10 12.06
N SER A 86 0.43 26.63 12.20
CA SER A 86 -0.03 26.16 13.52
C SER A 86 0.90 25.06 14.04
N ASP A 87 1.43 24.25 13.16
CA ASP A 87 2.34 23.17 13.60
C ASP A 87 1.68 22.36 14.71
N ARG A 88 0.43 22.00 14.53
CA ARG A 88 -0.27 21.22 15.58
C ARG A 88 0.40 19.85 15.72
N THR A 89 0.34 19.26 16.89
CA THR A 89 0.97 17.93 17.09
C THR A 89 0.26 16.89 16.22
N LEU A 90 -0.99 17.11 15.91
CA LEU A 90 -1.73 16.13 15.07
C LEU A 90 -1.02 15.96 13.73
N HIS A 91 -0.63 17.04 13.11
CA HIS A 91 0.10 16.93 11.83
C HIS A 91 1.42 16.20 12.08
N ALA A 92 2.09 16.56 13.15
CA ALA A 92 3.37 15.87 13.48
C ALA A 92 3.11 14.38 13.61
N LYS A 93 2.12 14.01 14.37
CA LYS A 93 1.79 12.57 14.55
C LYS A 93 1.34 11.99 13.20
N LEU A 94 0.46 12.66 12.50
CA LEU A 94 -0.02 12.16 11.19
C LEU A 94 1.15 12.15 10.19
N SER A 95 1.90 13.22 10.12
CA SER A 95 3.06 13.26 9.18
C SER A 95 4.09 12.20 9.56
N ARG A 96 4.27 11.97 10.83
CA ARG A 96 5.28 10.96 11.26
C ARG A 96 4.92 9.59 10.67
N GLN A 97 3.68 9.20 10.79
CA GLN A 97 3.26 7.88 10.26
C GLN A 97 3.23 7.91 8.73
N LEU A 98 2.75 8.97 8.15
CA LEU A 98 2.69 9.06 6.67
C LEU A 98 4.08 8.79 6.07
N GLN A 99 5.08 9.45 6.59
CA GLN A 99 6.46 9.21 6.06
C GLN A 99 6.82 7.74 6.24
N LYS A 100 6.32 7.13 7.27
CA LYS A 100 6.62 5.69 7.48
C LYS A 100 6.04 4.91 6.30
N MET A 101 4.90 5.33 5.82
CA MET A 101 4.27 4.66 4.66
C MET A 101 5.11 4.92 3.41
N GLU A 102 5.62 6.11 3.32
CA GLU A 102 6.48 6.47 2.15
C GLU A 102 7.70 5.55 2.14
N ASP A 103 8.36 5.46 3.26
CA ASP A 103 9.55 4.59 3.35
C ASP A 103 9.14 3.13 3.21
N VAL A 104 8.06 2.74 3.84
CA VAL A 104 7.62 1.32 3.73
C VAL A 104 7.09 1.03 2.32
N TYR A 105 6.37 1.95 1.73
CA TYR A 105 5.84 1.70 0.37
C TYR A 105 6.99 1.41 -0.60
N GLN A 106 8.07 2.13 -0.50
CA GLN A 106 9.22 1.88 -1.41
C GLN A 106 9.84 0.51 -1.08
N THR A 107 9.79 0.11 0.16
CA THR A 107 10.37 -1.20 0.54
C THR A 107 9.69 -2.31 -0.28
N LEU A 108 8.41 -2.23 -0.44
CA LEU A 108 7.68 -3.27 -1.22
C LEU A 108 8.09 -3.18 -2.70
N VAL A 109 8.28 -1.99 -3.20
CA VAL A 109 8.68 -1.86 -4.64
C VAL A 109 10.02 -2.55 -4.85
N VAL A 110 10.96 -2.35 -3.95
CA VAL A 110 12.28 -3.02 -4.10
C VAL A 110 12.07 -4.53 -3.96
N HIS A 111 11.35 -4.94 -2.95
CA HIS A 111 11.09 -6.39 -2.77
C HIS A 111 10.38 -6.88 -4.03
N GLY A 112 9.50 -6.07 -4.56
CA GLY A 112 8.76 -6.47 -5.79
C GLY A 112 9.69 -6.39 -6.99
N GLN A 113 10.43 -5.31 -7.12
CA GLN A 113 11.36 -5.19 -8.28
C GLN A 113 12.33 -6.37 -8.30
N VAL A 114 12.77 -6.81 -7.15
CA VAL A 114 13.72 -7.96 -7.09
C VAL A 114 12.99 -9.25 -7.49
N LEU A 115 11.72 -9.34 -7.19
CA LEU A 115 10.97 -10.58 -7.56
C LEU A 115 11.11 -10.84 -9.06
N ASP A 116 11.23 -9.80 -9.84
CA ASP A 116 11.37 -9.99 -11.31
C ASP A 116 12.70 -10.70 -11.62
N SER A 117 12.65 -11.84 -12.25
CA SER A 117 13.90 -12.57 -12.56
C SER A 117 14.34 -12.23 -13.99
N GLY A 118 15.58 -12.49 -14.31
CA GLY A 118 16.08 -12.18 -15.68
C GLY A 118 17.09 -13.25 -16.10
N ARG A 119 17.77 -13.02 -17.19
CA ARG A 119 18.79 -14.02 -17.66
C ARG A 119 19.78 -14.30 -16.53
N GLY A 120 20.15 -13.30 -15.79
CA GLY A 120 21.11 -13.51 -14.67
C GLY A 120 20.35 -13.82 -13.39
N GLY A 121 21.04 -13.93 -12.28
CA GLY A 121 20.35 -14.23 -11.00
C GLY A 121 20.98 -13.40 -9.87
N PRO A 122 20.74 -12.11 -9.89
CA PRO A 122 21.28 -11.17 -8.85
C PRO A 122 20.96 -11.63 -7.43
N GLY A 123 19.88 -12.33 -7.25
CA GLY A 123 19.52 -12.79 -5.87
C GLY A 123 18.00 -12.70 -5.69
N PHE A 124 17.32 -13.80 -5.83
CA PHE A 124 15.84 -13.78 -5.67
C PHE A 124 15.30 -15.21 -5.65
N THR A 125 14.84 -15.68 -4.52
CA THR A 125 14.32 -17.08 -4.44
C THR A 125 13.02 -17.11 -3.64
N LEU A 126 12.46 -18.28 -3.46
CA LEU A 126 11.18 -18.39 -2.70
C LEU A 126 11.35 -17.75 -1.31
N ASP A 127 12.56 -17.68 -0.83
CA ASP A 127 12.77 -17.07 0.52
C ASP A 127 12.33 -15.61 0.49
N ASP A 128 12.75 -14.88 -0.51
CA ASP A 128 12.33 -13.45 -0.61
C ASP A 128 10.81 -13.37 -0.62
N LEU A 129 10.15 -14.33 -1.21
CA LEU A 129 8.66 -14.30 -1.24
C LEU A 129 8.12 -14.31 0.19
N ASP A 130 8.72 -15.08 1.06
CA ASP A 130 8.24 -15.07 2.46
C ASP A 130 8.38 -13.65 2.99
N ARG A 131 9.42 -12.98 2.58
CA ARG A 131 9.64 -11.57 3.02
C ARG A 131 8.65 -10.66 2.29
N LEU A 132 8.39 -10.91 1.03
CA LEU A 132 7.43 -10.05 0.28
C LEU A 132 6.03 -10.30 0.84
N VAL A 133 5.64 -11.54 0.95
CA VAL A 133 4.30 -11.83 1.52
C VAL A 133 4.22 -11.18 2.90
N ALA A 134 5.34 -11.08 3.57
CA ALA A 134 5.35 -10.45 4.91
C ALA A 134 5.12 -8.95 4.77
N CYS A 135 5.78 -8.32 3.85
CA CYS A 135 5.58 -6.86 3.65
C CYS A 135 4.13 -6.60 3.21
N SER A 136 3.60 -7.43 2.35
CA SER A 136 2.20 -7.22 1.88
C SER A 136 1.21 -7.20 3.06
N ARG A 137 1.44 -7.95 4.11
CA ARG A 137 0.50 -7.91 5.26
C ARG A 137 0.69 -6.61 6.06
N ALA A 138 1.88 -6.05 6.04
CA ALA A 138 2.13 -4.80 6.83
C ALA A 138 1.41 -3.59 6.20
N VAL A 139 1.39 -3.50 4.90
CA VAL A 139 0.73 -2.33 4.24
C VAL A 139 -0.77 -2.22 4.59
N PRO A 140 -1.54 -3.27 4.40
CA PRO A 140 -3.01 -3.24 4.69
C PRO A 140 -3.29 -2.97 6.18
N GLU A 141 -2.57 -3.60 7.05
CA GLU A 141 -2.80 -3.36 8.51
C GLU A 141 -2.38 -1.93 8.84
N ASP A 142 -1.26 -1.49 8.31
CA ASP A 142 -0.79 -0.11 8.58
C ASP A 142 -1.66 0.89 7.83
N ALA A 143 -2.13 0.54 6.65
CA ALA A 143 -2.99 1.47 5.89
C ALA A 143 -4.24 1.77 6.70
N LYS A 144 -4.78 0.77 7.35
CA LYS A 144 -6.00 0.97 8.17
C LYS A 144 -5.66 1.86 9.37
N GLN A 145 -4.53 1.63 9.99
CA GLN A 145 -4.15 2.46 11.16
C GLN A 145 -3.90 3.90 10.70
N LEU A 146 -3.22 4.05 9.59
CA LEU A 146 -2.95 5.43 9.09
C LEU A 146 -4.30 6.11 8.86
N ALA A 147 -5.29 5.36 8.47
CA ALA A 147 -6.64 5.98 8.25
C ALA A 147 -7.18 6.45 9.59
N SER A 148 -6.85 5.78 10.66
CA SER A 148 -7.36 6.20 12.00
C SER A 148 -6.74 7.55 12.37
N PHE A 149 -5.47 7.71 12.12
CA PHE A 149 -4.82 9.02 12.47
C PHE A 149 -5.43 10.12 11.61
N LEU A 150 -5.73 9.83 10.37
CA LEU A 150 -6.35 10.85 9.49
C LEU A 150 -7.73 11.21 10.06
N HIS A 151 -8.42 10.24 10.60
CA HIS A 151 -9.77 10.50 11.17
C HIS A 151 -9.66 11.36 12.43
N GLY A 152 -8.79 11.01 13.33
CA GLY A 152 -8.65 11.80 14.59
C GLY A 152 -8.33 13.26 14.25
N ASN A 153 -7.74 13.49 13.11
CA ASN A 153 -7.39 14.89 12.72
C ASN A 153 -8.14 15.27 11.44
N ALA A 154 -8.96 14.39 10.94
CA ALA A 154 -9.71 14.69 9.68
C ALA A 154 -10.46 16.00 9.83
N SER A 155 -10.97 16.28 11.00
CA SER A 155 -11.72 17.56 11.19
C SER A 155 -10.89 18.74 10.68
N LEU A 156 -9.59 18.69 10.85
CA LEU A 156 -8.73 19.81 10.36
C LEU A 156 -8.33 19.61 8.89
N LEU A 157 -7.97 18.41 8.51
CA LEU A 157 -7.57 18.18 7.09
C LEU A 157 -8.68 18.72 6.18
N PHE A 158 -9.91 18.60 6.58
CA PHE A 158 -11.04 19.11 5.76
C PHE A 158 -11.78 20.18 6.56
N ARG A 159 -12.48 19.77 7.58
CA ARG A 159 -13.23 20.75 8.41
C ARG A 159 -14.46 21.25 7.63
N ARG A 160 -15.61 20.74 7.94
CA ARG A 160 -16.85 21.19 7.22
C ARG A 160 -17.20 22.61 7.66
N THR A 161 -17.79 23.39 6.79
CA THR A 161 -18.15 24.78 7.18
C THR A 161 -19.59 25.07 6.71
N LYS A 162 -20.50 25.25 7.62
CA LYS A 162 -21.90 25.53 7.22
C LYS A 162 -22.32 24.57 6.11
N ALA A 163 -23.30 24.95 5.32
CA ALA A 163 -23.75 24.05 4.22
C ALA A 163 -25.00 24.65 3.57
N GLY A 1 -0.69 28.08 -4.94
CA GLY A 1 -1.99 27.44 -4.46
C GLY A 1 -2.94 26.87 -5.44
N SER A 2 -3.37 25.66 -5.24
CA SER A 2 -4.33 25.02 -6.19
C SER A 2 -5.37 24.22 -5.42
N GLY A 3 -6.56 24.11 -5.93
CA GLY A 3 -7.62 23.34 -5.23
C GLY A 3 -9.00 23.92 -5.57
N ARG A 4 -9.30 24.04 -6.84
CA ARG A 4 -10.63 24.59 -7.22
C ARG A 4 -11.74 23.75 -6.61
N GLU A 5 -11.52 22.46 -6.45
CA GLU A 5 -12.57 21.59 -5.85
C GLU A 5 -11.99 20.78 -4.70
N PRO A 6 -11.86 21.38 -3.54
CA PRO A 6 -11.30 20.69 -2.34
C PRO A 6 -12.14 19.49 -1.89
N LEU A 7 -11.56 18.59 -1.14
CA LEU A 7 -12.33 17.40 -0.67
C LEU A 7 -12.82 17.64 0.76
N GLU A 8 -14.05 17.28 1.04
CA GLU A 8 -14.60 17.49 2.41
C GLU A 8 -14.51 16.18 3.18
N LEU A 9 -14.95 16.17 4.42
CA LEU A 9 -14.86 14.91 5.23
C LEU A 9 -15.59 13.77 4.52
N GLU A 10 -16.74 14.03 3.95
CA GLU A 10 -17.49 12.94 3.28
C GLU A 10 -16.69 12.35 2.12
N VAL A 11 -16.09 13.18 1.31
CA VAL A 11 -15.29 12.63 0.17
C VAL A 11 -14.10 11.88 0.76
N ALA A 12 -13.45 12.46 1.72
CA ALA A 12 -12.30 11.79 2.36
C ALA A 12 -12.79 10.53 3.09
N VAL A 13 -13.92 10.59 3.74
CA VAL A 13 -14.45 9.38 4.44
C VAL A 13 -14.84 8.33 3.40
N GLU A 14 -15.49 8.73 2.35
CA GLU A 14 -15.90 7.76 1.31
C GLU A 14 -14.66 7.30 0.52
N THR A 15 -13.85 8.23 0.08
CA THR A 15 -12.63 7.83 -0.70
C THR A 15 -11.72 6.93 0.15
N LEU A 16 -11.53 7.25 1.40
CA LEU A 16 -10.65 6.40 2.27
C LEU A 16 -11.18 4.96 2.31
N ALA A 17 -12.45 4.80 2.55
CA ALA A 17 -13.03 3.43 2.63
C ALA A 17 -12.94 2.73 1.27
N ARG A 18 -13.29 3.39 0.21
CA ARG A 18 -13.23 2.74 -1.13
C ARG A 18 -11.78 2.33 -1.45
N LEU A 19 -10.84 3.17 -1.13
CA LEU A 19 -9.40 2.83 -1.42
C LEU A 19 -8.94 1.73 -0.45
N GLN A 20 -9.38 1.79 0.78
CA GLN A 20 -8.97 0.77 1.80
C GLN A 20 -9.41 -0.63 1.37
N GLN A 21 -10.48 -0.75 0.65
CA GLN A 21 -10.93 -2.10 0.22
C GLN A 21 -10.07 -2.56 -0.95
N GLY A 22 -9.78 -1.68 -1.87
CA GLY A 22 -8.93 -2.07 -3.02
C GLY A 22 -7.59 -2.58 -2.50
N VAL A 23 -7.11 -2.03 -1.43
CA VAL A 23 -5.81 -2.50 -0.88
C VAL A 23 -5.98 -3.91 -0.31
N SER A 24 -7.00 -4.11 0.48
CA SER A 24 -7.24 -5.46 1.05
C SER A 24 -7.60 -6.42 -0.08
N THR A 25 -8.43 -5.98 -0.99
CA THR A 25 -8.85 -6.84 -2.13
C THR A 25 -7.63 -7.20 -2.99
N THR A 26 -6.76 -6.26 -3.25
CA THR A 26 -5.56 -6.55 -4.08
C THR A 26 -4.62 -7.50 -3.32
N VAL A 27 -4.57 -7.37 -2.02
CA VAL A 27 -3.67 -8.27 -1.23
C VAL A 27 -4.18 -9.71 -1.34
N ALA A 28 -5.47 -9.89 -1.32
CA ALA A 28 -6.01 -11.28 -1.42
C ALA A 28 -5.54 -11.88 -2.74
N HIS A 29 -5.57 -11.10 -3.79
CA HIS A 29 -5.12 -11.60 -5.12
C HIS A 29 -3.67 -12.07 -5.03
N LEU A 30 -2.81 -11.25 -4.49
CA LEU A 30 -1.38 -11.65 -4.38
C LEU A 30 -1.27 -12.93 -3.57
N LEU A 31 -1.91 -12.99 -2.43
CA LEU A 31 -1.86 -14.22 -1.59
C LEU A 31 -2.66 -15.34 -2.26
N ASP A 32 -3.78 -15.02 -2.82
CA ASP A 32 -4.61 -16.06 -3.50
C ASP A 32 -3.81 -16.67 -4.65
N LEU A 33 -3.11 -15.85 -5.40
CA LEU A 33 -2.31 -16.38 -6.53
C LEU A 33 -1.15 -17.24 -6.00
N VAL A 34 -0.50 -16.78 -4.96
CA VAL A 34 0.63 -17.58 -4.40
C VAL A 34 0.09 -18.87 -3.79
N GLY A 35 -1.07 -18.82 -3.19
CA GLY A 35 -1.65 -20.04 -2.57
C GLY A 35 -1.63 -21.19 -3.59
N SER A 36 -1.73 -20.87 -4.85
CA SER A 36 -1.71 -21.94 -5.89
C SER A 36 -0.37 -22.67 -5.85
N ALA A 37 0.64 -22.04 -5.32
CA ALA A 37 1.97 -22.70 -5.26
C ALA A 37 1.88 -23.98 -4.43
N SER A 38 1.07 -23.97 -3.39
CA SER A 38 0.93 -25.18 -2.55
C SER A 38 -0.51 -25.29 -2.02
N GLY A 39 -0.92 -26.45 -1.63
CA GLY A 39 -2.31 -26.61 -1.11
C GLY A 39 -2.27 -26.88 0.40
N PRO A 40 -3.39 -26.75 1.06
CA PRO A 40 -3.50 -26.98 2.52
C PRO A 40 -3.18 -28.43 2.91
N GLY A 41 -3.33 -29.34 1.99
CA GLY A 41 -3.04 -30.77 2.30
C GLY A 41 -1.54 -30.94 2.51
N GLY A 42 -1.16 -31.83 3.38
CA GLY A 42 0.30 -32.06 3.64
C GLY A 42 0.85 -33.02 2.58
N TRP A 43 0.08 -33.33 1.59
CA TRP A 43 0.57 -34.27 0.52
C TRP A 43 1.73 -33.62 -0.23
N ARG A 44 2.70 -34.40 -0.62
CA ARG A 44 3.86 -33.83 -1.36
C ARG A 44 3.79 -34.25 -2.83
N SER A 45 4.12 -33.37 -3.73
CA SER A 45 4.06 -33.72 -5.18
C SER A 45 5.48 -33.84 -5.73
N THR A 46 5.70 -34.78 -6.62
CA THR A 46 7.07 -34.95 -7.20
C THR A 46 7.35 -33.81 -8.19
N SER A 47 8.59 -33.61 -8.54
CA SER A 47 8.92 -32.53 -9.50
C SER A 47 8.23 -31.23 -9.08
N GLU A 48 8.91 -30.39 -8.35
CA GLU A 48 8.28 -29.11 -7.91
C GLU A 48 9.28 -27.97 -8.08
N PRO A 49 9.70 -27.73 -9.29
CA PRO A 49 10.68 -26.64 -9.60
C PRO A 49 10.06 -25.24 -9.48
N GLN A 50 8.78 -25.18 -9.23
CA GLN A 50 8.11 -23.85 -9.10
C GLN A 50 8.55 -22.95 -10.25
N GLU A 51 9.25 -21.88 -9.94
CA GLU A 51 9.71 -20.95 -11.03
C GLU A 51 8.52 -20.54 -11.90
N PRO A 52 7.44 -20.08 -11.33
CA PRO A 52 6.24 -19.64 -12.10
C PRO A 52 6.52 -18.39 -12.93
N PRO A 53 5.67 -18.10 -13.88
CA PRO A 53 5.83 -16.90 -14.77
C PRO A 53 6.07 -15.62 -13.97
N VAL A 54 7.10 -14.90 -14.30
CA VAL A 54 7.39 -13.64 -13.55
C VAL A 54 6.30 -12.60 -13.85
N GLN A 55 5.78 -12.60 -15.05
CA GLN A 55 4.72 -11.61 -15.39
C GLN A 55 3.53 -11.78 -14.44
N ASP A 56 3.13 -13.00 -14.21
CA ASP A 56 1.97 -13.23 -13.30
C ASP A 56 2.32 -12.72 -11.90
N LEU A 57 3.49 -13.04 -11.42
CA LEU A 57 3.90 -12.58 -10.06
C LEU A 57 4.22 -11.09 -10.13
N LYS A 58 4.92 -10.67 -11.14
CA LYS A 58 5.27 -9.22 -11.27
C LYS A 58 4.00 -8.40 -11.38
N ALA A 59 3.01 -8.89 -12.07
CA ALA A 59 1.75 -8.13 -12.22
C ALA A 59 1.00 -8.09 -10.88
N ALA A 60 1.01 -9.17 -10.15
CA ALA A 60 0.29 -9.20 -8.85
C ALA A 60 0.92 -8.20 -7.87
N VAL A 61 2.22 -8.19 -7.74
CA VAL A 61 2.87 -7.24 -6.80
C VAL A 61 2.75 -5.82 -7.34
N ALA A 62 2.83 -5.64 -8.63
CA ALA A 62 2.71 -4.27 -9.20
C ALA A 62 1.30 -3.73 -8.97
N ALA A 63 0.32 -4.57 -8.98
CA ALA A 63 -1.08 -4.11 -8.78
C ALA A 63 -1.28 -3.63 -7.34
N VAL A 64 -0.91 -4.43 -6.38
CA VAL A 64 -1.10 -4.01 -4.96
C VAL A 64 -0.32 -2.72 -4.69
N HIS A 65 0.85 -2.58 -5.25
CA HIS A 65 1.65 -1.34 -5.04
C HIS A 65 0.90 -0.16 -5.68
N GLY A 66 0.17 -0.42 -6.73
CA GLY A 66 -0.59 0.67 -7.39
C GLY A 66 -1.82 1.04 -6.56
N ALA A 67 -2.57 0.07 -6.10
CA ALA A 67 -3.79 0.40 -5.32
C ALA A 67 -3.38 0.98 -3.96
N VAL A 68 -2.33 0.48 -3.37
CA VAL A 68 -1.90 1.00 -2.06
C VAL A 68 -1.51 2.47 -2.19
N HIS A 69 -0.77 2.80 -3.22
CA HIS A 69 -0.38 4.21 -3.43
C HIS A 69 -1.64 5.08 -3.46
N GLU A 70 -2.75 4.53 -3.91
CA GLU A 70 -4.00 5.32 -3.93
C GLU A 70 -4.37 5.66 -2.50
N LEU A 71 -4.07 4.77 -1.60
CA LEU A 71 -4.38 5.02 -0.17
C LEU A 71 -3.44 6.11 0.34
N LEU A 72 -2.20 6.03 -0.06
CA LEU A 72 -1.19 7.04 0.38
C LEU A 72 -1.35 8.35 -0.41
N GLU A 73 -1.66 8.26 -1.69
CA GLU A 73 -1.79 9.51 -2.51
C GLU A 73 -3.06 10.29 -2.15
N PHE A 74 -4.19 9.65 -2.04
CA PHE A 74 -5.42 10.41 -1.70
C PHE A 74 -5.27 10.98 -0.29
N ALA A 75 -4.82 10.18 0.65
CA ALA A 75 -4.62 10.69 2.04
C ALA A 75 -3.56 11.78 2.05
N ARG A 76 -2.51 11.64 1.27
CA ARG A 76 -1.48 12.71 1.26
C ARG A 76 -2.12 14.00 0.74
N SER A 77 -3.02 13.88 -0.19
CA SER A 77 -3.71 15.10 -0.72
C SER A 77 -4.42 15.76 0.44
N ALA A 78 -4.91 14.98 1.37
CA ALA A 78 -5.61 15.54 2.55
C ALA A 78 -4.62 16.37 3.37
N VAL A 79 -3.39 15.94 3.44
CA VAL A 79 -2.38 16.71 4.21
C VAL A 79 -2.19 18.09 3.59
N SER A 80 -2.14 18.16 2.29
CA SER A 80 -1.97 19.48 1.62
C SER A 80 -3.10 20.43 2.02
N SER A 81 -4.30 19.92 2.10
CA SER A 81 -5.45 20.79 2.50
C SER A 81 -5.23 21.32 3.91
N ALA A 82 -4.61 20.55 4.75
CA ALA A 82 -4.36 21.02 6.15
C ALA A 82 -3.67 22.38 6.12
N THR A 83 -3.99 23.24 7.04
CA THR A 83 -3.35 24.58 7.07
C THR A 83 -2.24 24.60 8.12
N HIS A 84 -1.16 25.29 7.86
CA HIS A 84 -0.04 25.34 8.84
C HIS A 84 -0.43 26.27 9.99
N THR A 85 -0.14 25.88 11.21
CA THR A 85 -0.49 26.72 12.37
C THR A 85 0.65 26.70 13.38
N SER A 86 0.72 25.67 14.19
CA SER A 86 1.81 25.58 15.20
C SER A 86 2.25 24.13 15.37
N ASP A 87 2.45 23.43 14.28
CA ASP A 87 2.88 22.01 14.37
C ASP A 87 1.92 21.25 15.30
N ARG A 88 0.64 21.36 15.07
CA ARG A 88 -0.33 20.65 15.94
C ARG A 88 0.10 19.19 16.11
N THR A 89 -0.27 18.57 17.20
CA THR A 89 0.13 17.16 17.43
C THR A 89 -0.43 16.27 16.32
N LEU A 90 -1.63 16.55 15.88
CA LEU A 90 -2.24 15.71 14.81
C LEU A 90 -1.35 15.75 13.55
N HIS A 91 -0.97 16.93 13.12
CA HIS A 91 -0.08 17.01 11.93
C HIS A 91 1.20 16.24 12.24
N ALA A 92 1.66 16.34 13.47
CA ALA A 92 2.89 15.61 13.87
C ALA A 92 2.59 14.12 13.83
N LYS A 93 1.53 13.69 14.46
CA LYS A 93 1.17 12.25 14.45
C LYS A 93 0.91 11.80 13.01
N LEU A 94 0.29 12.62 12.21
CA LEU A 94 0.02 12.24 10.79
C LEU A 94 1.29 12.43 9.96
N SER A 95 1.94 13.55 10.11
CA SER A 95 3.16 13.82 9.31
C SER A 95 4.20 12.73 9.57
N ARG A 96 4.43 12.39 10.80
CA ARG A 96 5.45 11.34 11.12
C ARG A 96 5.02 9.99 10.54
N GLN A 97 3.77 9.65 10.66
CA GLN A 97 3.31 8.35 10.10
C GLN A 97 3.24 8.42 8.57
N LEU A 98 2.97 9.59 8.04
CA LEU A 98 2.87 9.73 6.56
C LEU A 98 4.25 9.56 5.92
N GLN A 99 5.24 10.27 6.41
CA GLN A 99 6.59 10.14 5.82
C GLN A 99 7.11 8.73 6.05
N LYS A 100 6.84 8.16 7.19
CA LYS A 100 7.30 6.78 7.45
C LYS A 100 6.58 5.85 6.46
N MET A 101 5.35 6.15 6.17
CA MET A 101 4.58 5.31 5.22
C MET A 101 5.19 5.47 3.82
N GLU A 102 5.59 6.68 3.50
CA GLU A 102 6.20 6.94 2.18
C GLU A 102 7.47 6.11 2.04
N ASP A 103 8.34 6.19 3.03
CA ASP A 103 9.59 5.41 2.99
C ASP A 103 9.27 3.92 2.86
N VAL A 104 8.26 3.47 3.55
CA VAL A 104 7.91 2.02 3.49
C VAL A 104 7.28 1.70 2.12
N TYR A 105 6.42 2.53 1.62
CA TYR A 105 5.78 2.22 0.31
C TYR A 105 6.86 2.07 -0.78
N GLN A 106 7.85 2.91 -0.77
CA GLN A 106 8.93 2.80 -1.80
C GLN A 106 9.76 1.54 -1.50
N THR A 107 9.90 1.19 -0.26
CA THR A 107 10.69 -0.01 0.10
C THR A 107 10.08 -1.24 -0.59
N LEU A 108 8.78 -1.33 -0.59
CA LEU A 108 8.11 -2.50 -1.23
C LEU A 108 8.34 -2.44 -2.75
N VAL A 109 8.37 -1.27 -3.31
CA VAL A 109 8.59 -1.15 -4.79
C VAL A 109 9.95 -1.75 -5.14
N VAL A 110 10.96 -1.46 -4.37
CA VAL A 110 12.30 -2.04 -4.67
C VAL A 110 12.23 -3.54 -4.46
N HIS A 111 11.64 -3.99 -3.37
CA HIS A 111 11.51 -5.44 -3.14
C HIS A 111 10.67 -6.02 -4.28
N GLY A 112 9.66 -5.29 -4.69
CA GLY A 112 8.79 -5.78 -5.79
C GLY A 112 9.53 -5.65 -7.12
N GLN A 113 10.27 -4.59 -7.30
CA GLN A 113 11.02 -4.42 -8.58
C GLN A 113 11.88 -5.66 -8.83
N VAL A 114 12.28 -6.34 -7.79
CA VAL A 114 13.13 -7.55 -7.98
C VAL A 114 12.35 -8.59 -8.78
N LEU A 115 11.08 -8.73 -8.53
CA LEU A 115 10.27 -9.72 -9.28
C LEU A 115 10.08 -9.22 -10.72
N ASP A 116 11.13 -9.25 -11.50
CA ASP A 116 11.05 -8.77 -12.91
C ASP A 116 12.33 -9.13 -13.65
N SER A 117 12.94 -8.18 -14.32
CA SER A 117 14.20 -8.47 -15.06
C SER A 117 15.34 -8.69 -14.06
N GLY A 118 16.40 -9.32 -14.49
CA GLY A 118 17.55 -9.55 -13.57
C GLY A 118 18.20 -10.89 -13.90
N ARG A 119 19.47 -10.89 -14.21
CA ARG A 119 20.16 -12.17 -14.55
C ARG A 119 21.52 -12.21 -13.85
N GLY A 120 21.87 -13.33 -13.28
CA GLY A 120 23.19 -13.43 -12.58
C GLY A 120 23.10 -14.49 -11.49
N GLY A 121 22.57 -14.15 -10.35
CA GLY A 121 22.46 -15.15 -9.24
C GLY A 121 21.14 -15.91 -9.37
N PRO A 122 20.84 -16.73 -8.41
CA PRO A 122 19.58 -17.53 -8.38
C PRO A 122 18.33 -16.66 -8.53
N GLY A 123 18.46 -15.39 -8.28
CA GLY A 123 17.27 -14.49 -8.41
C GLY A 123 16.44 -14.56 -7.13
N PHE A 124 15.30 -15.19 -7.18
CA PHE A 124 14.45 -15.29 -5.96
C PHE A 124 13.93 -16.72 -5.82
N THR A 125 13.44 -17.08 -4.66
CA THR A 125 12.93 -18.46 -4.44
C THR A 125 11.74 -18.41 -3.49
N LEU A 126 11.24 -19.56 -3.09
CA LEU A 126 10.08 -19.58 -2.15
C LEU A 126 10.41 -18.74 -0.92
N ASP A 127 11.67 -18.59 -0.61
CA ASP A 127 12.06 -17.78 0.58
C ASP A 127 11.72 -16.32 0.32
N ASP A 128 12.06 -15.82 -0.83
CA ASP A 128 11.75 -14.40 -1.15
C ASP A 128 10.25 -14.15 -1.00
N LEU A 129 9.44 -15.12 -1.36
CA LEU A 129 7.98 -14.94 -1.24
C LEU A 129 7.60 -14.82 0.25
N ASP A 130 8.28 -15.54 1.09
CA ASP A 130 7.96 -15.42 2.54
C ASP A 130 8.18 -13.97 2.93
N ARG A 131 9.20 -13.36 2.37
CA ARG A 131 9.49 -11.94 2.68
C ARG A 131 8.42 -11.06 2.04
N LEU A 132 7.98 -11.40 0.85
CA LEU A 132 6.92 -10.58 0.19
C LEU A 132 5.61 -10.81 0.92
N VAL A 133 5.26 -12.05 1.17
CA VAL A 133 4.01 -12.31 1.92
C VAL A 133 4.09 -11.56 3.25
N ALA A 134 5.28 -11.41 3.77
CA ALA A 134 5.45 -10.67 5.05
C ALA A 134 5.10 -9.21 4.80
N CYS A 135 5.58 -8.65 3.72
CA CYS A 135 5.29 -7.23 3.41
C CYS A 135 3.77 -7.07 3.18
N SER A 136 3.17 -8.00 2.49
CA SER A 136 1.70 -7.89 2.22
C SER A 136 0.89 -7.77 3.52
N ARG A 137 1.32 -8.40 4.58
CA ARG A 137 0.55 -8.28 5.85
C ARG A 137 0.82 -6.93 6.50
N ALA A 138 2.00 -6.40 6.31
CA ALA A 138 2.36 -5.10 6.97
C ALA A 138 1.61 -3.92 6.33
N VAL A 139 1.52 -3.87 5.03
CA VAL A 139 0.86 -2.71 4.35
C VAL A 139 -0.62 -2.57 4.75
N PRO A 140 -1.40 -3.61 4.70
CA PRO A 140 -2.85 -3.53 5.07
C PRO A 140 -3.05 -3.16 6.55
N GLU A 141 -2.29 -3.75 7.42
CA GLU A 141 -2.42 -3.40 8.86
C GLU A 141 -1.97 -1.95 9.06
N ASP A 142 -0.89 -1.58 8.42
CA ASP A 142 -0.37 -0.19 8.57
C ASP A 142 -1.25 0.78 7.78
N ALA A 143 -1.71 0.38 6.63
CA ALA A 143 -2.57 1.30 5.82
C ALA A 143 -3.85 1.60 6.62
N LYS A 144 -4.42 0.60 7.24
CA LYS A 144 -5.65 0.83 8.04
C LYS A 144 -5.31 1.73 9.23
N GLN A 145 -4.15 1.57 9.79
CA GLN A 145 -3.77 2.40 10.97
C GLN A 145 -3.67 3.86 10.53
N LEU A 146 -3.07 4.11 9.39
CA LEU A 146 -2.96 5.51 8.92
C LEU A 146 -4.37 6.05 8.69
N ALA A 147 -5.26 5.21 8.25
CA ALA A 147 -6.66 5.68 8.02
C ALA A 147 -7.22 6.23 9.33
N SER A 148 -6.85 5.64 10.44
CA SER A 148 -7.35 6.13 11.75
C SER A 148 -6.72 7.48 12.07
N PHE A 149 -5.46 7.66 11.74
CA PHE A 149 -4.81 8.97 12.02
C PHE A 149 -5.47 10.05 11.16
N LEU A 150 -5.79 9.72 9.94
CA LEU A 150 -6.45 10.71 9.06
C LEU A 150 -7.81 11.08 9.66
N HIS A 151 -8.48 10.13 10.25
CA HIS A 151 -9.81 10.41 10.84
C HIS A 151 -9.68 11.28 12.10
N GLY A 152 -8.83 10.91 13.01
CA GLY A 152 -8.66 11.72 14.25
C GLY A 152 -8.24 13.14 13.87
N ASN A 153 -7.63 13.29 12.72
CA ASN A 153 -7.17 14.64 12.29
C ASN A 153 -7.97 15.09 11.07
N ALA A 154 -8.86 14.25 10.58
CA ALA A 154 -9.66 14.61 9.38
C ALA A 154 -10.29 15.98 9.59
N SER A 155 -10.77 16.26 10.77
CA SER A 155 -11.40 17.58 11.03
C SER A 155 -10.48 18.70 10.56
N LEU A 156 -9.19 18.54 10.75
CA LEU A 156 -8.24 19.61 10.32
C LEU A 156 -7.84 19.41 8.85
N LEU A 157 -7.60 18.21 8.42
CA LEU A 157 -7.20 18.01 7.01
C LEU A 157 -8.31 18.58 6.12
N PHE A 158 -9.53 18.51 6.59
CA PHE A 158 -10.66 19.05 5.78
C PHE A 158 -11.40 20.14 6.58
N ARG A 159 -12.25 19.76 7.50
CA ARG A 159 -12.98 20.80 8.30
C ARG A 159 -13.77 20.14 9.43
N ARG A 160 -15.05 19.95 9.25
CA ARG A 160 -15.86 19.31 10.33
C ARG A 160 -17.18 18.79 9.74
N THR A 161 -17.99 19.67 9.23
CA THR A 161 -19.29 19.22 8.63
C THR A 161 -19.97 18.23 9.58
N LYS A 162 -19.90 18.48 10.86
CA LYS A 162 -20.55 17.55 11.83
C LYS A 162 -20.09 16.11 11.54
N ALA A 163 -18.82 15.86 11.64
CA ALA A 163 -18.31 14.49 11.37
C ALA A 163 -19.07 13.47 12.25
N GLY A 1 -12.47 31.90 -9.43
CA GLY A 1 -11.63 31.68 -10.70
C GLY A 1 -11.13 30.30 -11.01
N SER A 2 -9.99 29.96 -10.49
CA SER A 2 -9.43 28.59 -10.77
C SER A 2 -10.42 27.54 -10.30
N GLY A 3 -11.12 27.79 -9.22
CA GLY A 3 -12.10 26.79 -8.72
C GLY A 3 -11.42 25.86 -7.73
N ARG A 4 -10.46 25.10 -8.19
CA ARG A 4 -9.74 24.15 -7.27
C ARG A 4 -10.74 23.15 -6.69
N GLU A 5 -11.58 23.57 -5.79
CA GLU A 5 -12.59 22.64 -5.19
C GLU A 5 -11.87 21.39 -4.68
N PRO A 6 -11.46 21.38 -3.42
CA PRO A 6 -10.75 20.21 -2.82
C PRO A 6 -11.72 19.11 -2.37
N LEU A 7 -11.25 18.19 -1.58
CA LEU A 7 -12.15 17.10 -1.09
C LEU A 7 -12.58 17.40 0.34
N GLU A 8 -13.81 17.10 0.67
CA GLU A 8 -14.33 17.37 2.04
C GLU A 8 -14.13 16.10 2.88
N LEU A 9 -14.39 16.21 4.15
CA LEU A 9 -14.22 15.03 5.05
C LEU A 9 -15.09 13.88 4.56
N GLU A 10 -16.30 14.17 4.16
CA GLU A 10 -17.21 13.09 3.68
C GLU A 10 -16.65 12.46 2.40
N VAL A 11 -16.23 13.27 1.45
CA VAL A 11 -15.67 12.68 0.20
C VAL A 11 -14.35 12.00 0.57
N ALA A 12 -13.55 12.67 1.35
CA ALA A 12 -12.26 12.07 1.79
C ALA A 12 -12.54 10.74 2.52
N VAL A 13 -13.62 10.67 3.26
CA VAL A 13 -13.93 9.40 3.97
C VAL A 13 -14.38 8.35 2.95
N GLU A 14 -15.22 8.71 2.03
CA GLU A 14 -15.70 7.73 1.03
C GLU A 14 -14.54 7.34 0.10
N THR A 15 -13.86 8.31 -0.45
CA THR A 15 -12.73 8.01 -1.38
C THR A 15 -11.66 7.19 -0.64
N LEU A 16 -11.31 7.56 0.56
CA LEU A 16 -10.28 6.79 1.32
C LEU A 16 -10.84 5.41 1.64
N ALA A 17 -12.12 5.33 1.90
CA ALA A 17 -12.73 4.01 2.23
C ALA A 17 -12.67 3.11 1.01
N ARG A 18 -12.88 3.65 -0.16
CA ARG A 18 -12.83 2.81 -1.39
C ARG A 18 -11.45 2.18 -1.51
N LEU A 19 -10.43 2.86 -1.03
CA LEU A 19 -9.04 2.30 -1.11
C LEU A 19 -8.86 1.21 -0.05
N GLN A 20 -9.43 1.39 1.10
CA GLN A 20 -9.27 0.38 2.19
C GLN A 20 -9.80 -0.97 1.71
N GLN A 21 -10.85 -0.97 0.93
CA GLN A 21 -11.42 -2.25 0.43
C GLN A 21 -10.58 -2.71 -0.76
N GLY A 22 -10.30 -1.82 -1.67
CA GLY A 22 -9.49 -2.21 -2.85
C GLY A 22 -8.08 -2.63 -2.40
N VAL A 23 -7.57 -2.02 -1.37
CA VAL A 23 -6.21 -2.39 -0.89
C VAL A 23 -6.29 -3.77 -0.21
N SER A 24 -7.23 -3.96 0.66
CA SER A 24 -7.36 -5.28 1.33
C SER A 24 -7.78 -6.32 0.30
N THR A 25 -8.64 -5.94 -0.61
CA THR A 25 -9.11 -6.88 -1.66
C THR A 25 -7.93 -7.34 -2.52
N THR A 26 -7.06 -6.44 -2.89
CA THR A 26 -5.90 -6.83 -3.73
C THR A 26 -4.95 -7.73 -2.94
N VAL A 27 -4.85 -7.52 -1.65
CA VAL A 27 -3.93 -8.38 -0.85
C VAL A 27 -4.41 -9.83 -0.89
N ALA A 28 -5.70 -10.05 -0.86
CA ALA A 28 -6.21 -11.44 -0.92
C ALA A 28 -5.79 -12.05 -2.25
N HIS A 29 -5.87 -11.28 -3.30
CA HIS A 29 -5.47 -11.79 -4.64
C HIS A 29 -4.02 -12.27 -4.60
N LEU A 30 -3.14 -11.45 -4.10
CA LEU A 30 -1.71 -11.84 -3.99
C LEU A 30 -1.61 -13.12 -3.16
N LEU A 31 -2.30 -13.17 -2.05
CA LEU A 31 -2.29 -14.38 -1.20
C LEU A 31 -3.03 -15.52 -1.92
N ASP A 32 -4.06 -15.20 -2.65
CA ASP A 32 -4.81 -16.25 -3.38
C ASP A 32 -3.89 -16.88 -4.43
N LEU A 33 -3.05 -16.09 -5.04
CA LEU A 33 -2.12 -16.64 -6.07
C LEU A 33 -1.12 -17.57 -5.40
N VAL A 34 -0.68 -17.25 -4.21
CA VAL A 34 0.30 -18.12 -3.52
C VAL A 34 -0.28 -19.52 -3.35
N GLY A 35 -1.55 -19.61 -3.06
CA GLY A 35 -2.18 -20.96 -2.88
C GLY A 35 -1.91 -21.81 -4.12
N SER A 36 -1.92 -21.22 -5.28
CA SER A 36 -1.67 -21.99 -6.52
C SER A 36 -0.23 -22.54 -6.50
N ALA A 37 0.65 -21.90 -5.78
CA ALA A 37 2.05 -22.38 -5.72
C ALA A 37 2.60 -22.56 -7.14
N SER A 38 2.45 -23.74 -7.68
CA SER A 38 2.96 -23.99 -9.06
C SER A 38 1.87 -24.66 -9.89
N GLY A 39 1.77 -24.33 -11.14
CA GLY A 39 0.73 -24.95 -12.00
C GLY A 39 1.37 -25.48 -13.29
N PRO A 40 0.65 -26.28 -14.03
CA PRO A 40 1.14 -26.86 -15.31
C PRO A 40 1.46 -25.79 -16.35
N GLY A 41 2.49 -25.99 -17.13
CA GLY A 41 2.85 -24.98 -18.17
C GLY A 41 4.29 -25.22 -18.63
N GLY A 42 4.47 -25.55 -19.88
CA GLY A 42 5.84 -25.80 -20.40
C GLY A 42 6.25 -27.25 -20.10
N TRP A 43 7.45 -27.61 -20.44
CA TRP A 43 7.91 -29.00 -20.18
C TRP A 43 8.95 -29.00 -19.05
N ARG A 44 8.91 -29.99 -18.20
CA ARG A 44 9.90 -30.05 -17.08
C ARG A 44 11.29 -30.34 -17.64
N SER A 45 11.38 -31.13 -18.68
CA SER A 45 12.70 -31.46 -19.27
C SER A 45 13.34 -30.18 -19.83
N THR A 46 12.60 -29.42 -20.58
CA THR A 46 13.17 -28.18 -21.17
C THR A 46 12.18 -27.03 -20.96
N SER A 47 12.63 -25.81 -21.09
CA SER A 47 11.71 -24.64 -20.90
C SER A 47 11.13 -24.67 -19.49
N GLU A 48 9.94 -24.19 -19.32
CA GLU A 48 9.30 -24.17 -17.97
C GLU A 48 10.22 -23.48 -16.96
N PRO A 49 10.42 -22.18 -17.08
CA PRO A 49 11.29 -21.42 -16.13
C PRO A 49 10.91 -21.66 -14.67
N GLN A 50 11.81 -21.43 -13.76
CA GLN A 50 11.49 -21.64 -12.32
C GLN A 50 10.25 -20.83 -11.95
N GLU A 51 9.37 -21.39 -11.17
CA GLU A 51 8.14 -20.66 -10.76
C GLU A 51 7.39 -20.20 -12.02
N PRO A 52 6.10 -19.99 -11.90
CA PRO A 52 5.24 -19.54 -13.03
C PRO A 52 5.77 -18.24 -13.66
N PRO A 53 5.29 -17.90 -14.83
CA PRO A 53 5.72 -16.67 -15.55
C PRO A 53 5.92 -15.49 -14.59
N VAL A 54 7.06 -14.84 -14.64
CA VAL A 54 7.30 -13.69 -13.74
C VAL A 54 6.32 -12.57 -14.06
N GLN A 55 5.97 -12.40 -15.31
CA GLN A 55 5.02 -11.31 -15.69
C GLN A 55 3.72 -11.49 -14.89
N ASP A 56 3.24 -12.69 -14.75
CA ASP A 56 2.00 -12.92 -13.98
C ASP A 56 2.22 -12.49 -12.53
N LEU A 57 3.37 -12.76 -12.00
CA LEU A 57 3.67 -12.35 -10.59
C LEU A 57 3.80 -10.83 -10.53
N LYS A 58 4.45 -10.25 -11.50
CA LYS A 58 4.63 -8.78 -11.50
C LYS A 58 3.26 -8.10 -11.52
N ALA A 59 2.31 -8.69 -12.18
CA ALA A 59 0.94 -8.07 -12.24
C ALA A 59 0.26 -8.18 -10.86
N ALA A 60 0.46 -9.27 -10.17
CA ALA A 60 -0.19 -9.43 -8.85
C ALA A 60 0.43 -8.45 -7.83
N VAL A 61 1.72 -8.38 -7.77
CA VAL A 61 2.37 -7.44 -6.80
C VAL A 61 2.14 -6.01 -7.24
N ALA A 62 2.16 -5.75 -8.52
CA ALA A 62 1.95 -4.37 -9.01
C ALA A 62 0.52 -3.93 -8.71
N ALA A 63 -0.40 -4.87 -8.71
CA ALA A 63 -1.82 -4.51 -8.43
C ALA A 63 -1.98 -4.07 -6.97
N VAL A 64 -1.52 -4.87 -6.05
CA VAL A 64 -1.66 -4.50 -4.61
C VAL A 64 -0.85 -3.23 -4.33
N HIS A 65 0.34 -3.13 -4.85
CA HIS A 65 1.15 -1.90 -4.62
C HIS A 65 0.45 -0.70 -5.28
N GLY A 66 -0.10 -0.90 -6.44
CA GLY A 66 -0.77 0.22 -7.16
C GLY A 66 -1.91 0.80 -6.31
N ALA A 67 -2.68 -0.04 -5.66
CA ALA A 67 -3.80 0.50 -4.84
C ALA A 67 -3.21 1.20 -3.61
N VAL A 68 -2.11 0.71 -3.13
CA VAL A 68 -1.49 1.33 -1.94
C VAL A 68 -1.05 2.74 -2.33
N HIS A 69 -0.39 2.88 -3.45
CA HIS A 69 0.06 4.22 -3.91
C HIS A 69 -1.16 5.16 -3.95
N GLU A 70 -2.32 4.65 -4.28
CA GLU A 70 -3.52 5.53 -4.28
C GLU A 70 -3.75 6.03 -2.86
N LEU A 71 -3.40 5.22 -1.89
CA LEU A 71 -3.55 5.64 -0.48
C LEU A 71 -2.52 6.73 -0.17
N LEU A 72 -1.31 6.56 -0.62
CA LEU A 72 -0.29 7.61 -0.40
C LEU A 72 -0.75 8.91 -1.07
N GLU A 73 -1.30 8.80 -2.25
CA GLU A 73 -1.81 10.02 -2.96
C GLU A 73 -3.10 10.49 -2.29
N PHE A 74 -4.01 9.61 -2.00
CA PHE A 74 -5.28 10.02 -1.37
C PHE A 74 -4.98 10.65 0.00
N ALA A 75 -4.15 10.00 0.77
CA ALA A 75 -3.80 10.58 2.10
C ALA A 75 -3.10 11.91 1.86
N ARG A 76 -2.30 11.99 0.84
CA ARG A 76 -1.58 13.25 0.53
C ARG A 76 -2.60 14.33 0.13
N SER A 77 -3.57 13.98 -0.67
CA SER A 77 -4.57 14.99 -1.09
C SER A 77 -5.25 15.58 0.14
N ALA A 78 -5.62 14.75 1.08
CA ALA A 78 -6.28 15.26 2.31
C ALA A 78 -5.35 16.27 3.00
N VAL A 79 -4.06 16.03 2.96
CA VAL A 79 -3.11 16.97 3.60
C VAL A 79 -3.14 18.31 2.86
N SER A 80 -3.16 18.29 1.56
CA SER A 80 -3.19 19.56 0.78
C SER A 80 -4.49 20.31 1.08
N SER A 81 -5.54 19.60 1.38
CA SER A 81 -6.84 20.27 1.67
C SER A 81 -6.77 20.94 3.05
N ALA A 82 -5.60 21.01 3.63
CA ALA A 82 -5.46 21.65 4.96
C ALA A 82 -5.29 23.15 4.78
N THR A 83 -6.23 23.81 4.16
CA THR A 83 -6.12 25.27 3.96
C THR A 83 -5.91 25.97 5.31
N HIS A 84 -6.61 25.53 6.33
CA HIS A 84 -6.45 26.16 7.66
C HIS A 84 -5.88 25.13 8.64
N THR A 85 -4.71 25.38 9.16
CA THR A 85 -4.10 24.41 10.11
C THR A 85 -3.36 25.19 11.21
N SER A 86 -3.74 24.98 12.44
CA SER A 86 -3.06 25.71 13.56
C SER A 86 -1.79 24.94 13.95
N ASP A 87 -1.44 23.93 13.21
CA ASP A 87 -0.22 23.15 13.54
C ASP A 87 -0.49 22.28 14.76
N ARG A 88 -1.65 21.68 14.83
CA ARG A 88 -1.98 20.81 15.99
C ARG A 88 -1.05 19.59 16.00
N THR A 89 -0.82 19.02 17.14
CA THR A 89 0.09 17.83 17.21
C THR A 89 -0.49 16.70 16.37
N LEU A 90 -1.79 16.68 16.17
CA LEU A 90 -2.40 15.60 15.35
C LEU A 90 -1.78 15.61 13.95
N HIS A 91 -1.64 16.76 13.36
CA HIS A 91 -1.03 16.82 12.00
C HIS A 91 0.42 16.36 12.12
N ALA A 92 1.12 16.83 13.12
CA ALA A 92 2.53 16.40 13.33
C ALA A 92 2.56 14.87 13.40
N LYS A 93 1.67 14.29 14.17
CA LYS A 93 1.63 12.80 14.28
C LYS A 93 1.18 12.21 12.95
N LEU A 94 0.17 12.77 12.34
CA LEU A 94 -0.30 12.24 11.03
C LEU A 94 0.83 12.29 10.00
N SER A 95 1.52 13.40 9.93
CA SER A 95 2.64 13.51 8.95
C SER A 95 3.71 12.47 9.27
N ARG A 96 3.95 12.22 10.53
CA ARG A 96 5.01 11.22 10.90
C ARG A 96 4.69 9.84 10.33
N GLN A 97 3.47 9.39 10.46
CA GLN A 97 3.11 8.05 9.93
C GLN A 97 3.08 8.08 8.40
N LEU A 98 2.84 9.22 7.83
CA LEU A 98 2.78 9.32 6.34
C LEU A 98 4.19 9.28 5.76
N GLN A 99 5.11 10.03 6.33
CA GLN A 99 6.49 10.04 5.79
C GLN A 99 7.13 8.66 5.93
N LYS A 100 6.92 8.02 7.05
CA LYS A 100 7.52 6.67 7.23
C LYS A 100 6.88 5.71 6.23
N MET A 101 5.63 5.96 5.90
CA MET A 101 4.94 5.09 4.91
C MET A 101 5.57 5.31 3.53
N GLU A 102 5.96 6.51 3.24
CA GLU A 102 6.60 6.80 1.92
C GLU A 102 7.89 6.00 1.84
N ASP A 103 8.71 6.12 2.85
CA ASP A 103 10.00 5.39 2.87
C ASP A 103 9.76 3.89 3.02
N VAL A 104 8.88 3.51 3.90
CA VAL A 104 8.61 2.05 4.11
C VAL A 104 7.97 1.45 2.86
N TYR A 105 7.04 2.15 2.27
CA TYR A 105 6.34 1.61 1.07
C TYR A 105 7.34 1.38 -0.08
N GLN A 106 8.33 2.21 -0.20
CA GLN A 106 9.32 2.03 -1.31
C GLN A 106 10.29 0.90 -0.96
N THR A 107 10.58 0.72 0.30
CA THR A 107 11.55 -0.34 0.69
C THR A 107 11.07 -1.69 0.18
N LEU A 108 9.83 -2.02 0.42
CA LEU A 108 9.31 -3.34 -0.03
C LEU A 108 9.18 -3.34 -1.55
N VAL A 109 8.85 -2.21 -2.13
CA VAL A 109 8.72 -2.15 -3.60
C VAL A 109 10.05 -2.53 -4.25
N VAL A 110 11.14 -2.03 -3.74
CA VAL A 110 12.46 -2.41 -4.33
C VAL A 110 12.69 -3.89 -4.08
N HIS A 111 12.32 -4.38 -2.93
CA HIS A 111 12.49 -5.83 -2.66
C HIS A 111 11.60 -6.60 -3.62
N GLY A 112 10.42 -6.09 -3.87
CA GLY A 112 9.49 -6.77 -4.82
C GLY A 112 9.98 -6.56 -6.25
N GLN A 113 10.30 -5.35 -6.60
CA GLN A 113 10.79 -5.08 -7.99
C GLN A 113 12.01 -5.96 -8.29
N VAL A 114 12.73 -6.35 -7.27
CA VAL A 114 13.93 -7.19 -7.49
C VAL A 114 13.52 -8.54 -8.09
N LEU A 115 12.39 -9.06 -7.68
CA LEU A 115 11.94 -10.36 -8.22
C LEU A 115 11.96 -10.32 -9.75
N ASP A 116 11.78 -9.17 -10.32
CA ASP A 116 11.80 -9.05 -11.81
C ASP A 116 13.25 -9.05 -12.30
N SER A 117 13.63 -10.01 -13.09
CA SER A 117 15.03 -10.06 -13.60
C SER A 117 15.13 -11.09 -14.72
N GLY A 118 15.85 -12.16 -14.49
CA GLY A 118 15.99 -13.20 -15.55
C GLY A 118 17.26 -12.95 -16.35
N ARG A 119 18.01 -11.94 -15.99
CA ARG A 119 19.27 -11.65 -16.74
C ARG A 119 20.16 -12.89 -16.73
N GLY A 120 20.19 -13.61 -15.65
CA GLY A 120 21.05 -14.84 -15.58
C GLY A 120 20.47 -15.80 -14.54
N GLY A 121 21.16 -16.88 -14.28
CA GLY A 121 20.66 -17.87 -13.29
C GLY A 121 20.23 -17.13 -12.02
N PRO A 122 21.12 -16.34 -11.47
CA PRO A 122 20.85 -15.56 -10.22
C PRO A 122 19.56 -14.74 -10.31
N GLY A 123 18.86 -14.60 -9.21
CA GLY A 123 17.59 -13.82 -9.23
C GLY A 123 16.91 -13.93 -7.87
N PHE A 124 15.76 -14.54 -7.82
CA PHE A 124 15.04 -14.68 -6.51
C PHE A 124 14.48 -16.10 -6.39
N THR A 125 14.10 -16.50 -5.21
CA THR A 125 13.55 -17.87 -5.02
C THR A 125 12.31 -17.81 -4.13
N LEU A 126 11.75 -18.95 -3.79
CA LEU A 126 10.54 -18.96 -2.93
C LEU A 126 10.83 -18.19 -1.63
N ASP A 127 12.08 -18.09 -1.26
CA ASP A 127 12.43 -17.36 -0.02
C ASP A 127 12.08 -15.87 -0.19
N ASP A 128 12.47 -15.30 -1.30
CA ASP A 128 12.15 -13.87 -1.55
C ASP A 128 10.64 -13.66 -1.48
N LEU A 129 9.87 -14.60 -1.96
CA LEU A 129 8.40 -14.46 -1.93
C LEU A 129 7.93 -14.37 -0.48
N ASP A 130 8.53 -15.12 0.40
CA ASP A 130 8.12 -15.04 1.83
C ASP A 130 8.33 -13.60 2.27
N ARG A 131 9.37 -12.98 1.77
CA ARG A 131 9.64 -11.56 2.12
C ARG A 131 8.59 -10.66 1.46
N LEU A 132 8.26 -10.92 0.23
CA LEU A 132 7.23 -10.08 -0.47
C LEU A 132 5.87 -10.36 0.15
N VAL A 133 5.50 -11.60 0.29
CA VAL A 133 4.20 -11.93 0.93
C VAL A 133 4.19 -11.29 2.32
N ALA A 134 5.33 -11.21 2.94
CA ALA A 134 5.39 -10.61 4.30
C ALA A 134 5.06 -9.12 4.21
N CYS A 135 5.58 -8.45 3.22
CA CYS A 135 5.28 -7.00 3.06
C CYS A 135 3.80 -6.83 2.73
N SER A 136 3.25 -7.71 1.97
CA SER A 136 1.81 -7.59 1.60
C SER A 136 0.93 -7.53 2.85
N ARG A 137 1.28 -8.24 3.89
CA ARG A 137 0.47 -8.19 5.13
C ARG A 137 0.78 -6.92 5.92
N ALA A 138 2.01 -6.49 5.89
CA ALA A 138 2.40 -5.28 6.68
C ALA A 138 1.84 -4.00 6.05
N VAL A 139 1.90 -3.88 4.75
CA VAL A 139 1.42 -2.64 4.08
C VAL A 139 -0.06 -2.34 4.40
N PRO A 140 -0.96 -3.27 4.17
CA PRO A 140 -2.42 -3.03 4.45
C PRO A 140 -2.72 -2.83 5.92
N GLU A 141 -2.07 -3.56 6.79
CA GLU A 141 -2.33 -3.39 8.24
C GLU A 141 -2.00 -1.95 8.61
N ASP A 142 -0.91 -1.43 8.10
CA ASP A 142 -0.53 -0.02 8.41
C ASP A 142 -1.44 0.93 7.64
N ALA A 143 -1.88 0.54 6.47
CA ALA A 143 -2.76 1.45 5.69
C ALA A 143 -4.01 1.75 6.51
N LYS A 144 -4.55 0.74 7.15
CA LYS A 144 -5.77 0.96 7.98
C LYS A 144 -5.42 1.87 9.16
N GLN A 145 -4.25 1.70 9.71
CA GLN A 145 -3.84 2.55 10.87
C GLN A 145 -3.88 4.02 10.42
N LEU A 146 -3.40 4.31 9.25
CA LEU A 146 -3.43 5.71 8.76
C LEU A 146 -4.88 6.18 8.76
N ALA A 147 -5.79 5.29 8.47
CA ALA A 147 -7.22 5.69 8.45
C ALA A 147 -7.63 6.17 9.84
N SER A 148 -7.10 5.58 10.86
CA SER A 148 -7.46 5.99 12.24
C SER A 148 -6.86 7.36 12.53
N PHE A 149 -5.61 7.55 12.20
CA PHE A 149 -4.96 8.88 12.46
C PHE A 149 -5.65 9.94 11.60
N LEU A 150 -6.05 9.59 10.41
CA LEU A 150 -6.74 10.58 9.54
C LEU A 150 -8.03 11.01 10.25
N HIS A 151 -8.68 10.08 10.92
CA HIS A 151 -9.93 10.42 11.64
C HIS A 151 -9.62 11.42 12.76
N GLY A 152 -8.60 11.16 13.54
CA GLY A 152 -8.26 12.11 14.64
C GLY A 152 -7.92 13.47 14.03
N ASN A 153 -7.53 13.48 12.78
CA ASN A 153 -7.18 14.77 12.11
C ASN A 153 -8.27 15.15 11.12
N ALA A 154 -9.28 14.34 10.98
CA ALA A 154 -10.38 14.66 10.01
C ALA A 154 -10.98 16.02 10.37
N SER A 155 -10.91 16.40 11.61
CA SER A 155 -11.49 17.72 12.01
C SER A 155 -10.72 18.85 11.33
N LEU A 156 -9.42 18.83 11.43
CA LEU A 156 -8.61 19.94 10.82
C LEU A 156 -7.94 19.48 9.52
N LEU A 157 -7.95 18.21 9.23
CA LEU A 157 -7.28 17.74 7.98
C LEU A 157 -8.07 18.29 6.78
N PHE A 158 -9.36 18.47 6.94
CA PHE A 158 -10.18 19.00 5.82
C PHE A 158 -10.80 20.35 6.23
N ARG A 159 -11.90 20.31 6.92
CA ARG A 159 -12.56 21.58 7.34
C ARG A 159 -13.29 21.38 8.66
N ARG A 160 -14.60 21.33 8.63
CA ARG A 160 -15.37 21.14 9.89
C ARG A 160 -16.82 20.80 9.55
N THR A 161 -17.05 19.65 8.96
CA THR A 161 -18.45 19.27 8.60
C THR A 161 -19.14 20.45 7.92
N LYS A 162 -20.42 20.34 7.70
CA LYS A 162 -21.17 21.45 7.04
C LYS A 162 -21.03 22.73 7.88
N ALA A 163 -21.01 22.60 9.17
CA ALA A 163 -20.87 23.80 10.05
C ALA A 163 -20.51 23.36 11.46
N GLY A 1 -10.80 32.35 9.72
CA GLY A 1 -10.69 32.03 8.23
C GLY A 1 -11.79 31.29 7.56
N SER A 2 -12.62 31.98 6.82
CA SER A 2 -13.75 31.31 6.12
C SER A 2 -13.19 30.25 5.16
N GLY A 3 -13.96 29.25 4.85
CA GLY A 3 -13.48 28.19 3.92
C GLY A 3 -13.65 28.68 2.48
N ARG A 4 -13.28 27.87 1.52
CA ARG A 4 -13.41 28.27 0.10
C ARG A 4 -13.46 27.03 -0.79
N GLU A 5 -12.39 26.27 -0.80
CA GLU A 5 -12.38 25.04 -1.65
C GLU A 5 -11.88 23.86 -0.81
N PRO A 6 -12.73 23.30 0.00
CA PRO A 6 -12.39 22.15 0.87
C PRO A 6 -12.57 20.80 0.16
N LEU A 7 -11.74 19.85 0.49
CA LEU A 7 -11.86 18.51 -0.17
C LEU A 7 -13.16 17.84 0.27
N GLU A 8 -13.65 18.18 1.43
CA GLU A 8 -14.93 17.58 1.90
C GLU A 8 -14.62 16.28 2.64
N LEU A 9 -14.86 16.26 3.93
CA LEU A 9 -14.58 15.02 4.72
C LEU A 9 -15.49 13.88 4.25
N GLU A 10 -16.69 14.18 3.84
CA GLU A 10 -17.62 13.11 3.40
C GLU A 10 -17.08 12.44 2.12
N VAL A 11 -16.65 13.21 1.16
CA VAL A 11 -16.11 12.59 -0.08
C VAL A 11 -14.82 11.87 0.29
N ALA A 12 -13.96 12.54 1.01
CA ALA A 12 -12.68 11.91 1.42
C ALA A 12 -12.96 10.62 2.19
N VAL A 13 -14.02 10.57 2.96
CA VAL A 13 -14.29 9.33 3.74
C VAL A 13 -14.60 8.18 2.77
N GLU A 14 -15.39 8.44 1.76
CA GLU A 14 -15.74 7.37 0.79
C GLU A 14 -14.54 7.08 -0.12
N THR A 15 -13.89 8.10 -0.61
CA THR A 15 -12.72 7.88 -1.52
C THR A 15 -11.61 7.10 -0.79
N LEU A 16 -11.26 7.51 0.41
CA LEU A 16 -10.19 6.78 1.16
C LEU A 16 -10.71 5.41 1.60
N ALA A 17 -11.96 5.33 1.95
CA ALA A 17 -12.53 4.04 2.42
C ALA A 17 -12.49 3.02 1.28
N ARG A 18 -12.74 3.45 0.07
CA ARG A 18 -12.72 2.49 -1.07
C ARG A 18 -11.29 1.99 -1.28
N LEU A 19 -10.33 2.83 -1.03
CA LEU A 19 -8.90 2.41 -1.21
C LEU A 19 -8.56 1.35 -0.14
N GLN A 20 -9.00 1.58 1.06
CA GLN A 20 -8.70 0.59 2.17
C GLN A 20 -9.30 -0.77 1.83
N GLN A 21 -10.44 -0.82 1.19
CA GLN A 21 -11.03 -2.15 0.85
C GLN A 21 -10.31 -2.70 -0.38
N GLY A 22 -10.13 -1.87 -1.37
CA GLY A 22 -9.42 -2.33 -2.60
C GLY A 22 -8.00 -2.75 -2.21
N VAL A 23 -7.42 -2.09 -1.24
CA VAL A 23 -6.04 -2.45 -0.82
C VAL A 23 -6.07 -3.81 -0.11
N SER A 24 -6.96 -3.97 0.82
CA SER A 24 -7.06 -5.29 1.52
C SER A 24 -7.53 -6.35 0.53
N THR A 25 -8.46 -5.99 -0.32
CA THR A 25 -8.99 -6.95 -1.32
C THR A 25 -7.88 -7.40 -2.27
N THR A 26 -7.06 -6.48 -2.72
CA THR A 26 -5.96 -6.86 -3.65
C THR A 26 -4.93 -7.72 -2.92
N VAL A 27 -4.74 -7.47 -1.66
CA VAL A 27 -3.76 -8.29 -0.89
C VAL A 27 -4.22 -9.74 -0.86
N ALA A 28 -5.50 -9.94 -0.71
CA ALA A 28 -6.03 -11.34 -0.67
C ALA A 28 -5.70 -12.04 -2.00
N HIS A 29 -5.78 -11.32 -3.09
CA HIS A 29 -5.47 -11.95 -4.41
C HIS A 29 -4.04 -12.50 -4.39
N LEU A 30 -3.09 -11.71 -3.99
CA LEU A 30 -1.69 -12.20 -3.93
C LEU A 30 -1.62 -13.43 -3.04
N LEU A 31 -2.25 -13.39 -1.90
CA LEU A 31 -2.24 -14.58 -1.00
C LEU A 31 -3.08 -15.69 -1.64
N ASP A 32 -4.14 -15.32 -2.32
CA ASP A 32 -4.99 -16.35 -2.99
C ASP A 32 -4.25 -16.91 -4.21
N LEU A 33 -3.55 -16.07 -4.93
CA LEU A 33 -2.83 -16.56 -6.13
C LEU A 33 -1.57 -17.31 -5.71
N VAL A 34 -0.83 -16.78 -4.77
CA VAL A 34 0.41 -17.46 -4.32
C VAL A 34 0.05 -18.79 -3.65
N GLY A 35 -1.13 -18.89 -3.10
CA GLY A 35 -1.52 -20.16 -2.43
C GLY A 35 -1.28 -21.33 -3.38
N SER A 36 -1.60 -21.17 -4.64
CA SER A 36 -1.38 -22.29 -5.61
C SER A 36 0.10 -22.64 -5.66
N ALA A 37 0.96 -21.66 -5.52
CA ALA A 37 2.42 -21.92 -5.58
C ALA A 37 2.80 -22.89 -4.45
N SER A 38 3.81 -23.70 -4.66
CA SER A 38 4.22 -24.66 -3.61
C SER A 38 3.04 -25.53 -3.21
N GLY A 39 3.27 -26.60 -2.49
CA GLY A 39 2.15 -27.49 -2.07
C GLY A 39 2.73 -28.82 -1.59
N PRO A 40 1.89 -29.64 -1.00
CA PRO A 40 2.30 -30.98 -0.48
C PRO A 40 2.75 -31.92 -1.60
N GLY A 41 3.83 -32.61 -1.41
CA GLY A 41 4.32 -33.54 -2.47
C GLY A 41 4.96 -32.75 -3.61
N GLY A 42 5.02 -33.31 -4.78
CA GLY A 42 5.63 -32.58 -5.93
C GLY A 42 7.13 -32.40 -5.67
N TRP A 43 7.60 -31.18 -5.69
CA TRP A 43 9.05 -30.92 -5.45
C TRP A 43 9.88 -31.86 -6.33
N ARG A 44 11.14 -32.00 -6.05
CA ARG A 44 12.01 -32.89 -6.87
C ARG A 44 11.75 -32.61 -8.35
N SER A 45 12.15 -31.47 -8.83
CA SER A 45 11.93 -31.14 -10.26
C SER A 45 13.11 -30.31 -10.79
N THR A 46 13.51 -30.55 -12.01
CA THR A 46 14.65 -29.77 -12.58
C THR A 46 14.12 -28.62 -13.44
N SER A 47 14.42 -28.64 -14.71
CA SER A 47 13.93 -27.55 -15.59
C SER A 47 14.35 -26.19 -15.03
N GLU A 48 13.96 -25.12 -15.66
CA GLU A 48 14.34 -23.78 -15.15
C GLU A 48 13.75 -23.57 -13.76
N PRO A 49 14.33 -22.67 -13.00
CA PRO A 49 13.87 -22.37 -11.62
C PRO A 49 12.34 -22.33 -11.51
N GLN A 50 11.70 -21.63 -12.40
CA GLN A 50 10.21 -21.54 -12.35
C GLN A 50 9.63 -21.87 -13.74
N GLU A 51 8.51 -22.53 -13.78
CA GLU A 51 7.91 -22.88 -15.10
C GLU A 51 6.90 -21.81 -15.52
N PRO A 52 6.08 -21.35 -14.60
CA PRO A 52 5.05 -20.31 -14.89
C PRO A 52 5.68 -18.96 -15.27
N PRO A 53 4.92 -18.10 -15.89
CA PRO A 53 5.41 -16.76 -16.30
C PRO A 53 5.59 -15.81 -15.11
N VAL A 54 6.69 -15.10 -15.06
CA VAL A 54 6.92 -14.15 -13.93
C VAL A 54 6.04 -12.91 -14.12
N GLN A 55 5.79 -12.53 -15.34
CA GLN A 55 4.96 -11.32 -15.59
C GLN A 55 3.60 -11.49 -14.90
N ASP A 56 3.07 -12.68 -14.89
CA ASP A 56 1.76 -12.91 -14.23
C ASP A 56 1.91 -12.68 -12.73
N LEU A 57 2.98 -13.16 -12.15
CA LEU A 57 3.21 -12.96 -10.70
C LEU A 57 3.58 -11.50 -10.45
N LYS A 58 4.43 -10.94 -11.28
CA LYS A 58 4.83 -9.52 -11.10
C LYS A 58 3.59 -8.62 -11.22
N ALA A 59 2.67 -8.98 -12.08
CA ALA A 59 1.45 -8.14 -12.24
C ALA A 59 0.57 -8.23 -10.99
N ALA A 60 0.54 -9.37 -10.35
CA ALA A 60 -0.30 -9.52 -9.12
C ALA A 60 0.21 -8.58 -8.02
N VAL A 61 1.50 -8.58 -7.78
CA VAL A 61 2.04 -7.68 -6.72
C VAL A 61 1.94 -6.22 -7.18
N ALA A 62 2.17 -5.97 -8.44
CA ALA A 62 2.09 -4.57 -8.95
C ALA A 62 0.67 -4.03 -8.69
N ALA A 63 -0.32 -4.84 -8.87
CA ALA A 63 -1.72 -4.37 -8.64
C ALA A 63 -1.91 -4.04 -7.16
N VAL A 64 -1.39 -4.87 -6.28
CA VAL A 64 -1.54 -4.59 -4.83
C VAL A 64 -0.84 -3.28 -4.48
N HIS A 65 0.33 -3.05 -5.00
CA HIS A 65 1.05 -1.79 -4.71
C HIS A 65 0.34 -0.61 -5.39
N GLY A 66 -0.28 -0.86 -6.52
CA GLY A 66 -0.98 0.24 -7.24
C GLY A 66 -2.08 0.83 -6.34
N ALA A 67 -2.82 -0.01 -5.67
CA ALA A 67 -3.90 0.51 -4.79
C ALA A 67 -3.30 1.21 -3.59
N VAL A 68 -2.16 0.75 -3.12
CA VAL A 68 -1.53 1.41 -1.94
C VAL A 68 -1.08 2.81 -2.34
N HIS A 69 -0.43 2.94 -3.46
CA HIS A 69 0.02 4.28 -3.91
C HIS A 69 -1.19 5.23 -3.94
N GLU A 70 -2.35 4.71 -4.28
CA GLU A 70 -3.57 5.58 -4.30
C GLU A 70 -3.82 6.07 -2.88
N LEU A 71 -3.54 5.25 -1.90
CA LEU A 71 -3.75 5.66 -0.49
C LEU A 71 -2.74 6.76 -0.15
N LEU A 72 -1.52 6.58 -0.58
CA LEU A 72 -0.47 7.61 -0.34
C LEU A 72 -0.91 8.91 -1.00
N GLU A 73 -1.44 8.81 -2.19
CA GLU A 73 -1.91 10.03 -2.90
C GLU A 73 -3.21 10.55 -2.28
N PHE A 74 -4.14 9.69 -1.99
CA PHE A 74 -5.43 10.14 -1.37
C PHE A 74 -5.14 10.74 0.01
N ALA A 75 -4.38 10.05 0.80
CA ALA A 75 -4.02 10.58 2.15
C ALA A 75 -3.21 11.87 1.98
N ARG A 76 -2.33 11.90 1.03
CA ARG A 76 -1.52 13.13 0.81
C ARG A 76 -2.44 14.28 0.37
N SER A 77 -3.42 14.02 -0.46
CA SER A 77 -4.33 15.13 -0.89
C SER A 77 -4.95 15.74 0.36
N ALA A 78 -5.30 14.93 1.32
CA ALA A 78 -5.89 15.47 2.58
C ALA A 78 -4.87 16.37 3.27
N VAL A 79 -3.62 16.01 3.22
CA VAL A 79 -2.57 16.85 3.88
C VAL A 79 -2.47 18.19 3.15
N SER A 80 -2.50 18.17 1.84
CA SER A 80 -2.40 19.45 1.08
C SER A 80 -3.53 20.38 1.49
N SER A 81 -4.69 19.85 1.75
CA SER A 81 -5.84 20.72 2.16
C SER A 81 -5.70 21.08 3.63
N ALA A 82 -4.69 20.55 4.29
CA ALA A 82 -4.51 20.88 5.74
C ALA A 82 -3.97 22.31 5.87
N THR A 83 -4.08 22.88 7.04
CA THR A 83 -3.57 24.26 7.24
C THR A 83 -2.72 24.33 8.50
N HIS A 84 -1.87 25.32 8.61
CA HIS A 84 -1.00 25.43 9.83
C HIS A 84 -1.70 26.32 10.86
N THR A 85 -0.94 26.89 11.76
CA THR A 85 -1.55 27.76 12.80
C THR A 85 -2.34 26.90 13.79
N SER A 86 -3.02 25.90 13.31
CA SER A 86 -3.81 25.03 14.23
C SER A 86 -2.87 24.39 15.25
N ASP A 87 -1.68 24.05 14.85
CA ASP A 87 -0.71 23.43 15.80
C ASP A 87 -1.39 22.28 16.53
N ARG A 88 -1.80 21.26 15.81
CA ARG A 88 -2.47 20.10 16.47
C ARG A 88 -1.50 18.93 16.54
N THR A 89 -1.42 18.27 17.67
CA THR A 89 -0.50 17.12 17.80
C THR A 89 -0.88 16.03 16.80
N LEU A 90 -2.15 15.88 16.53
CA LEU A 90 -2.59 14.84 15.56
C LEU A 90 -1.91 15.08 14.21
N HIS A 91 -1.87 16.32 13.77
CA HIS A 91 -1.18 16.60 12.48
C HIS A 91 0.30 16.25 12.61
N ALA A 92 0.90 16.62 13.71
CA ALA A 92 2.33 16.29 13.92
C ALA A 92 2.50 14.77 13.84
N LYS A 93 1.67 14.04 14.53
CA LYS A 93 1.75 12.55 14.49
C LYS A 93 1.40 12.07 13.08
N LEU A 94 0.43 12.68 12.45
CA LEU A 94 0.04 12.24 11.08
C LEU A 94 1.25 12.33 10.13
N SER A 95 1.96 13.43 10.16
CA SER A 95 3.13 13.56 9.26
C SER A 95 4.18 12.49 9.58
N ARG A 96 4.44 12.23 10.82
CA ARG A 96 5.45 11.19 11.17
C ARG A 96 5.04 9.83 10.62
N GLN A 97 3.81 9.43 10.80
CA GLN A 97 3.37 8.10 10.29
C GLN A 97 3.25 8.15 8.76
N LEU A 98 2.86 9.27 8.21
CA LEU A 98 2.72 9.37 6.73
C LEU A 98 4.09 9.31 6.05
N GLN A 99 5.04 10.06 6.54
CA GLN A 99 6.40 10.04 5.93
C GLN A 99 7.03 8.66 6.11
N LYS A 100 6.79 8.03 7.23
CA LYS A 100 7.35 6.67 7.44
C LYS A 100 6.70 5.74 6.42
N MET A 101 5.46 6.00 6.12
CA MET A 101 4.74 5.17 5.12
C MET A 101 5.36 5.41 3.75
N GLU A 102 5.71 6.64 3.49
CA GLU A 102 6.34 6.98 2.19
C GLU A 102 7.66 6.23 2.07
N ASP A 103 8.48 6.35 3.07
CA ASP A 103 9.80 5.66 3.03
C ASP A 103 9.58 4.15 3.09
N VAL A 104 8.70 3.70 3.95
CA VAL A 104 8.46 2.23 4.07
C VAL A 104 7.81 1.71 2.78
N TYR A 105 6.89 2.43 2.21
CA TYR A 105 6.23 1.93 0.97
C TYR A 105 7.25 1.89 -0.17
N GLN A 106 8.16 2.83 -0.21
CA GLN A 106 9.18 2.82 -1.30
C GLN A 106 10.18 1.68 -1.06
N THR A 107 10.45 1.38 0.18
CA THR A 107 11.42 0.29 0.48
C THR A 107 10.87 -1.03 -0.08
N LEU A 108 9.59 -1.26 0.08
CA LEU A 108 8.98 -2.52 -0.44
C LEU A 108 9.00 -2.50 -1.97
N VAL A 109 8.83 -1.36 -2.58
CA VAL A 109 8.82 -1.30 -4.07
C VAL A 109 10.17 -1.78 -4.60
N VAL A 110 11.25 -1.37 -3.99
CA VAL A 110 12.58 -1.84 -4.45
C VAL A 110 12.69 -3.34 -4.18
N HIS A 111 12.28 -3.77 -3.02
CA HIS A 111 12.33 -5.22 -2.72
C HIS A 111 11.42 -5.91 -3.73
N GLY A 112 10.29 -5.31 -4.01
CA GLY A 112 9.34 -5.91 -5.00
C GLY A 112 9.93 -5.79 -6.41
N GLN A 113 10.48 -4.65 -6.75
CA GLN A 113 11.07 -4.50 -8.11
C GLN A 113 12.11 -5.59 -8.36
N VAL A 114 12.77 -6.04 -7.33
CA VAL A 114 13.80 -7.10 -7.51
C VAL A 114 13.15 -8.40 -8.02
N LEU A 115 11.93 -8.66 -7.63
CA LEU A 115 11.26 -9.91 -8.10
C LEU A 115 11.32 -9.98 -9.63
N ASP A 116 11.31 -8.85 -10.28
CA ASP A 116 11.37 -8.86 -11.77
C ASP A 116 12.76 -9.30 -12.23
N SER A 117 12.84 -10.35 -13.00
CA SER A 117 14.16 -10.82 -13.49
C SER A 117 14.67 -9.89 -14.58
N GLY A 118 15.93 -9.96 -14.91
CA GLY A 118 16.49 -9.09 -15.97
C GLY A 118 17.56 -9.85 -16.76
N ARG A 119 18.26 -9.17 -17.63
CA ARG A 119 19.30 -9.85 -18.44
C ARG A 119 20.24 -10.63 -17.51
N GLY A 120 20.56 -10.07 -16.37
CA GLY A 120 21.46 -10.78 -15.43
C GLY A 120 20.84 -12.13 -15.04
N GLY A 121 19.56 -12.28 -15.21
CA GLY A 121 18.90 -13.56 -14.85
C GLY A 121 18.15 -13.41 -13.52
N PRO A 122 17.34 -14.37 -13.18
CA PRO A 122 16.55 -14.36 -11.93
C PRO A 122 17.43 -14.22 -10.68
N GLY A 123 17.02 -13.39 -9.75
CA GLY A 123 17.84 -13.20 -8.51
C GLY A 123 16.95 -13.44 -7.28
N PHE A 124 15.82 -14.07 -7.45
CA PHE A 124 14.92 -14.32 -6.29
C PHE A 124 14.36 -15.74 -6.38
N THR A 125 13.90 -16.28 -5.29
CA THR A 125 13.34 -17.66 -5.31
C THR A 125 12.12 -17.73 -4.38
N LEU A 126 11.63 -18.91 -4.11
CA LEU A 126 10.44 -19.03 -3.22
C LEU A 126 10.73 -18.32 -1.90
N ASP A 127 11.98 -18.19 -1.54
CA ASP A 127 12.32 -17.52 -0.26
C ASP A 127 11.91 -16.05 -0.34
N ASP A 128 12.24 -15.39 -1.41
CA ASP A 128 11.85 -13.95 -1.57
C ASP A 128 10.33 -13.81 -1.46
N LEU A 129 9.59 -14.80 -1.91
CA LEU A 129 8.11 -14.70 -1.84
C LEU A 129 7.67 -14.65 -0.38
N ASP A 130 8.30 -15.40 0.49
CA ASP A 130 7.92 -15.33 1.92
C ASP A 130 8.14 -13.90 2.38
N ARG A 131 9.17 -13.28 1.85
CA ARG A 131 9.48 -11.88 2.22
C ARG A 131 8.42 -10.96 1.61
N LEU A 132 8.05 -11.20 0.37
CA LEU A 132 7.02 -10.34 -0.27
C LEU A 132 5.67 -10.62 0.38
N VAL A 133 5.32 -11.87 0.53
CA VAL A 133 4.03 -12.19 1.20
C VAL A 133 4.04 -11.53 2.58
N ALA A 134 5.21 -11.42 3.17
CA ALA A 134 5.31 -10.80 4.51
C ALA A 134 5.08 -9.29 4.39
N CYS A 135 5.66 -8.68 3.39
CA CYS A 135 5.46 -7.21 3.21
C CYS A 135 4.01 -6.93 2.83
N SER A 136 3.43 -7.77 2.01
CA SER A 136 2.01 -7.54 1.59
C SER A 136 1.09 -7.48 2.83
N ARG A 137 1.37 -8.24 3.85
CA ARG A 137 0.51 -8.20 5.06
C ARG A 137 0.83 -6.94 5.88
N ALA A 138 2.05 -6.48 5.84
CA ALA A 138 2.44 -5.29 6.65
C ALA A 138 1.82 -4.00 6.10
N VAL A 139 1.89 -3.79 4.82
CA VAL A 139 1.35 -2.52 4.22
C VAL A 139 -0.14 -2.32 4.54
N PRO A 140 -0.99 -3.28 4.29
CA PRO A 140 -2.47 -3.14 4.55
C PRO A 140 -2.79 -2.97 6.03
N GLU A 141 -2.14 -3.70 6.89
CA GLU A 141 -2.41 -3.55 8.35
C GLU A 141 -2.04 -2.12 8.76
N ASP A 142 -0.94 -1.63 8.24
CA ASP A 142 -0.51 -0.24 8.57
C ASP A 142 -1.39 0.75 7.81
N ALA A 143 -1.82 0.39 6.63
CA ALA A 143 -2.69 1.31 5.85
C ALA A 143 -3.95 1.63 6.66
N LYS A 144 -4.51 0.65 7.30
CA LYS A 144 -5.73 0.89 8.11
C LYS A 144 -5.37 1.76 9.32
N GLN A 145 -4.23 1.54 9.91
CA GLN A 145 -3.84 2.36 11.09
C GLN A 145 -3.75 3.82 10.67
N LEU A 146 -3.17 4.09 9.55
CA LEU A 146 -3.08 5.50 9.09
C LEU A 146 -4.49 6.06 8.94
N ALA A 147 -5.42 5.22 8.57
CA ALA A 147 -6.81 5.70 8.41
C ALA A 147 -7.30 6.23 9.76
N SER A 148 -6.89 5.62 10.83
CA SER A 148 -7.33 6.09 12.17
C SER A 148 -6.67 7.44 12.47
N PHE A 149 -5.42 7.59 12.15
CA PHE A 149 -4.73 8.88 12.41
C PHE A 149 -5.28 9.93 11.45
N LEU A 150 -5.70 9.51 10.28
CA LEU A 150 -6.25 10.49 9.30
C LEU A 150 -7.57 11.03 9.85
N HIS A 151 -8.34 10.19 10.48
CA HIS A 151 -9.66 10.63 11.03
C HIS A 151 -9.43 11.51 12.26
N GLY A 152 -8.50 11.15 13.10
CA GLY A 152 -8.25 11.97 14.32
C GLY A 152 -7.97 13.41 13.92
N ASN A 153 -7.45 13.62 12.74
CA ASN A 153 -7.14 15.00 12.29
C ASN A 153 -7.95 15.34 11.05
N ALA A 154 -8.86 14.48 10.67
CA ALA A 154 -9.68 14.74 9.46
C ALA A 154 -10.28 16.15 9.55
N SER A 155 -10.71 16.55 10.71
CA SER A 155 -11.28 17.91 10.86
C SER A 155 -10.33 18.95 10.28
N LEU A 156 -9.04 18.73 10.41
CA LEU A 156 -8.06 19.72 9.87
C LEU A 156 -7.73 19.39 8.41
N LEU A 157 -7.52 18.14 8.09
CA LEU A 157 -7.17 17.80 6.68
C LEU A 157 -8.25 18.39 5.75
N PHE A 158 -9.48 18.46 6.21
CA PHE A 158 -10.57 19.03 5.38
C PHE A 158 -11.19 20.22 6.11
N ARG A 159 -11.88 19.97 7.19
CA ARG A 159 -12.52 21.07 7.94
C ARG A 159 -13.73 21.60 7.17
N ARG A 160 -14.91 21.17 7.53
CA ARG A 160 -16.12 21.64 6.81
C ARG A 160 -16.30 23.14 7.04
N THR A 161 -16.84 23.85 6.08
CA THR A 161 -17.04 25.31 6.25
C THR A 161 -18.29 25.56 7.09
N LYS A 162 -18.22 26.47 8.02
CA LYS A 162 -19.41 26.75 8.88
C LYS A 162 -19.85 28.20 8.67
N ALA A 163 -21.13 28.46 8.78
CA ALA A 163 -21.61 29.86 8.57
C ALA A 163 -22.98 30.01 9.26
N GLY A 1 -26.21 31.63 -4.39
CA GLY A 1 -25.32 30.77 -3.49
C GLY A 1 -23.84 30.79 -3.68
N SER A 2 -23.13 29.87 -3.08
CA SER A 2 -21.65 29.85 -3.23
C SER A 2 -21.21 28.50 -3.78
N GLY A 3 -20.15 28.47 -4.52
CA GLY A 3 -19.67 27.17 -5.09
C GLY A 3 -18.87 26.41 -4.03
N ARG A 4 -18.29 25.30 -4.39
CA ARG A 4 -17.50 24.52 -3.41
C ARG A 4 -16.00 24.68 -3.69
N GLU A 5 -15.17 24.33 -2.74
CA GLU A 5 -13.71 24.47 -2.96
C GLU A 5 -12.97 23.44 -2.09
N PRO A 6 -13.11 23.54 -0.80
CA PRO A 6 -12.45 22.60 0.15
C PRO A 6 -12.28 21.20 -0.44
N LEU A 7 -11.29 20.48 0.02
CA LEU A 7 -11.05 19.10 -0.51
C LEU A 7 -12.35 18.28 -0.38
N GLU A 8 -13.11 18.54 0.65
CA GLU A 8 -14.40 17.81 0.86
C GLU A 8 -14.12 16.60 1.74
N LEU A 9 -14.23 16.76 3.03
CA LEU A 9 -13.95 15.63 3.97
C LEU A 9 -14.93 14.48 3.75
N GLU A 10 -16.18 14.76 3.49
CA GLU A 10 -17.18 13.66 3.31
C GLU A 10 -16.83 12.82 2.07
N VAL A 11 -16.47 13.44 0.98
CA VAL A 11 -16.12 12.63 -0.22
C VAL A 11 -14.74 12.02 0.00
N ALA A 12 -13.83 12.79 0.52
CA ALA A 12 -12.47 12.27 0.76
C ALA A 12 -12.54 11.10 1.73
N VAL A 13 -13.32 11.19 2.78
CA VAL A 13 -13.38 10.05 3.74
C VAL A 13 -14.12 8.89 3.08
N GLU A 14 -15.04 9.17 2.21
CA GLU A 14 -15.80 8.10 1.53
C GLU A 14 -14.89 7.41 0.49
N THR A 15 -14.24 8.18 -0.34
CA THR A 15 -13.35 7.58 -1.38
C THR A 15 -12.13 6.94 -0.72
N LEU A 16 -11.64 7.52 0.36
CA LEU A 16 -10.46 6.92 1.06
C LEU A 16 -10.84 5.52 1.55
N ALA A 17 -12.00 5.39 2.14
CA ALA A 17 -12.44 4.07 2.65
C ALA A 17 -12.56 3.08 1.49
N ARG A 18 -12.99 3.52 0.34
CA ARG A 18 -13.11 2.60 -0.82
C ARG A 18 -11.71 2.06 -1.14
N LEU A 19 -10.70 2.86 -0.92
CA LEU A 19 -9.31 2.40 -1.20
C LEU A 19 -8.89 1.33 -0.20
N GLN A 20 -9.30 1.48 1.04
CA GLN A 20 -8.92 0.47 2.07
C GLN A 20 -9.48 -0.89 1.69
N GLN A 21 -10.58 -0.92 1.00
CA GLN A 21 -11.16 -2.23 0.58
C GLN A 21 -10.39 -2.75 -0.61
N GLY A 22 -10.15 -1.91 -1.59
CA GLY A 22 -9.40 -2.34 -2.80
C GLY A 22 -7.98 -2.73 -2.40
N VAL A 23 -7.42 -2.08 -1.42
CA VAL A 23 -6.03 -2.42 -1.01
C VAL A 23 -6.04 -3.78 -0.29
N SER A 24 -6.92 -3.94 0.65
CA SER A 24 -6.99 -5.25 1.37
C SER A 24 -7.46 -6.32 0.38
N THR A 25 -8.40 -5.98 -0.45
CA THR A 25 -8.93 -6.95 -1.44
C THR A 25 -7.81 -7.39 -2.40
N THR A 26 -7.01 -6.46 -2.85
CA THR A 26 -5.92 -6.82 -3.80
C THR A 26 -4.87 -7.68 -3.08
N VAL A 27 -4.67 -7.45 -1.81
CA VAL A 27 -3.67 -8.26 -1.06
C VAL A 27 -4.14 -9.70 -0.97
N ALA A 28 -5.41 -9.91 -0.77
CA ALA A 28 -5.93 -11.31 -0.69
C ALA A 28 -5.62 -12.02 -2.00
N HIS A 29 -5.74 -11.34 -3.09
CA HIS A 29 -5.45 -11.96 -4.41
C HIS A 29 -4.00 -12.43 -4.45
N LEU A 30 -3.08 -11.58 -4.08
CA LEU A 30 -1.66 -11.98 -4.09
C LEU A 30 -1.50 -13.25 -3.25
N LEU A 31 -2.10 -13.28 -2.10
CA LEU A 31 -2.02 -14.49 -1.24
C LEU A 31 -2.86 -15.61 -1.87
N ASP A 32 -3.96 -15.26 -2.48
CA ASP A 32 -4.82 -16.30 -3.11
C ASP A 32 -4.00 -17.06 -4.15
N LEU A 33 -3.14 -16.37 -4.86
CA LEU A 33 -2.31 -17.05 -5.89
C LEU A 33 -1.34 -18.00 -5.21
N VAL A 34 -0.73 -17.57 -4.14
CA VAL A 34 0.24 -18.46 -3.42
C VAL A 34 -0.51 -19.65 -2.82
N GLY A 35 -1.67 -19.43 -2.30
CA GLY A 35 -2.45 -20.56 -1.70
C GLY A 35 -1.58 -21.29 -0.67
N SER A 36 -0.71 -20.59 -0.01
CA SER A 36 0.18 -21.25 1.00
C SER A 36 1.00 -22.34 0.32
N ALA A 37 1.35 -22.14 -0.93
CA ALA A 37 2.15 -23.18 -1.64
C ALA A 37 3.41 -23.51 -0.82
N SER A 38 3.77 -24.76 -0.76
CA SER A 38 4.98 -25.15 0.01
C SER A 38 5.59 -26.41 -0.59
N GLY A 39 6.82 -26.71 -0.25
CA GLY A 39 7.48 -27.93 -0.80
C GLY A 39 7.36 -29.07 0.21
N PRO A 40 8.01 -30.17 -0.07
CA PRO A 40 7.98 -31.36 0.82
C PRO A 40 8.37 -31.02 2.26
N GLY A 41 8.98 -29.88 2.47
CA GLY A 41 9.39 -29.50 3.85
C GLY A 41 10.87 -29.80 4.05
N GLY A 42 11.37 -30.82 3.40
CA GLY A 42 12.81 -31.16 3.56
C GLY A 42 13.63 -30.46 2.48
N TRP A 43 14.90 -30.74 2.41
CA TRP A 43 15.75 -30.07 1.38
C TRP A 43 15.73 -30.89 0.09
N ARG A 44 16.39 -32.02 0.08
CA ARG A 44 16.42 -32.86 -1.15
C ARG A 44 16.61 -31.98 -2.37
N SER A 45 16.28 -32.47 -3.54
CA SER A 45 16.44 -31.65 -4.77
C SER A 45 15.09 -31.04 -5.15
N THR A 46 15.10 -29.95 -5.87
CA THR A 46 13.82 -29.31 -6.28
C THR A 46 13.19 -30.10 -7.42
N SER A 47 11.94 -30.44 -7.31
CA SER A 47 11.27 -31.21 -8.40
C SER A 47 11.27 -30.39 -9.69
N GLU A 48 11.15 -29.09 -9.58
CA GLU A 48 11.15 -28.24 -10.80
C GLU A 48 12.03 -27.00 -10.56
N PRO A 49 12.39 -26.33 -11.61
CA PRO A 49 13.25 -25.12 -11.53
C PRO A 49 12.51 -23.93 -10.91
N GLN A 50 13.20 -23.10 -10.17
CA GLN A 50 12.53 -21.94 -9.52
C GLN A 50 12.32 -20.83 -10.55
N GLU A 51 11.54 -21.10 -11.58
CA GLU A 51 11.31 -20.06 -12.62
C GLU A 51 9.83 -20.07 -13.03
N PRO A 52 8.95 -19.63 -12.16
CA PRO A 52 7.49 -19.59 -12.43
C PRO A 52 7.09 -18.32 -13.20
N PRO A 53 5.92 -18.31 -13.78
CA PRO A 53 5.41 -17.15 -14.54
C PRO A 53 5.64 -15.83 -13.81
N VAL A 54 6.60 -15.05 -14.26
CA VAL A 54 6.88 -13.75 -13.58
C VAL A 54 5.69 -12.81 -13.77
N GLN A 55 5.02 -12.88 -14.89
CA GLN A 55 3.86 -11.98 -15.13
C GLN A 55 2.83 -12.19 -14.02
N ASP A 56 2.59 -13.41 -13.65
CA ASP A 56 1.60 -13.69 -12.57
C ASP A 56 2.07 -13.03 -11.28
N LEU A 57 3.33 -13.12 -10.98
CA LEU A 57 3.86 -12.49 -9.75
C LEU A 57 3.99 -10.98 -9.97
N LYS A 58 4.49 -10.58 -11.11
CA LYS A 58 4.65 -9.14 -11.40
C LYS A 58 3.27 -8.47 -11.47
N ALA A 59 2.31 -9.15 -12.03
CA ALA A 59 0.95 -8.55 -12.15
C ALA A 59 0.28 -8.49 -10.77
N ALA A 60 0.48 -9.51 -9.96
CA ALA A 60 -0.16 -9.50 -8.61
C ALA A 60 0.50 -8.45 -7.71
N VAL A 61 1.81 -8.40 -7.68
CA VAL A 61 2.50 -7.40 -6.82
C VAL A 61 2.28 -6.00 -7.38
N ALA A 62 2.28 -5.87 -8.68
CA ALA A 62 2.08 -4.52 -9.29
C ALA A 62 0.68 -4.02 -8.96
N ALA A 63 -0.31 -4.85 -9.12
CA ALA A 63 -1.70 -4.43 -8.83
C ALA A 63 -1.87 -4.15 -7.34
N VAL A 64 -1.24 -4.92 -6.50
CA VAL A 64 -1.37 -4.68 -5.03
C VAL A 64 -0.69 -3.36 -4.67
N HIS A 65 0.48 -3.11 -5.18
CA HIS A 65 1.17 -1.82 -4.88
C HIS A 65 0.39 -0.67 -5.52
N GLY A 66 -0.27 -0.94 -6.61
CA GLY A 66 -1.04 0.13 -7.31
C GLY A 66 -2.13 0.66 -6.39
N ALA A 67 -2.83 -0.22 -5.71
CA ALA A 67 -3.93 0.25 -4.83
C ALA A 67 -3.32 0.98 -3.63
N VAL A 68 -2.19 0.55 -3.16
CA VAL A 68 -1.56 1.23 -1.99
C VAL A 68 -1.14 2.64 -2.39
N HIS A 69 -0.51 2.79 -3.52
CA HIS A 69 -0.10 4.14 -4.01
C HIS A 69 -1.30 5.09 -4.07
N GLU A 70 -2.47 4.59 -4.40
CA GLU A 70 -3.65 5.49 -4.43
C GLU A 70 -3.95 5.98 -3.02
N LEU A 71 -3.70 5.15 -2.03
CA LEU A 71 -3.94 5.58 -0.63
C LEU A 71 -2.93 6.68 -0.32
N LEU A 72 -1.73 6.51 -0.79
CA LEU A 72 -0.68 7.55 -0.58
C LEU A 72 -1.14 8.82 -1.29
N GLU A 73 -1.70 8.68 -2.47
CA GLU A 73 -2.21 9.88 -3.22
C GLU A 73 -3.47 10.40 -2.55
N PHE A 74 -4.38 9.51 -2.20
CA PHE A 74 -5.64 9.96 -1.54
C PHE A 74 -5.29 10.56 -0.17
N ALA A 75 -4.47 9.89 0.58
CA ALA A 75 -4.07 10.42 1.90
C ALA A 75 -3.34 11.73 1.68
N ARG A 76 -2.53 11.78 0.66
CA ARG A 76 -1.78 13.02 0.34
C ARG A 76 -2.79 14.15 0.07
N SER A 77 -3.84 13.86 -0.65
CA SER A 77 -4.85 14.91 -0.93
C SER A 77 -5.37 15.46 0.39
N ALA A 78 -5.53 14.62 1.37
CA ALA A 78 -6.01 15.09 2.70
C ALA A 78 -5.03 16.12 3.24
N VAL A 79 -3.75 15.86 3.13
CA VAL A 79 -2.73 16.82 3.63
C VAL A 79 -2.83 18.13 2.84
N SER A 80 -3.12 18.04 1.57
CA SER A 80 -3.21 19.27 0.74
C SER A 80 -4.16 20.28 1.40
N SER A 81 -3.92 21.55 1.22
CA SER A 81 -4.81 22.57 1.85
C SER A 81 -5.03 22.22 3.33
N ALA A 82 -4.06 21.62 3.96
CA ALA A 82 -4.23 21.25 5.39
C ALA A 82 -4.52 22.50 6.22
N THR A 83 -5.26 22.37 7.28
CA THR A 83 -5.58 23.56 8.12
C THR A 83 -5.12 23.30 9.56
N HIS A 84 -4.62 24.32 10.22
CA HIS A 84 -4.16 24.13 11.63
C HIS A 84 -5.26 24.58 12.60
N THR A 85 -5.34 23.95 13.73
CA THR A 85 -6.39 24.34 14.72
C THR A 85 -5.75 24.54 16.10
N SER A 86 -6.55 24.70 17.11
CA SER A 86 -5.99 24.89 18.48
C SER A 86 -5.01 23.76 18.80
N ASP A 87 -5.26 22.59 18.28
CA ASP A 87 -4.34 21.45 18.55
C ASP A 87 -3.41 21.25 17.36
N ARG A 88 -2.35 20.52 17.53
CA ARG A 88 -1.40 20.28 16.40
C ARG A 88 -0.66 18.97 16.62
N THR A 89 -0.75 18.41 17.79
CA THR A 89 -0.05 17.12 18.06
C THR A 89 -0.57 16.04 17.12
N LEU A 90 -1.85 16.03 16.87
CA LEU A 90 -2.43 15.00 15.96
C LEU A 90 -1.76 15.11 14.58
N HIS A 91 -1.64 16.30 14.05
CA HIS A 91 -0.97 16.45 12.74
C HIS A 91 0.48 16.00 12.87
N ALA A 92 1.12 16.38 13.95
CA ALA A 92 2.53 15.94 14.16
C ALA A 92 2.59 14.42 14.12
N LYS A 93 1.71 13.77 14.84
CA LYS A 93 1.69 12.28 14.84
C LYS A 93 1.34 11.78 13.44
N LEU A 94 0.39 12.40 12.80
CA LEU A 94 -0.01 11.96 11.42
C LEU A 94 1.20 12.07 10.50
N SER A 95 1.90 13.18 10.54
CA SER A 95 3.09 13.34 9.66
C SER A 95 4.11 12.23 9.95
N ARG A 96 4.33 11.91 11.19
CA ARG A 96 5.32 10.84 11.52
C ARG A 96 4.86 9.50 10.92
N GLN A 97 3.61 9.17 11.05
CA GLN A 97 3.13 7.87 10.50
C GLN A 97 3.02 7.97 8.96
N LEU A 98 2.62 9.10 8.45
CA LEU A 98 2.47 9.24 6.97
C LEU A 98 3.85 9.21 6.30
N GLN A 99 4.77 9.99 6.77
CA GLN A 99 6.13 10.00 6.14
C GLN A 99 6.75 8.61 6.30
N LYS A 100 6.52 7.98 7.42
CA LYS A 100 7.08 6.62 7.62
C LYS A 100 6.43 5.69 6.59
N MET A 101 5.18 5.95 6.28
CA MET A 101 4.46 5.12 5.29
C MET A 101 5.08 5.39 3.91
N GLU A 102 5.42 6.62 3.67
CA GLU A 102 6.04 6.99 2.37
C GLU A 102 7.38 6.27 2.23
N ASP A 103 8.21 6.40 3.23
CA ASP A 103 9.54 5.73 3.17
C ASP A 103 9.35 4.22 3.23
N VAL A 104 8.48 3.76 4.09
CA VAL A 104 8.25 2.29 4.20
C VAL A 104 7.65 1.75 2.89
N TYR A 105 6.74 2.47 2.29
CA TYR A 105 6.13 1.96 1.04
C TYR A 105 7.17 1.96 -0.09
N GLN A 106 8.04 2.93 -0.09
CA GLN A 106 9.09 2.98 -1.16
C GLN A 106 10.13 1.89 -0.91
N THR A 107 10.43 1.62 0.33
CA THR A 107 11.43 0.56 0.64
C THR A 107 10.93 -0.78 0.09
N LEU A 108 9.68 -1.07 0.28
CA LEU A 108 9.12 -2.36 -0.23
C LEU A 108 9.04 -2.33 -1.75
N VAL A 109 8.73 -1.19 -2.33
CA VAL A 109 8.64 -1.11 -3.81
C VAL A 109 9.97 -1.50 -4.44
N VAL A 110 11.06 -1.00 -3.91
CA VAL A 110 12.38 -1.37 -4.48
C VAL A 110 12.61 -2.87 -4.25
N HIS A 111 12.26 -3.34 -3.08
CA HIS A 111 12.42 -4.79 -2.81
C HIS A 111 11.50 -5.55 -3.76
N GLY A 112 10.34 -4.99 -4.00
CA GLY A 112 9.37 -5.65 -4.92
C GLY A 112 9.85 -5.47 -6.36
N GLN A 113 10.24 -4.28 -6.73
CA GLN A 113 10.71 -4.06 -8.13
C GLN A 113 11.88 -5.01 -8.41
N VAL A 114 12.61 -5.38 -7.40
CA VAL A 114 13.77 -6.30 -7.62
C VAL A 114 13.26 -7.66 -8.13
N LEU A 115 12.11 -8.08 -7.67
CA LEU A 115 11.57 -9.40 -8.14
C LEU A 115 11.52 -9.41 -9.67
N ASP A 116 11.23 -8.30 -10.28
CA ASP A 116 11.16 -8.25 -11.77
C ASP A 116 12.59 -8.30 -12.34
N SER A 117 13.51 -8.84 -11.60
CA SER A 117 14.92 -8.90 -12.10
C SER A 117 14.94 -9.64 -13.45
N GLY A 118 14.02 -10.54 -13.66
CA GLY A 118 14.00 -11.29 -14.95
C GLY A 118 15.25 -12.15 -15.07
N ARG A 119 16.03 -11.94 -16.10
CA ARG A 119 17.28 -12.74 -16.27
C ARG A 119 18.49 -11.84 -16.06
N GLY A 120 19.48 -12.32 -15.37
CA GLY A 120 20.70 -11.49 -15.13
C GLY A 120 21.45 -12.02 -13.90
N GLY A 121 22.53 -11.39 -13.54
CA GLY A 121 23.29 -11.86 -12.35
C GLY A 121 22.34 -12.04 -11.17
N PRO A 122 21.87 -10.97 -10.61
CA PRO A 122 20.92 -10.99 -9.45
C PRO A 122 19.60 -11.67 -9.81
N GLY A 123 18.96 -12.28 -8.84
CA GLY A 123 17.66 -12.96 -9.12
C GLY A 123 16.90 -13.19 -7.81
N PHE A 124 15.78 -13.85 -7.88
CA PHE A 124 14.99 -14.09 -6.64
C PHE A 124 14.41 -15.52 -6.67
N THR A 125 13.91 -15.99 -5.57
CA THR A 125 13.34 -17.38 -5.56
C THR A 125 12.13 -17.43 -4.62
N LEU A 126 11.61 -18.61 -4.37
CA LEU A 126 10.43 -18.75 -3.47
C LEU A 126 10.72 -18.08 -2.13
N ASP A 127 11.98 -17.99 -1.76
CA ASP A 127 12.31 -17.33 -0.46
C ASP A 127 11.94 -15.85 -0.54
N ASP A 128 12.31 -15.20 -1.60
CA ASP A 128 11.96 -13.76 -1.75
C ASP A 128 10.45 -13.58 -1.67
N LEU A 129 9.70 -14.56 -2.11
CA LEU A 129 8.22 -14.45 -2.07
C LEU A 129 7.76 -14.44 -0.60
N ASP A 130 8.42 -15.20 0.23
CA ASP A 130 8.03 -15.19 1.67
C ASP A 130 8.22 -13.76 2.18
N ARG A 131 9.24 -13.11 1.68
CA ARG A 131 9.50 -11.71 2.10
C ARG A 131 8.43 -10.79 1.50
N LEU A 132 8.07 -11.01 0.26
CA LEU A 132 7.02 -10.14 -0.35
C LEU A 132 5.67 -10.48 0.28
N VAL A 133 5.36 -11.74 0.40
CA VAL A 133 4.08 -12.12 1.05
C VAL A 133 4.09 -11.54 2.46
N ALA A 134 5.25 -11.47 3.07
CA ALA A 134 5.33 -10.90 4.43
C ALA A 134 5.10 -9.40 4.36
N CYS A 135 5.69 -8.75 3.39
CA CYS A 135 5.48 -7.29 3.24
C CYS A 135 4.01 -7.04 2.88
N SER A 136 3.44 -7.89 2.07
CA SER A 136 2.03 -7.69 1.66
C SER A 136 1.12 -7.62 2.91
N ARG A 137 1.45 -8.35 3.94
CA ARG A 137 0.61 -8.29 5.16
C ARG A 137 0.93 -7.00 5.93
N ALA A 138 2.15 -6.53 5.84
CA ALA A 138 2.56 -5.31 6.59
C ALA A 138 1.98 -4.03 5.98
N VAL A 139 2.03 -3.88 4.67
CA VAL A 139 1.52 -2.61 4.04
C VAL A 139 0.03 -2.35 4.35
N PRO A 140 -0.83 -3.32 4.14
CA PRO A 140 -2.29 -3.14 4.40
C PRO A 140 -2.61 -2.96 5.89
N GLU A 141 -1.94 -3.71 6.74
CA GLU A 141 -2.19 -3.54 8.20
C GLU A 141 -1.85 -2.11 8.58
N ASP A 142 -0.79 -1.59 8.02
CA ASP A 142 -0.38 -0.19 8.30
C ASP A 142 -1.33 0.77 7.57
N ALA A 143 -1.80 0.38 6.41
CA ALA A 143 -2.73 1.27 5.66
C ALA A 143 -3.98 1.50 6.50
N LYS A 144 -4.47 0.47 7.14
CA LYS A 144 -5.68 0.62 7.99
C LYS A 144 -5.35 1.54 9.17
N GLN A 145 -4.17 1.40 9.73
CA GLN A 145 -3.78 2.26 10.87
C GLN A 145 -3.67 3.72 10.39
N LEU A 146 -3.08 3.93 9.25
CA LEU A 146 -2.96 5.31 8.73
C LEU A 146 -4.36 5.89 8.56
N ALA A 147 -5.32 5.07 8.23
CA ALA A 147 -6.70 5.58 8.06
C ALA A 147 -7.22 6.06 9.42
N SER A 148 -6.84 5.42 10.48
CA SER A 148 -7.31 5.84 11.83
C SER A 148 -6.71 7.20 12.18
N PHE A 149 -5.44 7.40 11.89
CA PHE A 149 -4.81 8.71 12.20
C PHE A 149 -5.41 9.78 11.30
N LEU A 150 -5.77 9.42 10.11
CA LEU A 150 -6.39 10.40 9.17
C LEU A 150 -7.69 10.92 9.78
N HIS A 151 -8.42 10.07 10.44
CA HIS A 151 -9.71 10.50 11.05
C HIS A 151 -9.44 11.47 12.20
N GLY A 152 -8.49 11.17 13.04
CA GLY A 152 -8.19 12.07 14.19
C GLY A 152 -7.83 13.46 13.65
N ASN A 153 -7.35 13.53 12.44
CA ASN A 153 -6.97 14.85 11.87
C ASN A 153 -7.94 15.22 10.73
N ALA A 154 -8.92 14.41 10.48
CA ALA A 154 -9.88 14.72 9.39
C ALA A 154 -10.36 16.16 9.52
N SER A 155 -10.32 16.70 10.71
CA SER A 155 -10.76 18.10 10.90
C SER A 155 -9.66 19.05 10.41
N LEU A 156 -8.42 18.66 10.54
CA LEU A 156 -7.31 19.56 10.09
C LEU A 156 -6.91 19.26 8.64
N LEU A 157 -6.75 18.00 8.28
CA LEU A 157 -6.36 17.70 6.87
C LEU A 157 -7.39 18.34 5.93
N PHE A 158 -8.61 18.48 6.39
CA PHE A 158 -9.66 19.11 5.55
C PHE A 158 -10.22 20.34 6.28
N ARG A 159 -11.45 20.28 6.71
CA ARG A 159 -12.05 21.44 7.41
C ARG A 159 -13.43 21.07 7.96
N ARG A 160 -14.46 21.40 7.24
CA ARG A 160 -15.84 21.08 7.71
C ARG A 160 -16.69 20.64 6.52
N THR A 161 -17.68 19.82 6.76
CA THR A 161 -18.56 19.37 5.64
C THR A 161 -19.09 20.59 4.88
N LYS A 162 -19.46 21.61 5.58
CA LYS A 162 -19.99 22.83 4.90
C LYS A 162 -21.15 22.44 3.98
N ALA A 163 -22.14 21.78 4.50
CA ALA A 163 -23.30 21.37 3.67
C ALA A 163 -23.97 22.62 3.07
N GLY A 1 -11.42 27.91 -1.99
CA GLY A 1 -10.90 28.70 -0.79
C GLY A 1 -9.50 29.20 -0.78
N SER A 2 -8.63 28.56 -0.05
CA SER A 2 -7.22 29.01 0.01
C SER A 2 -6.60 28.91 -1.39
N GLY A 3 -7.06 27.97 -2.19
CA GLY A 3 -6.49 27.82 -3.55
C GLY A 3 -6.66 26.37 -4.02
N ARG A 4 -6.10 26.04 -5.16
CA ARG A 4 -6.23 24.65 -5.67
C ARG A 4 -7.68 24.19 -5.53
N GLU A 5 -7.91 22.90 -5.52
CA GLU A 5 -9.31 22.38 -5.39
C GLU A 5 -9.34 21.23 -4.40
N PRO A 6 -9.55 21.52 -3.14
CA PRO A 6 -9.60 20.49 -2.07
C PRO A 6 -10.96 19.79 -2.02
N LEU A 7 -10.96 18.52 -1.71
CA LEU A 7 -12.26 17.77 -1.64
C LEU A 7 -12.85 17.96 -0.25
N GLU A 8 -13.94 17.30 0.03
CA GLU A 8 -14.57 17.45 1.38
C GLU A 8 -14.35 16.18 2.19
N LEU A 9 -14.59 16.25 3.47
CA LEU A 9 -14.40 15.04 4.34
C LEU A 9 -15.28 13.90 3.84
N GLU A 10 -16.49 14.19 3.42
CA GLU A 10 -17.40 13.11 2.95
C GLU A 10 -16.77 12.40 1.76
N VAL A 11 -16.18 13.13 0.84
CA VAL A 11 -15.54 12.46 -0.33
C VAL A 11 -14.27 11.79 0.16
N ALA A 12 -13.57 12.45 1.05
CA ALA A 12 -12.32 11.85 1.59
C ALA A 12 -12.68 10.59 2.38
N VAL A 13 -13.71 10.65 3.18
CA VAL A 13 -14.10 9.44 3.97
C VAL A 13 -14.66 8.38 3.02
N GLU A 14 -15.37 8.80 2.01
CA GLU A 14 -15.92 7.81 1.04
C GLU A 14 -14.75 7.17 0.28
N THR A 15 -13.85 7.97 -0.22
CA THR A 15 -12.69 7.43 -0.98
C THR A 15 -11.88 6.49 -0.07
N LEU A 16 -11.59 6.92 1.13
CA LEU A 16 -10.80 6.06 2.07
C LEU A 16 -11.48 4.70 2.23
N ALA A 17 -12.77 4.69 2.42
CA ALA A 17 -13.48 3.39 2.61
C ALA A 17 -13.18 2.46 1.42
N ARG A 18 -13.23 2.99 0.22
CA ARG A 18 -12.96 2.15 -0.98
C ARG A 18 -11.48 1.77 -1.04
N LEU A 19 -10.61 2.62 -0.57
CA LEU A 19 -9.15 2.30 -0.62
C LEU A 19 -8.83 1.14 0.33
N GLN A 20 -9.37 1.13 1.52
CA GLN A 20 -9.08 0.02 2.47
C GLN A 20 -9.63 -1.29 1.89
N GLN A 21 -10.72 -1.20 1.16
CA GLN A 21 -11.31 -2.43 0.56
C GLN A 21 -10.49 -2.84 -0.66
N GLY A 22 -10.24 -1.92 -1.55
CA GLY A 22 -9.44 -2.26 -2.75
C GLY A 22 -8.03 -2.65 -2.30
N VAL A 23 -7.54 -2.06 -1.25
CA VAL A 23 -6.18 -2.41 -0.76
C VAL A 23 -6.24 -3.79 -0.11
N SER A 24 -7.19 -3.99 0.76
CA SER A 24 -7.31 -5.32 1.43
C SER A 24 -7.71 -6.36 0.39
N THR A 25 -8.58 -5.98 -0.52
CA THR A 25 -9.04 -6.93 -1.58
C THR A 25 -7.85 -7.35 -2.45
N THR A 26 -7.01 -6.43 -2.82
CA THR A 26 -5.85 -6.78 -3.70
C THR A 26 -4.86 -7.66 -2.93
N VAL A 27 -4.75 -7.48 -1.64
CA VAL A 27 -3.79 -8.32 -0.86
C VAL A 27 -4.24 -9.78 -0.90
N ALA A 28 -5.52 -10.01 -0.81
CA ALA A 28 -6.01 -11.42 -0.84
C ALA A 28 -5.61 -12.04 -2.18
N HIS A 29 -5.71 -11.27 -3.24
CA HIS A 29 -5.33 -11.79 -4.58
C HIS A 29 -3.88 -12.28 -4.55
N LEU A 30 -2.99 -11.46 -4.08
CA LEU A 30 -1.56 -11.88 -4.01
C LEU A 30 -1.45 -13.16 -3.18
N LEU A 31 -2.11 -13.20 -2.04
CA LEU A 31 -2.06 -14.44 -1.21
C LEU A 31 -2.86 -15.54 -1.92
N ASP A 32 -3.90 -15.18 -2.63
CA ASP A 32 -4.71 -16.20 -3.35
C ASP A 32 -3.83 -16.87 -4.41
N LEU A 33 -2.95 -16.12 -5.02
CA LEU A 33 -2.07 -16.72 -6.06
C LEU A 33 -1.09 -17.69 -5.41
N VAL A 34 -0.61 -17.38 -4.24
CA VAL A 34 0.35 -18.28 -3.55
C VAL A 34 -0.32 -19.63 -3.27
N GLY A 35 -1.59 -19.61 -2.96
CA GLY A 35 -2.30 -20.88 -2.69
C GLY A 35 -2.06 -21.87 -3.84
N SER A 36 -1.97 -21.38 -5.04
CA SER A 36 -1.72 -22.28 -6.20
C SER A 36 -0.39 -23.00 -6.02
N ALA A 37 0.55 -22.37 -5.37
CA ALA A 37 1.87 -23.02 -5.16
C ALA A 37 1.79 -24.01 -3.98
N SER A 38 2.89 -24.32 -3.37
CA SER A 38 2.88 -25.26 -2.23
C SER A 38 2.37 -26.63 -2.71
N GLY A 39 2.52 -27.64 -1.91
CA GLY A 39 2.06 -29.00 -2.33
C GLY A 39 1.56 -29.77 -1.10
N PRO A 40 1.35 -31.05 -1.25
CA PRO A 40 0.85 -31.92 -0.15
C PRO A 40 1.70 -31.78 1.13
N GLY A 41 2.92 -31.32 1.00
CA GLY A 41 3.79 -31.16 2.19
C GLY A 41 4.62 -32.42 2.39
N GLY A 42 4.68 -33.27 1.40
CA GLY A 42 5.48 -34.52 1.53
C GLY A 42 6.95 -34.21 1.28
N TRP A 43 7.80 -35.21 1.30
CA TRP A 43 9.24 -34.98 1.06
C TRP A 43 9.58 -35.24 -0.41
N ARG A 44 10.46 -34.47 -0.98
CA ARG A 44 10.81 -34.67 -2.41
C ARG A 44 12.34 -34.77 -2.54
N SER A 45 12.82 -35.27 -3.65
CA SER A 45 14.29 -35.39 -3.83
C SER A 45 14.92 -33.98 -3.83
N THR A 46 14.97 -33.35 -2.69
CA THR A 46 15.56 -31.99 -2.62
C THR A 46 15.03 -31.14 -3.78
N SER A 47 13.77 -31.28 -4.11
CA SER A 47 13.20 -30.48 -5.22
C SER A 47 13.09 -29.01 -4.79
N GLU A 48 13.05 -28.11 -5.73
CA GLU A 48 12.93 -26.67 -5.37
C GLU A 48 12.44 -25.88 -6.60
N PRO A 49 11.19 -26.04 -6.93
CA PRO A 49 10.57 -25.33 -8.10
C PRO A 49 10.80 -23.82 -8.04
N GLN A 50 11.01 -23.20 -9.16
CA GLN A 50 11.23 -21.72 -9.18
C GLN A 50 9.93 -21.01 -9.55
N GLU A 51 10.02 -19.92 -10.24
CA GLU A 51 8.78 -19.18 -10.63
C GLU A 51 8.81 -18.83 -12.12
N PRO A 52 8.52 -19.79 -12.97
CA PRO A 52 8.52 -19.59 -14.45
C PRO A 52 7.64 -18.41 -14.86
N PRO A 53 6.48 -18.29 -14.28
CA PRO A 53 5.52 -17.19 -14.61
C PRO A 53 5.79 -15.93 -13.77
N VAL A 54 6.95 -15.35 -13.92
CA VAL A 54 7.26 -14.13 -13.14
C VAL A 54 6.29 -13.01 -13.52
N GLN A 55 5.88 -12.96 -14.76
CA GLN A 55 4.93 -11.89 -15.19
C GLN A 55 3.69 -11.95 -14.31
N ASP A 56 3.16 -13.12 -14.09
CA ASP A 56 1.95 -13.25 -13.24
C ASP A 56 2.24 -12.67 -11.86
N LEU A 57 3.44 -12.82 -11.38
CA LEU A 57 3.80 -12.26 -10.05
C LEU A 57 3.81 -10.74 -10.12
N LYS A 58 4.33 -10.20 -11.19
CA LYS A 58 4.37 -8.71 -11.33
C LYS A 58 2.94 -8.16 -11.40
N ALA A 59 2.05 -8.89 -12.04
CA ALA A 59 0.65 -8.41 -12.14
C ALA A 59 -0.03 -8.47 -10.78
N ALA A 60 0.27 -9.47 -10.00
CA ALA A 60 -0.37 -9.59 -8.65
C ALA A 60 0.16 -8.50 -7.72
N VAL A 61 1.45 -8.32 -7.66
CA VAL A 61 2.03 -7.28 -6.76
C VAL A 61 1.69 -5.89 -7.32
N ALA A 62 1.70 -5.74 -8.62
CA ALA A 62 1.38 -4.42 -9.21
C ALA A 62 -0.04 -4.01 -8.80
N ALA A 63 -0.94 -4.94 -8.72
CA ALA A 63 -2.33 -4.62 -8.32
C ALA A 63 -2.34 -4.09 -6.89
N VAL A 64 -1.75 -4.82 -5.98
CA VAL A 64 -1.71 -4.36 -4.56
C VAL A 64 -0.88 -3.07 -4.47
N HIS A 65 0.23 -3.02 -5.16
CA HIS A 65 1.06 -1.79 -5.14
C HIS A 65 0.25 -0.61 -5.68
N GLY A 66 -0.45 -0.81 -6.76
CA GLY A 66 -1.24 0.31 -7.34
C GLY A 66 -2.28 0.78 -6.33
N ALA A 67 -2.89 -0.12 -5.61
CA ALA A 67 -3.92 0.31 -4.62
C ALA A 67 -3.27 1.05 -3.46
N VAL A 68 -2.08 0.66 -3.08
CA VAL A 68 -1.42 1.35 -1.94
C VAL A 68 -1.01 2.74 -2.41
N HIS A 69 -0.43 2.84 -3.57
CA HIS A 69 0.00 4.17 -4.10
C HIS A 69 -1.20 5.12 -4.16
N GLU A 70 -2.36 4.65 -4.52
CA GLU A 70 -3.54 5.56 -4.57
C GLU A 70 -3.90 5.97 -3.15
N LEU A 71 -3.60 5.13 -2.20
CA LEU A 71 -3.88 5.46 -0.79
C LEU A 71 -2.87 6.53 -0.32
N LEU A 72 -1.67 6.46 -0.81
CA LEU A 72 -0.65 7.47 -0.40
C LEU A 72 -0.91 8.81 -1.12
N GLU A 73 -1.27 8.75 -2.37
CA GLU A 73 -1.51 10.00 -3.15
C GLU A 73 -2.81 10.70 -2.71
N PHE A 74 -3.89 9.98 -2.60
CA PHE A 74 -5.17 10.64 -2.19
C PHE A 74 -5.05 11.10 -0.74
N ALA A 75 -4.44 10.31 0.10
CA ALA A 75 -4.25 10.74 1.51
C ALA A 75 -3.33 11.96 1.52
N ARG A 76 -2.33 11.94 0.67
CA ARG A 76 -1.40 13.10 0.58
C ARG A 76 -2.18 14.35 0.18
N SER A 77 -3.15 14.20 -0.69
CA SER A 77 -3.94 15.37 -1.13
C SER A 77 -4.64 16.01 0.07
N ALA A 78 -5.11 15.22 0.99
CA ALA A 78 -5.80 15.80 2.18
C ALA A 78 -4.81 16.61 3.01
N VAL A 79 -3.59 16.16 3.12
CA VAL A 79 -2.58 16.90 3.93
C VAL A 79 -2.28 18.25 3.26
N SER A 80 -2.18 18.27 1.96
CA SER A 80 -1.88 19.56 1.26
C SER A 80 -2.94 20.60 1.63
N SER A 81 -4.18 20.17 1.76
CA SER A 81 -5.26 21.12 2.13
C SER A 81 -5.17 21.48 3.62
N ALA A 82 -4.28 20.85 4.34
CA ALA A 82 -4.15 21.15 5.79
C ALA A 82 -4.06 22.66 6.00
N THR A 83 -4.54 23.16 7.10
CA THR A 83 -4.48 24.63 7.36
C THR A 83 -3.13 24.97 7.99
N HIS A 84 -2.89 26.23 8.23
CA HIS A 84 -1.59 26.63 8.84
C HIS A 84 -1.85 27.42 10.13
N THR A 85 -0.81 27.82 10.81
CA THR A 85 -0.99 28.58 12.07
C THR A 85 -1.74 27.72 13.10
N SER A 86 -2.11 26.53 12.71
CA SER A 86 -2.83 25.64 13.66
C SER A 86 -2.01 24.38 13.92
N ASP A 87 -0.79 24.54 14.35
CA ASP A 87 0.07 23.35 14.61
C ASP A 87 -0.53 22.52 15.76
N ARG A 88 -0.63 21.23 15.58
CA ARG A 88 -1.21 20.38 16.65
C ARG A 88 -0.43 19.06 16.72
N THR A 89 -0.49 18.37 17.82
CA THR A 89 0.24 17.09 17.95
C THR A 89 -0.30 16.08 16.94
N LEU A 90 -1.56 16.18 16.61
CA LEU A 90 -2.15 15.23 15.62
C LEU A 90 -1.39 15.32 14.30
N HIS A 91 -1.16 16.51 13.81
CA HIS A 91 -0.39 16.65 12.55
C HIS A 91 1.01 16.08 12.76
N ALA A 92 1.62 16.42 13.87
CA ALA A 92 2.98 15.87 14.15
C ALA A 92 2.91 14.34 14.14
N LYS A 93 1.96 13.79 14.84
CA LYS A 93 1.81 12.31 14.86
C LYS A 93 1.45 11.82 13.46
N LEU A 94 0.55 12.50 12.79
CA LEU A 94 0.14 12.07 11.42
C LEU A 94 1.36 12.07 10.49
N SER A 95 2.14 13.12 10.51
CA SER A 95 3.34 13.17 9.63
C SER A 95 4.30 12.03 9.95
N ARG A 96 4.47 11.70 11.20
CA ARG A 96 5.40 10.60 11.56
C ARG A 96 4.92 9.28 10.95
N GLN A 97 3.64 8.99 11.06
CA GLN A 97 3.13 7.72 10.50
C GLN A 97 3.04 7.83 8.97
N LEU A 98 2.74 9.00 8.46
CA LEU A 98 2.63 9.17 6.98
C LEU A 98 4.01 8.97 6.35
N GLN A 99 5.00 9.64 6.86
CA GLN A 99 6.37 9.51 6.30
C GLN A 99 6.88 8.07 6.47
N LYS A 100 6.57 7.43 7.58
CA LYS A 100 7.02 6.02 7.74
C LYS A 100 6.35 5.17 6.67
N MET A 101 5.14 5.51 6.30
CA MET A 101 4.43 4.75 5.24
C MET A 101 5.14 5.00 3.91
N GLU A 102 5.57 6.20 3.70
CA GLU A 102 6.29 6.54 2.44
C GLU A 102 7.58 5.73 2.37
N ASP A 103 8.36 5.77 3.42
CA ASP A 103 9.63 5.01 3.44
C ASP A 103 9.33 3.51 3.39
N VAL A 104 8.35 3.07 4.12
CA VAL A 104 8.00 1.62 4.11
C VAL A 104 7.58 1.21 2.71
N TYR A 105 6.74 2.00 2.09
CA TYR A 105 6.26 1.66 0.72
C TYR A 105 7.44 1.68 -0.27
N GLN A 106 8.37 2.57 -0.08
CA GLN A 106 9.54 2.63 -1.01
C GLN A 106 10.37 1.34 -0.87
N THR A 107 10.39 0.76 0.31
CA THR A 107 11.17 -0.50 0.49
C THR A 107 10.55 -1.60 -0.37
N LEU A 108 9.25 -1.65 -0.46
CA LEU A 108 8.60 -2.69 -1.29
C LEU A 108 9.01 -2.53 -2.76
N VAL A 109 9.11 -1.31 -3.21
CA VAL A 109 9.49 -1.09 -4.64
C VAL A 109 10.88 -1.68 -4.92
N VAL A 110 11.82 -1.45 -4.04
CA VAL A 110 13.17 -2.05 -4.27
C VAL A 110 13.06 -3.55 -4.13
N HIS A 111 12.43 -4.01 -3.10
CA HIS A 111 12.27 -5.48 -2.93
C HIS A 111 11.52 -6.01 -4.15
N GLY A 112 10.55 -5.27 -4.61
CA GLY A 112 9.76 -5.71 -5.80
C GLY A 112 10.57 -5.54 -7.09
N GLN A 113 11.23 -4.44 -7.27
CA GLN A 113 12.02 -4.25 -8.53
C GLN A 113 13.01 -5.42 -8.67
N VAL A 114 13.57 -5.88 -7.57
CA VAL A 114 14.54 -7.01 -7.66
C VAL A 114 13.82 -8.26 -8.14
N LEU A 115 12.60 -8.46 -7.73
CA LEU A 115 11.84 -9.66 -8.17
C LEU A 115 11.79 -9.70 -9.69
N ASP A 116 11.73 -8.56 -10.32
CA ASP A 116 11.66 -8.52 -11.81
C ASP A 116 13.00 -8.99 -12.39
N SER A 117 13.00 -10.08 -13.11
CA SER A 117 14.27 -10.60 -13.69
C SER A 117 14.62 -9.78 -14.94
N GLY A 118 15.85 -9.85 -15.37
CA GLY A 118 16.25 -9.08 -16.58
C GLY A 118 17.79 -8.98 -16.64
N ARG A 119 18.32 -7.84 -16.30
CA ARG A 119 19.81 -7.69 -16.34
C ARG A 119 20.33 -7.46 -14.91
N GLY A 120 21.60 -7.65 -14.71
CA GLY A 120 22.18 -7.44 -13.35
C GLY A 120 22.31 -8.79 -12.63
N GLY A 121 21.94 -9.85 -13.30
CA GLY A 121 22.06 -11.19 -12.66
C GLY A 121 21.17 -11.25 -11.42
N PRO A 122 19.88 -11.29 -11.63
CA PRO A 122 18.88 -11.36 -10.52
C PRO A 122 19.21 -12.44 -9.50
N GLY A 123 18.81 -12.26 -8.27
CA GLY A 123 19.11 -13.29 -7.22
C GLY A 123 17.93 -13.40 -6.27
N PHE A 124 16.79 -13.81 -6.75
CA PHE A 124 15.60 -13.94 -5.86
C PHE A 124 14.89 -15.27 -6.13
N THR A 125 14.14 -15.76 -5.19
CA THR A 125 13.43 -17.06 -5.40
C THR A 125 12.20 -17.13 -4.49
N LEU A 126 11.68 -18.31 -4.27
CA LEU A 126 10.47 -18.45 -3.41
C LEU A 126 10.72 -17.79 -2.06
N ASP A 127 11.95 -17.69 -1.65
CA ASP A 127 12.25 -17.05 -0.35
C ASP A 127 11.91 -15.56 -0.41
N ASP A 128 12.33 -14.90 -1.46
CA ASP A 128 12.01 -13.45 -1.60
C ASP A 128 10.50 -13.24 -1.56
N LEU A 129 9.75 -14.17 -2.09
CA LEU A 129 8.26 -14.02 -2.09
C LEU A 129 7.75 -14.07 -0.65
N ASP A 130 8.35 -14.87 0.19
CA ASP A 130 7.90 -14.90 1.60
C ASP A 130 8.09 -13.51 2.18
N ARG A 131 9.15 -12.86 1.77
CA ARG A 131 9.41 -11.48 2.26
C ARG A 131 8.38 -10.52 1.64
N LEU A 132 8.08 -10.67 0.38
CA LEU A 132 7.08 -9.77 -0.25
C LEU A 132 5.70 -10.10 0.30
N VAL A 133 5.35 -11.37 0.34
CA VAL A 133 4.03 -11.73 0.90
C VAL A 133 3.97 -11.23 2.34
N ALA A 134 5.10 -11.21 3.01
CA ALA A 134 5.13 -10.71 4.41
C ALA A 134 4.94 -9.21 4.40
N CYS A 135 5.66 -8.52 3.55
CA CYS A 135 5.50 -7.04 3.47
C CYS A 135 4.10 -6.70 2.99
N SER A 136 3.57 -7.48 2.08
CA SER A 136 2.19 -7.20 1.57
C SER A 136 1.18 -7.16 2.73
N ARG A 137 1.39 -7.95 3.75
CA ARG A 137 0.45 -7.91 4.91
C ARG A 137 0.71 -6.65 5.75
N ALA A 138 1.92 -6.16 5.74
CA ALA A 138 2.25 -4.96 6.55
C ALA A 138 1.58 -3.69 5.98
N VAL A 139 1.61 -3.53 4.69
CA VAL A 139 1.01 -2.30 4.07
C VAL A 139 -0.48 -2.13 4.43
N PRO A 140 -1.31 -3.12 4.21
CA PRO A 140 -2.77 -3.03 4.54
C PRO A 140 -3.03 -2.82 6.04
N GLU A 141 -2.32 -3.51 6.88
CA GLU A 141 -2.52 -3.31 8.34
C GLU A 141 -2.15 -1.87 8.72
N ASP A 142 -1.06 -1.37 8.18
CA ASP A 142 -0.66 0.02 8.49
C ASP A 142 -1.59 1.00 7.79
N ALA A 143 -2.06 0.65 6.61
CA ALA A 143 -2.98 1.56 5.89
C ALA A 143 -4.22 1.81 6.75
N LYS A 144 -4.70 0.80 7.42
CA LYS A 144 -5.88 0.98 8.30
C LYS A 144 -5.53 1.92 9.46
N GLN A 145 -4.32 1.83 9.95
CA GLN A 145 -3.90 2.71 11.07
C GLN A 145 -3.89 4.16 10.59
N LEU A 146 -3.34 4.42 9.44
CA LEU A 146 -3.30 5.82 8.94
C LEU A 146 -4.73 6.32 8.83
N ALA A 147 -5.64 5.47 8.45
CA ALA A 147 -7.06 5.90 8.33
C ALA A 147 -7.53 6.48 9.67
N SER A 148 -7.10 5.88 10.75
CA SER A 148 -7.49 6.38 12.10
C SER A 148 -6.77 7.70 12.38
N PHE A 149 -5.51 7.78 12.08
CA PHE A 149 -4.76 9.05 12.35
C PHE A 149 -5.32 10.14 11.45
N LEU A 150 -5.61 9.81 10.22
CA LEU A 150 -6.18 10.83 9.29
C LEU A 150 -7.56 11.22 9.81
N HIS A 151 -8.29 10.27 10.35
CA HIS A 151 -9.65 10.57 10.86
C HIS A 151 -9.55 11.38 12.16
N GLY A 152 -8.57 11.09 12.98
CA GLY A 152 -8.45 11.84 14.26
C GLY A 152 -8.24 13.32 13.95
N ASN A 153 -7.67 13.62 12.82
CA ASN A 153 -7.40 15.03 12.46
C ASN A 153 -8.03 15.36 11.11
N ALA A 154 -8.82 14.46 10.58
CA ALA A 154 -9.47 14.72 9.26
C ALA A 154 -10.20 16.06 9.31
N SER A 155 -10.85 16.35 10.40
CA SER A 155 -11.59 17.64 10.50
C SER A 155 -10.67 18.79 10.06
N LEU A 156 -9.40 18.67 10.29
CA LEU A 156 -8.47 19.77 9.89
C LEU A 156 -7.97 19.57 8.46
N LEU A 157 -7.68 18.36 8.07
CA LEU A 157 -7.18 18.14 6.68
C LEU A 157 -8.22 18.73 5.71
N PHE A 158 -9.48 18.69 6.07
CA PHE A 158 -10.54 19.25 5.19
C PHE A 158 -11.22 20.43 5.90
N ARG A 159 -11.93 20.17 6.97
CA ARG A 159 -12.60 21.28 7.69
C ARG A 159 -13.65 21.94 6.78
N ARG A 160 -14.46 21.17 6.12
CA ARG A 160 -15.49 21.76 5.22
C ARG A 160 -14.83 22.79 4.30
N THR A 161 -15.60 23.45 3.49
CA THR A 161 -15.02 24.46 2.55
C THR A 161 -14.64 25.72 3.35
N LYS A 162 -15.12 25.85 4.56
CA LYS A 162 -14.80 27.04 5.37
C LYS A 162 -13.32 26.99 5.79
N ALA A 163 -12.61 28.07 5.63
CA ALA A 163 -11.17 28.08 6.01
C ALA A 163 -10.68 29.52 6.12
N GLY A 1 -3.46 31.65 -5.09
CA GLY A 1 -3.07 30.20 -5.30
C GLY A 1 -3.44 29.18 -4.27
N SER A 2 -4.71 28.92 -4.13
CA SER A 2 -5.15 27.92 -3.12
C SER A 2 -6.39 27.18 -3.64
N GLY A 3 -6.71 26.04 -3.07
CA GLY A 3 -7.89 25.28 -3.54
C GLY A 3 -9.12 25.70 -2.72
N ARG A 4 -9.92 26.57 -3.25
CA ARG A 4 -11.13 27.02 -2.51
C ARG A 4 -12.02 25.82 -2.21
N GLU A 5 -12.13 24.91 -3.14
CA GLU A 5 -12.99 23.70 -2.91
C GLU A 5 -12.22 22.46 -3.34
N PRO A 6 -11.38 21.94 -2.48
CA PRO A 6 -10.56 20.73 -2.77
C PRO A 6 -11.32 19.43 -2.46
N LEU A 7 -11.11 18.89 -1.30
CA LEU A 7 -11.81 17.62 -0.93
C LEU A 7 -12.69 17.84 0.30
N GLU A 8 -13.77 17.13 0.39
CA GLU A 8 -14.71 17.29 1.54
C GLU A 8 -14.50 16.11 2.48
N LEU A 9 -14.64 16.36 3.75
CA LEU A 9 -14.45 15.28 4.76
C LEU A 9 -15.34 14.09 4.39
N GLU A 10 -16.56 14.35 4.01
CA GLU A 10 -17.49 13.24 3.67
C GLU A 10 -16.97 12.49 2.45
N VAL A 11 -16.46 13.18 1.46
CA VAL A 11 -15.93 12.46 0.27
C VAL A 11 -14.61 11.83 0.66
N ALA A 12 -13.84 12.53 1.46
CA ALA A 12 -12.52 12.00 1.89
C ALA A 12 -12.70 10.62 2.52
N VAL A 13 -13.71 10.45 3.35
CA VAL A 13 -13.92 9.14 4.03
C VAL A 13 -14.45 8.09 3.04
N GLU A 14 -15.24 8.48 2.07
CA GLU A 14 -15.75 7.47 1.09
C GLU A 14 -14.61 7.05 0.15
N THR A 15 -13.95 8.01 -0.43
CA THR A 15 -12.85 7.69 -1.38
C THR A 15 -11.75 6.91 -0.65
N LEU A 16 -11.40 7.32 0.54
CA LEU A 16 -10.34 6.60 1.30
C LEU A 16 -10.86 5.20 1.65
N ALA A 17 -12.09 5.09 2.05
CA ALA A 17 -12.65 3.76 2.42
C ALA A 17 -12.55 2.82 1.22
N ARG A 18 -12.78 3.34 0.04
CA ARG A 18 -12.69 2.48 -1.17
C ARG A 18 -11.25 1.98 -1.33
N LEU A 19 -10.30 2.77 -0.94
CA LEU A 19 -8.87 2.36 -1.06
C LEU A 19 -8.58 1.20 -0.09
N GLN A 20 -9.12 1.25 1.09
CA GLN A 20 -8.86 0.15 2.08
C GLN A 20 -9.41 -1.18 1.54
N GLN A 21 -10.47 -1.14 0.78
CA GLN A 21 -11.02 -2.41 0.24
C GLN A 21 -10.14 -2.86 -0.93
N GLY A 22 -9.86 -1.95 -1.83
CA GLY A 22 -9.00 -2.31 -2.99
C GLY A 22 -7.64 -2.80 -2.48
N VAL A 23 -7.17 -2.24 -1.40
CA VAL A 23 -5.86 -2.68 -0.85
C VAL A 23 -6.03 -4.08 -0.26
N SER A 24 -7.04 -4.25 0.55
CA SER A 24 -7.28 -5.59 1.15
C SER A 24 -7.59 -6.58 0.02
N THR A 25 -8.37 -6.15 -0.93
CA THR A 25 -8.72 -7.03 -2.08
C THR A 25 -7.46 -7.43 -2.84
N THR A 26 -6.56 -6.50 -3.05
CA THR A 26 -5.30 -6.84 -3.78
C THR A 26 -4.49 -7.88 -3.00
N VAL A 27 -4.54 -7.85 -1.70
CA VAL A 27 -3.76 -8.85 -0.91
C VAL A 27 -4.29 -10.25 -1.21
N ALA A 28 -5.57 -10.40 -1.38
CA ALA A 28 -6.13 -11.74 -1.69
C ALA A 28 -5.47 -12.25 -2.97
N HIS A 29 -5.36 -11.39 -3.95
CA HIS A 29 -4.73 -11.79 -5.23
C HIS A 29 -3.29 -12.28 -4.97
N LEU A 30 -2.53 -11.53 -4.24
CA LEU A 30 -1.13 -11.95 -3.96
C LEU A 30 -1.13 -13.32 -3.31
N LEU A 31 -1.95 -13.52 -2.31
CA LEU A 31 -2.02 -14.85 -1.63
C LEU A 31 -2.62 -15.87 -2.60
N ASP A 32 -3.55 -15.46 -3.41
CA ASP A 32 -4.17 -16.41 -4.38
C ASP A 32 -3.08 -16.97 -5.28
N LEU A 33 -2.15 -16.15 -5.68
CA LEU A 33 -1.04 -16.63 -6.57
C LEU A 33 -0.22 -17.68 -5.82
N VAL A 34 0.08 -17.43 -4.57
CA VAL A 34 0.89 -18.41 -3.80
C VAL A 34 0.07 -19.69 -3.59
N GLY A 35 -1.20 -19.55 -3.31
CA GLY A 35 -2.05 -20.76 -3.10
C GLY A 35 -1.33 -21.73 -2.16
N SER A 36 -0.49 -21.22 -1.30
CA SER A 36 0.24 -22.12 -0.36
C SER A 36 1.05 -23.14 -1.16
N ALA A 37 1.83 -22.69 -2.10
CA ALA A 37 2.65 -23.63 -2.91
C ALA A 37 3.57 -24.43 -1.99
N SER A 38 4.15 -23.79 -1.01
CA SER A 38 5.05 -24.51 -0.08
C SER A 38 5.99 -25.42 -0.88
N GLY A 39 7.13 -24.93 -1.27
CA GLY A 39 8.08 -25.76 -2.06
C GLY A 39 8.89 -26.65 -1.11
N PRO A 40 9.85 -27.35 -1.63
CA PRO A 40 10.72 -28.26 -0.83
C PRO A 40 11.37 -27.54 0.35
N GLY A 41 11.61 -28.24 1.43
CA GLY A 41 12.25 -27.59 2.61
C GLY A 41 13.74 -27.41 2.35
N GLY A 42 14.56 -27.77 3.29
CA GLY A 42 16.04 -27.61 3.10
C GLY A 42 16.47 -28.32 1.82
N TRP A 43 15.85 -29.43 1.51
CA TRP A 43 16.21 -30.17 0.28
C TRP A 43 15.77 -29.37 -0.95
N ARG A 44 16.45 -29.54 -2.06
CA ARG A 44 16.07 -28.79 -3.28
C ARG A 44 16.18 -29.71 -4.51
N SER A 45 15.22 -29.65 -5.40
CA SER A 45 15.28 -30.52 -6.60
C SER A 45 14.58 -29.82 -7.77
N THR A 46 14.91 -30.18 -8.97
CA THR A 46 14.25 -29.53 -10.15
C THR A 46 12.97 -30.30 -10.50
N SER A 47 11.86 -29.63 -10.48
CA SER A 47 10.57 -30.32 -10.81
C SER A 47 9.40 -29.45 -10.34
N GLU A 48 8.28 -29.56 -11.01
CA GLU A 48 7.09 -28.75 -10.60
C GLU A 48 7.51 -27.29 -10.40
N PRO A 49 7.73 -26.58 -11.47
CA PRO A 49 8.13 -25.15 -11.42
C PRO A 49 7.27 -24.33 -10.46
N GLN A 50 7.84 -23.35 -9.82
CA GLN A 50 7.04 -22.52 -8.87
C GLN A 50 6.52 -21.28 -9.60
N GLU A 51 5.22 -21.11 -9.63
CA GLU A 51 4.65 -19.92 -10.31
C GLU A 51 5.28 -19.77 -11.70
N PRO A 52 4.97 -20.66 -12.60
CA PRO A 52 5.53 -20.62 -13.98
C PRO A 52 5.27 -19.28 -14.70
N PRO A 53 4.08 -18.73 -14.61
CA PRO A 53 3.76 -17.44 -15.28
C PRO A 53 4.16 -16.24 -14.42
N VAL A 54 5.34 -15.72 -14.62
CA VAL A 54 5.79 -14.55 -13.82
C VAL A 54 4.86 -13.36 -14.05
N GLN A 55 4.34 -13.21 -15.24
CA GLN A 55 3.43 -12.07 -15.52
C GLN A 55 2.25 -12.11 -14.55
N ASP A 56 1.78 -13.30 -14.24
CA ASP A 56 0.64 -13.42 -13.29
C ASP A 56 1.05 -12.86 -11.93
N LEU A 57 2.23 -13.15 -11.49
CA LEU A 57 2.70 -12.63 -10.17
C LEU A 57 2.93 -11.12 -10.29
N LYS A 58 3.55 -10.69 -11.36
CA LYS A 58 3.80 -9.24 -11.54
C LYS A 58 2.49 -8.47 -11.52
N ALA A 59 1.44 -9.04 -12.03
CA ALA A 59 0.12 -8.34 -12.03
C ALA A 59 -0.45 -8.28 -10.61
N ALA A 60 -0.31 -9.33 -9.86
CA ALA A 60 -0.86 -9.34 -8.48
C ALA A 60 -0.04 -8.41 -7.57
N VAL A 61 1.26 -8.50 -7.61
CA VAL A 61 2.09 -7.62 -6.75
C VAL A 61 1.94 -6.17 -7.19
N ALA A 62 1.86 -5.93 -8.47
CA ALA A 62 1.70 -4.53 -8.97
C ALA A 62 0.33 -3.99 -8.58
N ALA A 63 -0.64 -4.85 -8.40
CA ALA A 63 -2.00 -4.36 -8.03
C ALA A 63 -1.99 -3.79 -6.61
N VAL A 64 -1.47 -4.54 -5.66
CA VAL A 64 -1.44 -4.03 -4.26
C VAL A 64 -0.57 -2.78 -4.20
N HIS A 65 0.56 -2.79 -4.85
CA HIS A 65 1.45 -1.59 -4.85
C HIS A 65 0.69 -0.42 -5.47
N GLY A 66 -0.01 -0.66 -6.55
CA GLY A 66 -0.75 0.43 -7.22
C GLY A 66 -1.81 1.00 -6.27
N ALA A 67 -2.48 0.17 -5.53
CA ALA A 67 -3.52 0.70 -4.60
C ALA A 67 -2.85 1.50 -3.48
N VAL A 68 -1.66 1.10 -3.08
CA VAL A 68 -0.96 1.85 -1.99
C VAL A 68 -0.64 3.26 -2.46
N HIS A 69 -0.12 3.39 -3.65
CA HIS A 69 0.19 4.74 -4.18
C HIS A 69 -1.06 5.60 -4.09
N GLU A 70 -2.20 5.03 -4.33
CA GLU A 70 -3.46 5.82 -4.23
C GLU A 70 -3.61 6.29 -2.79
N LEU A 71 -3.14 5.49 -1.86
CA LEU A 71 -3.22 5.89 -0.44
C LEU A 71 -2.24 7.03 -0.22
N LEU A 72 -1.07 6.89 -0.78
CA LEU A 72 -0.06 7.98 -0.65
C LEU A 72 -0.63 9.24 -1.32
N GLU A 73 -1.27 9.07 -2.45
CA GLU A 73 -1.89 10.23 -3.16
C GLU A 73 -3.12 10.72 -2.38
N PHE A 74 -3.95 9.82 -1.93
CA PHE A 74 -5.17 10.25 -1.17
C PHE A 74 -4.73 10.92 0.12
N ALA A 75 -3.83 10.29 0.83
CA ALA A 75 -3.33 10.89 2.10
C ALA A 75 -2.62 12.19 1.76
N ARG A 76 -1.86 12.19 0.69
CA ARG A 76 -1.13 13.42 0.30
C ARG A 76 -2.14 14.53 -0.02
N SER A 77 -3.20 14.21 -0.71
CA SER A 77 -4.21 15.25 -1.06
C SER A 77 -4.85 15.76 0.23
N ALA A 78 -5.12 14.89 1.16
CA ALA A 78 -5.76 15.33 2.43
C ALA A 78 -4.90 16.40 3.10
N VAL A 79 -3.62 16.16 3.21
CA VAL A 79 -2.73 17.16 3.87
C VAL A 79 -2.55 18.37 2.94
N SER A 80 -2.51 18.14 1.65
CA SER A 80 -2.34 19.28 0.70
C SER A 80 -3.39 20.35 1.00
N SER A 81 -4.55 19.96 1.46
CA SER A 81 -5.61 20.96 1.77
C SER A 81 -5.35 21.54 3.16
N ALA A 82 -4.26 21.16 3.77
CA ALA A 82 -3.95 21.68 5.13
C ALA A 82 -3.84 23.20 5.09
N THR A 83 -2.65 23.72 4.99
CA THR A 83 -2.47 25.19 4.94
C THR A 83 -3.31 25.84 6.04
N HIS A 84 -3.49 25.15 7.14
CA HIS A 84 -4.30 25.72 8.25
C HIS A 84 -3.37 26.37 9.28
N THR A 85 -2.12 26.49 8.96
CA THR A 85 -1.16 27.11 9.92
C THR A 85 -1.36 26.49 11.31
N SER A 86 -0.80 27.10 12.32
CA SER A 86 -0.95 26.55 13.69
C SER A 86 -0.71 25.04 13.67
N ASP A 87 0.52 24.63 13.81
CA ASP A 87 0.83 23.17 13.80
C ASP A 87 0.21 22.50 15.04
N ARG A 88 -0.32 21.32 14.89
CA ARG A 88 -0.93 20.63 16.05
C ARG A 88 -0.34 19.22 16.17
N THR A 89 -0.60 18.54 17.25
CA THR A 89 -0.05 17.17 17.42
C THR A 89 -0.56 16.26 16.30
N LEU A 90 -1.78 16.47 15.87
CA LEU A 90 -2.34 15.62 14.78
C LEU A 90 -1.45 15.72 13.55
N HIS A 91 -1.09 16.90 13.15
CA HIS A 91 -0.19 17.04 11.98
C HIS A 91 1.11 16.29 12.27
N ALA A 92 1.63 16.44 13.46
CA ALA A 92 2.87 15.71 13.83
C ALA A 92 2.59 14.20 13.84
N LYS A 93 1.54 13.80 14.50
CA LYS A 93 1.18 12.35 14.53
C LYS A 93 0.89 11.87 13.10
N LEU A 94 0.14 12.64 12.36
CA LEU A 94 -0.20 12.25 10.96
C LEU A 94 1.06 12.37 10.08
N SER A 95 1.76 13.47 10.20
CA SER A 95 2.99 13.65 9.37
C SER A 95 3.97 12.50 9.65
N ARG A 96 4.13 12.13 10.89
CA ARG A 96 5.08 11.03 11.23
C ARG A 96 4.67 9.75 10.48
N GLN A 97 3.41 9.42 10.49
CA GLN A 97 2.97 8.18 9.79
C GLN A 97 3.07 8.36 8.27
N LEU A 98 2.84 9.55 7.79
CA LEU A 98 2.91 9.78 6.32
C LEU A 98 4.35 9.58 5.83
N GLN A 99 5.30 10.16 6.49
CA GLN A 99 6.71 9.99 6.06
C GLN A 99 7.13 8.54 6.30
N LYS A 100 6.68 7.95 7.37
CA LYS A 100 7.03 6.54 7.62
C LYS A 100 6.37 5.68 6.54
N MET A 101 5.19 6.07 6.13
CA MET A 101 4.48 5.31 5.07
C MET A 101 5.26 5.48 3.77
N GLU A 102 5.79 6.64 3.57
CA GLU A 102 6.58 6.92 2.34
C GLU A 102 7.81 6.01 2.32
N ASP A 103 8.57 6.03 3.38
CA ASP A 103 9.78 5.19 3.46
C ASP A 103 9.38 3.72 3.50
N VAL A 104 8.39 3.38 4.28
CA VAL A 104 7.95 1.96 4.36
C VAL A 104 7.48 1.47 2.99
N TYR A 105 6.69 2.25 2.30
CA TYR A 105 6.18 1.80 0.98
C TYR A 105 7.31 1.77 -0.05
N GLN A 106 8.25 2.68 0.00
CA GLN A 106 9.36 2.67 -0.99
C GLN A 106 10.31 1.51 -0.71
N THR A 107 10.53 1.18 0.54
CA THR A 107 11.45 0.05 0.85
C THR A 107 10.87 -1.24 0.26
N LEU A 108 9.59 -1.45 0.40
CA LEU A 108 8.97 -2.70 -0.15
C LEU A 108 8.99 -2.65 -1.68
N VAL A 109 8.79 -1.49 -2.26
CA VAL A 109 8.80 -1.39 -3.74
C VAL A 109 10.16 -1.83 -4.28
N VAL A 110 11.23 -1.39 -3.68
CA VAL A 110 12.58 -1.81 -4.15
C VAL A 110 12.74 -3.30 -3.89
N HIS A 111 12.35 -3.75 -2.72
CA HIS A 111 12.46 -5.20 -2.43
C HIS A 111 11.50 -5.94 -3.36
N GLY A 112 10.37 -5.33 -3.63
CA GLY A 112 9.39 -5.97 -4.54
C GLY A 112 9.89 -5.87 -5.98
N GLN A 113 10.40 -4.73 -6.37
CA GLN A 113 10.91 -4.58 -7.77
C GLN A 113 11.94 -5.66 -8.05
N VAL A 114 12.67 -6.09 -7.06
CA VAL A 114 13.70 -7.14 -7.28
C VAL A 114 13.04 -8.45 -7.72
N LEU A 115 11.89 -8.76 -7.18
CA LEU A 115 11.20 -10.02 -7.57
C LEU A 115 11.11 -10.11 -9.09
N ASP A 116 11.13 -9.00 -9.76
CA ASP A 116 11.04 -9.01 -11.25
C ASP A 116 12.40 -9.38 -11.84
N SER A 117 12.49 -10.48 -12.54
CA SER A 117 13.80 -10.89 -13.13
C SER A 117 14.23 -9.83 -14.15
N GLY A 118 15.51 -9.73 -14.40
CA GLY A 118 16.00 -8.73 -15.39
C GLY A 118 17.27 -9.25 -16.07
N ARG A 119 17.83 -8.49 -16.96
CA ARG A 119 19.07 -8.94 -17.66
C ARG A 119 20.27 -8.78 -16.72
N GLY A 120 20.07 -8.17 -15.59
CA GLY A 120 21.20 -7.98 -14.63
C GLY A 120 21.81 -9.34 -14.29
N GLY A 121 20.99 -10.33 -14.07
CA GLY A 121 21.52 -11.68 -13.73
C GLY A 121 20.85 -12.18 -12.45
N PRO A 122 20.85 -11.38 -11.42
CA PRO A 122 20.23 -11.74 -10.11
C PRO A 122 18.75 -12.09 -10.25
N GLY A 123 18.24 -12.91 -9.35
CA GLY A 123 16.80 -13.27 -9.44
C GLY A 123 16.24 -13.48 -8.03
N PHE A 124 15.13 -14.16 -7.91
CA PHE A 124 14.53 -14.38 -6.57
C PHE A 124 14.12 -15.85 -6.43
N THR A 125 13.88 -16.30 -5.23
CA THR A 125 13.49 -17.73 -5.03
C THR A 125 12.30 -17.82 -4.07
N LEU A 126 11.90 -19.01 -3.73
CA LEU A 126 10.75 -19.19 -2.81
C LEU A 126 10.98 -18.38 -1.53
N ASP A 127 12.21 -18.11 -1.21
CA ASP A 127 12.49 -17.33 0.03
C ASP A 127 11.95 -15.92 -0.14
N ASP A 128 12.18 -15.32 -1.28
CA ASP A 128 11.67 -13.95 -1.52
C ASP A 128 10.15 -13.93 -1.36
N LEU A 129 9.50 -14.99 -1.76
CA LEU A 129 8.01 -15.03 -1.63
C LEU A 129 7.64 -14.89 -0.15
N ASP A 130 8.35 -15.56 0.72
CA ASP A 130 8.04 -15.40 2.17
C ASP A 130 8.23 -13.94 2.52
N ARG A 131 9.21 -13.31 1.91
CA ARG A 131 9.46 -11.87 2.18
C ARG A 131 8.39 -11.03 1.49
N LEU A 132 7.97 -11.41 0.31
CA LEU A 132 6.91 -10.62 -0.37
C LEU A 132 5.60 -10.78 0.41
N VAL A 133 5.22 -11.99 0.71
CA VAL A 133 3.98 -12.19 1.51
C VAL A 133 4.12 -11.37 2.78
N ALA A 134 5.32 -11.21 3.26
CA ALA A 134 5.54 -10.41 4.49
C ALA A 134 5.24 -8.95 4.17
N CYS A 135 5.66 -8.50 3.01
CA CYS A 135 5.38 -7.09 2.63
C CYS A 135 3.88 -6.90 2.47
N SER A 136 3.21 -7.85 1.88
CA SER A 136 1.74 -7.73 1.69
C SER A 136 1.04 -7.53 3.03
N ARG A 137 1.57 -8.10 4.09
CA ARG A 137 0.92 -7.92 5.42
C ARG A 137 1.24 -6.52 5.96
N ALA A 138 2.39 -5.99 5.64
CA ALA A 138 2.77 -4.65 6.16
C ALA A 138 1.90 -3.54 5.53
N VAL A 139 1.76 -3.54 4.24
CA VAL A 139 0.98 -2.44 3.57
C VAL A 139 -0.44 -2.29 4.12
N PRO A 140 -1.21 -3.35 4.19
CA PRO A 140 -2.62 -3.26 4.69
C PRO A 140 -2.70 -2.89 6.18
N GLU A 141 -1.85 -3.46 6.98
CA GLU A 141 -1.88 -3.12 8.43
C GLU A 141 -1.53 -1.64 8.61
N ASP A 142 -0.53 -1.18 7.92
CA ASP A 142 -0.12 0.26 8.03
C ASP A 142 -1.13 1.17 7.32
N ALA A 143 -1.65 0.75 6.20
CA ALA A 143 -2.62 1.61 5.48
C ALA A 143 -3.84 1.85 6.37
N LYS A 144 -4.30 0.83 7.05
CA LYS A 144 -5.49 1.01 7.93
C LYS A 144 -5.11 1.95 9.08
N GLN A 145 -3.92 1.83 9.59
CA GLN A 145 -3.49 2.72 10.70
C GLN A 145 -3.57 4.18 10.24
N LEU A 146 -3.07 4.46 9.07
CA LEU A 146 -3.13 5.85 8.55
C LEU A 146 -4.60 6.28 8.49
N ALA A 147 -5.48 5.38 8.14
CA ALA A 147 -6.93 5.73 8.06
C ALA A 147 -7.42 6.14 9.45
N SER A 148 -6.91 5.50 10.47
CA SER A 148 -7.35 5.84 11.86
C SER A 148 -6.84 7.24 12.24
N PHE A 149 -5.61 7.55 11.93
CA PHE A 149 -5.07 8.90 12.26
C PHE A 149 -5.84 9.95 11.48
N LEU A 150 -6.21 9.65 10.27
CA LEU A 150 -7.00 10.62 9.45
C LEU A 150 -8.32 10.92 10.16
N HIS A 151 -8.91 9.92 10.77
CA HIS A 151 -10.20 10.13 11.48
C HIS A 151 -10.03 11.14 12.62
N GLY A 152 -8.98 11.00 13.40
CA GLY A 152 -8.77 11.96 14.53
C GLY A 152 -8.40 13.35 13.99
N ASN A 153 -7.92 13.43 12.77
CA ASN A 153 -7.55 14.76 12.21
C ASN A 153 -8.51 15.15 11.08
N ALA A 154 -9.49 14.34 10.81
CA ALA A 154 -10.45 14.67 9.72
C ALA A 154 -11.11 16.01 10.01
N SER A 155 -11.14 16.42 11.25
CA SER A 155 -11.79 17.72 11.58
C SER A 155 -10.97 18.84 10.97
N LEU A 156 -9.67 18.79 11.16
CA LEU A 156 -8.80 19.88 10.64
C LEU A 156 -8.10 19.43 9.35
N LEU A 157 -8.01 18.14 9.12
CA LEU A 157 -7.33 17.68 7.88
C LEU A 157 -8.13 18.13 6.67
N PHE A 158 -9.42 18.30 6.84
CA PHE A 158 -10.28 18.77 5.71
C PHE A 158 -10.99 20.06 6.11
N ARG A 159 -11.98 19.97 6.96
CA ARG A 159 -12.72 21.19 7.37
C ARG A 159 -12.06 21.78 8.62
N ARG A 160 -12.78 21.85 9.71
CA ARG A 160 -12.20 22.42 10.96
C ARG A 160 -13.15 22.18 12.12
N THR A 161 -14.43 22.05 11.84
CA THR A 161 -15.40 21.82 12.94
C THR A 161 -15.47 20.31 13.25
N LYS A 162 -16.00 19.97 14.39
CA LYS A 162 -16.08 18.52 14.76
C LYS A 162 -17.16 17.84 13.91
N ALA A 163 -17.18 16.54 13.89
CA ALA A 163 -18.21 15.82 13.08
C ALA A 163 -19.59 16.45 13.33
N GLY A 1 -3.35 28.84 -4.11
CA GLY A 1 -4.83 28.43 -4.15
C GLY A 1 -5.85 29.32 -3.56
N SER A 2 -6.38 30.23 -4.33
CA SER A 2 -7.41 31.16 -3.79
C SER A 2 -8.61 30.34 -3.30
N GLY A 3 -8.91 29.25 -3.95
CA GLY A 3 -10.07 28.42 -3.52
C GLY A 3 -9.81 27.87 -2.12
N ARG A 4 -10.69 28.11 -1.20
CA ARG A 4 -10.49 27.59 0.19
C ARG A 4 -11.27 26.29 0.36
N GLU A 5 -11.87 25.80 -0.69
CA GLU A 5 -12.65 24.53 -0.60
C GLU A 5 -12.02 23.47 -1.51
N PRO A 6 -11.05 22.72 -1.03
CA PRO A 6 -10.39 21.66 -1.84
C PRO A 6 -11.17 20.35 -1.86
N LEU A 7 -11.27 19.72 -0.72
CA LEU A 7 -12.01 18.43 -0.64
C LEU A 7 -12.90 18.44 0.60
N GLU A 8 -13.91 17.61 0.63
CA GLU A 8 -14.81 17.56 1.82
C GLU A 8 -14.48 16.31 2.64
N LEU A 9 -14.64 16.40 3.94
CA LEU A 9 -14.34 15.23 4.81
C LEU A 9 -15.16 14.02 4.34
N GLU A 10 -16.40 14.24 3.97
CA GLU A 10 -17.27 13.10 3.54
C GLU A 10 -16.75 12.52 2.21
N VAL A 11 -16.37 13.35 1.27
CA VAL A 11 -15.87 12.80 -0.01
C VAL A 11 -14.51 12.15 0.27
N ALA A 12 -13.66 12.86 0.95
CA ALA A 12 -12.33 12.28 1.29
C ALA A 12 -12.54 10.96 2.03
N VAL A 13 -13.51 10.92 2.91
CA VAL A 13 -13.81 9.67 3.66
C VAL A 13 -14.41 8.63 2.71
N GLU A 14 -15.20 9.05 1.75
CA GLU A 14 -15.78 8.07 0.79
C GLU A 14 -14.68 7.59 -0.14
N THR A 15 -13.94 8.51 -0.69
CA THR A 15 -12.83 8.15 -1.60
C THR A 15 -11.79 7.30 -0.86
N LEU A 16 -11.42 7.69 0.32
CA LEU A 16 -10.41 6.90 1.09
C LEU A 16 -10.99 5.53 1.45
N ALA A 17 -12.28 5.44 1.58
CA ALA A 17 -12.89 4.13 1.95
C ALA A 17 -12.73 3.17 0.78
N ARG A 18 -12.87 3.64 -0.42
CA ARG A 18 -12.74 2.75 -1.60
C ARG A 18 -11.30 2.25 -1.70
N LEU A 19 -10.34 3.03 -1.29
CA LEU A 19 -8.93 2.60 -1.39
C LEU A 19 -8.66 1.51 -0.33
N GLN A 20 -9.18 1.69 0.85
CA GLN A 20 -8.95 0.70 1.95
C GLN A 20 -9.48 -0.68 1.54
N GLN A 21 -10.58 -0.75 0.83
CA GLN A 21 -11.12 -2.08 0.42
C GLN A 21 -10.31 -2.59 -0.77
N GLY A 22 -10.04 -1.74 -1.71
CA GLY A 22 -9.25 -2.17 -2.90
C GLY A 22 -7.87 -2.62 -2.43
N VAL A 23 -7.36 -2.01 -1.38
CA VAL A 23 -6.02 -2.41 -0.88
C VAL A 23 -6.12 -3.79 -0.22
N SER A 24 -7.08 -3.98 0.64
CA SER A 24 -7.24 -5.30 1.29
C SER A 24 -7.64 -6.33 0.23
N THR A 25 -8.46 -5.93 -0.69
CA THR A 25 -8.91 -6.86 -1.78
C THR A 25 -7.70 -7.31 -2.60
N THR A 26 -6.82 -6.40 -2.92
CA THR A 26 -5.63 -6.79 -3.73
C THR A 26 -4.74 -7.74 -2.92
N VAL A 27 -4.69 -7.57 -1.63
CA VAL A 27 -3.85 -8.46 -0.79
C VAL A 27 -4.35 -9.89 -0.93
N ALA A 28 -5.64 -10.08 -1.01
CA ALA A 28 -6.18 -11.46 -1.16
C ALA A 28 -5.62 -12.05 -2.45
N HIS A 29 -5.52 -11.23 -3.47
CA HIS A 29 -4.97 -11.72 -4.77
C HIS A 29 -3.58 -12.30 -4.55
N LEU A 30 -2.73 -11.57 -3.89
CA LEU A 30 -1.36 -12.08 -3.63
C LEU A 30 -1.45 -13.39 -2.85
N LEU A 31 -2.21 -13.41 -1.79
CA LEU A 31 -2.35 -14.67 -1.00
C LEU A 31 -3.07 -15.72 -1.84
N ASP A 32 -4.03 -15.31 -2.63
CA ASP A 32 -4.76 -16.28 -3.49
C ASP A 32 -3.76 -16.98 -4.42
N LEU A 33 -2.82 -16.24 -4.94
CA LEU A 33 -1.83 -16.85 -5.87
C LEU A 33 -1.03 -17.92 -5.11
N VAL A 34 -0.71 -17.67 -3.87
CA VAL A 34 0.06 -18.67 -3.08
C VAL A 34 -0.67 -20.01 -3.09
N GLY A 35 -1.96 -19.99 -2.96
CA GLY A 35 -2.73 -21.27 -2.96
C GLY A 35 -2.45 -22.04 -4.26
N SER A 36 -2.35 -21.34 -5.35
CA SER A 36 -2.08 -22.02 -6.65
C SER A 36 -0.67 -22.63 -6.62
N ALA A 37 0.21 -22.06 -5.84
CA ALA A 37 1.59 -22.60 -5.78
C ALA A 37 1.55 -24.03 -5.20
N SER A 38 0.56 -24.33 -4.41
CA SER A 38 0.47 -25.70 -3.83
C SER A 38 1.80 -26.06 -3.17
N GLY A 39 1.91 -25.87 -1.88
CA GLY A 39 3.18 -26.20 -1.18
C GLY A 39 3.50 -27.69 -1.38
N PRO A 40 4.71 -28.08 -1.07
CA PRO A 40 5.15 -29.50 -1.20
C PRO A 40 4.36 -30.44 -0.29
N GLY A 41 3.79 -29.92 0.76
CA GLY A 41 3.01 -30.79 1.68
C GLY A 41 3.81 -32.05 2.01
N GLY A 42 3.21 -32.99 2.69
CA GLY A 42 3.93 -34.25 3.03
C GLY A 42 4.49 -34.89 1.76
N TRP A 43 3.76 -34.81 0.69
CA TRP A 43 4.24 -35.42 -0.59
C TRP A 43 3.74 -34.60 -1.77
N ARG A 44 4.23 -34.87 -2.96
CA ARG A 44 3.77 -34.10 -4.14
C ARG A 44 3.78 -35.01 -5.38
N SER A 45 2.96 -34.72 -6.34
CA SER A 45 2.90 -35.57 -7.56
C SER A 45 4.16 -35.32 -8.41
N THR A 46 4.21 -34.20 -9.08
CA THR A 46 5.41 -33.90 -9.92
C THR A 46 5.71 -32.39 -9.86
N SER A 47 6.89 -32.01 -10.24
CA SER A 47 7.25 -30.56 -10.20
C SER A 47 7.14 -29.96 -11.61
N GLU A 48 6.71 -28.74 -11.72
CA GLU A 48 6.59 -28.09 -13.07
C GLU A 48 7.22 -26.70 -13.02
N PRO A 49 7.57 -26.16 -14.17
CA PRO A 49 8.20 -24.81 -14.26
C PRO A 49 7.51 -23.79 -13.35
N GLN A 50 8.25 -22.90 -12.75
CA GLN A 50 7.64 -21.89 -11.85
C GLN A 50 8.32 -20.53 -12.07
N GLU A 51 8.97 -20.36 -13.19
CA GLU A 51 9.65 -19.07 -13.46
C GLU A 51 8.79 -18.20 -14.38
N PRO A 52 8.25 -18.76 -15.43
CA PRO A 52 7.41 -18.02 -16.41
C PRO A 52 6.23 -17.29 -15.73
N PRO A 53 5.59 -17.93 -14.78
CA PRO A 53 4.44 -17.31 -14.05
C PRO A 53 4.82 -15.95 -13.46
N VAL A 54 5.97 -15.44 -13.80
CA VAL A 54 6.39 -14.12 -13.25
C VAL A 54 5.36 -13.05 -13.63
N GLN A 55 4.87 -13.08 -14.84
CA GLN A 55 3.87 -12.06 -15.26
C GLN A 55 2.65 -12.14 -14.34
N ASP A 56 2.18 -13.32 -14.06
CA ASP A 56 1.01 -13.47 -13.15
C ASP A 56 1.36 -12.86 -11.79
N LEU A 57 2.56 -13.03 -11.35
CA LEU A 57 2.97 -12.45 -10.03
C LEU A 57 3.16 -10.94 -10.19
N LYS A 58 3.76 -10.52 -11.27
CA LYS A 58 3.97 -9.07 -11.48
C LYS A 58 2.62 -8.36 -11.61
N ALA A 59 1.63 -9.03 -12.15
CA ALA A 59 0.29 -8.40 -12.31
C ALA A 59 -0.38 -8.26 -10.93
N ALA A 60 -0.36 -9.29 -10.14
CA ALA A 60 -1.01 -9.22 -8.80
C ALA A 60 -0.23 -8.27 -7.89
N VAL A 61 1.06 -8.42 -7.82
CA VAL A 61 1.87 -7.52 -6.94
C VAL A 61 1.71 -6.07 -7.38
N ALA A 62 1.60 -5.83 -8.67
CA ALA A 62 1.42 -4.43 -9.15
C ALA A 62 0.03 -3.91 -8.76
N ALA A 63 -0.93 -4.79 -8.64
CA ALA A 63 -2.30 -4.34 -8.27
C ALA A 63 -2.32 -3.82 -6.83
N VAL A 64 -1.83 -4.59 -5.88
CA VAL A 64 -1.83 -4.10 -4.47
C VAL A 64 -0.94 -2.87 -4.35
N HIS A 65 0.22 -2.88 -4.97
CA HIS A 65 1.12 -1.71 -4.90
C HIS A 65 0.40 -0.50 -5.49
N GLY A 66 -0.19 -0.66 -6.64
CA GLY A 66 -0.90 0.48 -7.29
C GLY A 66 -1.98 0.99 -6.35
N ALA A 67 -2.69 0.10 -5.70
CA ALA A 67 -3.78 0.54 -4.79
C ALA A 67 -3.18 1.24 -3.58
N VAL A 68 -2.03 0.82 -3.12
CA VAL A 68 -1.44 1.49 -1.93
C VAL A 68 -1.03 2.90 -2.31
N HIS A 69 -0.40 3.06 -3.45
CA HIS A 69 0.01 4.41 -3.90
C HIS A 69 -1.19 5.36 -3.88
N GLU A 70 -2.36 4.87 -4.22
CA GLU A 70 -3.56 5.74 -4.17
C GLU A 70 -3.82 6.14 -2.71
N LEU A 71 -3.51 5.26 -1.80
CA LEU A 71 -3.70 5.59 -0.36
C LEU A 71 -2.72 6.72 -0.03
N LEU A 72 -1.51 6.58 -0.51
CA LEU A 72 -0.46 7.60 -0.29
C LEU A 72 -0.89 8.93 -0.93
N GLU A 73 -1.39 8.89 -2.14
CA GLU A 73 -1.83 10.15 -2.82
C GLU A 73 -3.13 10.68 -2.19
N PHE A 74 -4.10 9.83 -1.96
CA PHE A 74 -5.37 10.32 -1.36
C PHE A 74 -5.10 10.90 0.04
N ALA A 75 -4.36 10.20 0.86
CA ALA A 75 -4.04 10.73 2.22
C ALA A 75 -3.17 11.99 2.08
N ARG A 76 -2.27 11.99 1.14
CA ARG A 76 -1.40 13.19 0.96
C ARG A 76 -2.25 14.36 0.46
N SER A 77 -3.19 14.09 -0.42
CA SER A 77 -4.03 15.18 -0.95
C SER A 77 -4.73 15.85 0.24
N ALA A 78 -5.22 15.08 1.17
CA ALA A 78 -5.90 15.67 2.36
C ALA A 78 -4.94 16.57 3.12
N VAL A 79 -3.68 16.20 3.17
CA VAL A 79 -2.70 17.04 3.90
C VAL A 79 -2.55 18.40 3.22
N SER A 80 -2.63 18.42 1.91
CA SER A 80 -2.49 19.70 1.18
C SER A 80 -3.58 20.68 1.64
N SER A 81 -4.73 20.17 1.97
CA SER A 81 -5.83 21.08 2.43
C SER A 81 -5.43 21.70 3.77
N ALA A 82 -4.58 21.05 4.51
CA ALA A 82 -4.16 21.60 5.83
C ALA A 82 -3.16 22.74 5.61
N THR A 83 -3.39 23.87 6.23
CA THR A 83 -2.47 25.02 6.06
C THR A 83 -2.91 26.18 6.95
N HIS A 84 -4.02 26.03 7.61
CA HIS A 84 -4.52 27.13 8.49
C HIS A 84 -4.27 26.76 9.95
N THR A 85 -4.40 27.70 10.85
CA THR A 85 -4.17 27.40 12.29
C THR A 85 -2.76 26.86 12.47
N SER A 86 -2.28 26.82 13.68
CA SER A 86 -0.90 26.30 13.93
C SER A 86 -0.90 24.78 13.78
N ASP A 87 0.26 24.19 13.65
CA ASP A 87 0.33 22.71 13.49
C ASP A 87 -0.14 22.03 14.78
N ARG A 88 -0.91 20.98 14.67
CA ARG A 88 -1.39 20.28 15.89
C ARG A 88 -0.67 18.94 16.03
N THR A 89 -0.75 18.33 17.18
CA THR A 89 -0.06 17.02 17.37
C THR A 89 -0.60 16.01 16.36
N LEU A 90 -1.86 16.11 16.02
CA LEU A 90 -2.45 15.15 15.04
C LEU A 90 -1.67 15.23 13.73
N HIS A 91 -1.39 16.40 13.25
CA HIS A 91 -0.60 16.53 11.99
C HIS A 91 0.78 15.94 12.24
N ALA A 92 1.40 16.28 13.34
CA ALA A 92 2.73 15.72 13.65
C ALA A 92 2.64 14.20 13.69
N LYS A 93 1.69 13.67 14.40
CA LYS A 93 1.52 12.19 14.46
C LYS A 93 1.18 11.67 13.07
N LEU A 94 0.26 12.31 12.40
CA LEU A 94 -0.13 11.86 11.03
C LEU A 94 1.09 11.98 10.10
N SER A 95 1.77 13.09 10.14
CA SER A 95 2.95 13.28 9.25
C SER A 95 4.00 12.21 9.59
N ARG A 96 4.22 11.95 10.85
CA ARG A 96 5.24 10.93 11.23
C ARG A 96 4.83 9.56 10.68
N GLN A 97 3.57 9.20 10.80
CA GLN A 97 3.12 7.89 10.27
C GLN A 97 3.10 7.92 8.74
N LEU A 98 2.54 8.95 8.17
CA LEU A 98 2.46 9.05 6.69
C LEU A 98 3.86 9.01 6.08
N GLN A 99 4.78 9.76 6.64
CA GLN A 99 6.16 9.77 6.10
C GLN A 99 6.78 8.37 6.27
N LYS A 100 6.40 7.68 7.31
CA LYS A 100 6.94 6.31 7.51
C LYS A 100 6.44 5.44 6.37
N MET A 101 5.20 5.63 6.00
CA MET A 101 4.62 4.83 4.89
C MET A 101 5.35 5.20 3.60
N GLU A 102 5.65 6.45 3.45
CA GLU A 102 6.38 6.92 2.23
C GLU A 102 7.73 6.22 2.17
N ASP A 103 8.47 6.26 3.24
CA ASP A 103 9.80 5.60 3.25
C ASP A 103 9.62 4.09 3.14
N VAL A 104 8.65 3.56 3.83
CA VAL A 104 8.42 2.08 3.77
C VAL A 104 7.97 1.68 2.37
N TYR A 105 7.15 2.47 1.73
CA TYR A 105 6.66 2.09 0.37
C TYR A 105 7.84 2.05 -0.60
N GLN A 106 8.80 2.92 -0.44
CA GLN A 106 9.98 2.90 -1.36
C GLN A 106 10.79 1.63 -1.15
N THR A 107 10.82 1.12 0.06
CA THR A 107 11.58 -0.13 0.33
C THR A 107 10.95 -1.29 -0.45
N LEU A 108 9.64 -1.31 -0.53
CA LEU A 108 8.96 -2.40 -1.28
C LEU A 108 9.31 -2.31 -2.76
N VAL A 109 9.42 -1.11 -3.28
CA VAL A 109 9.76 -0.97 -4.73
C VAL A 109 11.10 -1.63 -5.00
N VAL A 110 12.07 -1.41 -4.15
CA VAL A 110 13.40 -2.04 -4.37
C VAL A 110 13.25 -3.55 -4.18
N HIS A 111 12.60 -3.97 -3.13
CA HIS A 111 12.40 -5.42 -2.92
C HIS A 111 11.56 -5.96 -4.07
N GLY A 112 10.63 -5.17 -4.54
CA GLY A 112 9.77 -5.59 -5.67
C GLY A 112 10.57 -5.50 -6.97
N GLN A 113 11.35 -4.47 -7.14
CA GLN A 113 12.15 -4.33 -8.38
C GLN A 113 12.99 -5.60 -8.58
N VAL A 114 13.37 -6.24 -7.51
CA VAL A 114 14.19 -7.49 -7.64
C VAL A 114 13.37 -8.56 -8.37
N LEU A 115 12.10 -8.65 -8.07
CA LEU A 115 11.25 -9.68 -8.74
C LEU A 115 10.83 -9.15 -10.12
N ASP A 116 11.73 -9.17 -11.07
CA ASP A 116 11.38 -8.68 -12.44
C ASP A 116 12.55 -8.96 -13.38
N SER A 117 13.13 -7.93 -13.93
CA SER A 117 14.27 -8.14 -14.87
C SER A 117 15.17 -6.89 -14.86
N GLY A 118 15.34 -6.26 -15.99
CA GLY A 118 16.20 -5.05 -16.05
C GLY A 118 17.65 -5.45 -16.31
N ARG A 119 18.58 -4.55 -16.10
CA ARG A 119 20.01 -4.89 -16.33
C ARG A 119 20.38 -6.13 -15.52
N GLY A 120 21.19 -6.99 -16.08
CA GLY A 120 21.59 -8.23 -15.34
C GLY A 120 20.43 -9.24 -15.37
N GLY A 121 20.53 -10.27 -14.58
CA GLY A 121 19.43 -11.29 -14.57
C GLY A 121 19.16 -11.73 -13.12
N PRO A 122 18.55 -10.86 -12.35
CA PRO A 122 18.21 -11.15 -10.92
C PRO A 122 17.33 -12.40 -10.77
N GLY A 123 17.46 -13.10 -9.68
CA GLY A 123 16.62 -14.32 -9.48
C GLY A 123 16.12 -14.36 -8.04
N PHE A 124 15.06 -15.09 -7.79
CA PHE A 124 14.53 -15.18 -6.40
C PHE A 124 13.98 -16.59 -6.14
N THR A 125 13.74 -16.92 -4.90
CA THR A 125 13.21 -18.28 -4.59
C THR A 125 11.95 -18.17 -3.74
N LEU A 126 11.29 -19.28 -3.49
CA LEU A 126 10.05 -19.25 -2.66
C LEU A 126 10.35 -18.59 -1.32
N ASP A 127 11.59 -18.64 -0.88
CA ASP A 127 11.94 -18.02 0.42
C ASP A 127 11.78 -16.49 0.29
N ASP A 128 12.31 -15.93 -0.76
CA ASP A 128 12.18 -14.46 -0.97
C ASP A 128 10.69 -14.08 -0.97
N LEU A 129 9.85 -14.91 -1.53
CA LEU A 129 8.41 -14.58 -1.57
C LEU A 129 7.86 -14.55 -0.14
N ASP A 130 8.36 -15.40 0.73
CA ASP A 130 7.87 -15.36 2.13
C ASP A 130 8.20 -13.97 2.67
N ARG A 131 9.33 -13.44 2.28
CA ARG A 131 9.72 -12.08 2.73
C ARG A 131 8.86 -11.04 2.01
N LEU A 132 8.55 -11.27 0.75
CA LEU A 132 7.71 -10.29 0.02
C LEU A 132 6.29 -10.35 0.57
N VAL A 133 5.74 -11.54 0.71
CA VAL A 133 4.38 -11.65 1.28
C VAL A 133 4.41 -11.02 2.67
N ALA A 134 5.54 -11.10 3.32
CA ALA A 134 5.66 -10.53 4.70
C ALA A 134 5.64 -9.01 4.59
N CYS A 135 6.41 -8.45 3.69
CA CYS A 135 6.42 -6.97 3.54
C CYS A 135 5.07 -6.52 2.97
N SER A 136 4.55 -7.23 2.02
CA SER A 136 3.23 -6.85 1.44
C SER A 136 2.14 -6.85 2.52
N ARG A 137 2.26 -7.70 3.51
CA ARG A 137 1.24 -7.73 4.58
C ARG A 137 1.41 -6.51 5.51
N ALA A 138 2.61 -6.00 5.63
CA ALA A 138 2.86 -4.85 6.55
C ALA A 138 2.21 -3.54 6.03
N VAL A 139 2.33 -3.26 4.76
CA VAL A 139 1.77 -1.98 4.22
C VAL A 139 0.23 -1.92 4.34
N PRO A 140 -0.49 -2.94 3.93
CA PRO A 140 -1.99 -2.93 3.99
C PRO A 140 -2.51 -2.86 5.43
N GLU A 141 -1.94 -3.61 6.32
CA GLU A 141 -2.42 -3.56 7.73
C GLU A 141 -2.10 -2.18 8.30
N ASP A 142 -0.97 -1.63 7.94
CA ASP A 142 -0.61 -0.26 8.41
C ASP A 142 -1.47 0.76 7.69
N ALA A 143 -1.83 0.48 6.45
CA ALA A 143 -2.69 1.43 5.70
C ALA A 143 -4.00 1.63 6.45
N LYS A 144 -4.54 0.56 6.98
CA LYS A 144 -5.81 0.68 7.74
C LYS A 144 -5.56 1.48 9.01
N GLN A 145 -4.47 1.23 9.69
CA GLN A 145 -4.17 2.00 10.93
C GLN A 145 -4.03 3.48 10.58
N LEU A 146 -3.37 3.79 9.51
CA LEU A 146 -3.22 5.21 9.11
C LEU A 146 -4.61 5.79 8.89
N ALA A 147 -5.52 4.98 8.39
CA ALA A 147 -6.89 5.49 8.15
C ALA A 147 -7.47 5.97 9.48
N SER A 148 -7.12 5.32 10.55
CA SER A 148 -7.64 5.74 11.88
C SER A 148 -7.07 7.12 12.23
N PHE A 149 -5.83 7.35 11.92
CA PHE A 149 -5.23 8.69 12.23
C PHE A 149 -5.93 9.75 11.39
N LEU A 150 -6.35 9.41 10.21
CA LEU A 150 -7.06 10.39 9.36
C LEU A 150 -8.35 10.85 10.07
N HIS A 151 -9.02 9.94 10.72
CA HIS A 151 -10.28 10.32 11.42
C HIS A 151 -10.00 11.27 12.58
N GLY A 152 -9.00 10.99 13.38
CA GLY A 152 -8.69 11.90 14.52
C GLY A 152 -8.33 13.30 14.01
N ASN A 153 -7.86 13.38 12.80
CA ASN A 153 -7.48 14.71 12.25
C ASN A 153 -8.48 15.13 11.17
N ALA A 154 -9.47 14.32 10.93
CA ALA A 154 -10.49 14.65 9.89
C ALA A 154 -11.15 15.98 10.24
N SER A 155 -11.24 16.30 11.50
CA SER A 155 -11.90 17.58 11.90
C SER A 155 -11.12 18.76 11.31
N LEU A 156 -9.83 18.78 11.48
CA LEU A 156 -9.03 19.93 10.97
C LEU A 156 -8.28 19.56 9.68
N LEU A 157 -8.19 18.31 9.34
CA LEU A 157 -7.46 17.93 8.10
C LEU A 157 -8.24 18.47 6.89
N PHE A 158 -9.54 18.56 7.02
CA PHE A 158 -10.38 19.08 5.91
C PHE A 158 -11.09 20.34 6.38
N ARG A 159 -12.25 20.19 6.96
CA ARG A 159 -13.00 21.38 7.45
C ARG A 159 -14.22 20.91 8.24
N ARG A 160 -14.18 21.02 9.54
CA ARG A 160 -15.35 20.59 10.36
C ARG A 160 -16.53 21.51 10.08
N THR A 161 -17.73 20.98 10.06
CA THR A 161 -18.92 21.83 9.79
C THR A 161 -19.80 21.89 11.03
N LYS A 162 -20.73 22.80 11.08
CA LYS A 162 -21.63 22.91 12.26
C LYS A 162 -22.75 21.88 12.14
N ALA A 163 -23.10 21.25 13.23
CA ALA A 163 -24.20 20.23 13.18
C ALA A 163 -25.55 20.95 13.24
N GLY A 1 -12.75 19.19 -13.54
CA GLY A 1 -14.06 19.99 -13.58
C GLY A 1 -14.06 21.38 -14.08
N SER A 2 -15.21 21.91 -14.39
CA SER A 2 -15.27 23.31 -14.91
C SER A 2 -14.76 24.27 -13.83
N GLY A 3 -14.77 23.85 -12.59
CA GLY A 3 -14.29 24.74 -11.51
C GLY A 3 -13.44 23.94 -10.52
N ARG A 4 -12.99 24.56 -9.46
CA ARG A 4 -12.16 23.82 -8.47
C ARG A 4 -12.95 22.63 -7.92
N GLU A 5 -12.29 21.55 -7.62
CA GLU A 5 -13.00 20.35 -7.08
C GLU A 5 -12.30 19.88 -5.80
N PRO A 6 -12.64 20.48 -4.68
CA PRO A 6 -12.02 20.11 -3.37
C PRO A 6 -12.68 18.89 -2.74
N LEU A 7 -11.98 18.23 -1.86
CA LEU A 7 -12.55 17.02 -1.19
C LEU A 7 -13.05 17.41 0.20
N GLU A 8 -14.29 17.13 0.50
CA GLU A 8 -14.82 17.48 1.85
C GLU A 8 -14.72 16.27 2.78
N LEU A 9 -14.95 16.48 4.05
CA LEU A 9 -14.86 15.34 5.02
C LEU A 9 -15.79 14.20 4.58
N GLU A 10 -16.98 14.51 4.17
CA GLU A 10 -17.94 13.44 3.77
C GLU A 10 -17.40 12.67 2.57
N VAL A 11 -16.86 13.34 1.60
CA VAL A 11 -16.32 12.61 0.43
C VAL A 11 -15.04 11.89 0.88
N ALA A 12 -14.30 12.52 1.75
CA ALA A 12 -13.04 11.89 2.24
C ALA A 12 -13.32 10.52 2.85
N VAL A 13 -14.40 10.36 3.57
CA VAL A 13 -14.66 9.01 4.17
C VAL A 13 -15.01 8.05 3.04
N GLU A 14 -15.68 8.53 2.03
CA GLU A 14 -16.03 7.65 0.88
C GLU A 14 -14.76 7.35 0.08
N THR A 15 -14.03 8.37 -0.29
CA THR A 15 -12.78 8.16 -1.09
C THR A 15 -11.79 7.28 -0.31
N LEU A 16 -11.53 7.60 0.94
CA LEU A 16 -10.59 6.77 1.73
C LEU A 16 -11.19 5.38 1.98
N ALA A 17 -12.49 5.31 2.14
CA ALA A 17 -13.13 3.99 2.39
C ALA A 17 -12.97 3.10 1.15
N ARG A 18 -13.14 3.65 -0.02
CA ARG A 18 -12.99 2.82 -1.25
C ARG A 18 -11.57 2.28 -1.33
N LEU A 19 -10.61 3.02 -0.83
CA LEU A 19 -9.20 2.55 -0.87
C LEU A 19 -9.02 1.32 0.03
N GLN A 20 -9.64 1.33 1.17
CA GLN A 20 -9.50 0.17 2.12
C GLN A 20 -10.05 -1.09 1.47
N GLN A 21 -11.06 -0.96 0.65
CA GLN A 21 -11.64 -2.14 -0.01
C GLN A 21 -10.73 -2.56 -1.17
N GLY A 22 -10.40 -1.63 -2.01
CA GLY A 22 -9.52 -1.95 -3.17
C GLY A 22 -8.13 -2.37 -2.68
N VAL A 23 -7.66 -1.82 -1.60
CA VAL A 23 -6.31 -2.21 -1.11
C VAL A 23 -6.40 -3.60 -0.49
N SER A 24 -7.36 -3.82 0.35
CA SER A 24 -7.52 -5.16 0.99
C SER A 24 -7.91 -6.17 -0.10
N THR A 25 -8.75 -5.75 -1.01
CA THR A 25 -9.20 -6.68 -2.10
C THR A 25 -7.99 -7.10 -2.94
N THR A 26 -7.12 -6.19 -3.26
CA THR A 26 -5.93 -6.55 -4.09
C THR A 26 -5.03 -7.49 -3.30
N VAL A 27 -4.93 -7.30 -2.01
CA VAL A 27 -4.06 -8.19 -1.19
C VAL A 27 -4.57 -9.62 -1.29
N ALA A 28 -5.87 -9.79 -1.34
CA ALA A 28 -6.41 -11.17 -1.45
C ALA A 28 -5.88 -11.80 -2.73
N HIS A 29 -5.78 -11.02 -3.77
CA HIS A 29 -5.24 -11.56 -5.06
C HIS A 29 -3.87 -12.18 -4.83
N LEU A 30 -2.97 -11.46 -4.21
CA LEU A 30 -1.62 -12.01 -3.93
C LEU A 30 -1.74 -13.27 -3.09
N LEU A 31 -2.49 -13.21 -2.03
CA LEU A 31 -2.68 -14.41 -1.17
C LEU A 31 -3.44 -15.48 -1.95
N ASP A 32 -4.38 -15.08 -2.78
CA ASP A 32 -5.15 -16.09 -3.56
C ASP A 32 -4.25 -16.66 -4.65
N LEU A 33 -3.41 -15.85 -5.24
CA LEU A 33 -2.52 -16.35 -6.32
C LEU A 33 -1.47 -17.29 -5.72
N VAL A 34 -0.88 -16.90 -4.61
CA VAL A 34 0.15 -17.77 -3.98
C VAL A 34 -0.54 -18.88 -3.17
N GLY A 35 -1.81 -18.73 -2.90
CA GLY A 35 -2.52 -19.77 -2.12
C GLY A 35 -2.19 -21.16 -2.67
N SER A 36 -2.05 -21.27 -3.96
CA SER A 36 -1.71 -22.59 -4.57
C SER A 36 -0.37 -23.07 -4.01
N ALA A 37 0.54 -22.18 -3.78
CA ALA A 37 1.88 -22.59 -3.24
C ALA A 37 2.42 -23.75 -4.07
N SER A 38 3.53 -24.31 -3.67
CA SER A 38 4.12 -25.44 -4.44
C SER A 38 3.12 -26.60 -4.47
N GLY A 39 2.36 -26.77 -3.42
CA GLY A 39 1.37 -27.88 -3.39
C GLY A 39 2.00 -29.13 -2.79
N PRO A 40 1.36 -30.26 -2.92
CA PRO A 40 1.86 -31.55 -2.38
C PRO A 40 3.28 -31.86 -2.85
N GLY A 41 4.02 -32.62 -2.08
CA GLY A 41 5.41 -32.95 -2.48
C GLY A 41 6.40 -32.16 -1.62
N GLY A 42 6.18 -30.88 -1.47
CA GLY A 42 7.10 -30.05 -0.64
C GLY A 42 8.50 -30.09 -1.25
N TRP A 43 9.47 -30.58 -0.52
CA TRP A 43 10.86 -30.63 -1.04
C TRP A 43 11.09 -31.99 -1.72
N ARG A 44 11.85 -32.02 -2.78
CA ARG A 44 12.10 -33.31 -3.47
C ARG A 44 13.52 -33.30 -4.06
N SER A 45 13.67 -32.79 -5.25
CA SER A 45 15.02 -32.74 -5.88
C SER A 45 15.50 -31.29 -5.96
N THR A 46 14.83 -30.40 -5.27
CA THR A 46 15.24 -28.97 -5.30
C THR A 46 15.51 -28.55 -6.75
N SER A 47 14.69 -28.99 -7.66
CA SER A 47 14.88 -28.61 -9.09
C SER A 47 13.78 -27.64 -9.52
N GLU A 48 14.10 -26.69 -10.35
CA GLU A 48 13.07 -25.72 -10.80
C GLU A 48 12.43 -25.06 -9.58
N PRO A 49 13.18 -24.26 -8.89
CA PRO A 49 12.70 -23.54 -7.67
C PRO A 49 11.37 -22.81 -7.92
N GLN A 50 11.14 -22.37 -9.12
CA GLN A 50 9.87 -21.65 -9.43
C GLN A 50 9.03 -22.51 -10.37
N GLU A 51 7.82 -22.82 -9.98
CA GLU A 51 6.95 -23.66 -10.87
C GLU A 51 5.86 -22.78 -11.48
N PRO A 52 5.27 -21.92 -10.70
CA PRO A 52 4.19 -21.01 -11.19
C PRO A 52 4.72 -19.87 -12.07
N PRO A 53 3.89 -19.27 -12.89
CA PRO A 53 4.33 -18.14 -13.77
C PRO A 53 4.80 -16.93 -12.97
N VAL A 54 6.00 -16.47 -13.22
CA VAL A 54 6.54 -15.30 -12.48
C VAL A 54 5.81 -14.02 -12.91
N GLN A 55 5.50 -13.90 -14.17
CA GLN A 55 4.80 -12.68 -14.65
C GLN A 55 3.49 -12.52 -13.86
N ASP A 56 2.78 -13.59 -13.64
CA ASP A 56 1.52 -13.49 -12.87
C ASP A 56 1.80 -13.00 -11.45
N LEU A 57 2.88 -13.45 -10.87
CA LEU A 57 3.23 -12.98 -9.50
C LEU A 57 3.59 -11.50 -9.53
N LYS A 58 4.33 -11.08 -10.52
CA LYS A 58 4.72 -9.63 -10.60
C LYS A 58 3.48 -8.80 -10.97
N ALA A 59 2.58 -9.36 -11.72
CA ALA A 59 1.36 -8.58 -12.12
C ALA A 59 0.42 -8.45 -10.91
N ALA A 60 0.18 -9.51 -10.19
CA ALA A 60 -0.76 -9.43 -9.03
C ALA A 60 -0.20 -8.48 -7.98
N VAL A 61 1.05 -8.61 -7.62
CA VAL A 61 1.63 -7.70 -6.60
C VAL A 61 1.62 -6.27 -7.12
N ALA A 62 1.84 -6.08 -8.38
CA ALA A 62 1.84 -4.70 -8.95
C ALA A 62 0.48 -4.04 -8.70
N ALA A 63 -0.57 -4.82 -8.71
CA ALA A 63 -1.93 -4.24 -8.46
C ALA A 63 -2.04 -3.78 -7.00
N VAL A 64 -1.61 -4.60 -6.07
CA VAL A 64 -1.72 -4.20 -4.64
C VAL A 64 -0.89 -2.94 -4.41
N HIS A 65 0.28 -2.86 -4.99
CA HIS A 65 1.13 -1.65 -4.82
C HIS A 65 0.41 -0.45 -5.45
N GLY A 66 -0.18 -0.64 -6.60
CA GLY A 66 -0.87 0.49 -7.27
C GLY A 66 -1.99 1.02 -6.37
N ALA A 67 -2.71 0.15 -5.73
CA ALA A 67 -3.81 0.63 -4.85
C ALA A 67 -3.22 1.30 -3.60
N VAL A 68 -2.10 0.84 -3.15
CA VAL A 68 -1.48 1.45 -1.94
C VAL A 68 -0.96 2.85 -2.31
N HIS A 69 -0.25 2.95 -3.40
CA HIS A 69 0.27 4.27 -3.81
C HIS A 69 -0.90 5.26 -3.90
N GLU A 70 -2.06 4.80 -4.28
CA GLU A 70 -3.23 5.73 -4.35
C GLU A 70 -3.64 6.11 -2.94
N LEU A 71 -3.41 5.24 -1.99
CA LEU A 71 -3.74 5.58 -0.58
C LEU A 71 -2.76 6.63 -0.10
N LEU A 72 -1.50 6.44 -0.41
CA LEU A 72 -0.47 7.43 0.00
C LEU A 72 -0.81 8.76 -0.69
N GLU A 73 -1.33 8.68 -1.87
CA GLU A 73 -1.71 9.92 -2.62
C GLU A 73 -2.97 10.55 -1.99
N PHE A 74 -3.95 9.76 -1.66
CA PHE A 74 -5.19 10.32 -1.03
C PHE A 74 -4.80 10.95 0.30
N ALA A 75 -4.03 10.24 1.08
CA ALA A 75 -3.61 10.80 2.39
C ALA A 75 -2.77 12.05 2.11
N ARG A 76 -1.97 12.01 1.08
CA ARG A 76 -1.13 13.19 0.73
C ARG A 76 -2.03 14.37 0.37
N SER A 77 -3.03 14.15 -0.44
CA SER A 77 -3.93 15.26 -0.82
C SER A 77 -4.56 15.85 0.44
N ALA A 78 -4.92 15.02 1.37
CA ALA A 78 -5.54 15.53 2.64
C ALA A 78 -4.51 16.36 3.41
N VAL A 79 -3.27 15.96 3.39
CA VAL A 79 -2.22 16.73 4.13
C VAL A 79 -2.05 18.11 3.48
N SER A 80 -2.02 18.16 2.18
CA SER A 80 -1.85 19.47 1.49
C SER A 80 -3.01 20.41 1.87
N SER A 81 -4.19 19.88 2.05
CA SER A 81 -5.35 20.73 2.41
C SER A 81 -5.38 20.90 3.93
N ALA A 82 -4.35 20.49 4.61
CA ALA A 82 -4.32 20.62 6.09
C ALA A 82 -3.96 22.06 6.45
N THR A 83 -4.80 22.70 7.25
CA THR A 83 -4.51 24.11 7.64
C THR A 83 -4.84 24.29 9.12
N HIS A 84 -3.92 24.82 9.89
CA HIS A 84 -4.18 25.02 11.34
C HIS A 84 -3.15 26.00 11.92
N THR A 85 -3.32 26.40 13.15
CA THR A 85 -2.36 27.35 13.76
C THR A 85 -1.65 26.68 14.94
N SER A 86 -0.59 27.26 15.42
CA SER A 86 0.15 26.65 16.56
C SER A 86 0.40 25.17 16.27
N ASP A 87 0.34 24.78 15.03
CA ASP A 87 0.57 23.35 14.68
C ASP A 87 -0.34 22.46 15.54
N ARG A 88 -0.36 21.18 15.27
CA ARG A 88 -1.23 20.27 16.05
C ARG A 88 -0.52 18.94 16.25
N THR A 89 -0.67 18.33 17.40
CA THR A 89 0.00 17.03 17.67
C THR A 89 -0.53 15.98 16.70
N LEU A 90 -1.81 16.01 16.41
CA LEU A 90 -2.37 15.00 15.47
C LEU A 90 -1.67 15.10 14.12
N HIS A 91 -1.47 16.29 13.62
CA HIS A 91 -0.75 16.44 12.32
C HIS A 91 0.66 15.93 12.50
N ALA A 92 1.28 16.27 13.60
CA ALA A 92 2.67 15.79 13.86
C ALA A 92 2.67 14.26 13.82
N LYS A 93 1.76 13.65 14.53
CA LYS A 93 1.68 12.16 14.52
C LYS A 93 1.34 11.68 13.11
N LEU A 94 0.40 12.31 12.46
CA LEU A 94 0.02 11.89 11.08
C LEU A 94 1.25 12.00 10.16
N SER A 95 1.95 13.09 10.22
CA SER A 95 3.15 13.27 9.34
C SER A 95 4.20 12.19 9.67
N ARG A 96 4.47 11.99 10.93
CA ARG A 96 5.48 10.96 11.34
C ARG A 96 5.04 9.56 10.88
N GLN A 97 3.81 9.20 11.11
CA GLN A 97 3.33 7.85 10.70
C GLN A 97 3.19 7.80 9.17
N LEU A 98 2.64 8.83 8.58
CA LEU A 98 2.45 8.83 7.09
C LEU A 98 3.82 8.90 6.40
N GLN A 99 4.71 9.74 6.88
CA GLN A 99 6.04 9.85 6.24
C GLN A 99 6.77 8.51 6.37
N LYS A 100 6.52 7.80 7.44
CA LYS A 100 7.17 6.48 7.63
C LYS A 100 6.69 5.56 6.51
N MET A 101 5.43 5.63 6.20
CA MET A 101 4.87 4.77 5.12
C MET A 101 5.48 5.20 3.79
N GLU A 102 5.67 6.48 3.62
CA GLU A 102 6.28 7.00 2.37
C GLU A 102 7.68 6.41 2.22
N ASP A 103 8.47 6.51 3.26
CA ASP A 103 9.84 5.97 3.20
C ASP A 103 9.78 4.44 3.09
N VAL A 104 8.91 3.82 3.83
CA VAL A 104 8.80 2.34 3.79
C VAL A 104 8.22 1.89 2.44
N TYR A 105 7.23 2.58 1.94
CA TYR A 105 6.64 2.14 0.64
C TYR A 105 7.71 2.14 -0.46
N GLN A 106 8.63 3.07 -0.43
CA GLN A 106 9.70 3.08 -1.46
C GLN A 106 10.64 1.90 -1.22
N THR A 107 10.83 1.52 0.01
CA THR A 107 11.73 0.37 0.30
C THR A 107 11.11 -0.91 -0.27
N LEU A 108 9.81 -1.02 -0.20
CA LEU A 108 9.14 -2.24 -0.74
C LEU A 108 9.22 -2.23 -2.28
N VAL A 109 9.15 -1.07 -2.87
CA VAL A 109 9.22 -1.00 -4.36
C VAL A 109 10.53 -1.62 -4.84
N VAL A 110 11.63 -1.33 -4.19
CA VAL A 110 12.92 -1.93 -4.61
C VAL A 110 12.87 -3.43 -4.35
N HIS A 111 12.37 -3.82 -3.21
CA HIS A 111 12.28 -5.27 -2.91
C HIS A 111 11.32 -5.89 -3.93
N GLY A 112 10.28 -5.16 -4.27
CA GLY A 112 9.31 -5.68 -5.26
C GLY A 112 9.90 -5.59 -6.67
N GLN A 113 10.58 -4.51 -6.97
CA GLN A 113 11.19 -4.38 -8.33
C GLN A 113 12.09 -5.59 -8.61
N VAL A 114 12.55 -6.24 -7.58
CA VAL A 114 13.43 -7.43 -7.78
C VAL A 114 12.69 -8.51 -8.55
N LEU A 115 11.39 -8.61 -8.39
CA LEU A 115 10.62 -9.64 -9.14
C LEU A 115 10.91 -9.52 -10.63
N ASP A 116 11.11 -8.33 -11.11
CA ASP A 116 11.42 -8.16 -12.56
C ASP A 116 12.86 -8.56 -12.85
N SER A 117 13.09 -9.82 -13.11
CA SER A 117 14.48 -10.28 -13.40
C SER A 117 14.98 -9.63 -14.69
N GLY A 118 14.09 -9.37 -15.62
CA GLY A 118 14.52 -8.72 -16.90
C GLY A 118 15.46 -9.67 -17.65
N ARG A 119 15.86 -10.75 -17.03
CA ARG A 119 16.77 -11.70 -17.72
C ARG A 119 16.40 -13.13 -17.33
N GLY A 120 16.61 -14.07 -18.20
CA GLY A 120 16.28 -15.49 -17.87
C GLY A 120 16.97 -15.89 -16.57
N GLY A 121 17.86 -15.05 -16.08
CA GLY A 121 18.57 -15.39 -14.81
C GLY A 121 17.56 -15.86 -13.76
N PRO A 122 18.05 -16.42 -12.69
CA PRO A 122 17.18 -16.94 -11.58
C PRO A 122 16.31 -15.84 -10.97
N GLY A 123 16.73 -14.61 -11.08
CA GLY A 123 15.93 -13.49 -10.50
C GLY A 123 15.84 -13.65 -8.99
N PHE A 124 14.79 -14.23 -8.50
CA PHE A 124 14.64 -14.41 -7.03
C PHE A 124 14.20 -15.85 -6.73
N THR A 125 14.25 -16.26 -5.48
CA THR A 125 13.85 -17.65 -5.13
C THR A 125 12.61 -17.61 -4.23
N LEU A 126 12.07 -18.76 -3.90
CA LEU A 126 10.87 -18.80 -3.01
C LEU A 126 11.17 -18.08 -1.70
N ASP A 127 12.42 -18.01 -1.33
CA ASP A 127 12.78 -17.31 -0.06
C ASP A 127 12.37 -15.84 -0.16
N ASP A 128 12.71 -15.20 -1.25
CA ASP A 128 12.32 -13.77 -1.43
C ASP A 128 10.80 -13.64 -1.31
N LEU A 129 10.06 -14.64 -1.72
CA LEU A 129 8.58 -14.55 -1.62
C LEU A 129 8.18 -14.44 -0.15
N ASP A 130 8.84 -15.15 0.71
CA ASP A 130 8.48 -15.04 2.16
C ASP A 130 8.69 -13.58 2.55
N ARG A 131 9.69 -12.96 1.99
CA ARG A 131 9.97 -11.53 2.29
C ARG A 131 8.89 -10.66 1.65
N LEU A 132 8.48 -10.96 0.44
CA LEU A 132 7.43 -10.14 -0.20
C LEU A 132 6.09 -10.40 0.48
N VAL A 133 5.75 -11.64 0.69
CA VAL A 133 4.47 -11.94 1.39
C VAL A 133 4.52 -11.26 2.75
N ALA A 134 5.69 -11.14 3.32
CA ALA A 134 5.81 -10.46 4.65
C ALA A 134 5.57 -8.96 4.46
N CYS A 135 5.94 -8.43 3.33
CA CYS A 135 5.72 -6.98 3.09
C CYS A 135 4.26 -6.75 2.68
N SER A 136 3.72 -7.60 1.86
CA SER A 136 2.30 -7.40 1.40
C SER A 136 1.36 -7.33 2.61
N ARG A 137 1.63 -8.07 3.65
CA ARG A 137 0.73 -8.03 4.84
C ARG A 137 1.03 -6.78 5.68
N ALA A 138 2.23 -6.31 5.66
CA ALA A 138 2.59 -5.12 6.49
C ALA A 138 2.00 -3.82 5.90
N VAL A 139 2.01 -3.69 4.61
CA VAL A 139 1.51 -2.41 3.98
C VAL A 139 -0.01 -2.22 4.20
N PRO A 140 -0.83 -3.21 3.95
CA PRO A 140 -2.32 -3.07 4.11
C PRO A 140 -2.74 -2.92 5.57
N GLU A 141 -2.18 -3.69 6.46
CA GLU A 141 -2.56 -3.56 7.89
C GLU A 141 -2.22 -2.15 8.35
N ASP A 142 -1.11 -1.63 7.87
CA ASP A 142 -0.71 -0.25 8.26
C ASP A 142 -1.59 0.76 7.51
N ALA A 143 -2.04 0.42 6.33
CA ALA A 143 -2.91 1.36 5.58
C ALA A 143 -4.16 1.64 6.41
N LYS A 144 -4.69 0.63 7.04
CA LYS A 144 -5.90 0.84 7.89
C LYS A 144 -5.54 1.73 9.06
N GLN A 145 -4.36 1.56 9.60
CA GLN A 145 -3.93 2.41 10.75
C GLN A 145 -3.93 3.87 10.31
N LEU A 146 -3.46 4.13 9.11
CA LEU A 146 -3.46 5.52 8.61
C LEU A 146 -4.90 6.02 8.61
N ALA A 147 -5.83 5.16 8.32
CA ALA A 147 -7.25 5.55 8.29
C ALA A 147 -7.67 6.11 9.65
N SER A 148 -7.23 5.49 10.71
CA SER A 148 -7.61 5.98 12.07
C SER A 148 -6.90 7.30 12.37
N PHE A 149 -5.62 7.39 12.07
CA PHE A 149 -4.89 8.65 12.33
C PHE A 149 -5.40 9.74 11.39
N LEU A 150 -5.72 9.38 10.18
CA LEU A 150 -6.23 10.39 9.22
C LEU A 150 -7.59 10.87 9.73
N HIS A 151 -8.35 9.98 10.32
CA HIS A 151 -9.69 10.37 10.84
C HIS A 151 -9.53 11.25 12.07
N GLY A 152 -8.56 10.96 12.90
CA GLY A 152 -8.36 11.78 14.14
C GLY A 152 -8.05 13.22 13.72
N ASN A 153 -7.51 13.39 12.55
CA ASN A 153 -7.14 14.77 12.09
C ASN A 153 -7.90 15.09 10.80
N ALA A 154 -8.72 14.18 10.33
CA ALA A 154 -9.48 14.44 9.07
C ALA A 154 -10.19 15.79 9.18
N SER A 155 -10.70 16.12 10.34
CA SER A 155 -11.40 17.42 10.51
C SER A 155 -10.51 18.56 10.00
N LEU A 156 -9.22 18.45 10.19
CA LEU A 156 -8.32 19.55 9.73
C LEU A 156 -7.85 19.29 8.29
N LEU A 157 -7.58 18.06 7.95
CA LEU A 157 -7.12 17.78 6.56
C LEU A 157 -8.13 18.41 5.59
N PHE A 158 -9.38 18.45 5.97
CA PHE A 158 -10.43 19.06 5.10
C PHE A 158 -11.04 20.27 5.82
N ARG A 159 -11.83 20.04 6.83
CA ARG A 159 -12.45 21.18 7.57
C ARG A 159 -13.38 21.95 6.63
N ARG A 160 -13.53 21.51 5.41
CA ARG A 160 -14.42 22.22 4.46
C ARG A 160 -15.83 22.29 5.05
N THR A 161 -16.21 21.32 5.84
CA THR A 161 -17.57 21.32 6.44
C THR A 161 -17.80 22.65 7.16
N LYS A 162 -18.95 23.24 6.98
CA LYS A 162 -19.23 24.54 7.66
C LYS A 162 -18.10 25.52 7.37
N ALA A 163 -17.65 25.57 6.15
CA ALA A 163 -16.55 26.51 5.79
C ALA A 163 -16.97 27.95 6.14
N GLY A 1 -2.11 22.87 -13.58
CA GLY A 1 -3.18 22.58 -14.63
C GLY A 1 -4.17 21.50 -14.39
N SER A 2 -3.74 20.38 -13.88
CA SER A 2 -4.68 19.27 -13.61
C SER A 2 -5.73 19.71 -12.57
N GLY A 3 -5.38 20.67 -11.75
CA GLY A 3 -6.35 21.14 -10.73
C GLY A 3 -6.05 20.47 -9.38
N ARG A 4 -5.95 21.25 -8.33
CA ARG A 4 -5.67 20.65 -7.00
C ARG A 4 -6.74 19.61 -6.66
N GLU A 5 -7.95 19.85 -7.07
CA GLU A 5 -9.04 18.87 -6.78
C GLU A 5 -9.01 18.51 -5.29
N PRO A 6 -9.57 19.36 -4.47
CA PRO A 6 -9.61 19.15 -2.99
C PRO A 6 -10.73 18.20 -2.57
N LEU A 7 -10.51 17.41 -1.55
CA LEU A 7 -11.55 16.46 -1.10
C LEU A 7 -12.10 16.94 0.25
N GLU A 8 -13.33 16.62 0.54
CA GLU A 8 -13.91 17.05 1.84
C GLU A 8 -13.89 15.87 2.81
N LEU A 9 -14.07 16.13 4.06
CA LEU A 9 -14.05 15.02 5.05
C LEU A 9 -15.10 13.96 4.66
N GLU A 10 -16.30 14.39 4.32
CA GLU A 10 -17.36 13.40 3.96
C GLU A 10 -16.98 12.67 2.67
N VAL A 11 -16.56 13.36 1.65
CA VAL A 11 -16.17 12.66 0.40
C VAL A 11 -14.92 11.84 0.67
N ALA A 12 -13.94 12.44 1.27
CA ALA A 12 -12.69 11.69 1.59
C ALA A 12 -13.01 10.47 2.45
N VAL A 13 -13.98 10.54 3.31
CA VAL A 13 -14.30 9.35 4.15
C VAL A 13 -14.74 8.20 3.25
N GLU A 14 -15.60 8.49 2.32
CA GLU A 14 -16.11 7.43 1.41
C GLU A 14 -15.03 7.03 0.40
N THR A 15 -14.37 7.97 -0.20
CA THR A 15 -13.32 7.63 -1.22
C THR A 15 -12.13 6.93 -0.54
N LEU A 16 -11.71 7.39 0.61
CA LEU A 16 -10.58 6.70 1.29
C LEU A 16 -10.99 5.27 1.59
N ALA A 17 -12.25 5.07 1.85
CA ALA A 17 -12.76 3.70 2.16
C ALA A 17 -12.55 2.80 0.94
N ARG A 18 -12.68 3.32 -0.24
CA ARG A 18 -12.47 2.49 -1.45
C ARG A 18 -11.01 2.04 -1.53
N LEU A 19 -10.11 2.88 -1.08
CA LEU A 19 -8.66 2.52 -1.11
C LEU A 19 -8.40 1.32 -0.18
N GLN A 20 -9.00 1.33 0.98
CA GLN A 20 -8.78 0.22 1.96
C GLN A 20 -9.25 -1.12 1.38
N GLN A 21 -10.29 -1.11 0.58
CA GLN A 21 -10.75 -2.40 0.01
C GLN A 21 -9.85 -2.76 -1.16
N GLY A 22 -9.55 -1.82 -2.00
CA GLY A 22 -8.66 -2.10 -3.16
C GLY A 22 -7.28 -2.52 -2.66
N VAL A 23 -6.86 -1.99 -1.54
CA VAL A 23 -5.51 -2.37 -1.00
C VAL A 23 -5.58 -3.81 -0.50
N SER A 24 -6.58 -4.11 0.29
CA SER A 24 -6.73 -5.50 0.80
C SER A 24 -7.01 -6.44 -0.37
N THR A 25 -7.78 -5.97 -1.32
CA THR A 25 -8.13 -6.81 -2.50
C THR A 25 -6.87 -7.16 -3.30
N THR A 26 -5.99 -6.20 -3.48
CA THR A 26 -4.74 -6.48 -4.26
C THR A 26 -3.83 -7.44 -3.48
N VAL A 27 -3.77 -7.32 -2.18
CA VAL A 27 -2.88 -8.23 -1.40
C VAL A 27 -3.46 -9.65 -1.44
N ALA A 28 -4.76 -9.78 -1.42
CA ALA A 28 -5.36 -11.14 -1.48
C ALA A 28 -4.91 -11.82 -2.76
N HIS A 29 -4.84 -11.08 -3.83
CA HIS A 29 -4.39 -11.66 -5.12
C HIS A 29 -2.99 -12.25 -4.97
N LEU A 30 -2.08 -11.50 -4.42
CA LEU A 30 -0.71 -12.02 -4.25
C LEU A 30 -0.74 -13.30 -3.42
N LEU A 31 -1.42 -13.28 -2.30
CA LEU A 31 -1.50 -14.49 -1.45
C LEU A 31 -2.38 -15.54 -2.14
N ASP A 32 -3.47 -15.12 -2.72
CA ASP A 32 -4.36 -16.09 -3.42
C ASP A 32 -3.57 -16.79 -4.53
N LEU A 33 -2.80 -16.04 -5.27
CA LEU A 33 -2.00 -16.65 -6.37
C LEU A 33 -0.95 -17.59 -5.77
N VAL A 34 -0.33 -17.20 -4.69
CA VAL A 34 0.71 -18.08 -4.06
C VAL A 34 0.04 -19.35 -3.55
N GLY A 35 -1.10 -19.23 -2.93
CA GLY A 35 -1.79 -20.44 -2.39
C GLY A 35 -0.90 -21.12 -1.35
N SER A 36 -0.14 -20.34 -0.61
CA SER A 36 0.75 -20.94 0.42
C SER A 36 1.88 -21.72 -0.27
N ALA A 37 2.11 -21.45 -1.53
CA ALA A 37 3.19 -22.17 -2.26
C ALA A 37 3.07 -23.68 -2.00
N SER A 38 4.12 -24.29 -1.51
CA SER A 38 4.06 -25.75 -1.24
C SER A 38 3.44 -26.48 -2.43
N GLY A 39 4.25 -26.95 -3.33
CA GLY A 39 3.71 -27.67 -4.52
C GLY A 39 3.11 -29.01 -4.08
N PRO A 40 2.37 -29.63 -4.95
CA PRO A 40 1.72 -30.94 -4.67
C PRO A 40 2.74 -32.05 -4.39
N GLY A 41 3.97 -31.84 -4.77
CA GLY A 41 5.01 -32.87 -4.53
C GLY A 41 5.02 -33.26 -3.04
N GLY A 42 5.49 -34.43 -2.72
CA GLY A 42 5.53 -34.85 -1.29
C GLY A 42 6.66 -34.11 -0.57
N TRP A 43 6.93 -32.91 -0.97
CA TRP A 43 8.01 -32.13 -0.29
C TRP A 43 9.30 -32.95 -0.28
N ARG A 44 10.37 -32.39 0.22
CA ARG A 44 11.66 -33.15 0.25
C ARG A 44 12.04 -33.59 -1.16
N SER A 45 11.95 -32.69 -2.11
CA SER A 45 12.32 -33.06 -3.51
C SER A 45 13.40 -32.11 -4.03
N THR A 46 14.25 -32.57 -4.89
CA THR A 46 15.33 -31.70 -5.43
C THR A 46 14.77 -30.85 -6.58
N SER A 47 15.43 -29.78 -6.91
CA SER A 47 14.95 -28.91 -8.01
C SER A 47 13.49 -28.52 -7.75
N GLU A 48 13.27 -27.32 -7.29
CA GLU A 48 11.88 -26.87 -7.00
C GLU A 48 11.65 -25.48 -7.59
N PRO A 49 11.78 -25.35 -8.88
CA PRO A 49 11.60 -24.05 -9.59
C PRO A 49 10.12 -23.65 -9.67
N GLN A 50 9.85 -22.37 -9.76
CA GLN A 50 8.44 -21.92 -9.84
C GLN A 50 7.77 -22.52 -11.07
N GLU A 51 6.52 -22.88 -10.97
CA GLU A 51 5.82 -23.50 -12.14
C GLU A 51 4.78 -22.53 -12.71
N PRO A 52 4.00 -21.87 -11.88
CA PRO A 52 2.95 -20.90 -12.37
C PRO A 52 3.58 -19.70 -13.08
N PRO A 53 2.97 -19.23 -14.13
CA PRO A 53 3.47 -18.06 -14.90
C PRO A 53 4.01 -16.96 -13.99
N VAL A 54 5.23 -16.54 -14.18
CA VAL A 54 5.80 -15.47 -13.32
C VAL A 54 5.11 -14.13 -13.65
N GLN A 55 4.74 -13.92 -14.88
CA GLN A 55 4.07 -12.65 -15.24
C GLN A 55 2.82 -12.47 -14.37
N ASP A 56 2.14 -13.54 -14.08
CA ASP A 56 0.92 -13.43 -13.22
C ASP A 56 1.32 -12.91 -11.85
N LEU A 57 2.44 -13.36 -11.35
CA LEU A 57 2.89 -12.88 -10.01
C LEU A 57 3.31 -11.41 -10.12
N LYS A 58 4.01 -11.07 -11.16
CA LYS A 58 4.45 -9.66 -11.34
C LYS A 58 3.21 -8.76 -11.47
N ALA A 59 2.16 -9.27 -12.07
CA ALA A 59 0.92 -8.45 -12.23
C ALA A 59 0.26 -8.23 -10.86
N ALA A 60 0.35 -9.19 -9.98
CA ALA A 60 -0.28 -9.03 -8.63
C ALA A 60 0.41 -7.92 -7.84
N VAL A 61 1.72 -7.92 -7.81
CA VAL A 61 2.43 -6.85 -7.05
C VAL A 61 2.26 -5.51 -7.77
N ALA A 62 2.25 -5.52 -9.06
CA ALA A 62 2.09 -4.24 -9.81
C ALA A 62 0.77 -3.58 -9.42
N ALA A 63 -0.26 -4.37 -9.20
CA ALA A 63 -1.57 -3.78 -8.82
C ALA A 63 -1.50 -3.21 -7.41
N VAL A 64 -0.91 -3.92 -6.49
CA VAL A 64 -0.83 -3.42 -5.09
C VAL A 64 -0.05 -2.10 -5.05
N HIS A 65 1.03 -2.00 -5.77
CA HIS A 65 1.81 -0.73 -5.79
C HIS A 65 0.92 0.40 -6.30
N GLY A 66 0.12 0.12 -7.30
CA GLY A 66 -0.77 1.17 -7.86
C GLY A 66 -1.91 1.46 -6.88
N ALA A 67 -2.53 0.44 -6.34
CA ALA A 67 -3.66 0.69 -5.42
C ALA A 67 -3.15 1.31 -4.12
N VAL A 68 -2.03 0.85 -3.63
CA VAL A 68 -1.49 1.40 -2.36
C VAL A 68 -1.10 2.86 -2.57
N HIS A 69 -0.42 3.15 -3.65
CA HIS A 69 -0.03 4.56 -3.92
C HIS A 69 -1.28 5.44 -3.85
N GLU A 70 -2.40 4.92 -4.26
CA GLU A 70 -3.65 5.72 -4.21
C GLU A 70 -3.94 6.07 -2.75
N LEU A 71 -3.56 5.20 -1.86
CA LEU A 71 -3.79 5.47 -0.41
C LEU A 71 -2.90 6.63 0.01
N LEU A 72 -1.66 6.62 -0.43
CA LEU A 72 -0.71 7.71 -0.08
C LEU A 72 -1.13 9.00 -0.78
N GLU A 73 -1.64 8.89 -1.98
CA GLU A 73 -2.06 10.12 -2.73
C GLU A 73 -3.32 10.72 -2.07
N PHE A 74 -4.27 9.91 -1.68
CA PHE A 74 -5.49 10.48 -1.05
C PHE A 74 -5.09 11.08 0.29
N ALA A 75 -4.29 10.39 1.05
CA ALA A 75 -3.87 10.94 2.36
C ALA A 75 -3.04 12.19 2.08
N ARG A 76 -2.23 12.12 1.06
CA ARG A 76 -1.39 13.30 0.70
C ARG A 76 -2.31 14.39 0.18
N SER A 77 -3.22 14.05 -0.69
CA SER A 77 -4.14 15.08 -1.23
C SER A 77 -4.87 15.72 -0.05
N ALA A 78 -5.37 14.90 0.84
CA ALA A 78 -6.07 15.42 2.05
C ALA A 78 -5.13 16.27 2.89
N VAL A 79 -3.88 15.88 2.99
CA VAL A 79 -2.92 16.66 3.81
C VAL A 79 -2.77 18.07 3.22
N SER A 80 -2.74 18.18 1.92
CA SER A 80 -2.59 19.54 1.29
C SER A 80 -3.73 20.44 1.78
N SER A 81 -4.90 19.88 1.94
CA SER A 81 -6.06 20.71 2.39
C SER A 81 -5.73 21.27 3.77
N ALA A 82 -5.03 20.53 4.58
CA ALA A 82 -4.67 21.04 5.94
C ALA A 82 -3.73 22.23 5.80
N THR A 83 -4.03 23.32 6.45
CA THR A 83 -3.13 24.51 6.35
C THR A 83 -3.52 25.54 7.41
N HIS A 84 -3.97 25.09 8.55
CA HIS A 84 -4.36 26.04 9.62
C HIS A 84 -3.56 25.74 10.90
N THR A 85 -3.21 26.77 11.64
CA THR A 85 -2.43 26.56 12.90
C THR A 85 -3.35 26.07 14.01
N SER A 86 -2.96 25.02 14.70
CA SER A 86 -3.81 24.49 15.81
C SER A 86 -3.03 23.41 16.56
N ASP A 87 -3.64 22.27 16.75
CA ASP A 87 -2.93 21.17 17.47
C ASP A 87 -1.85 20.58 16.56
N ARG A 88 -0.67 21.13 16.59
CA ARG A 88 0.41 20.61 15.71
C ARG A 88 0.67 19.13 16.05
N THR A 89 0.31 18.71 17.23
CA THR A 89 0.55 17.30 17.62
C THR A 89 -0.19 16.37 16.65
N LEU A 90 -1.38 16.72 16.25
CA LEU A 90 -2.13 15.85 15.32
C LEU A 90 -1.36 15.74 14.00
N HIS A 91 -0.95 16.84 13.45
CA HIS A 91 -0.16 16.79 12.18
C HIS A 91 1.15 16.06 12.44
N ALA A 92 1.77 16.33 13.56
CA ALA A 92 3.04 15.62 13.89
C ALA A 92 2.77 14.12 13.94
N LYS A 93 1.75 13.72 14.66
CA LYS A 93 1.41 12.27 14.74
C LYS A 93 1.04 11.76 13.34
N LEU A 94 0.22 12.51 12.64
CA LEU A 94 -0.18 12.08 11.27
C LEU A 94 1.01 12.14 10.32
N SER A 95 1.75 13.21 10.36
CA SER A 95 2.93 13.35 9.46
C SER A 95 3.96 12.26 9.78
N ARG A 96 4.20 12.00 11.03
CA ARG A 96 5.20 10.96 11.40
C ARG A 96 4.79 9.61 10.82
N GLN A 97 3.56 9.23 10.96
CA GLN A 97 3.12 7.90 10.42
C GLN A 97 3.05 7.95 8.88
N LEU A 98 2.54 9.02 8.34
CA LEU A 98 2.43 9.10 6.85
C LEU A 98 3.81 8.96 6.21
N GLN A 99 4.79 9.64 6.73
CA GLN A 99 6.17 9.53 6.16
C GLN A 99 6.68 8.10 6.25
N LYS A 100 6.30 7.36 7.26
CA LYS A 100 6.78 5.96 7.35
C LYS A 100 6.24 5.19 6.15
N MET A 101 5.09 5.57 5.69
CA MET A 101 4.48 4.88 4.51
C MET A 101 5.32 5.22 3.28
N GLU A 102 5.78 6.44 3.20
CA GLU A 102 6.60 6.86 2.03
C GLU A 102 7.85 5.98 1.97
N ASP A 103 8.53 5.85 3.07
CA ASP A 103 9.75 5.03 3.09
C ASP A 103 9.38 3.56 2.90
N VAL A 104 8.33 3.12 3.54
CA VAL A 104 7.92 1.69 3.39
C VAL A 104 7.38 1.44 1.97
N TYR A 105 6.64 2.36 1.43
CA TYR A 105 6.08 2.13 0.07
C TYR A 105 7.22 1.91 -0.93
N GLN A 106 8.26 2.69 -0.84
CA GLN A 106 9.40 2.51 -1.79
C GLN A 106 10.12 1.20 -1.46
N THR A 107 10.21 0.86 -0.20
CA THR A 107 10.90 -0.40 0.18
C THR A 107 10.21 -1.57 -0.53
N LEU A 108 8.91 -1.55 -0.59
CA LEU A 108 8.17 -2.65 -1.27
C LEU A 108 8.48 -2.64 -2.76
N VAL A 109 8.65 -1.47 -3.34
CA VAL A 109 8.93 -1.40 -4.79
C VAL A 109 10.26 -2.12 -5.08
N VAL A 110 11.26 -1.90 -4.27
CA VAL A 110 12.56 -2.58 -4.51
C VAL A 110 12.35 -4.09 -4.34
N HIS A 111 11.68 -4.49 -3.29
CA HIS A 111 11.41 -5.93 -3.09
C HIS A 111 10.64 -6.44 -4.31
N GLY A 112 9.75 -5.63 -4.81
CA GLY A 112 8.95 -6.02 -6.00
C GLY A 112 9.82 -5.95 -7.25
N GLN A 113 10.52 -4.86 -7.43
CA GLN A 113 11.39 -4.73 -8.64
C GLN A 113 12.38 -5.89 -8.67
N VAL A 114 12.73 -6.42 -7.53
CA VAL A 114 13.69 -7.56 -7.50
C VAL A 114 13.09 -8.77 -8.21
N LEU A 115 11.81 -8.97 -8.08
CA LEU A 115 11.17 -10.13 -8.76
C LEU A 115 11.47 -10.10 -10.25
N ASP A 116 11.50 -8.93 -10.83
CA ASP A 116 11.79 -8.81 -12.29
C ASP A 116 13.15 -9.46 -12.58
N SER A 117 14.09 -9.33 -11.69
CA SER A 117 15.44 -9.92 -11.92
C SER A 117 15.28 -11.43 -12.17
N GLY A 118 14.29 -12.05 -11.58
CA GLY A 118 14.10 -13.51 -11.78
C GLY A 118 13.99 -13.80 -13.28
N ARG A 119 13.54 -12.85 -14.05
CA ARG A 119 13.41 -13.08 -15.51
C ARG A 119 14.80 -13.35 -16.11
N GLY A 120 14.87 -14.25 -17.06
CA GLY A 120 16.19 -14.56 -17.68
C GLY A 120 17.00 -15.48 -16.76
N GLY A 121 17.36 -15.00 -15.60
CA GLY A 121 18.14 -15.84 -14.66
C GLY A 121 17.52 -15.76 -13.26
N PRO A 122 17.93 -16.63 -12.39
CA PRO A 122 17.42 -16.68 -10.97
C PRO A 122 17.80 -15.44 -10.18
N GLY A 123 16.92 -14.96 -9.35
CA GLY A 123 17.24 -13.75 -8.54
C GLY A 123 16.63 -13.90 -7.13
N PHE A 124 15.51 -14.55 -7.03
CA PHE A 124 14.86 -14.72 -5.70
C PHE A 124 14.22 -16.11 -5.63
N THR A 125 13.86 -16.56 -4.45
CA THR A 125 13.25 -17.91 -4.32
C THR A 125 11.99 -17.83 -3.45
N LEU A 126 11.36 -18.94 -3.22
CA LEU A 126 10.12 -18.95 -2.38
C LEU A 126 10.41 -18.29 -1.03
N ASP A 127 11.65 -18.31 -0.61
CA ASP A 127 11.99 -17.69 0.69
C ASP A 127 11.77 -16.17 0.61
N ASP A 128 12.23 -15.55 -0.45
CA ASP A 128 12.02 -14.10 -0.62
C ASP A 128 10.52 -13.79 -0.58
N LEU A 129 9.71 -14.63 -1.17
CA LEU A 129 8.25 -14.37 -1.17
C LEU A 129 7.74 -14.32 0.28
N ASP A 130 8.30 -15.11 1.15
CA ASP A 130 7.86 -15.04 2.56
C ASP A 130 8.13 -13.62 3.05
N ARG A 131 9.20 -13.04 2.58
CA ARG A 131 9.54 -11.65 2.98
C ARG A 131 8.56 -10.68 2.34
N LEU A 132 8.25 -10.86 1.07
CA LEU A 132 7.29 -9.94 0.41
C LEU A 132 5.90 -10.19 0.96
N VAL A 133 5.49 -11.44 1.04
CA VAL A 133 4.16 -11.73 1.61
C VAL A 133 4.11 -11.15 3.01
N ALA A 134 5.24 -11.13 3.68
CA ALA A 134 5.28 -10.56 5.06
C ALA A 134 5.15 -9.04 4.97
N CYS A 135 5.89 -8.42 4.09
CA CYS A 135 5.79 -6.95 3.95
C CYS A 135 4.40 -6.59 3.42
N SER A 136 3.91 -7.34 2.46
CA SER A 136 2.56 -7.05 1.91
C SER A 136 1.52 -7.05 3.03
N ARG A 137 1.71 -7.88 4.03
CA ARG A 137 0.73 -7.90 5.14
C ARG A 137 0.90 -6.62 5.98
N ALA A 138 2.07 -6.04 5.95
CA ALA A 138 2.32 -4.80 6.75
C ALA A 138 1.55 -3.59 6.18
N VAL A 139 1.48 -3.46 4.90
CA VAL A 139 0.80 -2.27 4.29
C VAL A 139 -0.70 -2.22 4.64
N PRO A 140 -1.44 -3.27 4.43
CA PRO A 140 -2.90 -3.29 4.78
C PRO A 140 -3.16 -3.03 6.27
N GLU A 141 -2.41 -3.65 7.13
CA GLU A 141 -2.61 -3.41 8.58
C GLU A 141 -2.27 -1.95 8.88
N ASP A 142 -1.21 -1.46 8.28
CA ASP A 142 -0.80 -0.04 8.51
C ASP A 142 -1.77 0.91 7.79
N ALA A 143 -2.25 0.54 6.64
CA ALA A 143 -3.20 1.43 5.91
C ALA A 143 -4.45 1.65 6.76
N LYS A 144 -4.97 0.61 7.36
CA LYS A 144 -6.18 0.76 8.20
C LYS A 144 -5.85 1.62 9.42
N GLN A 145 -4.71 1.40 10.02
CA GLN A 145 -4.32 2.21 11.22
C GLN A 145 -4.13 3.67 10.82
N LEU A 146 -3.45 3.92 9.74
CA LEU A 146 -3.26 5.34 9.31
C LEU A 146 -4.63 5.98 9.07
N ALA A 147 -5.58 5.21 8.61
CA ALA A 147 -6.93 5.77 8.39
C ALA A 147 -7.46 6.28 9.72
N SER A 148 -7.12 5.61 10.78
CA SER A 148 -7.59 6.05 12.12
C SER A 148 -6.97 7.40 12.47
N PHE A 149 -5.71 7.59 12.16
CA PHE A 149 -5.07 8.90 12.47
C PHE A 149 -5.75 9.99 11.65
N LEU A 150 -6.13 9.68 10.43
CA LEU A 150 -6.81 10.71 9.61
C LEU A 150 -8.11 11.14 10.32
N HIS A 151 -8.78 10.23 10.96
CA HIS A 151 -10.04 10.62 11.66
C HIS A 151 -9.76 11.56 12.83
N GLY A 152 -8.68 11.37 13.56
CA GLY A 152 -8.42 12.30 14.69
C GLY A 152 -8.05 13.64 14.05
N ASN A 153 -7.72 13.60 12.79
CA ASN A 153 -7.33 14.83 12.09
C ASN A 153 -8.39 15.20 11.05
N ALA A 154 -9.41 14.39 10.94
CA ALA A 154 -10.47 14.64 9.93
C ALA A 154 -11.09 16.05 10.08
N SER A 155 -10.97 16.62 11.23
CA SER A 155 -11.61 17.94 11.50
C SER A 155 -10.65 19.02 10.95
N LEU A 156 -9.36 18.87 11.18
CA LEU A 156 -8.43 19.92 10.65
C LEU A 156 -7.80 19.42 9.33
N LEU A 157 -7.86 18.14 9.06
CA LEU A 157 -7.29 17.58 7.79
C LEU A 157 -8.08 18.07 6.55
N PHE A 158 -9.34 18.29 6.70
CA PHE A 158 -10.19 18.80 5.58
C PHE A 158 -10.79 20.15 5.93
N ARG A 159 -11.67 20.15 6.89
CA ARG A 159 -12.36 21.40 7.32
C ARG A 159 -11.33 22.28 8.03
N ARG A 160 -10.52 22.98 7.28
CA ARG A 160 -9.48 23.86 7.90
C ARG A 160 -10.10 24.66 9.06
N THR A 161 -11.31 25.10 8.90
CA THR A 161 -11.97 25.88 9.99
C THR A 161 -13.43 26.16 9.59
N LYS A 162 -13.70 26.23 8.32
CA LYS A 162 -15.10 26.51 7.87
C LYS A 162 -15.95 25.25 8.02
N ALA A 163 -17.11 25.37 8.59
CA ALA A 163 -17.99 24.17 8.77
C ALA A 163 -18.56 23.74 7.42
N GLY A 1 -21.98 23.82 -12.79
CA GLY A 1 -21.11 25.05 -12.99
C GLY A 1 -19.91 25.25 -12.13
N SER A 2 -18.74 25.34 -12.71
CA SER A 2 -17.51 25.52 -11.90
C SER A 2 -17.42 24.43 -10.85
N GLY A 3 -16.31 24.34 -10.16
CA GLY A 3 -16.17 23.28 -9.12
C GLY A 3 -16.86 23.73 -7.83
N ARG A 4 -17.35 22.81 -7.06
CA ARG A 4 -18.04 23.19 -5.79
C ARG A 4 -17.04 23.11 -4.63
N GLU A 5 -17.47 22.61 -3.50
CA GLU A 5 -16.55 22.49 -2.34
C GLU A 5 -15.38 21.56 -2.70
N PRO A 6 -14.27 21.67 -2.03
CA PRO A 6 -13.07 20.83 -2.31
C PRO A 6 -13.28 19.38 -1.86
N LEU A 7 -12.89 19.07 -0.65
CA LEU A 7 -13.07 17.67 -0.16
C LEU A 7 -13.74 17.72 1.22
N GLU A 8 -14.72 16.89 1.44
CA GLU A 8 -15.41 16.88 2.75
C GLU A 8 -15.10 15.56 3.46
N LEU A 9 -15.42 15.47 4.72
CA LEU A 9 -15.13 14.22 5.48
C LEU A 9 -15.78 13.02 4.78
N GLU A 10 -17.00 13.16 4.31
CA GLU A 10 -17.68 12.02 3.64
C GLU A 10 -16.92 11.61 2.38
N VAL A 11 -16.45 12.55 1.61
CA VAL A 11 -15.68 12.19 0.39
C VAL A 11 -14.34 11.61 0.82
N ALA A 12 -13.71 12.24 1.78
CA ALA A 12 -12.41 11.72 2.28
C ALA A 12 -12.61 10.32 2.86
N VAL A 13 -13.69 10.10 3.57
CA VAL A 13 -13.93 8.75 4.15
C VAL A 13 -14.27 7.78 3.00
N GLU A 14 -15.03 8.21 2.05
CA GLU A 14 -15.39 7.33 0.91
C GLU A 14 -14.18 7.12 -0.01
N THR A 15 -13.52 8.18 -0.41
CA THR A 15 -12.33 8.02 -1.31
C THR A 15 -11.25 7.20 -0.58
N LEU A 16 -11.02 7.45 0.68
CA LEU A 16 -9.99 6.66 1.42
C LEU A 16 -10.51 5.23 1.64
N ALA A 17 -11.78 5.10 1.95
CA ALA A 17 -12.34 3.75 2.20
C ALA A 17 -12.22 2.91 0.93
N ARG A 18 -12.45 3.49 -0.21
CA ARG A 18 -12.34 2.72 -1.48
C ARG A 18 -10.91 2.19 -1.62
N LEU A 19 -9.95 2.95 -1.20
CA LEU A 19 -8.53 2.51 -1.32
C LEU A 19 -8.26 1.37 -0.33
N GLN A 20 -8.76 1.50 0.87
CA GLN A 20 -8.54 0.43 1.90
C GLN A 20 -9.10 -0.90 1.41
N GLN A 21 -10.15 -0.88 0.64
CA GLN A 21 -10.72 -2.15 0.13
C GLN A 21 -9.86 -2.63 -1.05
N GLY A 22 -9.56 -1.74 -1.95
CA GLY A 22 -8.74 -2.11 -3.12
C GLY A 22 -7.35 -2.56 -2.65
N VAL A 23 -6.84 -1.99 -1.59
CA VAL A 23 -5.50 -2.40 -1.11
C VAL A 23 -5.61 -3.78 -0.48
N SER A 24 -6.58 -3.99 0.38
CA SER A 24 -6.74 -5.33 1.01
C SER A 24 -7.12 -6.33 -0.07
N THR A 25 -7.92 -5.90 -1.01
CA THR A 25 -8.36 -6.81 -2.11
C THR A 25 -7.14 -7.25 -2.94
N THR A 26 -6.24 -6.35 -3.23
CA THR A 26 -5.05 -6.72 -4.03
C THR A 26 -4.12 -7.67 -3.24
N VAL A 27 -4.03 -7.52 -1.95
CA VAL A 27 -3.15 -8.44 -1.17
C VAL A 27 -3.80 -9.81 -1.10
N ALA A 28 -5.09 -9.88 -0.99
CA ALA A 28 -5.76 -11.20 -0.95
C ALA A 28 -5.41 -11.95 -2.22
N HIS A 29 -5.38 -11.27 -3.33
CA HIS A 29 -5.03 -11.93 -4.61
C HIS A 29 -3.66 -12.58 -4.48
N LEU A 30 -2.68 -11.85 -4.02
CA LEU A 30 -1.31 -12.43 -3.87
C LEU A 30 -1.38 -13.66 -2.96
N LEU A 31 -2.03 -13.53 -1.83
CA LEU A 31 -2.16 -14.69 -0.91
C LEU A 31 -3.01 -15.78 -1.57
N ASP A 32 -4.05 -15.38 -2.26
CA ASP A 32 -4.92 -16.37 -2.94
C ASP A 32 -4.12 -17.14 -3.98
N LEU A 33 -3.27 -16.46 -4.71
CA LEU A 33 -2.45 -17.14 -5.75
C LEU A 33 -1.50 -18.13 -5.07
N VAL A 34 -0.98 -17.79 -3.93
CA VAL A 34 -0.04 -18.71 -3.23
C VAL A 34 -0.75 -20.03 -2.93
N GLY A 35 -2.03 -19.99 -2.68
CA GLY A 35 -2.78 -21.24 -2.38
C GLY A 35 -2.36 -22.33 -3.37
N SER A 36 -1.95 -23.46 -2.87
CA SER A 36 -1.53 -24.56 -3.78
C SER A 36 -0.19 -24.21 -4.43
N ALA A 37 0.14 -22.95 -4.48
CA ALA A 37 1.44 -22.55 -5.11
C ALA A 37 1.59 -23.24 -6.46
N SER A 38 0.53 -23.81 -6.98
CA SER A 38 0.62 -24.49 -8.29
C SER A 38 -0.57 -24.08 -9.17
N GLY A 39 -0.36 -23.99 -10.45
CA GLY A 39 -1.48 -23.58 -11.35
C GLY A 39 -1.45 -24.43 -12.63
N PRO A 40 -2.28 -24.11 -13.58
CA PRO A 40 -2.37 -24.84 -14.86
C PRO A 40 -0.99 -25.03 -15.52
N GLY A 41 -0.75 -26.17 -16.11
CA GLY A 41 0.57 -26.41 -16.77
C GLY A 41 0.51 -27.70 -17.57
N GLY A 42 1.44 -28.60 -17.36
CA GLY A 42 1.45 -29.87 -18.12
C GLY A 42 2.30 -29.72 -19.38
N TRP A 43 2.01 -28.73 -20.18
CA TRP A 43 2.81 -28.52 -21.43
C TRP A 43 3.81 -27.39 -21.21
N ARG A 44 5.00 -27.53 -21.74
CA ARG A 44 6.02 -26.47 -21.56
C ARG A 44 6.05 -26.02 -20.10
N SER A 45 5.79 -26.92 -19.19
CA SER A 45 5.81 -26.54 -17.75
C SER A 45 6.52 -27.63 -16.95
N THR A 46 7.32 -28.44 -17.59
CA THR A 46 8.04 -29.52 -16.86
C THR A 46 9.15 -28.91 -16.01
N SER A 47 9.44 -27.65 -16.20
CA SER A 47 10.51 -27.00 -15.40
C SER A 47 9.88 -26.18 -14.26
N GLU A 48 10.44 -26.25 -13.09
CA GLU A 48 9.89 -25.48 -11.94
C GLU A 48 11.03 -24.77 -11.20
N PRO A 49 11.52 -23.67 -11.75
CA PRO A 49 12.63 -22.90 -11.12
C PRO A 49 12.12 -21.95 -10.02
N GLN A 50 11.27 -21.02 -10.37
CA GLN A 50 10.75 -20.08 -9.35
C GLN A 50 9.60 -19.26 -9.94
N GLU A 51 8.39 -19.61 -9.62
CA GLU A 51 7.22 -18.84 -10.16
C GLU A 51 7.38 -18.64 -11.67
N PRO A 52 7.07 -19.65 -12.45
CA PRO A 52 7.18 -19.57 -13.94
C PRO A 52 6.42 -18.38 -14.55
N PRO A 53 5.21 -18.12 -14.12
CA PRO A 53 4.41 -16.99 -14.67
C PRO A 53 4.75 -15.67 -13.98
N VAL A 54 5.85 -15.06 -14.35
CA VAL A 54 6.25 -13.77 -13.72
C VAL A 54 5.16 -12.72 -13.95
N GLN A 55 4.53 -12.74 -15.09
CA GLN A 55 3.46 -11.74 -15.36
C GLN A 55 2.36 -11.85 -14.31
N ASP A 56 2.00 -13.05 -13.94
CA ASP A 56 0.94 -13.24 -12.92
C ASP A 56 1.42 -12.66 -11.59
N LEU A 57 2.63 -12.97 -11.19
CA LEU A 57 3.16 -12.42 -9.91
C LEU A 57 3.49 -10.94 -10.09
N LYS A 58 4.11 -10.60 -11.18
CA LYS A 58 4.45 -9.17 -11.43
C LYS A 58 3.18 -8.34 -11.43
N ALA A 59 2.09 -8.89 -11.91
CA ALA A 59 0.81 -8.13 -11.94
C ALA A 59 0.27 -7.94 -10.51
N ALA A 60 0.50 -8.90 -9.65
CA ALA A 60 -0.01 -8.78 -8.26
C ALA A 60 0.73 -7.68 -7.50
N VAL A 61 2.03 -7.65 -7.57
CA VAL A 61 2.78 -6.59 -6.85
C VAL A 61 2.54 -5.24 -7.53
N ALA A 62 2.43 -5.24 -8.83
CA ALA A 62 2.18 -3.96 -9.55
C ALA A 62 0.79 -3.44 -9.18
N ALA A 63 -0.17 -4.31 -9.07
CA ALA A 63 -1.55 -3.88 -8.72
C ALA A 63 -1.61 -3.40 -7.27
N VAL A 64 -1.14 -4.17 -6.34
CA VAL A 64 -1.18 -3.72 -4.91
C VAL A 64 -0.33 -2.46 -4.75
N HIS A 65 0.82 -2.42 -5.37
CA HIS A 65 1.70 -1.22 -5.27
C HIS A 65 1.03 -0.03 -5.97
N GLY A 66 0.28 -0.28 -7.01
CA GLY A 66 -0.40 0.84 -7.72
C GLY A 66 -1.54 1.39 -6.86
N ALA A 67 -2.34 0.53 -6.29
CA ALA A 67 -3.48 1.03 -5.45
C ALA A 67 -2.94 1.65 -4.17
N VAL A 68 -1.93 1.06 -3.59
CA VAL A 68 -1.38 1.62 -2.33
C VAL A 68 -0.81 3.01 -2.61
N HIS A 69 -0.09 3.16 -3.69
CA HIS A 69 0.45 4.50 -4.03
C HIS A 69 -0.71 5.50 -4.03
N GLU A 70 -1.90 5.06 -4.34
CA GLU A 70 -3.07 5.98 -4.28
C GLU A 70 -3.29 6.44 -2.85
N LEU A 71 -2.90 5.62 -1.90
CA LEU A 71 -3.05 6.04 -0.48
C LEU A 71 -2.10 7.21 -0.24
N LEU A 72 -0.94 7.15 -0.83
CA LEU A 72 0.02 8.25 -0.69
C LEU A 72 -0.64 9.53 -1.24
N GLU A 73 -1.24 9.44 -2.39
CA GLU A 73 -1.91 10.63 -2.98
C GLU A 73 -3.20 10.93 -2.21
N PHE A 74 -3.99 9.92 -1.93
CA PHE A 74 -5.26 10.17 -1.19
C PHE A 74 -4.92 10.70 0.21
N ALA A 75 -3.99 10.07 0.87
CA ALA A 75 -3.60 10.54 2.23
C ALA A 75 -2.97 11.92 2.08
N ARG A 76 -2.15 12.10 1.08
CA ARG A 76 -1.50 13.41 0.86
C ARG A 76 -2.55 14.49 0.61
N SER A 77 -3.57 14.16 -0.14
CA SER A 77 -4.62 15.18 -0.41
C SER A 77 -5.20 15.68 0.91
N ALA A 78 -5.40 14.79 1.84
CA ALA A 78 -5.95 15.20 3.16
C ALA A 78 -4.95 16.14 3.86
N VAL A 79 -3.68 15.81 3.83
CA VAL A 79 -2.67 16.67 4.48
C VAL A 79 -2.60 18.03 3.77
N SER A 80 -2.65 18.03 2.46
CA SER A 80 -2.58 19.31 1.71
C SER A 80 -3.77 20.19 2.10
N SER A 81 -4.88 19.60 2.46
CA SER A 81 -6.07 20.40 2.85
C SER A 81 -5.95 20.79 4.32
N ALA A 82 -4.88 20.42 4.97
CA ALA A 82 -4.70 20.77 6.41
C ALA A 82 -4.43 22.27 6.53
N THR A 83 -4.24 22.95 5.43
CA THR A 83 -3.97 24.41 5.49
C THR A 83 -2.85 24.68 6.50
N HIS A 84 -3.21 24.88 7.76
CA HIS A 84 -2.18 25.15 8.80
C HIS A 84 -1.65 23.82 9.34
N THR A 85 -0.36 23.73 9.56
CA THR A 85 0.21 22.47 10.09
C THR A 85 0.57 22.65 11.57
N SER A 86 0.83 21.57 12.26
CA SER A 86 1.18 21.68 13.71
C SER A 86 -0.01 22.25 14.47
N ASP A 87 -1.10 22.52 13.80
CA ASP A 87 -2.30 23.09 14.48
C ASP A 87 -2.71 22.15 15.63
N ARG A 88 -2.59 20.86 15.42
CA ARG A 88 -2.98 19.90 16.49
C ARG A 88 -1.90 18.81 16.61
N THR A 89 -1.78 18.21 17.76
CA THR A 89 -0.75 17.14 17.93
C THR A 89 -1.02 16.00 16.94
N LEU A 90 -2.27 15.69 16.70
CA LEU A 90 -2.58 14.58 15.74
C LEU A 90 -1.96 14.90 14.39
N HIS A 91 -2.00 16.13 13.95
CA HIS A 91 -1.38 16.47 12.64
C HIS A 91 0.12 16.23 12.74
N ALA A 92 0.73 16.66 13.82
CA ALA A 92 2.18 16.42 14.00
C ALA A 92 2.47 14.92 13.89
N LYS A 93 1.67 14.12 14.53
CA LYS A 93 1.87 12.64 14.44
C LYS A 93 1.53 12.16 13.03
N LEU A 94 0.52 12.72 12.42
CA LEU A 94 0.14 12.30 11.04
C LEU A 94 1.32 12.54 10.10
N SER A 95 1.93 13.69 10.17
CA SER A 95 3.09 13.96 9.27
C SER A 95 4.20 12.95 9.54
N ARG A 96 4.45 12.64 10.78
CA ARG A 96 5.53 11.66 11.10
C ARG A 96 5.17 10.28 10.55
N GLN A 97 3.95 9.85 10.73
CA GLN A 97 3.56 8.51 10.22
C GLN A 97 3.41 8.55 8.69
N LEU A 98 3.06 9.69 8.15
CA LEU A 98 2.88 9.80 6.68
C LEU A 98 4.22 9.62 5.96
N GLN A 99 5.22 10.34 6.38
CA GLN A 99 6.56 10.22 5.71
C GLN A 99 7.09 8.80 5.90
N LYS A 100 6.88 8.23 7.05
CA LYS A 100 7.35 6.84 7.28
C LYS A 100 6.57 5.93 6.33
N MET A 101 5.35 6.27 6.05
CA MET A 101 4.52 5.45 5.13
C MET A 101 5.09 5.57 3.72
N GLU A 102 5.57 6.72 3.39
CA GLU A 102 6.17 6.93 2.03
C GLU A 102 7.44 6.10 1.92
N ASP A 103 8.32 6.24 2.87
CA ASP A 103 9.60 5.50 2.83
C ASP A 103 9.30 4.01 2.76
N VAL A 104 8.35 3.55 3.52
CA VAL A 104 8.02 2.09 3.52
C VAL A 104 7.55 1.66 2.12
N TYR A 105 6.82 2.50 1.44
CA TYR A 105 6.32 2.11 0.09
C TYR A 105 7.49 1.87 -0.86
N GLN A 106 8.55 2.62 -0.74
CA GLN A 106 9.72 2.41 -1.65
C GLN A 106 10.38 1.05 -1.34
N THR A 107 10.39 0.67 -0.09
CA THR A 107 11.00 -0.65 0.27
C THR A 107 10.28 -1.76 -0.47
N LEU A 108 8.99 -1.66 -0.59
CA LEU A 108 8.21 -2.72 -1.30
C LEU A 108 8.58 -2.71 -2.78
N VAL A 109 8.78 -1.56 -3.36
CA VAL A 109 9.11 -1.49 -4.81
C VAL A 109 10.44 -2.23 -5.04
N VAL A 110 11.41 -2.03 -4.20
CA VAL A 110 12.70 -2.74 -4.39
C VAL A 110 12.45 -4.25 -4.25
N HIS A 111 11.73 -4.64 -3.23
CA HIS A 111 11.43 -6.08 -3.07
C HIS A 111 10.70 -6.56 -4.33
N GLY A 112 9.81 -5.73 -4.84
CA GLY A 112 9.05 -6.11 -6.07
C GLY A 112 9.98 -6.01 -7.28
N GLN A 113 10.79 -4.99 -7.34
CA GLN A 113 11.71 -4.84 -8.51
C GLN A 113 12.55 -6.11 -8.66
N VAL A 114 12.67 -6.89 -7.62
CA VAL A 114 13.48 -8.14 -7.71
C VAL A 114 12.86 -9.09 -8.74
N LEU A 115 11.55 -9.11 -8.81
CA LEU A 115 10.88 -10.00 -9.80
C LEU A 115 11.41 -9.70 -11.20
N ASP A 116 11.75 -8.47 -11.46
CA ASP A 116 12.28 -8.11 -12.81
C ASP A 116 13.79 -8.38 -12.86
N SER A 117 14.56 -7.37 -13.17
CA SER A 117 16.03 -7.56 -13.23
C SER A 117 16.36 -8.65 -14.25
N GLY A 118 17.57 -8.67 -14.76
CA GLY A 118 17.95 -9.71 -15.76
C GLY A 118 18.47 -10.94 -15.04
N ARG A 119 18.96 -11.91 -15.78
CA ARG A 119 19.49 -13.14 -15.13
C ARG A 119 20.80 -12.82 -14.42
N GLY A 120 21.02 -13.40 -13.27
CA GLY A 120 22.29 -13.13 -12.53
C GLY A 120 22.48 -14.20 -11.45
N GLY A 121 23.55 -14.10 -10.70
CA GLY A 121 23.80 -15.10 -9.63
C GLY A 121 22.52 -15.33 -8.82
N PRO A 122 22.16 -14.35 -8.03
CA PRO A 122 20.93 -14.41 -7.18
C PRO A 122 19.66 -14.57 -8.01
N GLY A 123 18.65 -15.21 -7.46
CA GLY A 123 17.39 -15.40 -8.22
C GLY A 123 16.20 -15.34 -7.27
N PHE A 124 15.01 -15.62 -7.74
CA PHE A 124 13.82 -15.58 -6.85
C PHE A 124 13.52 -16.98 -6.34
N THR A 125 13.26 -17.12 -5.06
CA THR A 125 12.96 -18.45 -4.50
C THR A 125 11.75 -18.36 -3.56
N LEU A 126 11.20 -19.48 -3.17
CA LEU A 126 10.02 -19.47 -2.25
C LEU A 126 10.35 -18.66 -1.01
N ASP A 127 11.62 -18.54 -0.68
CA ASP A 127 12.01 -17.77 0.54
C ASP A 127 11.76 -16.28 0.28
N ASP A 128 12.15 -15.80 -0.87
CA ASP A 128 11.93 -14.36 -1.19
C ASP A 128 10.44 -14.05 -1.12
N LEU A 129 9.61 -14.97 -1.55
CA LEU A 129 8.14 -14.72 -1.51
C LEU A 129 7.68 -14.64 -0.06
N ASP A 130 8.26 -15.40 0.82
CA ASP A 130 7.86 -15.32 2.24
C ASP A 130 8.07 -13.87 2.69
N ARG A 131 9.10 -13.25 2.17
CA ARG A 131 9.38 -11.84 2.53
C ARG A 131 8.36 -10.92 1.85
N LEU A 132 8.00 -11.20 0.62
CA LEU A 132 7.01 -10.33 -0.08
C LEU A 132 5.64 -10.57 0.54
N VAL A 133 5.23 -11.80 0.68
CA VAL A 133 3.91 -12.07 1.31
C VAL A 133 3.90 -11.40 2.68
N ALA A 134 5.05 -11.32 3.31
CA ALA A 134 5.14 -10.69 4.64
C ALA A 134 4.88 -9.19 4.50
N CYS A 135 5.45 -8.58 3.50
CA CYS A 135 5.24 -7.12 3.28
C CYS A 135 3.78 -6.87 2.92
N SER A 136 3.20 -7.72 2.12
CA SER A 136 1.78 -7.52 1.73
C SER A 136 0.87 -7.44 2.97
N ARG A 137 1.21 -8.14 4.02
CA ARG A 137 0.37 -8.07 5.26
C ARG A 137 0.64 -6.76 5.99
N ALA A 138 1.84 -6.23 5.86
CA ALA A 138 2.19 -4.98 6.60
C ALA A 138 1.46 -3.77 6.00
N VAL A 139 1.46 -3.64 4.71
CA VAL A 139 0.85 -2.43 4.07
C VAL A 139 -0.65 -2.28 4.43
N PRO A 140 -1.44 -3.30 4.28
CA PRO A 140 -2.90 -3.23 4.62
C PRO A 140 -3.16 -3.00 6.11
N GLU A 141 -2.44 -3.65 6.96
CA GLU A 141 -2.64 -3.42 8.42
C GLU A 141 -2.20 -2.00 8.76
N ASP A 142 -1.09 -1.56 8.20
CA ASP A 142 -0.61 -0.19 8.48
C ASP A 142 -1.46 0.81 7.71
N ALA A 143 -1.91 0.45 6.54
CA ALA A 143 -2.74 1.40 5.75
C ALA A 143 -4.02 1.69 6.54
N LYS A 144 -4.60 0.69 7.13
CA LYS A 144 -5.85 0.91 7.93
C LYS A 144 -5.52 1.75 9.16
N GLN A 145 -4.41 1.48 9.80
CA GLN A 145 -4.05 2.25 11.02
C GLN A 145 -3.80 3.71 10.62
N LEU A 146 -3.08 3.93 9.56
CA LEU A 146 -2.83 5.33 9.12
C LEU A 146 -4.17 6.00 8.84
N ALA A 147 -5.14 5.25 8.38
CA ALA A 147 -6.48 5.85 8.10
C ALA A 147 -7.07 6.36 9.41
N SER A 148 -6.78 5.70 10.50
CA SER A 148 -7.33 6.14 11.81
C SER A 148 -6.73 7.50 12.17
N PHE A 149 -5.47 7.71 11.87
CA PHE A 149 -4.84 9.01 12.19
C PHE A 149 -5.52 10.12 11.39
N LEU A 150 -5.84 9.85 10.15
CA LEU A 150 -6.53 10.88 9.34
C LEU A 150 -7.88 11.19 9.97
N HIS A 151 -8.54 10.19 10.49
CA HIS A 151 -9.88 10.43 11.13
C HIS A 151 -9.72 11.25 12.41
N GLY A 152 -8.76 10.93 13.23
CA GLY A 152 -8.59 11.68 14.50
C GLY A 152 -8.45 13.18 14.21
N ASN A 153 -7.95 13.53 13.05
CA ASN A 153 -7.78 14.97 12.73
C ASN A 153 -8.46 15.28 11.39
N ALA A 154 -9.26 14.38 10.88
CA ALA A 154 -9.94 14.63 9.58
C ALA A 154 -10.74 15.92 9.68
N SER A 155 -11.26 16.22 10.83
CA SER A 155 -12.05 17.48 10.99
C SER A 155 -11.23 18.66 10.48
N LEU A 156 -9.94 18.63 10.66
CA LEU A 156 -9.09 19.76 10.19
C LEU A 156 -8.66 19.51 8.74
N LEU A 157 -8.32 18.30 8.40
CA LEU A 157 -7.88 18.03 7.00
C LEU A 157 -9.00 18.48 6.06
N PHE A 158 -10.23 18.34 6.49
CA PHE A 158 -11.37 18.74 5.62
C PHE A 158 -12.27 19.74 6.38
N ARG A 159 -12.99 19.28 7.37
CA ARG A 159 -13.87 20.20 8.14
C ARG A 159 -15.14 20.49 7.33
N ARG A 160 -16.25 19.96 7.74
CA ARG A 160 -17.52 20.21 6.98
C ARG A 160 -17.98 21.65 7.21
N THR A 161 -18.56 22.27 6.23
CA THR A 161 -19.04 23.68 6.37
C THR A 161 -20.22 23.71 7.34
N LYS A 162 -20.31 24.72 8.16
CA LYS A 162 -21.44 24.82 9.12
C LYS A 162 -22.76 24.89 8.35
N ALA A 163 -22.77 25.56 7.22
CA ALA A 163 -24.02 25.65 6.43
C ALA A 163 -25.07 26.44 7.23
N GLY A 1 -5.06 27.06 -3.49
CA GLY A 1 -3.95 26.26 -4.18
C GLY A 1 -3.88 26.26 -5.67
N SER A 2 -4.60 25.37 -6.30
CA SER A 2 -4.57 25.31 -7.80
C SER A 2 -5.96 24.94 -8.31
N GLY A 3 -6.49 23.82 -7.89
CA GLY A 3 -7.83 23.40 -8.37
C GLY A 3 -8.91 24.20 -7.63
N ARG A 4 -10.07 24.32 -8.20
CA ARG A 4 -11.16 25.09 -7.54
C ARG A 4 -12.10 24.11 -6.81
N GLU A 5 -12.59 24.47 -5.66
CA GLU A 5 -13.52 23.56 -4.92
C GLU A 5 -12.84 22.20 -4.71
N PRO A 6 -11.96 22.08 -3.75
CA PRO A 6 -11.25 20.81 -3.46
C PRO A 6 -12.21 19.68 -3.07
N LEU A 7 -11.75 18.74 -2.30
CA LEU A 7 -12.65 17.61 -1.89
C LEU A 7 -13.27 17.94 -0.52
N GLU A 8 -14.37 17.32 -0.22
CA GLU A 8 -15.06 17.54 1.09
C GLU A 8 -14.71 16.38 2.01
N LEU A 9 -14.71 16.60 3.30
CA LEU A 9 -14.36 15.53 4.27
C LEU A 9 -15.25 14.31 4.04
N GLU A 10 -16.52 14.52 3.82
CA GLU A 10 -17.45 13.37 3.62
C GLU A 10 -17.01 12.54 2.41
N VAL A 11 -16.48 13.16 1.38
CA VAL A 11 -16.03 12.37 0.21
C VAL A 11 -14.71 11.70 0.58
N ALA A 12 -13.88 12.40 1.29
CA ALA A 12 -12.57 11.84 1.69
C ALA A 12 -12.80 10.54 2.45
N VAL A 13 -13.74 10.52 3.35
CA VAL A 13 -13.98 9.28 4.14
C VAL A 13 -14.61 8.23 3.22
N GLU A 14 -15.45 8.66 2.31
CA GLU A 14 -16.11 7.69 1.38
C GLU A 14 -15.09 7.19 0.35
N THR A 15 -14.40 8.08 -0.32
CA THR A 15 -13.41 7.64 -1.35
C THR A 15 -12.23 6.91 -0.67
N LEU A 16 -11.74 7.42 0.42
CA LEU A 16 -10.61 6.73 1.12
C LEU A 16 -11.07 5.32 1.54
N ALA A 17 -12.28 5.20 2.01
CA ALA A 17 -12.78 3.86 2.46
C ALA A 17 -12.74 2.88 1.28
N ARG A 18 -12.93 3.36 0.09
CA ARG A 18 -12.90 2.45 -1.09
C ARG A 18 -11.47 1.91 -1.27
N LEU A 19 -10.49 2.73 -0.99
CA LEU A 19 -9.08 2.29 -1.14
C LEU A 19 -8.74 1.24 -0.07
N GLN A 20 -9.19 1.44 1.13
CA GLN A 20 -8.89 0.47 2.22
C GLN A 20 -9.48 -0.89 1.87
N GLN A 21 -10.59 -0.92 1.19
CA GLN A 21 -11.20 -2.22 0.81
C GLN A 21 -10.44 -2.79 -0.38
N GLY A 22 -10.19 -1.97 -1.36
CA GLY A 22 -9.45 -2.44 -2.57
C GLY A 22 -8.03 -2.84 -2.17
N VAL A 23 -7.45 -2.17 -1.20
CA VAL A 23 -6.06 -2.51 -0.80
C VAL A 23 -6.09 -3.88 -0.11
N SER A 24 -6.97 -4.07 0.83
CA SER A 24 -7.05 -5.37 1.53
C SER A 24 -7.53 -6.43 0.54
N THR A 25 -8.44 -6.08 -0.32
CA THR A 25 -8.97 -7.05 -1.32
C THR A 25 -7.84 -7.49 -2.25
N THR A 26 -7.03 -6.57 -2.72
CA THR A 26 -5.92 -6.93 -3.63
C THR A 26 -4.89 -7.77 -2.88
N VAL A 27 -4.71 -7.52 -1.61
CA VAL A 27 -3.70 -8.31 -0.84
C VAL A 27 -4.17 -9.77 -0.74
N ALA A 28 -5.44 -9.99 -0.60
CA ALA A 28 -5.95 -11.39 -0.52
C ALA A 28 -5.58 -12.12 -1.81
N HIS A 29 -5.66 -11.42 -2.92
CA HIS A 29 -5.31 -12.05 -4.23
C HIS A 29 -3.85 -12.46 -4.22
N LEU A 30 -2.98 -11.61 -3.76
CA LEU A 30 -1.54 -11.97 -3.73
C LEU A 30 -1.35 -13.29 -2.97
N LEU A 31 -2.01 -13.43 -1.85
CA LEU A 31 -1.88 -14.70 -1.09
C LEU A 31 -2.65 -15.80 -1.82
N ASP A 32 -3.80 -15.49 -2.34
CA ASP A 32 -4.58 -16.52 -3.09
C ASP A 32 -3.74 -17.02 -4.27
N LEU A 33 -3.08 -16.13 -4.95
CA LEU A 33 -2.24 -16.56 -6.11
C LEU A 33 -1.01 -17.32 -5.61
N VAL A 34 -0.46 -16.90 -4.50
CA VAL A 34 0.74 -17.60 -3.95
C VAL A 34 0.41 -19.07 -3.71
N GLY A 35 -0.77 -19.36 -3.25
CA GLY A 35 -1.14 -20.78 -3.01
C GLY A 35 -0.85 -21.62 -4.25
N SER A 36 -1.05 -21.07 -5.41
CA SER A 36 -0.79 -21.82 -6.66
C SER A 36 0.70 -22.22 -6.72
N ALA A 37 1.56 -21.41 -6.14
CA ALA A 37 3.00 -21.74 -6.16
C ALA A 37 3.22 -23.12 -5.55
N SER A 38 4.17 -23.87 -6.07
CA SER A 38 4.42 -25.23 -5.52
C SER A 38 5.93 -25.40 -5.29
N GLY A 39 6.30 -26.29 -4.39
CA GLY A 39 7.75 -26.50 -4.13
C GLY A 39 8.46 -26.91 -5.42
N PRO A 40 9.75 -26.84 -5.42
CA PRO A 40 10.58 -27.20 -6.62
C PRO A 40 10.46 -28.70 -6.96
N GLY A 41 10.35 -29.53 -5.97
CA GLY A 41 10.23 -31.00 -6.24
C GLY A 41 10.77 -31.78 -5.03
N GLY A 42 11.58 -32.78 -5.28
CA GLY A 42 12.14 -33.57 -4.15
C GLY A 42 13.31 -34.42 -4.66
N TRP A 43 13.05 -35.66 -5.00
CA TRP A 43 14.15 -36.53 -5.50
C TRP A 43 14.22 -36.43 -7.02
N ARG A 44 15.37 -36.70 -7.59
CA ARG A 44 15.52 -36.60 -9.06
C ARG A 44 15.01 -35.24 -9.54
N SER A 45 15.35 -34.19 -8.85
CA SER A 45 14.88 -32.84 -9.26
C SER A 45 15.99 -31.82 -9.01
N THR A 46 16.14 -30.86 -9.88
CA THR A 46 17.20 -29.83 -9.68
C THR A 46 16.58 -28.44 -9.75
N SER A 47 17.32 -27.43 -9.36
CA SER A 47 16.76 -26.05 -9.40
C SER A 47 16.34 -25.71 -10.83
N GLU A 48 15.18 -25.12 -11.00
CA GLU A 48 14.71 -24.77 -12.36
C GLU A 48 13.86 -23.49 -12.30
N PRO A 49 13.79 -22.76 -13.37
CA PRO A 49 12.99 -21.49 -13.43
C PRO A 49 11.64 -21.64 -12.73
N GLN A 50 11.07 -20.56 -12.27
CA GLN A 50 9.75 -20.64 -11.58
C GLN A 50 8.69 -21.17 -12.55
N GLU A 51 7.90 -22.13 -12.14
CA GLU A 51 6.86 -22.69 -13.05
C GLU A 51 5.97 -21.57 -13.59
N PRO A 52 5.38 -20.78 -12.73
CA PRO A 52 4.47 -19.65 -13.16
C PRO A 52 5.25 -18.46 -13.72
N PRO A 53 4.96 -18.04 -14.94
CA PRO A 53 5.67 -16.89 -15.58
C PRO A 53 5.86 -15.73 -14.60
N VAL A 54 7.02 -15.14 -14.60
CA VAL A 54 7.27 -13.99 -13.68
C VAL A 54 6.33 -12.84 -14.03
N GLN A 55 6.06 -12.63 -15.28
CA GLN A 55 5.15 -11.53 -15.68
C GLN A 55 3.80 -11.70 -14.97
N ASP A 56 3.30 -12.90 -14.92
CA ASP A 56 2.01 -13.14 -14.22
C ASP A 56 2.18 -12.80 -12.74
N LEU A 57 3.27 -13.20 -12.16
CA LEU A 57 3.52 -12.89 -10.73
C LEU A 57 3.77 -11.38 -10.58
N LYS A 58 4.55 -10.82 -11.47
CA LYS A 58 4.84 -9.36 -11.40
C LYS A 58 3.55 -8.56 -11.53
N ALA A 59 2.63 -9.04 -12.34
CA ALA A 59 1.35 -8.30 -12.52
C ALA A 59 0.51 -8.37 -11.24
N ALA A 60 0.48 -9.51 -10.60
CA ALA A 60 -0.34 -9.65 -9.36
C ALA A 60 0.18 -8.69 -8.28
N VAL A 61 1.46 -8.65 -8.07
CA VAL A 61 2.01 -7.74 -7.02
C VAL A 61 1.84 -6.29 -7.47
N ALA A 62 2.03 -6.01 -8.73
CA ALA A 62 1.86 -4.61 -9.21
C ALA A 62 0.46 -4.12 -8.91
N ALA A 63 -0.52 -4.99 -8.97
CA ALA A 63 -1.91 -4.56 -8.68
C ALA A 63 -2.04 -4.20 -7.20
N VAL A 64 -1.46 -4.99 -6.33
CA VAL A 64 -1.55 -4.68 -4.87
C VAL A 64 -0.86 -3.35 -4.60
N HIS A 65 0.30 -3.13 -5.17
CA HIS A 65 1.02 -1.85 -4.97
C HIS A 65 0.19 -0.68 -5.52
N GLY A 66 -0.47 -0.90 -6.63
CA GLY A 66 -1.25 0.21 -7.25
C GLY A 66 -2.33 0.73 -6.29
N ALA A 67 -3.02 -0.15 -5.61
CA ALA A 67 -4.09 0.32 -4.68
C ALA A 67 -3.45 1.09 -3.52
N VAL A 68 -2.31 0.65 -3.06
CA VAL A 68 -1.65 1.33 -1.92
C VAL A 68 -1.24 2.74 -2.34
N HIS A 69 -0.63 2.87 -3.50
CA HIS A 69 -0.21 4.20 -3.98
C HIS A 69 -1.41 5.15 -3.96
N GLU A 70 -2.58 4.64 -4.27
CA GLU A 70 -3.79 5.52 -4.25
C GLU A 70 -3.98 6.03 -2.83
N LEU A 71 -3.66 5.21 -1.85
CA LEU A 71 -3.82 5.66 -0.44
C LEU A 71 -2.79 6.75 -0.20
N LEU A 72 -1.61 6.56 -0.72
CA LEU A 72 -0.55 7.59 -0.55
C LEU A 72 -1.05 8.89 -1.21
N GLU A 73 -1.65 8.78 -2.36
CA GLU A 73 -2.17 9.98 -3.06
C GLU A 73 -3.42 10.50 -2.34
N PHE A 74 -4.33 9.62 -1.98
CA PHE A 74 -5.56 10.07 -1.29
C PHE A 74 -5.17 10.68 0.06
N ALA A 75 -4.35 9.99 0.81
CA ALA A 75 -3.90 10.55 2.11
C ALA A 75 -3.14 11.85 1.86
N ARG A 76 -2.36 11.89 0.83
CA ARG A 76 -1.60 13.14 0.49
C ARG A 76 -2.58 14.29 0.27
N SER A 77 -3.66 14.04 -0.42
CA SER A 77 -4.64 15.13 -0.66
C SER A 77 -5.10 15.67 0.69
N ALA A 78 -5.27 14.81 1.66
CA ALA A 78 -5.72 15.27 3.00
C ALA A 78 -4.64 16.16 3.62
N VAL A 79 -3.40 15.89 3.33
CA VAL A 79 -2.31 16.71 3.92
C VAL A 79 -2.53 18.19 3.59
N SER A 80 -2.80 18.49 2.35
CA SER A 80 -3.03 19.91 1.97
C SER A 80 -2.19 20.82 2.87
N SER A 81 -0.89 20.78 2.70
CA SER A 81 -0.01 21.63 3.57
C SER A 81 0.03 21.03 4.98
N ALA A 82 -1.07 21.04 5.67
CA ALA A 82 -1.10 20.47 7.04
C ALA A 82 -0.24 21.32 7.98
N THR A 83 0.50 22.26 7.43
CA THR A 83 1.36 23.12 8.28
C THR A 83 1.30 24.56 7.78
N HIS A 84 1.42 25.52 8.66
CA HIS A 84 1.37 26.94 8.23
C HIS A 84 1.74 27.83 9.41
N THR A 85 0.93 28.81 9.70
CA THR A 85 1.24 29.73 10.84
C THR A 85 1.29 28.92 12.15
N SER A 86 0.42 27.95 12.29
CA SER A 86 0.43 27.14 13.53
C SER A 86 0.07 25.69 13.20
N ASP A 87 0.37 24.77 14.07
CA ASP A 87 0.04 23.35 13.80
C ASP A 87 -0.35 22.65 15.10
N ARG A 88 -0.82 21.44 15.03
CA ARG A 88 -1.22 20.70 16.25
C ARG A 88 -0.43 19.39 16.35
N THR A 89 -0.40 18.79 17.51
CA THR A 89 0.35 17.51 17.67
C THR A 89 -0.23 16.46 16.72
N LEU A 90 -1.50 16.53 16.46
CA LEU A 90 -2.13 15.52 15.55
C LEU A 90 -1.40 15.52 14.20
N HIS A 91 -1.12 16.67 13.65
CA HIS A 91 -0.40 16.73 12.36
C HIS A 91 1.00 16.12 12.58
N ALA A 92 1.62 16.47 13.68
CA ALA A 92 2.97 15.90 13.98
C ALA A 92 2.86 14.37 13.99
N LYS A 93 1.90 13.85 14.71
CA LYS A 93 1.72 12.37 14.75
C LYS A 93 1.36 11.86 13.35
N LEU A 94 0.46 12.53 12.68
CA LEU A 94 0.08 12.08 11.31
C LEU A 94 1.30 12.10 10.40
N SER A 95 2.06 13.16 10.44
CA SER A 95 3.28 13.24 9.57
C SER A 95 4.19 12.04 9.88
N ARG A 96 4.32 11.69 11.12
CA ARG A 96 5.21 10.55 11.51
C ARG A 96 4.73 9.26 10.82
N GLN A 97 3.45 8.98 10.85
CA GLN A 97 2.96 7.74 10.18
C GLN A 97 2.96 7.90 8.66
N LEU A 98 2.76 9.09 8.17
CA LEU A 98 2.74 9.30 6.68
C LEU A 98 4.14 9.09 6.11
N GLN A 99 5.14 9.73 6.67
CA GLN A 99 6.52 9.55 6.14
C GLN A 99 6.94 8.09 6.34
N LYS A 100 6.52 7.50 7.42
CA LYS A 100 6.88 6.07 7.65
C LYS A 100 6.22 5.24 6.56
N MET A 101 5.04 5.62 6.15
CA MET A 101 4.34 4.88 5.07
C MET A 101 5.10 5.09 3.77
N GLU A 102 5.59 6.28 3.57
CA GLU A 102 6.37 6.59 2.34
C GLU A 102 7.62 5.73 2.32
N ASP A 103 8.38 5.76 3.39
CA ASP A 103 9.62 4.95 3.43
C ASP A 103 9.25 3.47 3.41
N VAL A 104 8.25 3.09 4.15
CA VAL A 104 7.84 1.65 4.16
C VAL A 104 7.34 1.25 2.77
N TYR A 105 6.52 2.05 2.15
CA TYR A 105 6.02 1.71 0.80
C TYR A 105 7.15 1.82 -0.23
N GLN A 106 8.02 2.79 -0.09
CA GLN A 106 9.14 2.91 -1.06
C GLN A 106 10.12 1.74 -0.87
N THR A 107 10.26 1.26 0.33
CA THR A 107 11.17 0.11 0.57
C THR A 107 10.62 -1.12 -0.15
N LEU A 108 9.33 -1.25 -0.21
CA LEU A 108 8.70 -2.41 -0.90
C LEU A 108 8.95 -2.28 -2.41
N VAL A 109 8.91 -1.09 -2.94
CA VAL A 109 9.13 -0.91 -4.41
C VAL A 109 10.50 -1.46 -4.78
N VAL A 110 11.51 -1.17 -4.00
CA VAL A 110 12.86 -1.70 -4.31
C VAL A 110 12.85 -3.21 -4.10
N HIS A 111 12.31 -3.66 -3.00
CA HIS A 111 12.23 -5.12 -2.75
C HIS A 111 11.35 -5.73 -3.83
N GLY A 112 10.34 -5.01 -4.26
CA GLY A 112 9.45 -5.52 -5.33
C GLY A 112 10.18 -5.50 -6.67
N GLN A 113 10.79 -4.39 -7.01
CA GLN A 113 11.53 -4.31 -8.29
C GLN A 113 12.59 -5.41 -8.34
N VAL A 114 13.08 -5.83 -7.21
CA VAL A 114 14.13 -6.89 -7.20
C VAL A 114 13.55 -8.19 -7.74
N LEU A 115 12.33 -8.50 -7.40
CA LEU A 115 11.71 -9.76 -7.89
C LEU A 115 11.87 -9.85 -9.41
N ASP A 116 12.05 -8.73 -10.06
CA ASP A 116 12.22 -8.75 -11.55
C ASP A 116 13.68 -9.03 -11.88
N SER A 117 13.96 -10.14 -12.52
CA SER A 117 15.37 -10.46 -12.87
C SER A 117 16.27 -10.22 -11.67
N GLY A 118 16.38 -11.17 -10.79
CA GLY A 118 17.24 -11.00 -9.59
C GLY A 118 18.67 -11.42 -9.93
N ARG A 119 18.92 -11.77 -11.16
CA ARG A 119 20.30 -12.20 -11.54
C ARG A 119 21.29 -11.08 -11.22
N GLY A 120 20.84 -9.86 -11.20
CA GLY A 120 21.76 -8.73 -10.89
C GLY A 120 22.58 -9.06 -9.66
N GLY A 121 22.02 -9.78 -8.73
CA GLY A 121 22.79 -10.14 -7.51
C GLY A 121 21.83 -10.73 -6.46
N PRO A 122 20.77 -10.04 -6.18
CA PRO A 122 19.74 -10.49 -5.18
C PRO A 122 19.16 -11.86 -5.52
N GLY A 123 19.10 -12.19 -6.79
CA GLY A 123 18.55 -13.51 -7.18
C GLY A 123 17.05 -13.54 -6.89
N PHE A 124 16.68 -13.46 -5.64
CA PHE A 124 15.23 -13.50 -5.29
C PHE A 124 14.62 -14.81 -5.79
N THR A 125 14.09 -15.61 -4.89
CA THR A 125 13.48 -16.89 -5.32
C THR A 125 12.21 -17.15 -4.49
N LEU A 126 11.78 -18.38 -4.42
CA LEU A 126 10.54 -18.69 -3.64
C LEU A 126 10.72 -18.18 -2.21
N ASP A 127 11.93 -18.16 -1.72
CA ASP A 127 12.15 -17.68 -0.32
C ASP A 127 11.82 -16.18 -0.25
N ASP A 128 12.31 -15.42 -1.18
CA ASP A 128 12.01 -13.96 -1.18
C ASP A 128 10.50 -13.75 -1.24
N LEU A 129 9.79 -14.64 -1.89
CA LEU A 129 8.31 -14.49 -1.98
C LEU A 129 7.71 -14.58 -0.57
N ASP A 130 8.23 -15.43 0.27
CA ASP A 130 7.70 -15.51 1.65
C ASP A 130 7.95 -14.16 2.30
N ARG A 131 9.05 -13.55 1.96
CA ARG A 131 9.38 -12.22 2.55
C ARG A 131 8.47 -11.16 1.92
N LEU A 132 8.22 -11.26 0.64
CA LEU A 132 7.33 -10.26 -0.02
C LEU A 132 5.90 -10.48 0.48
N VAL A 133 5.46 -11.71 0.51
CA VAL A 133 4.10 -11.98 1.02
C VAL A 133 4.02 -11.44 2.45
N ALA A 134 5.12 -11.46 3.15
CA ALA A 134 5.13 -10.94 4.54
C ALA A 134 5.00 -9.43 4.50
N CYS A 135 5.75 -8.78 3.65
CA CYS A 135 5.67 -7.30 3.54
C CYS A 135 4.27 -6.90 3.03
N SER A 136 3.71 -7.67 2.13
CA SER A 136 2.37 -7.35 1.60
C SER A 136 1.32 -7.25 2.73
N ARG A 137 1.42 -8.06 3.75
CA ARG A 137 0.43 -7.95 4.86
C ARG A 137 0.75 -6.75 5.76
N ALA A 138 1.99 -6.34 5.81
CA ALA A 138 2.36 -5.21 6.71
C ALA A 138 1.82 -3.87 6.17
N VAL A 139 2.02 -3.56 4.91
CA VAL A 139 1.56 -2.24 4.40
C VAL A 139 0.02 -2.05 4.52
N PRO A 140 -0.79 -3.03 4.17
CA PRO A 140 -2.28 -2.87 4.31
C PRO A 140 -2.72 -2.67 5.76
N GLU A 141 -2.14 -3.40 6.67
CA GLU A 141 -2.49 -3.23 8.11
C GLU A 141 -2.16 -1.81 8.54
N ASP A 142 -1.07 -1.27 8.07
CA ASP A 142 -0.70 0.13 8.44
C ASP A 142 -1.63 1.10 7.69
N ALA A 143 -2.05 0.75 6.51
CA ALA A 143 -2.98 1.65 5.76
C ALA A 143 -4.24 1.85 6.59
N LYS A 144 -4.74 0.81 7.19
CA LYS A 144 -5.96 0.93 8.03
C LYS A 144 -5.69 1.85 9.22
N GLN A 145 -4.53 1.72 9.83
CA GLN A 145 -4.22 2.59 11.00
C GLN A 145 -3.95 4.02 10.53
N LEU A 146 -3.23 4.19 9.47
CA LEU A 146 -2.97 5.57 8.98
C LEU A 146 -4.30 6.24 8.68
N ALA A 147 -5.26 5.49 8.19
CA ALA A 147 -6.58 6.07 7.89
C ALA A 147 -7.22 6.55 9.19
N SER A 148 -7.00 5.86 10.27
CA SER A 148 -7.59 6.27 11.57
C SER A 148 -6.99 7.62 12.00
N PHE A 149 -5.71 7.80 11.77
CA PHE A 149 -5.07 9.08 12.17
C PHE A 149 -5.65 10.21 11.31
N LEU A 150 -5.90 9.94 10.06
CA LEU A 150 -6.49 10.99 9.18
C LEU A 150 -7.83 11.40 9.77
N HIS A 151 -8.56 10.45 10.30
CA HIS A 151 -9.89 10.77 10.89
C HIS A 151 -9.73 11.67 12.13
N GLY A 152 -8.85 11.31 13.02
CA GLY A 152 -8.67 12.15 14.26
C GLY A 152 -8.29 13.58 13.88
N ASN A 153 -7.68 13.77 12.73
CA ASN A 153 -7.29 15.14 12.32
C ASN A 153 -8.05 15.55 11.05
N ALA A 154 -9.00 14.75 10.64
CA ALA A 154 -9.76 15.07 9.41
C ALA A 154 -10.32 16.50 9.53
N SER A 155 -10.60 16.94 10.72
CA SER A 155 -11.16 18.31 10.89
C SER A 155 -10.18 19.33 10.30
N LEU A 156 -8.91 19.14 10.49
CA LEU A 156 -7.91 20.11 9.97
C LEU A 156 -7.52 19.75 8.53
N LEU A 157 -7.28 18.50 8.27
CA LEU A 157 -6.88 18.10 6.88
C LEU A 157 -7.94 18.64 5.90
N PHE A 158 -9.18 18.68 6.32
CA PHE A 158 -10.26 19.19 5.44
C PHE A 158 -11.03 20.30 6.16
N ARG A 159 -12.19 19.97 6.67
CA ARG A 159 -13.01 20.99 7.39
C ARG A 159 -14.20 20.32 8.07
N ARG A 160 -14.18 20.19 9.37
CA ARG A 160 -15.32 19.54 10.08
C ARG A 160 -16.61 20.30 9.76
N THR A 161 -16.56 21.61 9.72
CA THR A 161 -17.78 22.40 9.42
C THR A 161 -17.41 23.61 8.57
N LYS A 162 -18.34 24.13 7.82
CA LYS A 162 -18.05 25.32 6.97
C LYS A 162 -18.50 26.59 7.69
N ALA A 163 -17.82 27.68 7.46
CA ALA A 163 -18.21 28.95 8.13
C ALA A 163 -18.43 28.69 9.62
N GLY A 1 -12.39 31.47 -2.69
CA GLY A 1 -11.37 32.18 -3.57
C GLY A 1 -10.00 31.61 -3.72
N SER A 2 -8.98 32.37 -3.41
CA SER A 2 -7.60 31.85 -3.54
C SER A 2 -7.44 30.59 -2.68
N GLY A 3 -8.08 30.55 -1.54
CA GLY A 3 -7.98 29.34 -0.68
C GLY A 3 -8.72 28.17 -1.33
N ARG A 4 -8.20 26.98 -1.21
CA ARG A 4 -8.88 25.81 -1.82
C ARG A 4 -10.23 25.58 -1.14
N GLU A 5 -11.20 25.12 -1.87
CA GLU A 5 -12.55 24.88 -1.26
C GLU A 5 -12.51 23.58 -0.46
N PRO A 6 -13.35 23.47 0.55
CA PRO A 6 -13.41 22.25 1.41
C PRO A 6 -13.35 20.96 0.57
N LEU A 7 -12.76 19.93 1.10
CA LEU A 7 -12.67 18.65 0.33
C LEU A 7 -13.94 17.82 0.58
N GLU A 8 -14.60 18.07 1.67
CA GLU A 8 -15.85 17.32 2.00
C GLU A 8 -15.46 16.04 2.74
N LEU A 9 -15.66 16.02 4.03
CA LEU A 9 -15.29 14.82 4.83
C LEU A 9 -16.03 13.58 4.30
N GLU A 10 -17.24 13.74 3.84
CA GLU A 10 -18.00 12.56 3.33
C GLU A 10 -17.33 11.99 2.08
N VAL A 11 -16.85 12.80 1.19
CA VAL A 11 -16.19 12.24 -0.01
C VAL A 11 -14.83 11.69 0.42
N ALA A 12 -14.14 12.41 1.26
CA ALA A 12 -12.81 11.93 1.74
C ALA A 12 -12.97 10.58 2.45
N VAL A 13 -13.95 10.48 3.31
CA VAL A 13 -14.17 9.19 4.05
C VAL A 13 -14.74 8.12 3.10
N GLU A 14 -15.54 8.49 2.14
CA GLU A 14 -16.10 7.48 1.20
C GLU A 14 -15.02 7.01 0.22
N THR A 15 -14.36 7.94 -0.41
CA THR A 15 -13.31 7.57 -1.41
C THR A 15 -12.18 6.81 -0.70
N LEU A 16 -11.78 7.27 0.46
CA LEU A 16 -10.70 6.58 1.22
C LEU A 16 -11.13 5.14 1.55
N ALA A 17 -12.37 4.97 1.91
CA ALA A 17 -12.87 3.61 2.24
C ALA A 17 -12.66 2.67 1.04
N ARG A 18 -12.78 3.18 -0.15
CA ARG A 18 -12.57 2.32 -1.34
C ARG A 18 -11.13 1.84 -1.35
N LEU A 19 -10.22 2.70 -1.00
CA LEU A 19 -8.78 2.34 -0.98
C LEU A 19 -8.53 1.20 0.00
N GLN A 20 -9.10 1.28 1.17
CA GLN A 20 -8.90 0.20 2.18
C GLN A 20 -9.42 -1.13 1.64
N GLN A 21 -10.48 -1.10 0.88
CA GLN A 21 -11.03 -2.36 0.33
C GLN A 21 -10.18 -2.77 -0.88
N GLY A 22 -9.94 -1.85 -1.77
CA GLY A 22 -9.11 -2.18 -2.96
C GLY A 22 -7.71 -2.57 -2.51
N VAL A 23 -7.23 -1.99 -1.45
CA VAL A 23 -5.86 -2.37 -0.98
C VAL A 23 -5.91 -3.76 -0.36
N SER A 24 -6.84 -3.99 0.53
CA SER A 24 -6.96 -5.34 1.15
C SER A 24 -7.37 -6.34 0.08
N THR A 25 -8.24 -5.96 -0.80
CA THR A 25 -8.71 -6.87 -1.88
C THR A 25 -7.53 -7.29 -2.77
N THR A 26 -6.66 -6.37 -3.09
CA THR A 26 -5.50 -6.72 -3.96
C THR A 26 -4.57 -7.67 -3.22
N VAL A 27 -4.46 -7.53 -1.92
CA VAL A 27 -3.57 -8.44 -1.14
C VAL A 27 -4.14 -9.85 -1.17
N ALA A 28 -5.43 -9.98 -1.10
CA ALA A 28 -6.05 -11.33 -1.14
C ALA A 28 -5.66 -12.03 -2.44
N HIS A 29 -5.68 -11.32 -3.54
CA HIS A 29 -5.32 -11.94 -4.83
C HIS A 29 -3.90 -12.50 -4.75
N LEU A 30 -2.96 -11.71 -4.32
CA LEU A 30 -1.56 -12.19 -4.21
C LEU A 30 -1.50 -13.45 -3.35
N LEU A 31 -2.13 -13.42 -2.20
CA LEU A 31 -2.13 -14.62 -1.31
C LEU A 31 -3.00 -15.71 -1.94
N ASP A 32 -4.11 -15.34 -2.53
CA ASP A 32 -5.00 -16.35 -3.16
C ASP A 32 -4.23 -17.05 -4.28
N LEU A 33 -3.44 -16.33 -5.02
CA LEU A 33 -2.66 -16.96 -6.12
C LEU A 33 -1.56 -17.84 -5.54
N VAL A 34 -0.95 -17.42 -4.46
CA VAL A 34 0.14 -18.25 -3.85
C VAL A 34 -0.44 -19.58 -3.39
N GLY A 35 -1.57 -19.56 -2.73
CA GLY A 35 -2.19 -20.82 -2.24
C GLY A 35 -2.55 -21.70 -3.45
N SER A 36 -3.15 -21.13 -4.45
CA SER A 36 -3.53 -21.93 -5.65
C SER A 36 -2.28 -22.53 -6.28
N ALA A 37 -1.18 -21.83 -6.23
CA ALA A 37 0.08 -22.36 -6.83
C ALA A 37 0.41 -23.73 -6.21
N SER A 38 0.93 -24.63 -6.99
CA SER A 38 1.27 -25.97 -6.45
C SER A 38 2.54 -26.48 -7.10
N GLY A 39 3.31 -27.27 -6.40
CA GLY A 39 4.58 -27.80 -6.99
C GLY A 39 4.28 -28.52 -8.30
N PRO A 40 5.28 -28.73 -9.10
CA PRO A 40 5.14 -29.43 -10.41
C PRO A 40 4.58 -30.85 -10.26
N GLY A 41 3.86 -31.32 -11.23
CA GLY A 41 3.29 -32.70 -11.14
C GLY A 41 3.58 -33.46 -12.44
N GLY A 42 3.28 -32.86 -13.56
CA GLY A 42 3.53 -33.57 -14.86
C GLY A 42 5.01 -33.93 -14.95
N TRP A 43 5.88 -33.06 -14.54
CA TRP A 43 7.34 -33.37 -14.61
C TRP A 43 7.94 -33.31 -13.20
N ARG A 44 8.92 -34.14 -12.94
CA ARG A 44 9.55 -34.14 -11.59
C ARG A 44 11.06 -33.97 -11.73
N SER A 45 11.70 -33.38 -10.76
CA SER A 45 13.17 -33.19 -10.84
C SER A 45 13.53 -32.59 -12.20
N THR A 46 12.90 -31.51 -12.57
CA THR A 46 13.21 -30.88 -13.88
C THR A 46 13.26 -29.35 -13.72
N SER A 47 13.62 -28.89 -12.55
CA SER A 47 13.70 -27.42 -12.32
C SER A 47 12.39 -26.77 -12.79
N GLU A 48 12.31 -25.46 -12.70
CA GLU A 48 11.06 -24.78 -13.14
C GLU A 48 11.43 -23.56 -13.99
N PRO A 49 10.53 -23.11 -14.82
CA PRO A 49 10.74 -21.93 -15.69
C PRO A 49 10.77 -20.62 -14.89
N GLN A 50 11.35 -19.59 -15.45
CA GLN A 50 11.42 -18.28 -14.73
C GLN A 50 10.77 -17.19 -15.59
N GLU A 51 9.58 -17.41 -16.07
CA GLU A 51 8.91 -16.39 -16.91
C GLU A 51 7.38 -16.42 -16.72
N PRO A 52 6.72 -17.49 -17.10
CA PRO A 52 5.24 -17.60 -16.95
C PRO A 52 4.70 -17.11 -15.59
N PRO A 53 5.26 -17.54 -14.48
CA PRO A 53 4.77 -17.10 -13.14
C PRO A 53 5.24 -15.69 -12.78
N VAL A 54 6.25 -15.20 -13.45
CA VAL A 54 6.75 -13.83 -13.15
C VAL A 54 5.64 -12.80 -13.43
N GLN A 55 4.96 -12.93 -14.53
CA GLN A 55 3.86 -11.97 -14.83
C GLN A 55 2.79 -12.07 -13.74
N ASP A 56 2.45 -13.27 -13.35
CA ASP A 56 1.44 -13.44 -12.27
C ASP A 56 1.93 -12.78 -10.99
N LEU A 57 3.20 -12.95 -10.69
CA LEU A 57 3.75 -12.31 -9.46
C LEU A 57 3.91 -10.82 -9.71
N LYS A 58 4.40 -10.45 -10.86
CA LYS A 58 4.57 -9.00 -11.17
C LYS A 58 3.20 -8.32 -11.21
N ALA A 59 2.22 -8.97 -11.78
CA ALA A 59 0.86 -8.37 -11.86
C ALA A 59 0.21 -8.35 -10.47
N ALA A 60 0.45 -9.35 -9.67
CA ALA A 60 -0.16 -9.40 -8.32
C ALA A 60 0.47 -8.34 -7.41
N VAL A 61 1.77 -8.26 -7.38
CA VAL A 61 2.43 -7.25 -6.51
C VAL A 61 2.15 -5.85 -7.05
N ALA A 62 2.11 -5.70 -8.34
CA ALA A 62 1.83 -4.35 -8.93
C ALA A 62 0.44 -3.89 -8.54
N ALA A 63 -0.50 -4.80 -8.46
CA ALA A 63 -1.89 -4.41 -8.08
C ALA A 63 -1.90 -3.86 -6.65
N VAL A 64 -1.33 -4.58 -5.74
CA VAL A 64 -1.29 -4.12 -4.33
C VAL A 64 -0.50 -2.81 -4.25
N HIS A 65 0.61 -2.72 -4.93
CA HIS A 65 1.42 -1.47 -4.90
C HIS A 65 0.61 -0.32 -5.51
N GLY A 66 -0.12 -0.58 -6.57
CA GLY A 66 -0.90 0.52 -7.21
C GLY A 66 -1.93 1.06 -6.23
N ALA A 67 -2.59 0.22 -5.48
CA ALA A 67 -3.61 0.72 -4.52
C ALA A 67 -2.91 1.51 -3.41
N VAL A 68 -1.73 1.12 -3.04
CA VAL A 68 -1.02 1.86 -1.95
C VAL A 68 -0.74 3.29 -2.41
N HIS A 69 -0.24 3.45 -3.61
CA HIS A 69 0.02 4.82 -4.13
C HIS A 69 -1.25 5.66 -3.98
N GLU A 70 -2.40 5.07 -4.15
CA GLU A 70 -3.68 5.83 -3.97
C GLU A 70 -3.77 6.31 -2.53
N LEU A 71 -3.25 5.53 -1.61
CA LEU A 71 -3.28 5.96 -0.19
C LEU A 71 -2.31 7.11 -0.03
N LEU A 72 -1.15 6.97 -0.60
CA LEU A 72 -0.14 8.05 -0.52
C LEU A 72 -0.74 9.32 -1.15
N GLU A 73 -1.41 9.16 -2.26
CA GLU A 73 -2.05 10.33 -2.93
C GLU A 73 -3.27 10.80 -2.13
N PHE A 74 -4.10 9.89 -1.70
CA PHE A 74 -5.30 10.31 -0.91
C PHE A 74 -4.83 10.98 0.38
N ALA A 75 -3.91 10.37 1.06
CA ALA A 75 -3.39 10.98 2.32
C ALA A 75 -2.73 12.31 1.97
N ARG A 76 -2.03 12.35 0.86
CA ARG A 76 -1.35 13.61 0.45
C ARG A 76 -2.40 14.70 0.22
N SER A 77 -3.46 14.39 -0.47
CA SER A 77 -4.50 15.43 -0.72
C SER A 77 -5.02 15.94 0.62
N ALA A 78 -5.18 15.06 1.57
CA ALA A 78 -5.68 15.48 2.91
C ALA A 78 -4.65 16.39 3.59
N VAL A 79 -3.40 16.03 3.52
CA VAL A 79 -2.34 16.88 4.18
C VAL A 79 -2.30 18.24 3.49
N SER A 80 -2.36 18.28 2.19
CA SER A 80 -2.32 19.57 1.46
C SER A 80 -3.48 20.46 1.90
N SER A 81 -4.62 19.88 2.20
CA SER A 81 -5.79 20.69 2.62
C SER A 81 -5.72 20.96 4.12
N ALA A 82 -4.64 20.58 4.75
CA ALA A 82 -4.50 20.80 6.22
C ALA A 82 -4.09 22.24 6.49
N THR A 83 -4.90 22.98 7.19
CA THR A 83 -4.54 24.40 7.49
C THR A 83 -4.98 24.74 8.91
N HIS A 84 -4.09 25.26 9.72
CA HIS A 84 -4.47 25.62 11.12
C HIS A 84 -3.38 26.50 11.73
N THR A 85 -3.76 27.53 12.42
CA THR A 85 -2.75 28.43 13.04
C THR A 85 -2.14 27.74 14.27
N SER A 86 -2.78 26.73 14.76
CA SER A 86 -2.24 26.02 15.97
C SER A 86 -1.72 24.64 15.54
N ASP A 87 -0.63 24.21 16.13
CA ASP A 87 -0.08 22.87 15.77
C ASP A 87 -0.72 21.79 16.64
N ARG A 88 -1.35 20.83 16.04
CA ARG A 88 -1.99 19.75 16.84
C ARG A 88 -1.10 18.51 16.84
N THR A 89 -1.20 17.70 17.85
CA THR A 89 -0.34 16.48 17.92
C THR A 89 -0.64 15.58 16.72
N LEU A 90 -1.89 15.48 16.33
CA LEU A 90 -2.23 14.61 15.18
C LEU A 90 -1.48 15.08 13.93
N HIS A 91 -1.48 16.36 13.67
CA HIS A 91 -0.73 16.88 12.49
C HIS A 91 0.74 16.51 12.67
N ALA A 92 1.28 16.73 13.84
CA ALA A 92 2.69 16.37 14.10
C ALA A 92 2.85 14.86 13.88
N LYS A 93 1.98 14.08 14.46
CA LYS A 93 2.06 12.60 14.28
C LYS A 93 1.80 12.25 12.81
N LEU A 94 0.82 12.85 12.20
CA LEU A 94 0.52 12.54 10.77
C LEU A 94 1.74 12.84 9.90
N SER A 95 2.35 13.98 10.08
CA SER A 95 3.54 14.33 9.26
C SER A 95 4.63 13.27 9.48
N ARG A 96 4.89 12.94 10.72
CA ARG A 96 5.93 11.90 11.02
C ARG A 96 5.48 10.55 10.45
N GLN A 97 4.23 10.20 10.62
CA GLN A 97 3.73 8.91 10.09
C GLN A 97 3.68 8.95 8.56
N LEU A 98 3.46 10.10 7.99
CA LEU A 98 3.39 10.21 6.50
C LEU A 98 4.75 9.92 5.88
N GLN A 99 5.79 10.55 6.35
CA GLN A 99 7.13 10.29 5.78
C GLN A 99 7.52 8.84 6.05
N LYS A 100 7.17 8.32 7.19
CA LYS A 100 7.47 6.90 7.49
C LYS A 100 6.71 6.04 6.50
N MET A 101 5.53 6.47 6.12
CA MET A 101 4.72 5.70 5.14
C MET A 101 5.42 5.73 3.79
N GLU A 102 5.99 6.86 3.46
CA GLU A 102 6.70 6.99 2.17
C GLU A 102 7.89 6.04 2.14
N ASP A 103 8.70 6.09 3.15
CA ASP A 103 9.88 5.20 3.22
C ASP A 103 9.41 3.75 3.34
N VAL A 104 8.44 3.49 4.18
CA VAL A 104 7.95 2.10 4.34
C VAL A 104 7.43 1.56 3.01
N TYR A 105 6.66 2.34 2.30
CA TYR A 105 6.11 1.84 1.00
C TYR A 105 7.24 1.71 -0.04
N GLN A 106 8.21 2.59 0.01
CA GLN A 106 9.32 2.50 -0.98
C GLN A 106 10.23 1.31 -0.65
N THR A 107 10.50 1.08 0.61
CA THR A 107 11.38 -0.06 1.00
C THR A 107 10.79 -1.36 0.46
N LEU A 108 9.51 -1.58 0.60
CA LEU A 108 8.90 -2.84 0.10
C LEU A 108 8.85 -2.83 -1.44
N VAL A 109 8.65 -1.69 -2.04
CA VAL A 109 8.60 -1.64 -3.53
C VAL A 109 9.93 -2.13 -4.10
N VAL A 110 11.04 -1.70 -3.54
CA VAL A 110 12.35 -2.18 -4.05
C VAL A 110 12.50 -3.66 -3.74
N HIS A 111 12.14 -4.07 -2.55
CA HIS A 111 12.22 -5.52 -2.21
C HIS A 111 11.32 -6.25 -3.20
N GLY A 112 10.18 -5.68 -3.48
CA GLY A 112 9.23 -6.30 -4.44
C GLY A 112 9.81 -6.21 -5.86
N GLN A 113 10.18 -5.03 -6.29
CA GLN A 113 10.74 -4.90 -7.66
C GLN A 113 11.99 -5.77 -7.83
N VAL A 114 12.70 -6.02 -6.76
CA VAL A 114 13.93 -6.87 -6.87
C VAL A 114 13.55 -8.28 -7.32
N LEU A 115 12.46 -8.80 -6.84
CA LEU A 115 12.06 -10.17 -7.24
C LEU A 115 12.06 -10.30 -8.77
N ASP A 116 11.79 -9.22 -9.46
CA ASP A 116 11.79 -9.26 -10.95
C ASP A 116 13.21 -9.11 -11.48
N SER A 117 13.69 -10.11 -12.19
CA SER A 117 15.08 -10.02 -12.74
C SER A 117 16.04 -9.60 -11.61
N GLY A 118 16.63 -10.53 -10.93
CA GLY A 118 17.56 -10.19 -9.83
C GLY A 118 18.65 -9.25 -10.37
N ARG A 119 19.08 -9.47 -11.57
CA ARG A 119 20.14 -8.59 -12.14
C ARG A 119 21.25 -8.38 -11.11
N GLY A 120 22.10 -9.36 -10.93
CA GLY A 120 23.19 -9.22 -9.92
C GLY A 120 22.70 -9.73 -8.57
N GLY A 121 21.56 -10.36 -8.52
CA GLY A 121 21.04 -10.87 -7.22
C GLY A 121 20.64 -12.33 -7.38
N PRO A 122 21.60 -13.21 -7.36
CA PRO A 122 21.36 -14.69 -7.49
C PRO A 122 20.29 -15.20 -6.52
N GLY A 123 19.60 -16.24 -6.88
CA GLY A 123 18.55 -16.79 -5.97
C GLY A 123 17.17 -16.31 -6.45
N PHE A 124 16.55 -15.45 -5.68
CA PHE A 124 15.20 -14.94 -6.08
C PHE A 124 14.29 -16.13 -6.42
N THR A 125 13.66 -16.72 -5.44
CA THR A 125 12.77 -17.88 -5.70
C THR A 125 11.69 -17.95 -4.62
N LEU A 126 11.52 -19.10 -4.02
CA LEU A 126 10.49 -19.23 -2.94
C LEU A 126 10.83 -18.30 -1.78
N ASP A 127 12.09 -18.02 -1.60
CA ASP A 127 12.50 -17.11 -0.48
C ASP A 127 11.99 -15.70 -0.77
N ASP A 128 12.17 -15.23 -1.96
CA ASP A 128 11.70 -13.86 -2.30
C ASP A 128 10.19 -13.76 -2.03
N LEU A 129 9.46 -14.81 -2.28
CA LEU A 129 8.00 -14.78 -2.03
C LEU A 129 7.73 -14.56 -0.54
N ASP A 130 8.47 -15.21 0.31
CA ASP A 130 8.25 -15.00 1.76
C ASP A 130 8.41 -13.51 2.05
N ARG A 131 9.34 -12.88 1.38
CA ARG A 131 9.54 -11.43 1.59
C ARG A 131 8.39 -10.65 0.95
N LEU A 132 7.93 -11.08 -0.20
CA LEU A 132 6.80 -10.36 -0.86
C LEU A 132 5.53 -10.63 -0.06
N VAL A 133 5.25 -11.86 0.24
CA VAL A 133 4.04 -12.16 1.05
C VAL A 133 4.11 -11.35 2.33
N ALA A 134 5.30 -11.11 2.81
CA ALA A 134 5.46 -10.31 4.05
C ALA A 134 5.06 -8.86 3.78
N CYS A 135 5.42 -8.35 2.63
CA CYS A 135 5.05 -6.94 2.30
C CYS A 135 3.54 -6.82 2.07
N SER A 136 2.96 -7.74 1.37
CA SER A 136 1.49 -7.67 1.09
C SER A 136 0.69 -7.64 2.41
N ARG A 137 1.14 -8.30 3.45
CA ARG A 137 0.39 -8.26 4.73
C ARG A 137 0.64 -6.93 5.43
N ALA A 138 1.80 -6.36 5.25
CA ALA A 138 2.13 -5.08 5.94
C ALA A 138 1.26 -3.93 5.40
N VAL A 139 1.14 -3.81 4.11
CA VAL A 139 0.35 -2.69 3.51
C VAL A 139 -1.10 -2.64 4.04
N PRO A 140 -1.84 -3.72 3.96
CA PRO A 140 -3.27 -3.73 4.42
C PRO A 140 -3.41 -3.46 5.93
N GLU A 141 -2.57 -4.03 6.73
CA GLU A 141 -2.65 -3.78 8.19
C GLU A 141 -2.25 -2.32 8.45
N ASP A 142 -1.20 -1.87 7.82
CA ASP A 142 -0.76 -0.47 8.01
C ASP A 142 -1.75 0.47 7.32
N ALA A 143 -2.31 0.04 6.22
CA ALA A 143 -3.28 0.91 5.50
C ALA A 143 -4.44 1.22 6.45
N LYS A 144 -4.86 0.25 7.20
CA LYS A 144 -5.98 0.47 8.16
C LYS A 144 -5.51 1.41 9.27
N GLN A 145 -4.34 1.17 9.80
CA GLN A 145 -3.82 2.05 10.90
C GLN A 145 -3.53 3.44 10.35
N LEU A 146 -2.88 3.52 9.22
CA LEU A 146 -2.58 4.86 8.63
C LEU A 146 -3.91 5.58 8.40
N ALA A 147 -4.94 4.84 8.09
CA ALA A 147 -6.26 5.48 7.85
C ALA A 147 -6.75 6.12 9.16
N SER A 148 -6.41 5.54 10.27
CA SER A 148 -6.87 6.10 11.58
C SER A 148 -6.22 7.47 11.82
N PHE A 149 -4.98 7.65 11.43
CA PHE A 149 -4.33 8.97 11.66
C PHE A 149 -5.07 10.04 10.84
N LEU A 150 -5.46 9.71 9.65
CA LEU A 150 -6.20 10.69 8.80
C LEU A 150 -7.52 11.05 9.49
N HIS A 151 -8.15 10.07 10.10
CA HIS A 151 -9.45 10.33 10.77
C HIS A 151 -9.26 11.17 12.05
N GLY A 152 -8.29 10.85 12.84
CA GLY A 152 -8.08 11.63 14.10
C GLY A 152 -7.95 13.11 13.77
N ASN A 153 -7.49 13.43 12.59
CA ASN A 153 -7.32 14.86 12.20
C ASN A 153 -8.24 15.18 11.02
N ALA A 154 -9.14 14.30 10.69
CA ALA A 154 -10.04 14.55 9.53
C ALA A 154 -10.78 15.88 9.73
N SER A 155 -11.04 16.26 10.95
CA SER A 155 -11.75 17.54 11.18
C SER A 155 -10.92 18.67 10.57
N LEU A 156 -9.63 18.60 10.70
CA LEU A 156 -8.75 19.67 10.15
C LEU A 156 -8.40 19.38 8.70
N LEU A 157 -8.00 18.16 8.39
CA LEU A 157 -7.64 17.85 6.97
C LEU A 157 -8.83 18.20 6.08
N PHE A 158 -10.03 18.05 6.57
CA PHE A 158 -11.23 18.37 5.73
C PHE A 158 -12.11 19.37 6.48
N ARG A 159 -12.70 18.95 7.58
CA ARG A 159 -13.58 19.88 8.35
C ARG A 159 -14.95 19.95 7.68
N ARG A 160 -15.95 19.42 8.30
CA ARG A 160 -17.32 19.47 7.70
C ARG A 160 -17.86 20.90 7.79
N THR A 161 -18.44 21.39 6.74
CA THR A 161 -18.99 22.77 6.75
C THR A 161 -20.27 22.83 5.92
N LYS A 162 -21.13 23.77 6.20
CA LYS A 162 -22.40 23.87 5.42
C LYS A 162 -22.07 24.11 3.94
N ALA A 163 -21.02 24.82 3.66
CA ALA A 163 -20.65 25.08 2.23
C ALA A 163 -19.33 25.84 2.18
N GLY A 1 -11.26 12.86 -8.17
CA GLY A 1 -10.19 13.82 -7.63
C GLY A 1 -10.46 15.28 -7.60
N SER A 2 -9.92 16.01 -8.54
CA SER A 2 -10.16 17.48 -8.57
C SER A 2 -11.64 17.75 -8.86
N GLY A 3 -12.13 18.88 -8.44
CA GLY A 3 -13.57 19.22 -8.68
C GLY A 3 -13.76 20.73 -8.62
N ARG A 4 -14.96 21.19 -8.82
CA ARG A 4 -15.22 22.66 -8.78
C ARG A 4 -14.85 23.19 -7.39
N GLU A 5 -15.07 22.41 -6.37
CA GLU A 5 -14.74 22.88 -4.99
C GLU A 5 -14.04 21.75 -4.22
N PRO A 6 -13.22 22.10 -3.27
CA PRO A 6 -12.48 21.11 -2.42
C PRO A 6 -13.37 19.95 -1.98
N LEU A 7 -12.78 18.90 -1.48
CA LEU A 7 -13.61 17.74 -1.02
C LEU A 7 -14.06 17.98 0.42
N GLU A 8 -15.17 17.41 0.79
CA GLU A 8 -15.69 17.58 2.19
C GLU A 8 -15.21 16.40 3.03
N LEU A 9 -15.24 16.54 4.33
CA LEU A 9 -14.75 15.42 5.20
C LEU A 9 -15.60 14.16 4.97
N GLU A 10 -16.88 14.32 4.74
CA GLU A 10 -17.74 13.11 4.54
C GLU A 10 -17.36 12.39 3.24
N VAL A 11 -17.01 13.11 2.21
CA VAL A 11 -16.60 12.41 0.97
C VAL A 11 -15.17 11.90 1.16
N ALA A 12 -14.32 12.71 1.73
CA ALA A 12 -12.92 12.28 1.94
C ALA A 12 -12.89 11.03 2.83
N VAL A 13 -13.67 10.99 3.88
CA VAL A 13 -13.67 9.78 4.75
C VAL A 13 -14.31 8.60 4.01
N GLU A 14 -15.25 8.88 3.16
CA GLU A 14 -15.92 7.79 2.39
C GLU A 14 -14.96 7.26 1.30
N THR A 15 -14.36 8.12 0.55
CA THR A 15 -13.43 7.65 -0.53
C THR A 15 -12.24 6.93 0.11
N LEU A 16 -11.70 7.46 1.18
CA LEU A 16 -10.55 6.79 1.85
C LEU A 16 -10.95 5.37 2.25
N ALA A 17 -12.19 5.18 2.61
CA ALA A 17 -12.66 3.83 3.02
C ALA A 17 -12.56 2.88 1.82
N ARG A 18 -12.84 3.36 0.65
CA ARG A 18 -12.76 2.48 -0.56
C ARG A 18 -11.31 1.98 -0.71
N LEU A 19 -10.36 2.81 -0.39
CA LEU A 19 -8.93 2.41 -0.51
C LEU A 19 -8.67 1.22 0.42
N GLN A 20 -9.22 1.24 1.61
CA GLN A 20 -8.99 0.12 2.57
C GLN A 20 -9.55 -1.18 1.97
N GLN A 21 -10.60 -1.12 1.21
CA GLN A 21 -11.16 -2.35 0.60
C GLN A 21 -10.32 -2.71 -0.61
N GLY A 22 -10.11 -1.76 -1.49
CA GLY A 22 -9.30 -2.04 -2.70
C GLY A 22 -7.87 -2.38 -2.28
N VAL A 23 -7.37 -1.77 -1.24
CA VAL A 23 -5.99 -2.08 -0.79
C VAL A 23 -5.96 -3.48 -0.19
N SER A 24 -6.88 -3.77 0.69
CA SER A 24 -6.92 -5.14 1.30
C SER A 24 -7.28 -6.16 0.22
N THR A 25 -8.14 -5.79 -0.68
CA THR A 25 -8.57 -6.71 -1.77
C THR A 25 -7.40 -7.03 -2.70
N THR A 26 -6.64 -6.05 -3.09
CA THR A 26 -5.49 -6.32 -4.01
C THR A 26 -4.39 -7.11 -3.28
N VAL A 27 -4.19 -6.86 -2.02
CA VAL A 27 -3.14 -7.62 -1.27
C VAL A 27 -3.58 -9.07 -1.09
N ALA A 28 -4.84 -9.30 -0.88
CA ALA A 28 -5.32 -10.70 -0.71
C ALA A 28 -5.04 -11.47 -2.00
N HIS A 29 -5.19 -10.82 -3.12
CA HIS A 29 -4.93 -11.49 -4.42
C HIS A 29 -3.49 -11.98 -4.45
N LEU A 30 -2.56 -11.14 -4.11
CA LEU A 30 -1.14 -11.57 -4.11
C LEU A 30 -0.96 -12.78 -3.22
N LEU A 31 -1.50 -12.72 -2.03
CA LEU A 31 -1.37 -13.87 -1.09
C LEU A 31 -2.25 -15.03 -1.59
N ASP A 32 -3.41 -14.72 -2.09
CA ASP A 32 -4.31 -15.81 -2.60
C ASP A 32 -3.63 -16.51 -3.77
N LEU A 33 -3.02 -15.75 -4.65
CA LEU A 33 -2.34 -16.36 -5.82
C LEU A 33 -1.16 -17.21 -5.33
N VAL A 34 -0.40 -16.73 -4.39
CA VAL A 34 0.75 -17.51 -3.87
C VAL A 34 0.24 -18.66 -3.00
N GLY A 35 -0.62 -18.36 -2.05
CA GLY A 35 -1.15 -19.44 -1.18
C GLY A 35 0.01 -20.36 -0.74
N SER A 36 -0.02 -21.59 -1.16
CA SER A 36 1.07 -22.53 -0.78
C SER A 36 1.86 -22.94 -2.03
N ALA A 37 1.90 -22.08 -3.01
CA ALA A 37 2.65 -22.43 -4.25
C ALA A 37 1.88 -23.46 -5.05
N SER A 38 2.39 -23.86 -6.19
CA SER A 38 1.67 -24.88 -7.00
C SER A 38 1.47 -26.15 -6.17
N GLY A 39 2.42 -26.49 -5.34
CA GLY A 39 2.27 -27.72 -4.50
C GLY A 39 3.35 -27.72 -3.42
N PRO A 40 3.51 -28.83 -2.75
CA PRO A 40 4.53 -28.98 -1.68
C PRO A 40 5.93 -28.57 -2.13
N GLY A 41 6.72 -28.03 -1.24
CA GLY A 41 8.10 -27.62 -1.63
C GLY A 41 8.85 -28.81 -2.22
N GLY A 42 8.63 -29.98 -1.70
CA GLY A 42 9.33 -31.18 -2.23
C GLY A 42 10.76 -31.22 -1.70
N TRP A 43 11.61 -32.00 -2.31
CA TRP A 43 13.02 -32.09 -1.83
C TRP A 43 13.91 -31.19 -2.70
N ARG A 44 13.78 -31.31 -4.00
CA ARG A 44 14.62 -30.46 -4.90
C ARG A 44 16.07 -30.49 -4.43
N SER A 45 16.87 -31.38 -4.96
CA SER A 45 18.29 -31.46 -4.55
C SER A 45 18.98 -30.14 -4.83
N THR A 46 18.72 -29.55 -5.97
CA THR A 46 19.37 -28.25 -6.31
C THR A 46 18.46 -27.47 -7.26
N SER A 47 18.69 -26.19 -7.40
CA SER A 47 17.84 -25.36 -8.29
C SER A 47 16.45 -25.22 -7.69
N GLU A 48 16.07 -24.03 -7.31
CA GLU A 48 14.73 -23.82 -6.72
C GLU A 48 14.06 -22.60 -7.37
N PRO A 49 13.84 -22.67 -8.65
CA PRO A 49 13.20 -21.55 -9.41
C PRO A 49 11.71 -21.41 -9.09
N GLN A 50 11.19 -20.22 -9.21
CA GLN A 50 9.73 -20.01 -8.90
C GLN A 50 8.89 -20.82 -9.88
N GLU A 51 7.85 -21.45 -9.40
CA GLU A 51 6.99 -22.27 -10.31
C GLU A 51 6.19 -21.34 -11.26
N PRO A 52 5.50 -20.37 -10.72
CA PRO A 52 4.68 -19.44 -11.55
C PRO A 52 5.52 -18.42 -12.36
N PRO A 53 5.24 -18.21 -13.63
CA PRO A 53 6.01 -17.23 -14.44
C PRO A 53 6.29 -15.93 -13.68
N VAL A 54 7.36 -15.25 -14.00
CA VAL A 54 7.69 -13.99 -13.29
C VAL A 54 6.69 -12.89 -13.66
N GLN A 55 6.20 -12.89 -14.88
CA GLN A 55 5.24 -11.83 -15.29
C GLN A 55 4.00 -11.89 -14.40
N ASP A 56 3.48 -13.06 -14.17
CA ASP A 56 2.26 -13.18 -13.32
C ASP A 56 2.60 -12.70 -11.90
N LEU A 57 3.80 -12.96 -11.45
CA LEU A 57 4.20 -12.49 -10.08
C LEU A 57 4.51 -11.00 -10.14
N LYS A 58 5.22 -10.57 -11.16
CA LYS A 58 5.55 -9.12 -11.28
C LYS A 58 4.28 -8.32 -11.55
N ALA A 59 3.40 -8.85 -12.35
CA ALA A 59 2.13 -8.12 -12.68
C ALA A 59 1.24 -8.07 -11.43
N ALA A 60 1.26 -9.09 -10.62
CA ALA A 60 0.41 -9.11 -9.41
C ALA A 60 0.86 -8.02 -8.43
N VAL A 61 2.13 -7.91 -8.18
CA VAL A 61 2.61 -6.87 -7.23
C VAL A 61 2.42 -5.48 -7.86
N ALA A 62 2.62 -5.37 -9.14
CA ALA A 62 2.45 -4.04 -9.81
C ALA A 62 1.04 -3.51 -9.52
N ALA A 63 0.04 -4.32 -9.70
CA ALA A 63 -1.35 -3.87 -9.44
C ALA A 63 -1.50 -3.52 -7.96
N VAL A 64 -0.91 -4.30 -7.09
CA VAL A 64 -1.03 -4.02 -5.63
C VAL A 64 -0.40 -2.64 -5.33
N HIS A 65 0.75 -2.37 -5.90
CA HIS A 65 1.40 -1.05 -5.66
C HIS A 65 0.45 0.08 -6.12
N GLY A 66 -0.37 -0.20 -7.08
CA GLY A 66 -1.31 0.83 -7.62
C GLY A 66 -2.36 1.21 -6.57
N ALA A 67 -2.94 0.25 -5.90
CA ALA A 67 -3.99 0.59 -4.91
C ALA A 67 -3.38 1.30 -3.70
N VAL A 68 -2.21 0.91 -3.28
CA VAL A 68 -1.57 1.59 -2.11
C VAL A 68 -1.11 2.97 -2.56
N HIS A 69 -0.51 3.06 -3.72
CA HIS A 69 -0.05 4.39 -4.24
C HIS A 69 -1.23 5.35 -4.24
N GLU A 70 -2.39 4.87 -4.56
CA GLU A 70 -3.58 5.76 -4.57
C GLU A 70 -3.89 6.17 -3.13
N LEU A 71 -3.53 5.34 -2.18
CA LEU A 71 -3.76 5.70 -0.73
C LEU A 71 -2.81 6.82 -0.36
N LEU A 72 -1.58 6.69 -0.76
CA LEU A 72 -0.59 7.76 -0.45
C LEU A 72 -1.05 9.07 -1.09
N GLU A 73 -1.65 8.98 -2.26
CA GLU A 73 -2.15 10.21 -2.94
C GLU A 73 -3.38 10.75 -2.21
N PHE A 74 -4.29 9.89 -1.83
CA PHE A 74 -5.51 10.37 -1.11
C PHE A 74 -5.09 11.00 0.22
N ALA A 75 -4.23 10.36 0.95
CA ALA A 75 -3.76 10.95 2.24
C ALA A 75 -3.06 12.26 1.94
N ARG A 76 -2.31 12.30 0.86
CA ARG A 76 -1.60 13.55 0.49
C ARG A 76 -2.60 14.60 0.03
N SER A 77 -3.57 14.21 -0.75
CA SER A 77 -4.57 15.19 -1.24
C SER A 77 -5.28 15.80 -0.04
N ALA A 78 -5.70 14.98 0.89
CA ALA A 78 -6.39 15.51 2.09
C ALA A 78 -5.44 16.43 2.88
N VAL A 79 -4.18 16.09 2.90
CA VAL A 79 -3.20 16.93 3.64
C VAL A 79 -3.16 18.34 3.05
N SER A 80 -3.07 18.45 1.76
CA SER A 80 -3.03 19.80 1.12
C SER A 80 -2.33 20.79 2.06
N SER A 81 -1.23 20.39 2.64
CA SER A 81 -0.50 21.29 3.57
C SER A 81 -1.41 21.66 4.75
N ALA A 82 -1.86 20.67 5.48
CA ALA A 82 -2.76 20.95 6.64
C ALA A 82 -2.23 22.16 7.41
N THR A 83 -3.11 22.99 7.90
CA THR A 83 -2.67 24.19 8.67
C THR A 83 -2.50 23.82 10.14
N HIS A 84 -1.73 24.57 10.87
CA HIS A 84 -1.53 24.27 12.32
C HIS A 84 -2.56 25.03 13.16
N THR A 85 -3.20 24.36 14.07
CA THR A 85 -4.21 25.04 14.93
C THR A 85 -4.03 24.60 16.38
N SER A 86 -5.05 24.73 17.18
CA SER A 86 -4.94 24.31 18.60
C SER A 86 -4.38 22.89 18.68
N ASP A 87 -4.83 22.02 17.82
CA ASP A 87 -4.30 20.63 17.83
C ASP A 87 -3.25 20.47 16.74
N ARG A 88 -2.11 19.92 17.07
CA ARG A 88 -1.03 19.74 16.05
C ARG A 88 -0.35 18.39 16.26
N THR A 89 -0.49 17.81 17.42
CA THR A 89 0.17 16.51 17.69
C THR A 89 -0.35 15.46 16.70
N LEU A 90 -1.63 15.49 16.41
CA LEU A 90 -2.19 14.50 15.45
C LEU A 90 -1.50 14.65 14.10
N HIS A 91 -1.38 15.86 13.61
CA HIS A 91 -0.69 16.07 12.31
C HIS A 91 0.76 15.61 12.45
N ALA A 92 1.41 15.99 13.52
CA ALA A 92 2.81 15.53 13.74
C ALA A 92 2.86 14.01 13.67
N LYS A 93 1.95 13.36 14.36
CA LYS A 93 1.89 11.87 14.32
C LYS A 93 1.59 11.41 12.89
N LEU A 94 0.72 12.12 12.21
CA LEU A 94 0.36 11.74 10.80
C LEU A 94 1.62 11.75 9.94
N SER A 95 2.41 12.80 10.03
CA SER A 95 3.65 12.86 9.21
C SER A 95 4.55 11.66 9.52
N ARG A 96 4.66 11.31 10.78
CA ARG A 96 5.52 10.14 11.14
C ARG A 96 4.99 8.87 10.47
N GLN A 97 3.71 8.65 10.52
CA GLN A 97 3.14 7.42 9.88
C GLN A 97 3.18 7.55 8.35
N LEU A 98 3.06 8.74 7.84
CA LEU A 98 3.10 8.93 6.36
C LEU A 98 4.48 8.55 5.82
N GLN A 99 5.51 9.10 6.40
CA GLN A 99 6.90 8.78 5.93
C GLN A 99 7.15 7.30 6.19
N LYS A 100 6.65 6.77 7.27
CA LYS A 100 6.85 5.33 7.55
C LYS A 100 6.16 4.54 6.43
N MET A 101 5.06 5.05 5.96
CA MET A 101 4.32 4.37 4.85
C MET A 101 5.15 4.49 3.57
N GLU A 102 5.78 5.61 3.39
CA GLU A 102 6.62 5.83 2.18
C GLU A 102 7.76 4.81 2.18
N ASP A 103 8.45 4.70 3.28
CA ASP A 103 9.59 3.75 3.36
C ASP A 103 9.12 2.35 2.97
N VAL A 104 7.97 1.95 3.43
CA VAL A 104 7.46 0.59 3.07
C VAL A 104 7.07 0.56 1.60
N TYR A 105 6.53 1.63 1.09
CA TYR A 105 6.11 1.66 -0.33
C TYR A 105 7.32 1.46 -1.24
N GLN A 106 8.36 2.23 -1.05
CA GLN A 106 9.56 2.08 -1.91
C GLN A 106 10.24 0.74 -1.61
N THR A 107 10.26 0.33 -0.38
CA THR A 107 10.91 -0.96 -0.03
C THR A 107 10.26 -2.08 -0.85
N LEU A 108 8.96 -2.05 -0.98
CA LEU A 108 8.27 -3.11 -1.76
C LEU A 108 8.61 -2.95 -3.24
N VAL A 109 8.63 -1.73 -3.71
CA VAL A 109 8.95 -1.51 -5.15
C VAL A 109 10.37 -1.98 -5.45
N VAL A 110 11.32 -1.67 -4.61
CA VAL A 110 12.71 -2.13 -4.88
C VAL A 110 12.74 -3.66 -4.80
N HIS A 111 12.14 -4.22 -3.78
CA HIS A 111 12.10 -5.69 -3.68
C HIS A 111 11.38 -6.25 -4.91
N GLY A 112 10.33 -5.62 -5.33
CA GLY A 112 9.60 -6.08 -6.53
C GLY A 112 10.44 -5.80 -7.79
N GLN A 113 11.01 -4.63 -7.89
CA GLN A 113 11.85 -4.32 -9.07
C GLN A 113 12.97 -5.34 -9.19
N VAL A 114 13.56 -5.72 -8.09
CA VAL A 114 14.67 -6.70 -8.13
C VAL A 114 14.10 -8.10 -8.43
N LEU A 115 12.93 -8.41 -7.95
CA LEU A 115 12.35 -9.76 -8.23
C LEU A 115 12.31 -10.00 -9.74
N ASP A 116 12.10 -8.96 -10.49
CA ASP A 116 12.05 -9.11 -11.98
C ASP A 116 13.38 -9.65 -12.49
N SER A 117 13.35 -10.67 -13.30
CA SER A 117 14.62 -11.24 -13.84
C SER A 117 15.30 -10.22 -14.75
N GLY A 118 16.59 -10.28 -14.85
CA GLY A 118 17.32 -9.31 -15.73
C GLY A 118 18.82 -9.57 -15.65
N ARG A 119 19.62 -8.63 -16.07
CA ARG A 119 21.10 -8.82 -16.01
C ARG A 119 21.51 -9.19 -14.59
N GLY A 120 20.84 -8.64 -13.61
CA GLY A 120 21.21 -8.95 -12.20
C GLY A 120 20.35 -10.13 -11.71
N GLY A 121 20.96 -11.09 -11.06
CA GLY A 121 20.18 -12.25 -10.55
C GLY A 121 20.64 -12.60 -9.14
N PRO A 122 20.26 -11.81 -8.17
CA PRO A 122 20.63 -12.02 -6.75
C PRO A 122 20.31 -13.42 -6.26
N GLY A 123 19.32 -14.05 -6.84
CA GLY A 123 18.95 -15.43 -6.42
C GLY A 123 17.87 -15.35 -5.33
N PHE A 124 16.64 -15.57 -5.69
CA PHE A 124 15.54 -15.52 -4.68
C PHE A 124 14.50 -16.59 -5.01
N THR A 125 13.66 -16.91 -4.06
CA THR A 125 12.62 -17.95 -4.31
C THR A 125 11.59 -17.93 -3.19
N LEU A 126 11.50 -18.99 -2.42
CA LEU A 126 10.52 -19.03 -1.31
C LEU A 126 10.83 -17.93 -0.30
N ASP A 127 12.08 -17.52 -0.23
CA ASP A 127 12.46 -16.45 0.74
C ASP A 127 11.82 -15.13 0.31
N ASP A 128 11.85 -14.83 -0.97
CA ASP A 128 11.25 -13.56 -1.44
C ASP A 128 9.73 -13.57 -1.18
N LEU A 129 9.10 -14.70 -1.32
CA LEU A 129 7.63 -14.76 -1.08
C LEU A 129 7.34 -14.58 0.40
N ASP A 130 8.10 -15.21 1.26
CA ASP A 130 7.86 -15.03 2.71
C ASP A 130 8.01 -13.54 3.02
N ARG A 131 8.95 -12.91 2.38
CA ARG A 131 9.18 -11.45 2.62
C ARG A 131 8.03 -10.66 1.99
N LEU A 132 7.58 -11.05 0.82
CA LEU A 132 6.46 -10.31 0.18
C LEU A 132 5.18 -10.59 0.95
N VAL A 133 4.89 -11.84 1.21
CA VAL A 133 3.67 -12.16 1.99
C VAL A 133 3.75 -11.43 3.33
N ALA A 134 4.93 -11.26 3.85
CA ALA A 134 5.09 -10.56 5.14
C ALA A 134 4.75 -9.07 4.96
N CYS A 135 5.28 -8.46 3.94
CA CYS A 135 4.98 -7.03 3.70
C CYS A 135 3.50 -6.86 3.35
N SER A 136 2.94 -7.76 2.60
CA SER A 136 1.50 -7.64 2.23
C SER A 136 0.63 -7.52 3.48
N ARG A 137 1.00 -8.16 4.56
CA ARG A 137 0.18 -8.06 5.81
C ARG A 137 0.49 -6.72 6.51
N ALA A 138 1.68 -6.22 6.33
CA ALA A 138 2.06 -4.95 7.03
C ALA A 138 1.31 -3.75 6.41
N VAL A 139 1.26 -3.68 5.11
CA VAL A 139 0.63 -2.50 4.44
C VAL A 139 -0.85 -2.34 4.81
N PRO A 140 -1.65 -3.38 4.70
CA PRO A 140 -3.12 -3.28 5.03
C PRO A 140 -3.36 -2.99 6.51
N GLU A 141 -2.64 -3.62 7.39
CA GLU A 141 -2.85 -3.35 8.84
C GLU A 141 -2.45 -1.90 9.12
N ASP A 142 -1.38 -1.45 8.52
CA ASP A 142 -0.94 -0.03 8.75
C ASP A 142 -1.84 0.92 7.98
N ALA A 143 -2.29 0.54 6.82
CA ALA A 143 -3.18 1.45 6.04
C ALA A 143 -4.45 1.72 6.85
N LYS A 144 -4.98 0.71 7.48
CA LYS A 144 -6.21 0.91 8.31
C LYS A 144 -5.87 1.81 9.50
N GLN A 145 -4.73 1.61 10.10
CA GLN A 145 -4.35 2.45 11.27
C GLN A 145 -4.07 3.88 10.77
N LEU A 146 -3.38 4.00 9.68
CA LEU A 146 -3.09 5.35 9.14
C LEU A 146 -4.42 6.04 8.82
N ALA A 147 -5.38 5.27 8.35
CA ALA A 147 -6.71 5.85 8.02
C ALA A 147 -7.32 6.47 9.28
N SER A 148 -7.10 5.87 10.42
CA SER A 148 -7.66 6.43 11.69
C SER A 148 -6.98 7.75 12.01
N PHE A 149 -5.71 7.86 11.73
CA PHE A 149 -4.99 9.14 12.03
C PHE A 149 -5.59 10.26 11.17
N LEU A 150 -5.85 9.97 9.92
CA LEU A 150 -6.45 11.01 9.04
C LEU A 150 -7.83 11.38 9.59
N HIS A 151 -8.54 10.43 10.14
CA HIS A 151 -9.89 10.72 10.69
C HIS A 151 -9.77 11.56 11.96
N GLY A 152 -8.81 11.26 12.80
CA GLY A 152 -8.64 12.03 14.05
C GLY A 152 -8.38 13.50 13.71
N ASN A 153 -7.82 13.75 12.55
CA ASN A 153 -7.52 15.15 12.14
C ASN A 153 -8.29 15.50 10.86
N ALA A 154 -9.11 14.59 10.39
CA ALA A 154 -9.87 14.86 9.14
C ALA A 154 -10.57 16.21 9.26
N SER A 155 -11.09 16.54 10.41
CA SER A 155 -11.78 17.84 10.58
C SER A 155 -10.86 18.97 10.10
N LEU A 156 -9.57 18.84 10.30
CA LEU A 156 -8.64 19.93 9.85
C LEU A 156 -8.23 19.73 8.39
N LEU A 157 -7.96 18.51 7.99
CA LEU A 157 -7.54 18.28 6.57
C LEU A 157 -8.62 18.85 5.64
N PHE A 158 -9.86 18.79 6.05
CA PHE A 158 -10.96 19.32 5.19
C PHE A 158 -11.64 20.50 5.90
N ARG A 159 -12.44 20.22 6.90
CA ARG A 159 -13.13 21.31 7.62
C ARG A 159 -12.09 22.14 8.39
N ARG A 160 -11.22 22.80 7.69
CA ARG A 160 -10.19 23.63 8.37
C ARG A 160 -10.87 24.54 9.40
N THR A 161 -12.06 24.97 9.12
CA THR A 161 -12.77 25.86 10.07
C THR A 161 -13.15 25.07 11.33
N LYS A 162 -13.29 25.75 12.45
CA LYS A 162 -13.65 25.04 13.70
C LYS A 162 -14.18 26.06 14.72
N ALA A 163 -15.46 26.27 14.76
CA ALA A 163 -16.01 27.25 15.74
C ALA A 163 -16.66 26.50 16.91
#